data_9JO9
#
_entry.id   9JO9
#
_cell.length_a   1.00
_cell.length_b   1.00
_cell.length_c   1.00
_cell.angle_alpha   90.00
_cell.angle_beta   90.00
_cell.angle_gamma   90.00
#
_symmetry.space_group_name_H-M   'P 1'
#
loop_
_entity.id
_entity.type
_entity.pdbx_description
1 polymer 'CRP specific recognition heavy chain antibodie 3 (HCAb3)'
2 polymer 'C-reactive protein'
#
loop_
_entity_poly.entity_id
_entity_poly.type
_entity_poly.pdbx_seq_one_letter_code
_entity_poly.pdbx_strand_id
1 'polypeptide(L)'
;MAEVQLVESGGGLVQTGGSLRLSCAASGRTFNRHYMGWFRQVPGKEREFVASISQTGLNKDYVDSAKGRFTISRDNAENT
VYLQMNNLKPEDTALYYCAGSQSSYYDKPRLLTEYAYWGQGTLVTVSS
;
O,A,C,E,G,I,K,M,P,R
2 'polypeptide(L)'
;QTDMSRKAFVFPKESDTSYVSLKAPLTKPLKAFTVCLHFYTELSSTRGYSIFSYATKRQDNEILIFWSKDIGYSFTVGGS
EILFEVPEVTVAPVHICTSWESASGIVEFWVDGKPRVRKSLKKGYTVGAEASIILGQEQDSFGGNFEGSQSLVGDIGNVN
MWDFVLSPDEINTIYLGGPFSPNVLNWRALKYEVQGEVFTKPQLWP
;
S,B,D,F,H,J,L,N,Q,T
#
# COMPACT_ATOMS: atom_id res chain seq x y z
N GLU A 3 32.44 -1.11 -2.96
CA GLU A 3 31.09 -0.57 -3.07
C GLU A 3 30.32 -0.75 -1.76
N VAL A 4 30.78 -1.69 -0.94
CA VAL A 4 30.11 -1.96 0.32
C VAL A 4 30.15 -0.73 1.22
N GLN A 5 29.17 -0.66 2.12
CA GLN A 5 29.12 0.38 3.15
C GLN A 5 29.41 -0.25 4.50
N LEU A 6 30.41 0.27 5.20
CA LEU A 6 30.90 -0.35 6.42
C LEU A 6 30.38 0.37 7.65
N VAL A 7 29.95 -0.39 8.65
CA VAL A 7 29.52 0.13 9.94
C VAL A 7 30.20 -0.70 11.02
N GLU A 8 30.40 -0.08 12.19
CA GLU A 8 31.12 -0.71 13.28
C GLU A 8 30.35 -0.56 14.58
N SER A 9 30.58 -1.50 15.49
CA SER A 9 29.92 -1.49 16.80
C SER A 9 30.77 -2.28 17.78
N GLY A 10 30.46 -2.10 19.06
CA GLY A 10 31.16 -2.79 20.13
C GLY A 10 32.17 -1.96 20.89
N GLY A 11 32.28 -0.67 20.58
CA GLY A 11 33.20 0.18 21.29
C GLY A 11 32.71 0.53 22.68
N GLY A 12 33.55 1.26 23.40
CA GLY A 12 33.25 1.65 24.75
C GLY A 12 34.51 1.74 25.59
N LEU A 13 34.31 1.89 26.89
CA LEU A 13 35.42 1.99 27.84
C LEU A 13 35.38 0.79 28.79
N VAL A 14 36.56 0.27 29.10
CA VAL A 14 36.70 -0.90 29.96
C VAL A 14 37.96 -0.76 30.79
N GLN A 15 37.97 -1.43 31.95
CA GLN A 15 39.18 -1.47 32.77
C GLN A 15 40.23 -2.35 32.11
N THR A 16 41.49 -2.10 32.47
CA THR A 16 42.58 -2.87 31.89
C THR A 16 42.40 -4.35 32.15
N GLY A 17 42.87 -5.16 31.20
CA GLY A 17 42.72 -6.60 31.29
C GLY A 17 41.40 -7.15 30.81
N GLY A 18 40.52 -6.31 30.28
CA GLY A 18 39.23 -6.73 29.80
C GLY A 18 39.27 -7.24 28.37
N SER A 19 38.08 -7.39 27.80
CA SER A 19 37.94 -7.89 26.44
C SER A 19 36.84 -7.13 25.72
N LEU A 20 36.94 -7.12 24.39
CA LEU A 20 35.98 -6.41 23.56
C LEU A 20 35.87 -7.12 22.22
N ARG A 21 34.66 -7.55 21.87
CA ARG A 21 34.40 -8.25 20.62
C ARG A 21 33.79 -7.26 19.62
N LEU A 22 34.64 -6.40 19.07
CA LEU A 22 34.16 -5.41 18.12
C LEU A 22 33.67 -6.10 16.85
N SER A 23 32.62 -5.51 16.27
CA SER A 23 32.07 -6.07 15.06
C SER A 23 31.91 -5.04 13.97
N CYS A 24 31.95 -5.48 12.73
CA CYS A 24 31.81 -4.61 11.57
C CYS A 24 30.88 -5.28 10.58
N ALA A 25 29.85 -4.56 10.17
CA ALA A 25 28.86 -5.03 9.20
C ALA A 25 29.05 -4.31 7.88
N ALA A 26 28.72 -5.02 6.80
CA ALA A 26 28.91 -4.51 5.45
C ALA A 26 27.60 -4.56 4.68
N SER A 27 27.31 -3.49 3.95
CA SER A 27 26.12 -3.38 3.11
C SER A 27 26.56 -3.56 1.66
N GLY A 28 26.09 -4.62 1.04
CA GLY A 28 26.47 -4.96 -0.32
C GLY A 28 26.34 -6.45 -0.53
N ARG A 29 26.75 -6.89 -1.72
CA ARG A 29 26.73 -8.30 -2.07
C ARG A 29 28.08 -8.84 -2.51
N THR A 30 29.10 -7.98 -2.55
CA THR A 30 30.44 -8.42 -2.94
C THR A 30 31.33 -8.61 -1.73
N PHE A 31 30.74 -8.68 -0.54
CA PHE A 31 31.53 -8.84 0.68
C PHE A 31 32.49 -10.01 0.56
N ASN A 32 31.99 -11.14 0.04
CA ASN A 32 32.85 -12.32 -0.12
C ASN A 32 33.95 -12.12 -1.16
N ARG A 33 34.04 -10.95 -1.78
CA ARG A 33 35.08 -10.66 -2.75
C ARG A 33 36.06 -9.60 -2.27
N HIS A 34 35.91 -9.13 -1.04
CA HIS A 34 36.79 -8.10 -0.48
C HIS A 34 37.46 -8.63 0.78
N TYR A 35 38.74 -8.31 0.93
CA TYR A 35 39.39 -8.56 2.21
C TYR A 35 39.06 -7.44 3.19
N MET A 36 39.16 -7.76 4.47
CA MET A 36 38.79 -6.81 5.51
C MET A 36 40.02 -6.39 6.31
N GLY A 37 39.91 -5.25 6.97
CA GLY A 37 41.02 -4.75 7.77
C GLY A 37 40.53 -3.87 8.89
N TRP A 38 41.28 -3.87 9.98
CA TRP A 38 41.05 -2.98 11.11
C TRP A 38 42.25 -2.04 11.25
N PHE A 39 41.96 -0.75 11.36
CA PHE A 39 42.98 0.29 11.48
C PHE A 39 42.70 1.13 12.72
N ARG A 40 43.76 1.76 13.23
CA ARG A 40 43.68 2.58 14.44
C ARG A 40 44.03 4.02 14.13
N GLN A 41 43.38 4.93 14.86
CA GLN A 41 43.58 6.37 14.71
C GLN A 41 43.59 7.02 16.08
N VAL A 42 44.41 8.04 16.22
CA VAL A 42 44.54 8.77 17.49
C VAL A 42 44.53 10.26 17.20
N PRO A 43 44.04 11.10 18.10
CA PRO A 43 44.09 12.54 17.88
C PRO A 43 45.52 13.01 17.69
N GLY A 44 45.70 13.97 16.78
CA GLY A 44 47.04 14.45 16.48
C GLY A 44 47.93 13.41 15.85
N LYS A 45 47.39 12.60 14.93
CA LYS A 45 48.15 11.58 14.24
C LYS A 45 47.26 10.96 13.17
N GLU A 46 47.87 10.14 12.32
CA GLU A 46 47.18 9.51 11.21
C GLU A 46 46.78 8.08 11.57
N ARG A 47 45.97 7.47 10.69
CA ARG A 47 45.51 6.12 10.91
C ARG A 47 46.70 5.16 11.02
N GLU A 48 46.43 3.96 11.53
CA GLU A 48 47.49 2.99 11.74
C GLU A 48 46.99 1.58 11.55
N PHE A 49 47.72 0.78 10.80
CA PHE A 49 47.34 -0.59 10.52
C PHE A 49 47.20 -1.38 11.82
N VAL A 50 46.19 -2.23 11.88
CA VAL A 50 45.98 -3.08 13.04
C VAL A 50 45.99 -4.54 12.60
N ALA A 51 45.09 -4.90 11.70
CA ALA A 51 45.00 -6.30 11.27
C ALA A 51 44.32 -6.38 9.91
N SER A 52 44.50 -7.54 9.27
CA SER A 52 43.88 -7.77 7.99
C SER A 52 43.42 -9.22 7.88
N ILE A 53 42.39 -9.49 7.07
CA ILE A 53 41.82 -10.85 7.03
C ILE A 53 41.43 -11.36 5.65
N SER A 54 41.80 -12.59 5.32
CA SER A 54 41.57 -13.16 3.97
C SER A 54 40.18 -13.14 3.41
N GLN A 55 40.07 -12.93 2.09
CA GLN A 55 38.77 -13.00 1.44
C GLN A 55 38.24 -14.36 1.82
N THR A 56 38.91 -15.42 1.40
CA THR A 56 38.48 -16.75 1.89
C THR A 56 38.38 -16.91 3.42
N GLY A 57 39.05 -16.05 4.18
CA GLY A 57 39.06 -16.18 5.62
C GLY A 57 40.04 -17.19 6.16
N LEU A 58 40.78 -17.88 5.30
CA LEU A 58 41.76 -18.86 5.73
C LEU A 58 43.13 -18.25 6.02
N ASN A 59 43.30 -16.98 5.65
CA ASN A 59 44.54 -16.30 5.89
C ASN A 59 44.28 -15.07 6.72
N LYS A 60 45.22 -14.70 7.58
CA LYS A 60 45.09 -13.50 8.39
C LYS A 60 46.45 -12.84 8.50
N ASP A 61 46.47 -11.64 9.08
CA ASP A 61 47.73 -10.93 9.32
C ASP A 61 47.52 -9.99 10.49
N TYR A 62 48.36 -10.11 11.51
CA TYR A 62 48.30 -9.30 12.71
C TYR A 62 49.54 -8.43 12.81
N VAL A 63 49.38 -7.24 13.40
CA VAL A 63 50.51 -6.38 13.69
C VAL A 63 51.27 -6.98 14.88
N ASP A 64 52.49 -6.52 15.10
CA ASP A 64 53.35 -7.15 16.11
C ASP A 64 52.72 -7.06 17.50
N SER A 65 52.10 -5.95 17.85
CA SER A 65 51.55 -5.89 19.19
C SER A 65 50.29 -6.72 19.26
N ALA A 66 49.60 -6.90 18.15
CA ALA A 66 48.32 -7.58 18.17
C ALA A 66 48.43 -9.10 18.24
N LYS A 67 49.49 -9.68 17.71
CA LYS A 67 49.60 -11.13 17.72
C LYS A 67 49.63 -11.66 19.15
N GLY A 68 49.00 -12.81 19.35
CA GLY A 68 48.89 -13.43 20.66
C GLY A 68 47.85 -12.81 21.57
N ARG A 69 47.44 -11.56 21.31
CA ARG A 69 46.43 -10.88 22.10
C ARG A 69 45.11 -10.69 21.38
N PHE A 70 45.16 -10.46 20.06
CA PHE A 70 43.97 -10.14 19.28
C PHE A 70 43.69 -11.24 18.27
N THR A 71 42.41 -11.38 17.93
CA THR A 71 41.98 -12.35 16.94
C THR A 71 41.03 -11.69 15.96
N ILE A 72 41.09 -12.13 14.70
CA ILE A 72 40.26 -11.57 13.64
C ILE A 72 39.60 -12.72 12.89
N SER A 73 38.32 -12.55 12.59
CA SER A 73 37.58 -13.57 11.87
C SER A 73 36.49 -12.94 11.04
N ARG A 74 35.88 -13.71 10.16
CA ARG A 74 34.81 -13.22 9.32
C ARG A 74 33.76 -14.31 9.11
N ASP A 75 32.52 -13.88 8.88
CA ASP A 75 31.43 -14.82 8.61
C ASP A 75 30.85 -14.41 7.28
N ASN A 76 31.17 -15.13 6.21
CA ASN A 76 30.71 -14.81 4.87
C ASN A 76 29.19 -14.92 4.76
N ALA A 77 28.60 -15.94 5.39
CA ALA A 77 27.15 -16.09 5.34
C ALA A 77 26.45 -14.86 5.93
N GLU A 78 26.93 -14.40 7.07
CA GLU A 78 26.44 -13.15 7.66
C GLU A 78 27.23 -11.94 7.18
N ASN A 79 28.25 -12.14 6.34
CA ASN A 79 29.12 -11.09 5.84
C ASN A 79 29.42 -10.06 6.92
N THR A 80 30.03 -10.49 8.03
CA THR A 80 30.39 -9.60 9.12
C THR A 80 31.77 -9.97 9.64
N VAL A 81 32.56 -8.95 9.98
CA VAL A 81 33.92 -9.16 10.46
C VAL A 81 33.96 -8.93 11.96
N TYR A 82 34.67 -9.81 12.67
CA TYR A 82 34.75 -9.76 14.12
C TYR A 82 36.22 -9.61 14.54
N LEU A 83 36.46 -8.70 15.46
CA LEU A 83 37.81 -8.49 15.99
C LEU A 83 37.73 -8.61 17.50
N GLN A 84 38.26 -9.66 18.06
CA GLN A 84 38.23 -9.92 19.49
C GLN A 84 39.54 -9.45 20.09
N MET A 85 39.46 -8.49 21.01
CA MET A 85 40.62 -7.90 21.67
C MET A 85 40.60 -8.29 23.14
N ASN A 86 41.76 -8.71 23.64
CA ASN A 86 41.88 -9.14 25.03
C ASN A 86 43.13 -8.52 25.65
N ASN A 87 43.12 -8.43 26.98
CA ASN A 87 44.22 -7.81 27.71
C ASN A 87 44.44 -6.37 27.24
N LEU A 88 43.32 -5.60 27.33
CA LEU A 88 43.35 -4.20 26.91
C LEU A 88 44.18 -3.31 27.81
N LYS A 89 45.08 -2.50 27.18
CA LYS A 89 45.95 -1.65 27.96
C LYS A 89 45.56 -0.18 27.78
N PRO A 90 46.03 0.70 28.67
CA PRO A 90 45.63 2.12 28.56
C PRO A 90 45.98 2.77 27.25
N GLU A 91 47.16 2.47 26.68
CA GLU A 91 47.59 3.19 25.49
C GLU A 91 46.70 2.88 24.29
N ASP A 92 46.27 1.63 24.13
CA ASP A 92 45.41 1.24 23.01
C ASP A 92 43.97 1.69 23.27
N THR A 93 43.84 3.03 23.35
CA THR A 93 42.55 3.63 23.53
C THR A 93 42.51 4.73 22.50
N ALA A 94 41.70 4.56 21.47
CA ALA A 94 41.64 5.50 20.35
C ALA A 94 40.46 5.12 19.47
N LEU A 95 40.39 5.73 18.28
CA LEU A 95 39.37 5.40 17.31
C LEU A 95 39.83 4.21 16.48
N TYR A 96 38.88 3.35 16.12
CA TYR A 96 39.14 2.18 15.30
C TYR A 96 38.21 2.20 14.11
N TYR A 97 38.75 1.85 12.94
CA TYR A 97 38.02 1.87 11.68
C TYR A 97 38.07 0.50 11.02
N CYS A 98 36.94 0.06 10.48
CA CYS A 98 36.85 -1.18 9.72
C CYS A 98 36.85 -0.82 8.25
N ALA A 99 37.96 -1.09 7.56
CA ALA A 99 38.14 -0.74 6.17
C ALA A 99 38.14 -1.99 5.30
N GLY A 100 37.86 -1.78 4.01
CA GLY A 100 37.83 -2.87 3.05
C GLY A 100 37.72 -2.38 1.63
N SER A 101 38.34 -3.08 0.69
CA SER A 101 38.38 -2.68 -0.71
C SER A 101 38.72 -3.90 -1.56
N GLN A 102 39.14 -3.66 -2.80
CA GLN A 102 39.75 -4.67 -3.66
C GLN A 102 38.76 -5.81 -3.90
N SER A 103 37.69 -5.47 -4.63
CA SER A 103 36.65 -6.43 -4.96
C SER A 103 37.23 -7.72 -5.52
N SER A 104 38.44 -7.68 -6.07
CA SER A 104 39.06 -8.83 -6.71
C SER A 104 39.93 -9.58 -5.70
N TYR A 105 40.85 -10.39 -6.23
CA TYR A 105 41.68 -11.29 -5.47
C TYR A 105 43.10 -10.75 -5.34
N TYR A 106 43.68 -10.91 -4.14
CA TYR A 106 45.10 -10.63 -3.94
C TYR A 106 45.52 -10.96 -2.52
N ASP A 107 46.80 -10.74 -2.21
CA ASP A 107 47.35 -11.05 -0.91
C ASP A 107 46.91 -9.99 0.10
N LYS A 108 47.40 -10.10 1.33
CA LYS A 108 47.01 -9.13 2.36
C LYS A 108 48.14 -8.13 2.60
N PRO A 109 47.93 -6.87 2.20
CA PRO A 109 48.96 -5.84 2.40
C PRO A 109 48.85 -5.18 3.76
N ARG A 110 49.74 -4.22 4.02
CA ARG A 110 49.75 -3.49 5.29
C ARG A 110 49.93 -2.00 5.04
N LEU A 111 49.26 -1.49 4.01
CA LEU A 111 49.33 -0.08 3.65
C LEU A 111 47.94 0.53 3.69
N LEU A 112 47.85 1.80 3.28
CA LEU A 112 46.61 2.54 3.31
C LEU A 112 46.08 2.93 1.94
N THR A 113 46.95 3.14 0.95
CA THR A 113 46.49 3.57 -0.36
C THR A 113 45.58 2.54 -1.01
N GLU A 114 45.99 1.23 -0.79
CA GLU A 114 45.22 0.13 -1.36
C GLU A 114 43.76 0.24 -0.98
N TYR A 115 43.47 0.35 0.25
CA TYR A 115 42.12 0.41 0.78
C TYR A 115 41.37 1.60 0.19
N ALA A 116 40.10 1.37 -0.14
CA ALA A 116 39.30 2.39 -0.83
C ALA A 116 38.05 2.80 -0.06
N TYR A 117 37.56 1.98 0.88
CA TYR A 117 36.33 2.26 1.58
C TYR A 117 36.56 2.21 3.08
N TRP A 118 35.95 3.15 3.80
CA TRP A 118 36.14 3.29 5.24
C TRP A 118 34.80 3.47 5.91
N GLY A 119 34.73 3.04 7.18
CA GLY A 119 33.54 3.23 7.99
C GLY A 119 33.61 4.48 8.84
N GLN A 120 32.51 4.75 9.54
CA GLN A 120 32.47 5.93 10.39
C GLN A 120 33.48 5.84 11.52
N GLY A 121 33.61 4.68 12.14
CA GLY A 121 34.56 4.46 13.20
C GLY A 121 33.89 4.21 14.54
N THR A 122 34.70 3.79 15.50
CA THR A 122 34.24 3.54 16.86
C THR A 122 35.33 3.96 17.83
N LEU A 123 34.97 4.15 19.08
CA LEU A 123 35.91 4.59 20.11
C LEU A 123 36.12 3.48 21.13
N VAL A 124 37.39 3.25 21.49
CA VAL A 124 37.75 2.26 22.50
C VAL A 124 38.62 2.93 23.55
N THR A 125 38.32 2.70 24.82
CA THR A 125 39.03 3.34 25.91
C THR A 125 39.34 2.34 27.00
N VAL A 126 40.53 2.46 27.59
CA VAL A 126 40.97 1.64 28.70
C VAL A 126 41.20 2.55 29.90
N SER A 127 40.58 2.20 31.03
CA SER A 127 40.68 3.00 32.23
C SER A 127 41.88 2.58 33.07
N GLN B 1 58.11 -48.42 0.53
CA GLN B 1 57.22 -47.92 -0.55
C GLN B 1 56.20 -48.97 -0.98
N THR B 2 55.00 -48.50 -1.31
CA THR B 2 53.93 -49.35 -1.79
C THR B 2 53.39 -48.72 -3.07
N ASP B 3 52.84 -49.56 -3.95
CA ASP B 3 52.20 -49.07 -5.17
C ASP B 3 50.70 -48.96 -4.92
N MET B 4 50.20 -47.73 -4.87
CA MET B 4 48.77 -47.44 -4.80
C MET B 4 48.06 -47.48 -6.14
N SER B 5 48.72 -47.94 -7.21
CA SER B 5 48.10 -47.92 -8.53
C SER B 5 46.72 -48.55 -8.48
N ARG B 6 45.74 -47.87 -9.07
CA ARG B 6 44.35 -48.31 -9.12
C ARG B 6 43.71 -48.37 -7.74
N LYS B 7 44.18 -47.57 -6.78
CA LYS B 7 43.64 -47.54 -5.43
C LYS B 7 43.59 -46.10 -4.92
N ALA B 8 42.72 -45.89 -3.94
CA ALA B 8 42.48 -44.57 -3.39
C ALA B 8 42.15 -44.71 -1.91
N PHE B 9 42.34 -43.61 -1.19
CA PHE B 9 41.94 -43.49 0.20
C PHE B 9 40.48 -43.08 0.36
N VAL B 10 39.85 -43.60 1.40
CA VAL B 10 38.45 -43.32 1.72
C VAL B 10 38.38 -42.72 3.11
N PHE B 11 37.75 -41.54 3.21
CA PHE B 11 37.42 -40.88 4.47
C PHE B 11 35.91 -40.89 4.63
N PRO B 12 35.31 -41.93 5.18
CA PRO B 12 33.84 -42.05 5.06
C PRO B 12 32.99 -41.25 6.03
N LYS B 13 33.57 -40.36 6.83
CA LYS B 13 32.79 -39.58 7.78
C LYS B 13 33.51 -38.28 8.09
N GLU B 14 32.71 -37.30 8.51
CA GLU B 14 33.23 -36.01 8.94
C GLU B 14 33.75 -36.14 10.36
N SER B 15 35.06 -35.95 10.50
CA SER B 15 35.69 -36.08 11.80
C SER B 15 36.95 -35.24 11.82
N ASP B 16 37.60 -35.11 12.97
CA ASP B 16 38.80 -34.27 13.08
C ASP B 16 40.04 -35.07 13.52
N THR B 17 40.05 -36.37 13.21
CA THR B 17 41.19 -37.24 13.57
C THR B 17 41.63 -38.15 12.42
N SER B 18 40.75 -38.43 11.48
CA SER B 18 41.08 -39.23 10.31
C SER B 18 41.92 -38.40 9.35
N TYR B 19 43.14 -38.85 9.07
CA TYR B 19 44.03 -38.11 8.19
C TYR B 19 45.20 -39.00 7.79
N VAL B 20 45.85 -38.62 6.69
CA VAL B 20 47.03 -39.33 6.18
C VAL B 20 48.21 -38.36 6.20
N SER B 21 49.40 -38.89 6.43
CA SER B 21 50.63 -38.10 6.45
C SER B 21 51.65 -38.70 5.48
N LEU B 22 52.08 -37.89 4.51
CA LEU B 22 53.03 -38.31 3.48
C LEU B 22 54.43 -37.84 3.83
N LYS B 23 55.43 -38.64 3.47
CA LYS B 23 56.82 -38.33 3.80
C LYS B 23 57.65 -38.14 2.52
N ALA B 24 58.13 -36.92 2.32
CA ALA B 24 58.93 -36.57 1.15
C ALA B 24 60.42 -36.75 1.43
N PRO B 25 61.20 -37.20 0.44
CA PRO B 25 62.66 -37.26 0.61
C PRO B 25 63.39 -35.95 0.35
N LEU B 26 62.65 -34.83 0.29
CA LEU B 26 63.22 -33.55 -0.10
C LEU B 26 64.36 -33.12 0.82
N THR B 27 65.37 -32.49 0.23
CA THR B 27 66.47 -31.92 1.01
C THR B 27 66.79 -30.49 0.58
N LYS B 28 66.63 -30.14 -0.70
CA LYS B 28 66.90 -28.81 -1.20
C LYS B 28 65.62 -27.99 -1.21
N PRO B 29 65.64 -26.72 -0.82
CA PRO B 29 64.40 -25.93 -0.89
C PRO B 29 63.92 -25.73 -2.32
N LEU B 30 62.61 -25.65 -2.46
CA LEU B 30 61.96 -25.54 -3.77
C LEU B 30 61.85 -24.09 -4.25
N LYS B 31 62.39 -23.86 -5.45
CA LYS B 31 62.11 -22.64 -6.21
C LYS B 31 60.97 -22.81 -7.20
N ALA B 32 60.43 -24.02 -7.37
CA ALA B 32 59.32 -24.26 -8.28
C ALA B 32 58.82 -25.69 -8.13
N PHE B 33 57.61 -25.98 -8.61
CA PHE B 33 57.06 -27.33 -8.54
C PHE B 33 55.81 -27.41 -9.40
N THR B 34 55.34 -28.63 -9.60
CA THR B 34 54.01 -28.89 -10.14
C THR B 34 53.37 -29.94 -9.23
N VAL B 35 52.08 -29.77 -8.93
CA VAL B 35 51.31 -30.76 -8.20
C VAL B 35 50.07 -31.17 -8.97
N CYS B 36 49.88 -32.48 -9.12
CA CYS B 36 48.71 -33.03 -9.78
C CYS B 36 48.04 -34.07 -8.90
N LEU B 37 46.71 -34.07 -8.91
CA LEU B 37 45.96 -35.05 -8.13
C LEU B 37 44.55 -35.21 -8.70
N HIS B 38 43.89 -36.28 -8.25
CA HIS B 38 42.52 -36.61 -8.64
C HIS B 38 41.69 -36.72 -7.37
N PHE B 39 40.62 -35.95 -7.25
CA PHE B 39 39.81 -36.08 -6.04
C PHE B 39 38.33 -36.05 -6.39
N TYR B 40 37.54 -36.68 -5.51
CA TYR B 40 36.09 -36.74 -5.66
C TYR B 40 35.48 -36.56 -4.28
N THR B 41 34.54 -35.64 -4.17
CA THR B 41 33.81 -35.40 -2.93
C THR B 41 32.54 -34.64 -3.26
N GLU B 42 31.60 -34.62 -2.30
CA GLU B 42 30.36 -33.89 -2.48
C GLU B 42 30.23 -32.70 -1.55
N LEU B 43 31.22 -32.43 -0.72
CA LEU B 43 31.16 -31.27 0.16
C LEU B 43 31.12 -29.99 -0.63
N SER B 44 31.42 -30.06 -1.92
CA SER B 44 31.56 -28.85 -2.72
C SER B 44 30.39 -27.88 -2.60
N SER B 45 29.14 -28.34 -2.63
CA SER B 45 27.97 -27.41 -2.64
C SER B 45 27.40 -27.10 -1.26
N THR B 46 27.98 -27.64 -0.21
CA THR B 46 27.56 -27.46 1.17
C THR B 46 28.57 -26.66 1.98
N ARG B 47 29.83 -27.07 1.96
CA ARG B 47 30.87 -26.47 2.77
C ARG B 47 32.26 -26.64 2.18
N GLY B 48 33.22 -25.99 2.85
CA GLY B 48 34.62 -26.02 2.45
C GLY B 48 35.42 -27.21 2.94
N TYR B 49 36.50 -27.49 2.22
CA TYR B 49 37.33 -28.64 2.54
C TYR B 49 38.73 -28.41 2.00
N SER B 50 39.71 -28.84 2.77
CA SER B 50 41.12 -28.76 2.39
C SER B 50 41.45 -29.93 1.47
N ILE B 51 42.22 -29.65 0.41
CA ILE B 51 42.61 -30.69 -0.54
C ILE B 51 44.02 -31.19 -0.25
N PHE B 52 44.98 -30.26 -0.19
CA PHE B 52 46.38 -30.58 0.07
C PHE B 52 46.98 -29.53 1.00
N SER B 53 47.51 -29.99 2.13
CA SER B 53 48.16 -29.13 3.13
C SER B 53 49.66 -29.40 3.16
N TYR B 54 50.46 -28.41 2.77
CA TYR B 54 51.91 -28.40 2.97
C TYR B 54 52.35 -27.27 3.90
N ALA B 55 53.09 -27.62 4.95
CA ALA B 55 53.45 -26.68 6.00
C ALA B 55 54.91 -26.86 6.41
N THR B 56 55.51 -25.79 6.90
CA THR B 56 56.83 -25.81 7.52
C THR B 56 56.69 -25.33 8.96
N LYS B 57 57.76 -25.55 9.75
CA LYS B 57 57.65 -25.24 11.17
C LYS B 57 57.34 -23.77 11.40
N ARG B 58 57.78 -22.90 10.48
CA ARG B 58 57.57 -21.47 10.63
C ARG B 58 56.28 -20.98 9.98
N GLN B 59 55.57 -21.85 9.26
CA GLN B 59 54.38 -21.46 8.51
C GLN B 59 53.46 -22.66 8.46
N ASP B 60 52.24 -22.51 8.98
CA ASP B 60 51.23 -23.56 8.81
C ASP B 60 50.61 -23.60 7.42
N ASN B 61 50.85 -22.59 6.59
CA ASN B 61 50.21 -22.55 5.26
C ASN B 61 51.10 -21.99 4.15
N GLU B 62 52.18 -22.76 3.96
CA GLU B 62 53.12 -22.44 2.93
C GLU B 62 52.48 -22.91 1.64
N ILE B 63 51.92 -24.14 1.55
CA ILE B 63 51.11 -24.39 0.36
C ILE B 63 49.79 -25.01 0.79
N LEU B 64 48.69 -24.39 0.30
CA LEU B 64 47.36 -24.89 0.61
C LEU B 64 46.44 -24.70 -0.58
N ILE B 65 45.85 -25.81 -1.04
CA ILE B 65 44.88 -25.76 -2.11
C ILE B 65 43.61 -26.01 -1.34
N PHE B 66 42.71 -25.14 -1.29
CA PHE B 66 41.48 -25.09 -0.52
C PHE B 66 40.31 -24.67 -1.38
N TRP B 67 39.14 -25.26 -1.11
CA TRP B 67 37.89 -24.91 -1.79
C TRP B 67 37.11 -24.02 -0.83
N SER B 68 36.88 -22.78 -1.27
CA SER B 68 36.09 -21.84 -0.49
C SER B 68 34.69 -21.84 -1.04
N LYS B 69 33.69 -21.85 -0.16
CA LYS B 69 32.31 -21.96 -0.60
C LYS B 69 31.86 -20.70 -1.32
N ASP B 70 31.16 -20.88 -2.44
CA ASP B 70 30.67 -19.82 -3.30
C ASP B 70 31.79 -19.15 -4.08
N ILE B 71 33.04 -19.58 -3.88
CA ILE B 71 34.17 -18.91 -4.52
C ILE B 71 34.89 -19.81 -5.52
N GLY B 72 35.26 -21.01 -5.09
CA GLY B 72 35.96 -21.93 -5.96
C GLY B 72 37.29 -22.33 -5.35
N TYR B 73 38.28 -22.53 -6.22
CA TYR B 73 39.60 -22.96 -5.80
C TYR B 73 40.46 -21.78 -5.37
N SER B 74 40.96 -21.86 -4.14
CA SER B 74 41.82 -20.82 -3.55
C SER B 74 43.25 -21.34 -3.36
N PHE B 75 44.19 -20.79 -4.13
CA PHE B 75 45.58 -21.23 -4.07
C PHE B 75 46.42 -20.22 -3.29
N THR B 76 47.18 -20.75 -2.32
CA THR B 76 47.99 -19.89 -1.46
C THR B 76 49.41 -20.41 -1.30
N VAL B 77 50.40 -19.54 -1.45
CA VAL B 77 51.80 -19.90 -1.27
C VAL B 77 52.49 -18.83 -0.44
N GLY B 78 53.19 -19.26 0.62
CA GLY B 78 53.91 -18.30 1.42
C GLY B 78 52.91 -17.42 2.15
N GLY B 79 51.71 -17.92 2.27
CA GLY B 79 50.67 -17.22 2.99
C GLY B 79 49.93 -16.25 2.11
N SER B 80 50.49 -15.89 0.95
CA SER B 80 49.66 -15.05 0.11
C SER B 80 48.70 -15.93 -0.68
N GLU B 81 47.51 -15.38 -0.92
CA GLU B 81 46.41 -16.18 -1.47
C GLU B 81 46.05 -15.66 -2.85
N ILE B 82 45.44 -16.53 -3.65
CA ILE B 82 44.76 -16.15 -4.89
C ILE B 82 43.68 -17.19 -5.18
N LEU B 83 42.54 -16.69 -5.67
CA LEU B 83 41.32 -17.47 -5.85
C LEU B 83 41.04 -17.60 -7.35
N PHE B 84 40.58 -18.78 -7.72
CA PHE B 84 40.09 -19.08 -9.07
C PHE B 84 38.59 -19.37 -8.99
N GLU B 85 37.81 -18.58 -9.71
CA GLU B 85 36.36 -18.59 -9.59
C GLU B 85 35.77 -19.86 -10.20
N VAL B 86 34.64 -20.30 -9.63
CA VAL B 86 33.88 -21.43 -10.15
C VAL B 86 32.38 -21.15 -9.96
N PRO B 87 31.69 -20.71 -11.01
CA PRO B 87 30.27 -20.32 -10.91
C PRO B 87 29.27 -21.40 -10.49
N GLU B 88 29.29 -22.55 -11.15
CA GLU B 88 28.42 -23.68 -10.86
C GLU B 88 29.27 -24.91 -10.68
N VAL B 89 28.84 -25.80 -9.78
CA VAL B 89 29.63 -26.98 -9.51
C VAL B 89 28.84 -28.24 -9.81
N THR B 90 29.42 -29.07 -10.68
CA THR B 90 28.97 -30.41 -11.05
C THR B 90 29.33 -31.41 -9.95
N VAL B 91 28.59 -32.53 -9.90
CA VAL B 91 28.84 -33.62 -8.97
C VAL B 91 29.72 -34.65 -9.68
N ALA B 92 31.04 -34.48 -9.66
CA ALA B 92 31.84 -35.50 -10.36
C ALA B 92 33.31 -35.50 -9.96
N PRO B 93 34.04 -36.60 -10.23
CA PRO B 93 35.49 -36.60 -9.97
C PRO B 93 36.20 -35.52 -10.78
N VAL B 94 37.22 -34.90 -10.18
CA VAL B 94 37.93 -33.80 -10.83
C VAL B 94 39.44 -34.01 -10.71
N HIS B 95 40.15 -33.77 -11.80
CA HIS B 95 41.62 -33.81 -11.84
C HIS B 95 42.12 -32.37 -11.88
N ILE B 96 43.17 -32.07 -11.12
CA ILE B 96 43.74 -30.73 -11.10
C ILE B 96 45.26 -30.80 -11.06
N CYS B 97 45.88 -29.95 -11.88
CA CYS B 97 47.33 -29.78 -11.89
C CYS B 97 47.64 -28.30 -11.72
N THR B 98 48.57 -27.98 -10.82
CA THR B 98 48.89 -26.60 -10.54
C THR B 98 50.40 -26.42 -10.48
N SER B 99 50.88 -25.36 -11.14
CA SER B 99 52.31 -25.11 -11.22
C SER B 99 52.62 -23.70 -10.74
N TRP B 100 53.75 -23.54 -10.04
CA TRP B 100 54.24 -22.24 -9.62
C TRP B 100 55.75 -22.18 -9.80
N GLU B 101 56.26 -21.02 -10.20
CA GLU B 101 57.67 -20.83 -10.46
C GLU B 101 58.17 -19.62 -9.68
N SER B 102 59.26 -19.76 -8.93
CA SER B 102 59.72 -18.66 -8.08
C SER B 102 60.42 -17.57 -8.88
N ALA B 103 61.19 -17.96 -9.90
CA ALA B 103 61.99 -16.99 -10.64
C ALA B 103 61.11 -15.95 -11.33
N SER B 104 59.90 -16.34 -11.74
CA SER B 104 59.09 -15.50 -12.60
C SER B 104 57.72 -15.20 -11.98
N GLY B 105 57.24 -16.08 -11.11
CA GLY B 105 56.05 -15.82 -10.32
C GLY B 105 54.73 -16.25 -10.93
N ILE B 106 54.76 -16.95 -12.05
CA ILE B 106 53.52 -17.34 -12.69
C ILE B 106 52.93 -18.64 -12.15
N VAL B 107 51.61 -18.67 -11.94
CA VAL B 107 50.91 -19.87 -11.52
C VAL B 107 50.00 -20.31 -12.67
N GLU B 108 50.11 -21.57 -13.06
CA GLU B 108 49.22 -22.17 -14.06
C GLU B 108 48.29 -23.15 -13.38
N PHE B 109 46.98 -22.98 -13.65
CA PHE B 109 45.96 -23.82 -13.03
C PHE B 109 45.17 -24.63 -14.05
N TRP B 110 45.38 -25.93 -14.12
CA TRP B 110 44.71 -26.82 -15.05
C TRP B 110 43.64 -27.59 -14.29
N VAL B 111 42.38 -27.44 -14.71
CA VAL B 111 41.28 -28.22 -14.15
C VAL B 111 40.65 -28.98 -15.29
N ASP B 112 40.41 -30.28 -15.10
CA ASP B 112 39.85 -31.15 -16.13
C ASP B 112 40.51 -30.83 -17.47
N GLY B 113 41.83 -30.66 -17.43
CA GLY B 113 42.59 -30.42 -18.62
C GLY B 113 42.44 -29.04 -19.22
N LYS B 114 41.48 -28.24 -18.74
CA LYS B 114 41.24 -26.93 -19.31
C LYS B 114 41.97 -25.85 -18.51
N PRO B 115 42.90 -25.12 -19.12
CA PRO B 115 43.77 -24.20 -18.38
C PRO B 115 43.14 -22.86 -18.03
N ARG B 116 43.27 -22.48 -16.76
CA ARG B 116 42.87 -21.17 -16.29
C ARG B 116 43.95 -20.14 -16.65
N VAL B 117 43.58 -18.86 -16.64
CA VAL B 117 44.52 -17.79 -16.98
C VAL B 117 45.74 -17.86 -16.08
N ARG B 118 46.91 -17.55 -16.63
CA ARG B 118 48.11 -17.42 -15.81
C ARG B 118 48.10 -16.14 -14.97
N LYS B 119 48.63 -16.24 -13.75
CA LYS B 119 48.68 -15.11 -12.83
C LYS B 119 50.00 -15.15 -12.05
N SER B 120 50.40 -13.99 -11.53
CA SER B 120 51.62 -13.83 -10.76
C SER B 120 51.35 -13.90 -9.26
N LEU B 121 52.32 -14.47 -8.54
CA LEU B 121 52.16 -14.68 -7.10
C LEU B 121 53.53 -14.84 -6.45
N LYS B 122 53.80 -13.98 -5.47
CA LYS B 122 54.95 -14.13 -4.56
C LYS B 122 56.26 -14.36 -5.31
N LYS B 123 56.68 -13.33 -6.05
CA LYS B 123 57.92 -13.41 -6.81
C LYS B 123 59.12 -13.27 -5.88
N GLY B 124 60.11 -14.13 -6.04
CA GLY B 124 61.32 -14.06 -5.24
C GLY B 124 61.34 -14.90 -3.98
N TYR B 125 60.28 -15.63 -3.68
CA TYR B 125 60.24 -16.44 -2.48
C TYR B 125 60.99 -17.75 -2.68
N THR B 126 61.26 -18.43 -1.56
CA THR B 126 61.82 -19.78 -1.57
C THR B 126 61.05 -20.64 -0.58
N VAL B 127 60.75 -21.87 -0.99
CA VAL B 127 60.03 -22.81 -0.14
C VAL B 127 61.01 -23.68 0.61
N GLY B 128 60.79 -23.84 1.92
CA GLY B 128 61.64 -24.70 2.71
C GLY B 128 61.41 -26.16 2.39
N ALA B 129 62.45 -26.98 2.50
CA ALA B 129 62.28 -28.39 2.19
C ALA B 129 61.72 -29.16 3.38
N GLU B 130 62.19 -28.83 4.59
CA GLU B 130 61.61 -29.43 5.79
C GLU B 130 60.13 -29.15 5.80
N ALA B 131 59.30 -30.20 5.85
CA ALA B 131 57.87 -29.95 5.77
C ALA B 131 57.09 -31.22 6.00
N SER B 132 55.87 -31.05 6.48
CA SER B 132 54.92 -32.13 6.69
C SER B 132 53.75 -31.95 5.74
N ILE B 133 53.42 -33.01 5.02
CA ILE B 133 52.28 -33.02 4.09
C ILE B 133 51.21 -33.93 4.68
N ILE B 134 50.00 -33.41 4.80
CA ILE B 134 48.88 -34.14 5.38
C ILE B 134 47.69 -34.04 4.43
N LEU B 135 46.82 -35.04 4.49
CA LEU B 135 45.61 -35.08 3.68
C LEU B 135 44.43 -35.40 4.58
N GLY B 136 43.29 -34.82 4.23
CA GLY B 136 42.04 -34.95 4.93
C GLY B 136 41.85 -33.99 6.08
N GLN B 137 42.87 -33.19 6.40
CA GLN B 137 42.78 -32.21 7.48
C GLN B 137 43.53 -30.96 7.05
N GLU B 138 43.11 -29.81 7.57
CA GLU B 138 43.81 -28.55 7.31
C GLU B 138 44.78 -28.37 8.46
N GLN B 139 45.95 -27.78 8.22
CA GLN B 139 46.99 -27.71 9.24
C GLN B 139 47.19 -26.27 9.67
N ASP B 140 47.03 -26.05 10.97
CA ASP B 140 47.28 -24.80 11.66
C ASP B 140 48.43 -24.95 12.64
N SER B 141 49.00 -26.14 12.70
CA SER B 141 50.17 -26.48 13.48
C SER B 141 50.88 -27.61 12.75
N PHE B 142 52.14 -27.82 13.12
CA PHE B 142 52.98 -28.75 12.36
C PHE B 142 52.71 -30.20 12.74
N GLY B 143 52.00 -30.43 13.85
CA GLY B 143 51.72 -31.79 14.26
C GLY B 143 50.40 -31.94 14.96
N GLY B 144 49.45 -31.08 14.60
CA GLY B 144 48.11 -31.17 15.16
C GLY B 144 47.30 -29.99 14.69
N ASN B 145 46.39 -29.50 15.52
CA ASN B 145 45.61 -28.31 15.18
C ASN B 145 44.77 -28.51 13.92
N PHE B 146 43.87 -29.49 13.95
CA PHE B 146 42.97 -29.69 12.82
C PHE B 146 41.59 -29.17 13.18
N GLU B 147 40.70 -29.09 12.21
CA GLU B 147 39.35 -28.56 12.46
C GLU B 147 38.30 -29.38 11.76
N GLY B 148 37.15 -29.53 12.40
CA GLY B 148 36.13 -30.40 11.84
C GLY B 148 35.38 -29.80 10.66
N SER B 149 35.09 -28.50 10.73
CA SER B 149 34.44 -27.82 9.61
C SER B 149 35.29 -27.81 8.36
N GLN B 150 36.58 -28.12 8.46
CA GLN B 150 37.46 -28.07 7.30
C GLN B 150 37.92 -29.46 6.83
N SER B 151 37.75 -30.49 7.65
CA SER B 151 38.09 -31.85 7.22
C SER B 151 37.23 -32.33 6.05
N LEU B 152 37.92 -32.98 5.12
CA LEU B 152 37.25 -33.42 3.92
C LEU B 152 36.73 -34.84 3.98
N VAL B 153 35.55 -35.03 3.45
CA VAL B 153 34.92 -36.34 3.34
C VAL B 153 34.93 -36.75 1.88
N GLY B 154 35.63 -37.83 1.54
CA GLY B 154 35.65 -38.26 0.16
C GLY B 154 36.93 -39.03 -0.16
N ASP B 155 37.29 -39.00 -1.45
CA ASP B 155 38.32 -39.88 -2.02
C ASP B 155 39.34 -39.07 -2.80
N ILE B 156 40.60 -39.50 -2.73
CA ILE B 156 41.71 -38.80 -3.38
C ILE B 156 42.73 -39.83 -3.83
N GLY B 157 43.40 -39.51 -4.94
CA GLY B 157 44.47 -40.35 -5.44
C GLY B 157 45.34 -39.60 -6.43
N ASN B 158 46.24 -40.36 -7.05
CA ASN B 158 47.15 -39.85 -8.08
C ASN B 158 48.00 -38.69 -7.58
N VAL B 159 48.28 -38.65 -6.27
CA VAL B 159 48.99 -37.52 -5.69
C VAL B 159 50.44 -37.52 -6.15
N ASN B 160 50.82 -36.48 -6.90
CA ASN B 160 52.06 -36.45 -7.67
C ASN B 160 52.59 -35.03 -7.64
N MET B 161 53.88 -34.86 -7.40
CA MET B 161 54.42 -33.52 -7.32
C MET B 161 55.92 -33.46 -7.56
N TRP B 162 56.26 -32.72 -8.61
CA TRP B 162 57.62 -32.65 -9.15
C TRP B 162 58.35 -31.53 -8.43
N ASP B 163 59.51 -31.14 -8.96
CA ASP B 163 60.24 -29.97 -8.46
C ASP B 163 60.48 -28.95 -9.58
N PHE B 164 59.73 -29.04 -10.67
CA PHE B 164 59.84 -28.06 -11.75
C PHE B 164 58.53 -28.04 -12.53
N VAL B 165 58.37 -27.02 -13.37
CA VAL B 165 57.12 -26.75 -14.07
C VAL B 165 57.06 -27.67 -15.29
N LEU B 166 55.99 -28.46 -15.37
CA LEU B 166 55.72 -29.30 -16.53
C LEU B 166 55.26 -28.41 -17.69
N SER B 167 55.54 -28.85 -18.92
CA SER B 167 55.02 -28.17 -20.09
C SER B 167 53.58 -28.62 -20.36
N PRO B 168 52.83 -27.83 -21.15
CA PRO B 168 51.41 -28.18 -21.39
C PRO B 168 51.24 -29.58 -21.95
N ASP B 169 52.16 -30.02 -22.81
CA ASP B 169 52.08 -31.36 -23.35
C ASP B 169 52.17 -32.40 -22.24
N GLU B 170 53.11 -32.21 -21.32
CA GLU B 170 53.27 -33.18 -20.24
C GLU B 170 52.00 -33.27 -19.39
N ILE B 171 51.38 -32.12 -19.09
CA ILE B 171 50.14 -32.15 -18.33
C ILE B 171 49.06 -32.87 -19.11
N ASN B 172 49.00 -32.63 -20.43
CA ASN B 172 48.03 -33.37 -21.24
C ASN B 172 48.28 -34.87 -21.12
N THR B 173 49.54 -35.29 -21.15
CA THR B 173 49.85 -36.71 -20.96
C THR B 173 49.32 -37.20 -19.62
N ILE B 174 49.55 -36.41 -18.57
CA ILE B 174 49.04 -36.76 -17.24
C ILE B 174 47.54 -37.00 -17.27
N TYR B 175 46.79 -36.12 -17.94
CA TYR B 175 45.33 -36.31 -17.93
C TYR B 175 44.93 -37.58 -18.67
N LEU B 176 45.77 -38.06 -19.59
CA LEU B 176 45.52 -39.31 -20.31
C LEU B 176 45.88 -40.54 -19.49
N GLY B 177 46.76 -40.40 -18.49
CA GLY B 177 47.20 -41.52 -17.70
C GLY B 177 48.39 -42.27 -18.24
N GLY B 178 49.20 -41.63 -19.09
CA GLY B 178 50.36 -42.26 -19.65
C GLY B 178 51.49 -42.35 -18.64
N PRO B 179 52.60 -42.97 -19.02
CA PRO B 179 53.78 -43.02 -18.15
C PRO B 179 54.41 -41.65 -17.90
N PHE B 180 54.82 -41.45 -16.65
CA PHE B 180 55.53 -40.24 -16.24
C PHE B 180 56.34 -40.62 -15.00
N SER B 181 57.35 -39.80 -14.70
CA SER B 181 58.31 -40.14 -13.66
C SER B 181 58.36 -39.02 -12.62
N PRO B 182 57.52 -39.10 -11.59
CA PRO B 182 57.62 -38.13 -10.49
C PRO B 182 58.90 -38.28 -9.67
N ASN B 183 59.34 -37.17 -9.09
CA ASN B 183 60.67 -37.05 -8.52
C ASN B 183 60.62 -36.88 -7.01
N VAL B 184 59.64 -36.16 -6.48
CA VAL B 184 59.57 -35.84 -5.05
C VAL B 184 58.46 -36.68 -4.43
N LEU B 185 57.26 -36.65 -4.99
CA LEU B 185 56.17 -37.48 -4.49
C LEU B 185 55.73 -38.41 -5.62
N ASN B 186 55.77 -39.71 -5.34
CA ASN B 186 55.44 -40.75 -6.32
C ASN B 186 54.24 -41.53 -5.83
N TRP B 187 53.14 -41.49 -6.58
CA TRP B 187 52.05 -42.42 -6.30
C TRP B 187 52.51 -43.87 -6.37
N ARG B 188 53.33 -44.22 -7.37
CA ARG B 188 53.75 -45.60 -7.57
C ARG B 188 54.78 -46.08 -6.56
N ALA B 189 55.41 -45.20 -5.80
CA ALA B 189 56.42 -45.61 -4.82
C ALA B 189 56.22 -44.90 -3.48
N LEU B 190 54.97 -44.70 -3.10
CA LEU B 190 54.67 -43.77 -2.03
C LEU B 190 54.95 -44.39 -0.66
N LYS B 191 55.16 -43.52 0.33
CA LYS B 191 55.24 -43.92 1.73
C LYS B 191 54.23 -43.04 2.46
N TYR B 192 53.61 -43.57 3.51
CA TYR B 192 52.56 -42.83 4.20
C TYR B 192 52.28 -43.45 5.56
N GLU B 193 51.52 -42.71 6.36
CA GLU B 193 50.97 -43.22 7.61
C GLU B 193 49.55 -42.71 7.80
N VAL B 194 48.68 -43.63 8.20
CA VAL B 194 47.25 -43.40 8.32
C VAL B 194 46.84 -43.30 9.77
N GLN B 195 45.88 -42.41 10.05
CA GLN B 195 45.38 -42.19 11.40
C GLN B 195 43.87 -42.08 11.33
N GLY B 196 43.20 -42.81 12.24
CA GLY B 196 41.75 -42.77 12.32
C GLY B 196 41.05 -43.57 11.24
N GLU B 197 39.83 -43.14 10.93
CA GLU B 197 38.97 -43.80 9.95
C GLU B 197 39.39 -43.41 8.53
N VAL B 198 40.27 -44.21 7.94
CA VAL B 198 40.63 -44.07 6.53
C VAL B 198 40.90 -45.46 5.99
N PHE B 199 40.64 -45.67 4.71
CA PHE B 199 40.64 -47.00 4.13
C PHE B 199 41.26 -46.96 2.74
N THR B 200 41.61 -48.13 2.22
CA THR B 200 42.13 -48.23 0.86
C THR B 200 41.13 -49.04 0.06
N LYS B 201 40.76 -48.54 -1.11
CA LYS B 201 39.76 -49.17 -1.94
C LYS B 201 40.11 -48.98 -3.41
N PRO B 202 39.54 -49.78 -4.30
CA PRO B 202 39.72 -49.50 -5.73
C PRO B 202 39.16 -48.13 -6.05
N GLN B 203 39.81 -47.43 -6.98
CA GLN B 203 39.37 -46.10 -7.37
C GLN B 203 38.01 -46.16 -8.07
N LEU B 204 37.23 -45.09 -7.92
CA LEU B 204 35.96 -44.98 -8.60
C LEU B 204 36.13 -44.37 -9.98
N TRP B 205 36.88 -43.28 -10.07
CA TRP B 205 37.05 -42.60 -11.35
C TRP B 205 37.69 -43.55 -12.35
N PRO B 206 37.48 -43.33 -13.65
CA PRO B 206 38.14 -44.15 -14.68
C PRO B 206 39.65 -44.22 -14.49
N GLU C 3 15.51 6.87 -27.87
CA GLU C 3 14.37 6.75 -26.96
C GLU C 3 14.69 7.35 -25.60
N VAL C 4 15.98 7.53 -25.32
CA VAL C 4 16.40 8.09 -24.04
C VAL C 4 15.84 9.50 -23.88
N GLN C 5 15.71 9.92 -22.63
CA GLN C 5 15.32 11.28 -22.28
C GLN C 5 16.51 11.99 -21.67
N LEU C 6 16.89 13.14 -22.23
CA LEU C 6 18.12 13.81 -21.87
C LEU C 6 17.82 15.00 -20.96
N VAL C 7 18.60 15.12 -19.89
CA VAL C 7 18.54 16.27 -18.98
C VAL C 7 19.94 16.79 -18.80
N GLU C 8 20.06 18.08 -18.47
CA GLU C 8 21.35 18.73 -18.34
C GLU C 8 21.41 19.55 -17.06
N SER C 9 22.62 19.74 -16.57
CA SER C 9 22.84 20.51 -15.35
C SER C 9 24.29 21.01 -15.35
N GLY C 10 24.55 21.95 -14.45
CA GLY C 10 25.87 22.53 -14.30
C GLY C 10 26.06 23.90 -14.92
N GLY C 11 25.02 24.47 -15.52
CA GLY C 11 25.13 25.79 -16.09
C GLY C 11 25.17 26.88 -15.03
N GLY C 12 25.39 28.10 -15.49
CA GLY C 12 25.47 29.24 -14.61
C GLY C 12 26.37 30.32 -15.19
N LEU C 13 26.69 31.29 -14.35
CA LEU C 13 27.54 32.40 -14.74
C LEU C 13 28.86 32.35 -13.98
N VAL C 14 29.95 32.68 -14.68
CA VAL C 14 31.29 32.61 -14.10
C VAL C 14 32.15 33.69 -14.73
N GLN C 15 33.15 34.14 -13.99
CA GLN C 15 34.11 35.09 -14.53
C GLN C 15 35.04 34.39 -15.54
N THR C 16 35.64 35.19 -16.41
CA THR C 16 36.51 34.65 -17.43
C THR C 16 37.67 33.89 -16.81
N GLY C 17 38.09 32.83 -17.49
CA GLY C 17 39.14 31.96 -17.00
C GLY C 17 38.70 30.88 -16.04
N GLY C 18 37.40 30.77 -15.76
CA GLY C 18 36.90 29.75 -14.88
C GLY C 18 36.69 28.41 -15.57
N SER C 19 36.06 27.50 -14.84
CA SER C 19 35.80 26.16 -15.33
C SER C 19 34.37 25.76 -15.03
N LEU C 20 33.83 24.86 -15.84
CA LEU C 20 32.46 24.38 -15.69
C LEU C 20 32.40 22.93 -16.12
N ARG C 21 31.96 22.06 -15.20
CA ARG C 21 31.82 20.64 -15.47
C ARG C 21 30.34 20.32 -15.72
N LEU C 22 29.87 20.67 -16.90
CA LEU C 22 28.48 20.42 -17.25
C LEU C 22 28.22 18.92 -17.34
N SER C 23 27.04 18.52 -16.90
CA SER C 23 26.69 17.12 -16.94
C SER C 23 25.35 16.89 -17.61
N CYS C 24 25.18 15.71 -18.19
CA CYS C 24 23.95 15.35 -18.87
C CYS C 24 23.60 13.92 -18.49
N ALA C 25 22.35 13.72 -18.08
CA ALA C 25 21.85 12.42 -17.65
C ALA C 25 20.84 11.91 -18.67
N ALA C 26 20.81 10.59 -18.82
CA ALA C 26 19.97 9.92 -19.80
C ALA C 26 19.02 8.96 -19.11
N SER C 27 17.76 9.00 -19.51
CA SER C 27 16.73 8.10 -19.00
C SER C 27 16.47 7.05 -20.07
N GLY C 28 16.79 5.82 -19.76
CA GLY C 28 16.68 4.71 -20.69
C GLY C 28 17.72 3.65 -20.39
N ARG C 29 17.62 2.54 -21.10
CA ARG C 29 18.54 1.42 -20.95
C ARG C 29 19.44 1.19 -22.15
N THR C 30 19.14 1.80 -23.29
CA THR C 30 19.97 1.69 -24.48
C THR C 30 21.01 2.80 -24.59
N PHE C 31 21.22 3.56 -23.50
CA PHE C 31 22.13 4.69 -23.55
C PHE C 31 23.49 4.29 -24.12
N ASN C 32 24.01 3.14 -23.70
CA ASN C 32 25.30 2.69 -24.19
C ASN C 32 25.29 2.38 -25.69
N ARG C 33 24.11 2.36 -26.32
CA ARG C 33 23.99 2.13 -27.75
C ARG C 33 23.83 3.42 -28.55
N HIS C 34 23.91 4.57 -27.89
CA HIS C 34 23.80 5.87 -28.54
C HIS C 34 25.05 6.69 -28.30
N TYR C 35 25.54 7.34 -29.34
CA TYR C 35 26.59 8.33 -29.18
C TYR C 35 26.01 9.63 -28.66
N MET C 36 26.86 10.42 -28.01
CA MET C 36 26.41 11.64 -27.35
C MET C 36 27.06 12.84 -28.01
N GLY C 37 26.44 14.01 -27.81
CA GLY C 37 27.01 15.23 -28.37
C GLY C 37 26.53 16.44 -27.61
N TRP C 38 27.35 17.49 -27.66
CA TRP C 38 27.02 18.79 -27.08
C TRP C 38 26.96 19.81 -28.21
N PHE C 39 25.88 20.59 -28.23
CA PHE C 39 25.64 21.62 -29.23
C PHE C 39 25.39 22.95 -28.53
N ARG C 40 25.64 24.03 -29.27
CA ARG C 40 25.51 25.39 -28.75
C ARG C 40 24.44 26.14 -29.54
N GLN C 41 23.75 27.06 -28.85
CA GLN C 41 22.71 27.88 -29.43
C GLN C 41 22.78 29.28 -28.86
N VAL C 42 22.49 30.27 -29.69
CA VAL C 42 22.52 31.67 -29.28
C VAL C 42 21.25 32.35 -29.77
N PRO C 43 20.74 33.37 -29.08
CA PRO C 43 19.57 34.08 -29.58
C PRO C 43 19.84 34.67 -30.96
N GLY C 44 18.83 34.64 -31.81
CA GLY C 44 18.98 35.12 -33.17
C GLY C 44 19.91 34.28 -34.01
N LYS C 45 19.85 32.96 -33.86
CA LYS C 45 20.65 32.04 -34.66
C LYS C 45 20.22 30.62 -34.31
N GLU C 46 20.76 29.65 -35.04
CA GLU C 46 20.42 28.25 -34.86
C GLU C 46 21.44 27.59 -33.95
N ARG C 47 21.25 26.28 -33.73
CA ARG C 47 22.17 25.52 -32.89
C ARG C 47 23.51 25.35 -33.59
N GLU C 48 24.53 24.98 -32.81
CA GLU C 48 25.87 24.86 -33.36
C GLU C 48 26.62 23.71 -32.73
N PHE C 49 27.27 22.91 -33.56
CA PHE C 49 28.01 21.74 -33.08
C PHE C 49 29.11 22.17 -32.12
N VAL C 50 29.28 21.39 -31.05
CA VAL C 50 30.33 21.66 -30.08
C VAL C 50 31.26 20.46 -30.00
N ALA C 51 30.72 19.29 -29.66
CA ALA C 51 31.55 18.09 -29.52
C ALA C 51 30.77 16.77 -29.62
N SER C 52 31.42 15.66 -29.29
CA SER C 52 30.76 14.34 -29.36
C SER C 52 31.53 13.27 -28.59
N ILE C 53 30.85 12.18 -28.22
CA ILE C 53 31.49 11.12 -27.44
C ILE C 53 31.12 9.72 -27.93
N SER C 54 32.10 8.83 -28.01
CA SER C 54 31.86 7.47 -28.51
C SER C 54 31.02 6.62 -27.57
N GLN C 55 30.18 5.74 -28.13
CA GLN C 55 29.40 4.84 -27.31
C GLN C 55 30.32 4.07 -26.39
N THR C 56 31.24 3.31 -26.98
CA THR C 56 32.20 2.57 -26.18
C THR C 56 33.02 3.52 -25.34
N GLY C 57 33.18 4.76 -25.81
CA GLY C 57 33.91 5.75 -25.04
C GLY C 57 35.41 5.75 -25.29
N LEU C 58 35.80 5.46 -26.53
CA LEU C 58 37.21 5.48 -26.88
C LEU C 58 37.54 6.46 -27.99
N ASN C 59 36.54 7.00 -28.67
CA ASN C 59 36.74 7.92 -29.78
C ASN C 59 35.89 9.17 -29.55
N LYS C 60 36.51 10.33 -29.69
CA LYS C 60 35.86 11.60 -29.43
C LYS C 60 36.07 12.52 -30.63
N ASP C 61 35.41 13.68 -30.60
CA ASP C 61 35.60 14.67 -31.64
C ASP C 61 35.27 16.04 -31.08
N TYR C 62 36.21 16.97 -31.20
CA TYR C 62 36.07 18.33 -30.72
C TYR C 62 36.07 19.29 -31.89
N VAL C 63 35.39 20.43 -31.72
CA VAL C 63 35.43 21.50 -32.70
C VAL C 63 36.76 22.22 -32.57
N ASP C 64 37.09 23.04 -33.56
CA ASP C 64 38.41 23.69 -33.56
C ASP C 64 38.60 24.57 -32.34
N SER C 65 37.57 25.28 -31.91
CA SER C 65 37.76 26.16 -30.79
C SER C 65 37.81 25.37 -29.51
N ALA C 66 37.12 24.24 -29.47
CA ALA C 66 37.00 23.49 -28.22
C ALA C 66 38.24 22.66 -27.91
N LYS C 67 38.98 22.23 -28.93
CA LYS C 67 40.13 21.38 -28.70
C LYS C 67 41.16 22.11 -27.85
N GLY C 68 41.83 21.37 -26.96
CA GLY C 68 42.79 21.94 -26.04
C GLY C 68 42.18 22.66 -24.87
N ARG C 69 40.93 23.10 -24.96
CA ARG C 69 40.25 23.79 -23.88
C ARG C 69 39.13 22.98 -23.24
N PHE C 70 38.46 22.13 -24.02
CA PHE C 70 37.31 21.37 -23.54
C PHE C 70 37.63 19.88 -23.58
N THR C 71 37.00 19.15 -22.66
CA THR C 71 37.13 17.69 -22.60
C THR C 71 35.74 17.08 -22.49
N ILE C 72 35.55 15.93 -23.13
CA ILE C 72 34.28 15.23 -23.16
C ILE C 72 34.50 13.79 -22.75
N SER C 73 33.63 13.28 -21.89
CA SER C 73 33.75 11.90 -21.41
C SER C 73 32.36 11.35 -21.13
N ARG C 74 32.29 10.03 -21.01
CA ARG C 74 31.03 9.37 -20.71
C ARG C 74 31.27 8.22 -19.73
N ASP C 75 30.31 8.05 -18.82
CA ASP C 75 30.37 6.97 -17.86
C ASP C 75 29.19 6.09 -18.19
N ASN C 76 29.44 4.89 -18.70
CA ASN C 76 28.38 4.00 -19.14
C ASN C 76 27.61 3.42 -17.95
N ALA C 77 28.33 3.04 -16.89
CA ALA C 77 27.66 2.43 -15.74
C ALA C 77 26.60 3.35 -15.17
N GLU C 78 26.96 4.61 -14.91
CA GLU C 78 26.01 5.63 -14.50
C GLU C 78 25.36 6.33 -15.69
N ASN C 79 25.72 5.95 -16.91
CA ASN C 79 25.14 6.50 -18.14
C ASN C 79 24.97 8.02 -18.04
N THR C 80 26.11 8.70 -17.89
CA THR C 80 26.13 10.16 -17.79
C THR C 80 27.27 10.72 -18.63
N VAL C 81 27.01 11.83 -19.32
CA VAL C 81 28.01 12.47 -20.18
C VAL C 81 28.49 13.74 -19.50
N TYR C 82 29.82 13.91 -19.45
CA TYR C 82 30.45 15.04 -18.79
C TYR C 82 31.19 15.88 -19.82
N LEU C 83 31.00 17.20 -19.73
CA LEU C 83 31.71 18.12 -20.59
C LEU C 83 32.40 19.14 -19.69
N GLN C 84 33.71 19.07 -19.62
CA GLN C 84 34.50 19.96 -18.76
C GLN C 84 35.11 21.06 -19.63
N MET C 85 34.74 22.31 -19.36
CA MET C 85 35.24 23.46 -20.09
C MET C 85 36.09 24.30 -19.15
N ASN C 86 37.16 24.85 -19.72
CA ASN C 86 38.02 25.71 -18.93
C ASN C 86 38.38 26.92 -19.75
N ASN C 87 39.02 27.89 -19.12
CA ASN C 87 39.41 29.12 -19.78
C ASN C 87 38.25 29.69 -20.61
N LEU C 88 37.12 29.86 -19.92
CA LEU C 88 35.93 30.36 -20.56
C LEU C 88 36.05 31.81 -21.01
N LYS C 89 35.46 32.12 -22.16
CA LYS C 89 35.55 33.45 -22.73
C LYS C 89 34.18 34.09 -22.79
N PRO C 90 34.11 35.43 -22.86
CA PRO C 90 32.80 36.10 -22.83
C PRO C 90 31.85 35.65 -23.93
N GLU C 91 32.38 35.42 -25.13
CA GLU C 91 31.55 34.97 -26.23
C GLU C 91 30.95 33.60 -25.95
N ASP C 92 31.62 32.81 -25.11
CA ASP C 92 31.14 31.47 -24.78
C ASP C 92 30.02 31.58 -23.72
N THR C 93 28.98 32.31 -24.08
CA THR C 93 27.85 32.50 -23.18
C THR C 93 26.57 32.35 -24.00
N ALA C 94 25.92 31.21 -23.89
CA ALA C 94 24.72 30.90 -24.67
C ALA C 94 24.07 29.66 -24.07
N LEU C 95 23.09 29.11 -24.78
CA LEU C 95 22.45 27.87 -24.38
C LEU C 95 23.23 26.68 -24.92
N TYR C 96 23.24 25.61 -24.14
CA TYR C 96 23.92 24.38 -24.51
C TYR C 96 22.95 23.22 -24.40
N TYR C 97 22.99 22.32 -25.38
CA TYR C 97 22.08 21.19 -25.46
C TYR C 97 22.87 19.90 -25.52
N CYS C 98 22.45 18.92 -24.73
CA CYS C 98 23.08 17.62 -24.85
C CYS C 98 22.15 16.78 -25.67
N ALA C 99 22.60 16.42 -26.85
CA ALA C 99 21.82 15.60 -27.77
C ALA C 99 22.56 14.32 -28.11
N GLY C 100 21.85 13.33 -28.63
CA GLY C 100 22.46 12.07 -29.02
C GLY C 100 21.48 11.09 -29.61
N SER C 101 21.80 10.53 -30.76
CA SER C 101 20.84 9.63 -31.41
C SER C 101 21.39 8.69 -32.48
N GLN C 102 21.98 7.59 -32.06
CA GLN C 102 22.40 6.58 -33.02
C GLN C 102 22.28 5.33 -32.23
N SER C 103 21.05 4.88 -32.05
CA SER C 103 20.82 3.64 -31.35
C SER C 103 21.73 2.61 -31.97
N SER C 104 22.23 2.88 -33.17
CA SER C 104 23.07 1.90 -33.86
C SER C 104 24.57 2.18 -33.77
N TYR C 105 25.33 1.67 -34.73
CA TYR C 105 26.77 1.82 -34.74
C TYR C 105 27.31 2.54 -35.95
N TYR C 106 27.98 3.65 -35.72
CA TYR C 106 28.61 4.38 -36.81
C TYR C 106 29.64 5.34 -36.22
N ASP C 107 30.27 6.12 -37.10
CA ASP C 107 31.30 7.07 -36.72
C ASP C 107 30.65 8.30 -36.08
N LYS C 108 31.46 9.33 -35.82
CA LYS C 108 30.96 10.53 -35.18
C LYS C 108 30.75 11.61 -36.23
N PRO C 109 29.51 12.02 -36.49
CA PRO C 109 29.28 13.08 -37.47
C PRO C 109 29.29 14.45 -36.84
N ARG C 110 29.14 15.50 -37.65
CA ARG C 110 29.14 16.87 -37.18
C ARG C 110 28.00 17.65 -37.82
N LEU C 111 26.85 17.00 -37.97
CA LEU C 111 25.66 17.61 -38.54
C LEU C 111 24.53 17.59 -37.50
N LEU C 112 23.34 18.02 -37.93
CA LEU C 112 22.18 18.10 -37.07
C LEU C 112 21.06 17.16 -37.46
N THR C 113 20.91 16.82 -38.74
CA THR C 113 19.81 15.97 -39.16
C THR C 113 19.88 14.60 -38.52
N GLU C 114 21.08 14.02 -38.44
CA GLU C 114 21.21 12.67 -37.88
C GLU C 114 20.73 12.62 -36.43
N TYR C 115 21.10 13.62 -35.63
CA TYR C 115 20.65 13.67 -34.25
C TYR C 115 19.12 13.72 -34.20
N ALA C 116 18.54 12.99 -33.26
CA ALA C 116 17.09 12.86 -33.17
C ALA C 116 16.51 13.33 -31.86
N TYR C 117 17.23 13.17 -30.75
CA TYR C 117 16.72 13.48 -29.43
C TYR C 117 17.49 14.63 -28.82
N TRP C 118 16.77 15.56 -28.19
CA TRP C 118 17.35 16.77 -27.63
C TRP C 118 16.84 16.96 -26.21
N GLY C 119 17.69 17.58 -25.37
CA GLY C 119 17.30 17.94 -24.03
C GLY C 119 16.75 19.36 -23.95
N GLN C 120 16.30 19.72 -22.74
CA GLN C 120 15.74 21.05 -22.54
C GLN C 120 16.79 22.13 -22.74
N GLY C 121 18.00 21.91 -22.25
CA GLY C 121 19.10 22.84 -22.41
C GLY C 121 19.50 23.48 -21.09
N THR C 122 20.64 24.16 -21.14
CA THR C 122 21.18 24.87 -19.99
C THR C 122 21.79 26.19 -20.49
N LEU C 123 22.00 27.11 -19.56
CA LEU C 123 22.54 28.43 -19.89
C LEU C 123 23.92 28.58 -19.28
N VAL C 124 24.86 29.10 -20.05
CA VAL C 124 26.22 29.37 -19.59
C VAL C 124 26.56 30.81 -19.91
N THR C 125 27.13 31.52 -18.93
CA THR C 125 27.44 32.94 -19.09
C THR C 125 28.83 33.23 -18.54
N VAL C 126 29.57 34.08 -19.26
CA VAL C 126 30.89 34.52 -18.85
C VAL C 126 30.84 36.02 -18.62
N SER C 127 31.29 36.46 -17.45
CA SER C 127 31.25 37.87 -17.08
C SER C 127 32.52 38.60 -17.52
N GLN D 1 65.62 -11.82 -36.71
CA GLN D 1 64.29 -12.38 -36.47
C GLN D 1 64.35 -13.54 -35.49
N THR D 2 63.32 -13.69 -34.67
CA THR D 2 63.25 -14.77 -33.70
C THR D 2 61.98 -15.56 -33.98
N ASP D 3 62.08 -16.88 -33.97
CA ASP D 3 60.91 -17.74 -34.19
C ASP D 3 60.11 -17.83 -32.90
N MET D 4 58.89 -17.27 -32.91
CA MET D 4 58.04 -17.29 -31.73
C MET D 4 57.16 -18.54 -31.68
N SER D 5 57.32 -19.46 -32.63
CA SER D 5 56.38 -20.57 -32.77
C SER D 5 56.17 -21.31 -31.46
N ARG D 6 54.92 -21.72 -31.24
CA ARG D 6 54.54 -22.47 -30.05
C ARG D 6 54.85 -21.71 -28.77
N LYS D 7 54.97 -20.39 -28.82
CA LYS D 7 55.27 -19.60 -27.64
C LYS D 7 54.41 -18.35 -27.64
N ALA D 8 54.20 -17.81 -26.44
CA ALA D 8 53.35 -16.64 -26.27
C ALA D 8 53.91 -15.76 -25.15
N PHE D 9 53.58 -14.48 -25.26
CA PHE D 9 53.81 -13.48 -24.22
C PHE D 9 52.77 -13.59 -23.10
N VAL D 10 53.23 -13.38 -21.87
CA VAL D 10 52.38 -13.42 -20.68
C VAL D 10 52.49 -12.08 -19.97
N PHE D 11 51.34 -11.50 -19.64
CA PHE D 11 51.20 -10.23 -18.92
C PHE D 11 50.57 -10.51 -17.56
N PRO D 12 51.31 -10.95 -16.54
CA PRO D 12 50.63 -11.54 -15.38
C PRO D 12 49.91 -10.58 -14.43
N LYS D 13 50.22 -9.29 -14.45
CA LYS D 13 49.64 -8.37 -13.47
C LYS D 13 49.26 -7.08 -14.17
N GLU D 14 48.07 -6.58 -13.83
CA GLU D 14 47.58 -5.34 -14.40
C GLU D 14 48.51 -4.22 -13.97
N SER D 15 48.91 -3.41 -14.95
CA SER D 15 49.84 -2.32 -14.69
C SER D 15 49.83 -1.40 -15.90
N ASP D 16 50.57 -0.30 -15.86
CA ASP D 16 50.57 0.65 -16.97
C ASP D 16 51.96 0.87 -17.55
N THR D 17 52.84 -0.13 -17.41
CA THR D 17 54.21 -0.03 -17.94
C THR D 17 54.66 -1.27 -18.71
N SER D 18 54.04 -2.42 -18.45
CA SER D 18 54.36 -3.65 -19.17
C SER D 18 53.71 -3.62 -20.55
N TYR D 19 54.54 -3.61 -21.59
CA TYR D 19 54.03 -3.54 -22.96
C TYR D 19 55.11 -4.02 -23.91
N VAL D 20 54.68 -4.48 -25.08
CA VAL D 20 55.59 -4.99 -26.09
C VAL D 20 55.49 -4.10 -27.31
N SER D 21 56.63 -3.78 -27.93
CA SER D 21 56.67 -2.91 -29.09
C SER D 21 57.07 -3.75 -30.29
N LEU D 22 56.25 -3.70 -31.34
CA LEU D 22 56.48 -4.43 -32.58
C LEU D 22 57.03 -3.49 -33.64
N LYS D 23 57.85 -4.02 -34.55
CA LYS D 23 58.46 -3.23 -35.61
C LYS D 23 58.13 -3.81 -36.99
N ALA D 24 57.55 -2.94 -37.83
CA ALA D 24 57.07 -3.24 -39.17
C ALA D 24 58.04 -2.70 -40.22
N PRO D 25 58.51 -3.55 -41.13
CA PRO D 25 59.34 -3.06 -42.25
C PRO D 25 58.56 -2.27 -43.30
N LEU D 26 57.32 -1.92 -43.02
CA LEU D 26 56.41 -1.34 -44.01
C LEU D 26 56.94 -0.03 -44.56
N THR D 27 56.74 0.17 -45.86
CA THR D 27 57.20 1.37 -46.54
C THR D 27 56.06 2.09 -47.26
N LYS D 28 55.30 1.37 -48.13
CA LYS D 28 54.21 2.04 -48.82
C LYS D 28 53.00 2.14 -47.88
N PRO D 29 52.16 3.17 -48.00
CA PRO D 29 50.91 3.16 -47.22
C PRO D 29 49.94 2.06 -47.64
N LEU D 30 49.18 1.58 -46.66
CA LEU D 30 48.24 0.48 -46.85
C LEU D 30 46.88 0.97 -47.32
N LYS D 31 46.42 0.39 -48.43
CA LYS D 31 45.03 0.47 -48.83
C LYS D 31 44.18 -0.67 -48.29
N ALA D 32 44.78 -1.78 -47.86
CA ALA D 32 44.04 -2.92 -47.31
C ALA D 32 44.96 -3.82 -46.47
N PHE D 33 44.37 -4.74 -45.70
CA PHE D 33 45.13 -5.65 -44.86
C PHE D 33 44.20 -6.66 -44.20
N THR D 34 44.81 -7.65 -43.55
CA THR D 34 44.09 -8.64 -42.78
C THR D 34 44.91 -8.96 -41.54
N VAL D 35 44.35 -8.64 -40.36
CA VAL D 35 44.91 -8.98 -39.06
C VAL D 35 44.31 -10.28 -38.52
N CYS D 36 45.18 -11.21 -38.12
CA CYS D 36 44.78 -12.43 -37.46
C CYS D 36 45.57 -12.63 -36.18
N LEU D 37 44.86 -13.05 -35.12
CA LEU D 37 45.50 -13.21 -33.83
C LEU D 37 44.79 -14.19 -32.92
N HIS D 38 45.45 -14.58 -31.84
CA HIS D 38 44.86 -15.51 -30.89
C HIS D 38 45.12 -14.98 -29.50
N PHE D 39 44.06 -14.69 -28.73
CA PHE D 39 44.26 -14.10 -27.42
C PHE D 39 43.41 -14.83 -26.40
N TYR D 40 43.80 -14.69 -25.13
CA TYR D 40 43.12 -15.34 -24.01
C TYR D 40 43.19 -14.44 -22.80
N THR D 41 42.06 -14.24 -22.13
CA THR D 41 42.00 -13.46 -20.90
C THR D 41 40.62 -13.63 -20.28
N GLU D 42 40.52 -13.30 -18.98
CA GLU D 42 39.27 -13.40 -18.23
C GLU D 42 38.72 -12.03 -17.87
N LEU D 43 39.36 -10.95 -18.30
CA LEU D 43 38.91 -9.61 -17.98
C LEU D 43 37.53 -9.28 -18.54
N SER D 44 36.99 -10.10 -19.44
CA SER D 44 35.74 -9.75 -20.11
C SER D 44 34.71 -9.31 -19.09
N SER D 45 34.61 -10.01 -17.96
CA SER D 45 33.58 -9.68 -16.98
C SER D 45 34.14 -8.59 -16.08
N THR D 46 34.73 -7.57 -16.68
CA THR D 46 35.42 -6.49 -15.99
C THR D 46 35.67 -5.40 -17.03
N ARG D 47 36.46 -4.39 -16.67
CA ARG D 47 36.69 -3.26 -17.56
C ARG D 47 37.23 -3.70 -18.92
N GLY D 48 37.21 -2.75 -19.85
CA GLY D 48 37.63 -2.88 -21.23
C GLY D 48 39.14 -2.90 -21.39
N TYR D 49 39.58 -3.33 -22.57
CA TYR D 49 41.01 -3.46 -22.83
C TYR D 49 41.27 -3.48 -24.33
N SER D 50 42.51 -3.15 -24.69
CA SER D 50 42.98 -3.08 -26.06
C SER D 50 43.75 -4.32 -26.51
N ILE D 51 43.33 -4.89 -27.63
CA ILE D 51 43.92 -6.10 -28.19
C ILE D 51 45.10 -5.74 -29.10
N PHE D 52 44.89 -4.79 -30.02
CA PHE D 52 45.92 -4.37 -30.98
C PHE D 52 45.82 -2.87 -31.24
N SER D 53 46.93 -2.17 -31.02
CA SER D 53 47.02 -0.71 -31.13
C SER D 53 47.99 -0.31 -32.25
N TYR D 54 47.44 0.23 -33.33
CA TYR D 54 48.21 0.83 -34.42
C TYR D 54 48.00 2.34 -34.45
N ALA D 55 49.09 3.09 -34.36
CA ALA D 55 49.05 4.55 -34.28
C ALA D 55 50.12 5.18 -35.15
N THR D 56 49.69 6.02 -36.10
CA THR D 56 50.59 6.91 -36.82
C THR D 56 50.86 8.16 -35.99
N LYS D 57 51.73 9.03 -36.52
CA LYS D 57 52.09 10.23 -35.78
C LYS D 57 50.94 11.23 -35.73
N ARG D 58 50.01 11.15 -36.67
CA ARG D 58 48.92 12.12 -36.74
C ARG D 58 47.59 11.57 -36.22
N GLN D 59 47.59 10.40 -35.60
CA GLN D 59 46.35 9.77 -35.15
C GLN D 59 46.70 8.63 -34.21
N ASP D 60 46.36 8.77 -32.93
CA ASP D 60 46.62 7.69 -31.98
C ASP D 60 45.77 6.45 -32.25
N ASN D 61 44.71 6.57 -33.05
CA ASN D 61 43.80 5.44 -33.24
C ASN D 61 43.59 5.11 -34.71
N GLU D 62 44.69 4.99 -35.46
CA GLU D 62 44.58 4.54 -36.85
C GLU D 62 43.86 3.20 -36.95
N ILE D 63 44.30 2.20 -36.19
CA ILE D 63 43.60 0.94 -36.07
C ILE D 63 43.71 0.45 -34.63
N LEU D 64 42.55 0.18 -34.01
CA LEU D 64 42.51 -0.29 -32.63
C LEU D 64 41.38 -1.29 -32.48
N ILE D 65 41.59 -2.48 -32.22
CA ILE D 65 40.55 -3.44 -31.96
C ILE D 65 40.44 -3.36 -30.47
N PHE D 66 39.35 -3.37 -29.90
CA PHE D 66 39.07 -3.09 -28.50
C PHE D 66 37.81 -3.80 -28.05
N TRP D 67 37.88 -4.45 -26.89
CA TRP D 67 36.72 -5.08 -26.26
C TRP D 67 36.07 -4.06 -25.33
N SER D 68 34.80 -3.76 -25.61
CA SER D 68 34.06 -2.79 -24.80
C SER D 68 33.08 -3.51 -23.88
N LYS D 69 33.12 -3.14 -22.60
CA LYS D 69 32.47 -3.93 -21.56
C LYS D 69 30.95 -3.94 -21.75
N ASP D 70 30.37 -5.14 -21.79
CA ASP D 70 28.96 -5.38 -22.06
C ASP D 70 28.59 -5.18 -23.52
N ILE D 71 29.51 -4.68 -24.34
CA ILE D 71 29.19 -4.33 -25.72
C ILE D 71 29.70 -5.39 -26.67
N GLY D 72 30.99 -5.67 -26.63
CA GLY D 72 31.59 -6.65 -27.51
C GLY D 72 32.79 -6.06 -28.24
N TYR D 73 33.10 -6.65 -29.38
CA TYR D 73 34.26 -6.26 -30.16
C TYR D 73 34.01 -4.93 -30.86
N SER D 74 34.95 -4.01 -30.65
CA SER D 74 34.86 -2.67 -31.23
C SER D 74 36.03 -2.42 -32.16
N PHE D 75 35.77 -2.39 -33.46
CA PHE D 75 36.76 -2.15 -34.49
C PHE D 75 36.72 -0.70 -34.95
N THR D 76 37.91 -0.12 -35.09
CA THR D 76 38.00 1.27 -35.52
C THR D 76 39.14 1.51 -36.48
N VAL D 77 38.90 2.28 -37.52
CA VAL D 77 39.93 2.66 -38.47
C VAL D 77 39.86 4.14 -38.80
N GLY D 78 40.99 4.84 -38.75
CA GLY D 78 41.00 6.25 -39.13
C GLY D 78 40.15 7.16 -38.26
N GLY D 79 39.79 6.70 -37.07
CA GLY D 79 39.09 7.58 -36.13
C GLY D 79 37.63 7.21 -36.07
N SER D 80 37.18 6.35 -36.98
CA SER D 80 35.82 5.86 -36.95
C SER D 80 35.80 4.50 -36.24
N GLU D 81 34.58 4.15 -35.83
CA GLU D 81 34.39 2.94 -35.11
C GLU D 81 33.14 2.21 -35.36
N ILE D 82 33.21 0.89 -35.48
CA ILE D 82 31.98 0.13 -35.47
C ILE D 82 32.09 -0.96 -34.41
N LEU D 83 30.93 -1.38 -33.89
CA LEU D 83 30.86 -2.35 -32.80
C LEU D 83 30.29 -3.65 -33.33
N PHE D 84 30.95 -4.76 -32.99
CA PHE D 84 30.44 -6.10 -33.26
C PHE D 84 29.95 -6.68 -31.94
N GLU D 85 28.66 -6.51 -31.67
CA GLU D 85 28.11 -6.85 -30.37
C GLU D 85 28.31 -8.33 -30.07
N VAL D 86 28.49 -8.64 -28.78
CA VAL D 86 28.58 -10.02 -28.32
C VAL D 86 27.58 -10.24 -27.20
N PRO D 87 26.62 -11.16 -27.34
CA PRO D 87 25.59 -11.31 -26.30
C PRO D 87 26.09 -11.83 -24.96
N GLU D 88 26.78 -12.97 -24.95
CA GLU D 88 27.30 -13.55 -23.71
C GLU D 88 28.76 -13.95 -23.91
N VAL D 89 29.53 -13.77 -22.85
CA VAL D 89 30.97 -14.00 -22.90
C VAL D 89 31.30 -15.34 -22.23
N THR D 90 32.07 -16.14 -22.95
CA THR D 90 32.52 -17.39 -22.39
C THR D 90 33.87 -17.16 -21.78
N VAL D 91 34.58 -18.23 -21.46
CA VAL D 91 35.91 -18.16 -20.89
C VAL D 91 36.78 -19.19 -21.59
N ALA D 92 37.42 -18.80 -22.69
CA ALA D 92 38.30 -19.70 -23.42
C ALA D 92 39.16 -18.93 -24.41
N PRO D 93 40.32 -19.47 -24.80
CA PRO D 93 41.10 -18.81 -25.86
C PRO D 93 40.25 -18.56 -27.10
N VAL D 94 40.46 -17.41 -27.75
CA VAL D 94 39.69 -17.05 -28.92
C VAL D 94 40.61 -16.58 -30.05
N HIS D 95 40.26 -16.94 -31.28
CA HIS D 95 40.98 -16.57 -32.48
C HIS D 95 40.12 -15.60 -33.27
N ILE D 96 40.73 -14.54 -33.78
CA ILE D 96 39.98 -13.54 -34.53
C ILE D 96 40.74 -13.03 -35.74
N CYS D 97 40.09 -13.03 -36.89
CA CYS D 97 40.67 -12.49 -38.12
C CYS D 97 39.76 -11.42 -38.71
N THR D 98 40.33 -10.24 -38.94
CA THR D 98 39.55 -9.12 -39.43
C THR D 98 40.24 -8.50 -40.63
N SER D 99 39.42 -8.17 -41.64
CA SER D 99 39.92 -7.59 -42.87
C SER D 99 39.22 -6.27 -43.11
N TRP D 100 39.93 -5.35 -43.78
CA TRP D 100 39.33 -4.11 -44.29
C TRP D 100 39.99 -3.76 -45.61
N GLU D 101 39.18 -3.24 -46.54
CA GLU D 101 39.65 -2.89 -47.87
C GLU D 101 39.28 -1.43 -48.12
N SER D 102 40.20 -0.64 -48.69
CA SER D 102 39.92 0.77 -48.90
C SER D 102 39.05 1.03 -50.12
N ALA D 103 39.04 0.10 -51.08
CA ALA D 103 38.28 0.34 -52.31
C ALA D 103 36.78 0.36 -52.05
N SER D 104 36.29 -0.61 -51.27
CA SER D 104 34.85 -0.80 -51.11
C SER D 104 34.39 -0.46 -49.69
N GLY D 105 35.33 -0.30 -48.77
CA GLY D 105 35.00 -0.13 -47.37
C GLY D 105 34.42 -1.37 -46.71
N ILE D 106 34.54 -2.53 -47.33
CA ILE D 106 34.00 -3.75 -46.72
C ILE D 106 34.93 -4.21 -45.61
N VAL D 107 34.34 -4.57 -44.48
CA VAL D 107 35.05 -5.12 -43.34
C VAL D 107 34.52 -6.51 -43.07
N GLU D 108 35.42 -7.48 -42.93
CA GLU D 108 35.05 -8.83 -42.55
C GLU D 108 35.58 -9.12 -41.15
N PHE D 109 34.77 -9.82 -40.35
CA PHE D 109 35.12 -10.13 -38.97
C PHE D 109 34.80 -11.60 -38.67
N TRP D 110 35.84 -12.40 -38.50
CA TRP D 110 35.72 -13.83 -38.25
C TRP D 110 36.15 -14.13 -36.81
N VAL D 111 35.21 -14.54 -35.97
CA VAL D 111 35.50 -14.93 -34.60
C VAL D 111 35.44 -16.45 -34.55
N ASP D 112 36.50 -17.06 -34.02
CA ASP D 112 36.61 -18.51 -33.91
C ASP D 112 36.16 -19.19 -35.20
N GLY D 113 36.49 -18.58 -36.33
CA GLY D 113 36.17 -19.16 -37.61
C GLY D 113 34.79 -18.87 -38.14
N LYS D 114 33.90 -18.29 -37.33
CA LYS D 114 32.54 -18.02 -37.74
C LYS D 114 32.38 -16.56 -38.15
N PRO D 115 32.07 -16.29 -39.42
CA PRO D 115 32.06 -14.90 -39.90
C PRO D 115 30.90 -14.06 -39.41
N ARG D 116 31.19 -12.78 -39.17
CA ARG D 116 30.17 -11.79 -38.89
C ARG D 116 29.77 -11.09 -40.19
N VAL D 117 28.59 -10.48 -40.18
CA VAL D 117 28.10 -9.82 -41.39
C VAL D 117 29.04 -8.69 -41.78
N ARG D 118 29.27 -8.53 -43.09
CA ARG D 118 30.15 -7.46 -43.56
C ARG D 118 29.48 -6.11 -43.43
N LYS D 119 30.27 -5.08 -43.16
CA LYS D 119 29.73 -3.72 -43.01
C LYS D 119 30.71 -2.76 -43.66
N SER D 120 30.41 -1.46 -43.57
CA SER D 120 31.18 -0.45 -44.30
C SER D 120 31.95 0.45 -43.34
N LEU D 121 33.10 0.93 -43.83
CA LEU D 121 33.91 1.89 -43.11
C LEU D 121 34.71 2.73 -44.10
N LYS D 122 34.70 4.04 -43.88
CA LYS D 122 35.73 4.96 -44.40
C LYS D 122 36.18 4.64 -45.82
N LYS D 123 35.23 4.70 -46.74
CA LYS D 123 35.53 4.36 -48.13
C LYS D 123 36.44 5.44 -48.73
N GLY D 124 37.56 5.01 -49.29
CA GLY D 124 38.49 5.96 -49.87
C GLY D 124 39.63 6.39 -48.97
N TYR D 125 39.61 6.01 -47.70
CA TYR D 125 40.66 6.43 -46.79
C TYR D 125 41.97 5.71 -47.13
N THR D 126 43.07 6.21 -46.57
CA THR D 126 44.37 5.57 -46.70
C THR D 126 45.08 5.58 -45.35
N VAL D 127 45.87 4.53 -45.11
CA VAL D 127 46.59 4.33 -43.87
C VAL D 127 48.07 4.58 -44.10
N GLY D 128 48.68 5.41 -43.25
CA GLY D 128 50.10 5.64 -43.35
C GLY D 128 50.90 4.41 -42.92
N ALA D 129 52.13 4.32 -43.41
CA ALA D 129 52.98 3.17 -43.12
C ALA D 129 53.77 3.37 -41.83
N GLU D 130 54.45 4.49 -41.70
CA GLU D 130 55.24 4.77 -40.52
C GLU D 130 54.34 4.82 -39.29
N ALA D 131 54.46 3.82 -38.42
CA ALA D 131 53.56 3.73 -37.28
C ALA D 131 54.25 2.95 -36.16
N SER D 132 53.65 3.02 -34.98
CA SER D 132 54.03 2.21 -33.84
C SER D 132 52.94 1.21 -33.52
N ILE D 133 53.32 -0.05 -33.39
CA ILE D 133 52.40 -1.13 -33.00
C ILE D 133 52.80 -1.59 -31.60
N ILE D 134 51.81 -1.67 -30.72
CA ILE D 134 52.05 -2.00 -29.31
C ILE D 134 51.06 -3.07 -28.90
N LEU D 135 51.57 -3.93 -27.96
CA LEU D 135 50.77 -5.00 -27.42
C LEU D 135 50.70 -4.88 -25.91
N GLY D 136 49.48 -4.76 -25.35
CA GLY D 136 49.28 -4.69 -23.92
C GLY D 136 48.94 -3.31 -23.40
N GLN D 137 48.90 -2.29 -24.26
CA GLN D 137 48.56 -0.94 -23.87
C GLN D 137 47.85 -0.24 -25.03
N GLU D 138 46.81 0.52 -24.69
CA GLU D 138 46.16 1.45 -25.61
C GLU D 138 46.93 2.76 -25.51
N GLN D 139 47.56 3.17 -26.61
CA GLN D 139 48.28 4.43 -26.64
C GLN D 139 47.42 5.56 -27.17
N ASP D 140 47.23 6.60 -26.34
CA ASP D 140 46.59 7.82 -26.78
C ASP D 140 47.57 8.83 -27.35
N SER D 141 48.87 8.52 -27.31
CA SER D 141 49.92 9.32 -27.93
C SER D 141 50.70 8.40 -28.86
N PHE D 142 51.73 8.92 -29.52
CA PHE D 142 52.47 8.08 -30.46
C PHE D 142 53.15 6.93 -29.75
N GLY D 143 53.79 7.20 -28.60
CA GLY D 143 54.49 6.14 -27.91
C GLY D 143 54.36 6.19 -26.41
N GLY D 144 53.22 6.64 -25.89
CA GLY D 144 53.02 6.63 -24.46
C GLY D 144 51.57 6.85 -24.03
N ASN D 145 51.41 7.47 -22.87
CA ASN D 145 50.10 7.81 -22.33
C ASN D 145 49.26 6.54 -22.13
N PHE D 146 49.91 5.44 -21.74
CA PHE D 146 49.17 4.21 -21.52
C PHE D 146 48.37 4.30 -20.22
N GLU D 147 47.06 4.10 -20.33
CA GLU D 147 46.15 4.17 -19.19
C GLU D 147 46.09 2.81 -18.52
N GLY D 148 46.05 2.81 -17.18
CA GLY D 148 45.93 1.58 -16.42
C GLY D 148 44.60 0.85 -16.55
N SER D 149 43.49 1.57 -16.69
CA SER D 149 42.19 0.93 -16.85
C SER D 149 42.03 0.19 -18.17
N GLN D 150 42.93 0.39 -19.12
CA GLN D 150 42.79 -0.21 -20.45
C GLN D 150 43.84 -1.27 -20.77
N SER D 151 44.89 -1.42 -19.97
CA SER D 151 45.87 -2.46 -20.23
C SER D 151 45.25 -3.86 -20.14
N LEU D 152 45.84 -4.77 -20.91
CA LEU D 152 45.45 -6.18 -21.00
C LEU D 152 46.26 -7.05 -20.05
N VAL D 153 45.57 -7.87 -19.26
CA VAL D 153 46.16 -8.95 -18.48
C VAL D 153 45.77 -10.28 -19.12
N GLY D 154 46.77 -11.05 -19.52
CA GLY D 154 46.51 -12.32 -20.17
C GLY D 154 47.56 -12.63 -21.23
N ASP D 155 47.13 -13.36 -22.25
CA ASP D 155 48.04 -13.92 -23.23
C ASP D 155 47.60 -13.58 -24.65
N ILE D 156 48.59 -13.47 -25.54
CA ILE D 156 48.39 -13.15 -26.94
C ILE D 156 49.50 -13.78 -27.77
N GLY D 157 49.12 -14.19 -28.98
CA GLY D 157 50.06 -14.90 -29.84
C GLY D 157 49.49 -15.04 -31.24
N ASN D 158 50.30 -15.63 -32.11
CA ASN D 158 49.94 -15.85 -33.52
C ASN D 158 49.65 -14.55 -34.24
N VAL D 159 50.07 -13.42 -33.67
CA VAL D 159 49.79 -12.13 -34.25
C VAL D 159 50.39 -12.06 -35.65
N ASN D 160 49.55 -11.73 -36.63
CA ASN D 160 49.95 -11.78 -38.03
C ASN D 160 49.14 -10.75 -38.80
N MET D 161 49.77 -10.08 -39.75
CA MET D 161 49.09 -9.05 -40.51
C MET D 161 49.60 -9.01 -41.94
N TRP D 162 48.67 -8.92 -42.88
CA TRP D 162 48.96 -8.91 -44.30
C TRP D 162 48.74 -7.51 -44.85
N ASP D 163 48.89 -7.35 -46.16
CA ASP D 163 48.62 -6.09 -46.84
C ASP D 163 47.51 -6.25 -47.88
N PHE D 164 46.71 -7.29 -47.76
CA PHE D 164 45.60 -7.51 -48.69
C PHE D 164 44.61 -8.48 -48.04
N VAL D 165 43.41 -8.54 -48.60
CA VAL D 165 42.32 -9.34 -48.03
C VAL D 165 42.52 -10.78 -48.45
N LEU D 166 42.56 -11.67 -47.46
CA LEU D 166 42.53 -13.12 -47.72
C LEU D 166 41.11 -13.53 -48.09
N SER D 167 41.00 -14.63 -48.85
CA SER D 167 39.71 -15.21 -49.12
C SER D 167 39.23 -16.06 -47.94
N PRO D 168 37.94 -16.43 -47.92
CA PRO D 168 37.45 -17.26 -46.81
C PRO D 168 38.22 -18.55 -46.64
N ASP D 169 38.61 -19.17 -47.76
CA ASP D 169 39.40 -20.41 -47.69
C ASP D 169 40.68 -20.17 -46.92
N GLU D 170 41.43 -19.13 -47.30
CA GLU D 170 42.69 -18.85 -46.63
C GLU D 170 42.47 -18.66 -45.13
N ILE D 171 41.42 -17.92 -44.75
CA ILE D 171 41.14 -17.74 -43.34
C ILE D 171 40.89 -19.08 -42.67
N ASN D 172 40.16 -19.97 -43.33
CA ASN D 172 39.92 -21.30 -42.77
C ASN D 172 41.23 -22.04 -42.56
N THR D 173 42.14 -21.94 -43.53
CA THR D 173 43.45 -22.59 -43.39
C THR D 173 44.20 -22.03 -42.18
N ILE D 174 44.18 -20.71 -42.01
CA ILE D 174 44.85 -20.10 -40.86
C ILE D 174 44.26 -20.61 -39.57
N TYR D 175 42.93 -20.59 -39.45
CA TYR D 175 42.32 -20.99 -38.19
C TYR D 175 42.65 -22.44 -37.86
N LEU D 176 42.97 -23.25 -38.88
CA LEU D 176 43.30 -24.66 -38.69
C LEU D 176 44.80 -24.88 -38.51
N GLY D 177 45.61 -23.84 -38.61
CA GLY D 177 47.04 -23.94 -38.37
C GLY D 177 47.88 -24.30 -39.57
N GLY D 178 47.32 -24.24 -40.78
CA GLY D 178 48.07 -24.62 -41.95
C GLY D 178 49.17 -23.64 -42.28
N PRO D 179 50.04 -24.00 -43.23
CA PRO D 179 51.11 -23.09 -43.66
C PRO D 179 50.58 -21.86 -44.39
N PHE D 180 51.32 -20.77 -44.29
CA PHE D 180 50.93 -19.48 -44.85
C PHE D 180 52.15 -18.57 -44.79
N SER D 181 52.03 -17.39 -45.40
CA SER D 181 53.17 -16.48 -45.55
C SER D 181 52.74 -15.05 -45.28
N PRO D 182 52.86 -14.59 -44.04
CA PRO D 182 52.69 -13.15 -43.76
C PRO D 182 53.73 -12.27 -44.45
N ASN D 183 53.34 -11.04 -44.75
CA ASN D 183 54.17 -10.15 -45.56
C ASN D 183 54.39 -8.78 -44.90
N VAL D 184 53.73 -8.49 -43.78
CA VAL D 184 53.92 -7.21 -43.10
C VAL D 184 54.28 -7.48 -41.64
N LEU D 185 53.92 -8.67 -41.15
CA LEU D 185 54.21 -9.09 -39.78
C LEU D 185 54.14 -10.61 -39.76
N ASN D 186 55.27 -11.25 -39.51
CA ASN D 186 55.37 -12.70 -39.47
C ASN D 186 55.66 -13.11 -38.04
N TRP D 187 54.77 -13.92 -37.46
CA TRP D 187 55.05 -14.52 -36.17
C TRP D 187 56.34 -15.31 -36.18
N ARG D 188 56.64 -16.02 -37.28
CA ARG D 188 57.83 -16.86 -37.32
C ARG D 188 59.13 -16.09 -37.55
N ALA D 189 59.07 -14.84 -37.98
CA ALA D 189 60.26 -14.01 -38.14
C ALA D 189 60.12 -12.72 -37.34
N LEU D 190 59.39 -12.79 -36.23
CA LEU D 190 58.98 -11.56 -35.56
C LEU D 190 60.19 -10.81 -35.01
N LYS D 191 60.04 -9.49 -34.86
CA LYS D 191 61.08 -8.64 -34.28
C LYS D 191 60.34 -7.70 -33.32
N TYR D 192 60.75 -7.70 -32.05
CA TYR D 192 60.02 -6.99 -31.01
C TYR D 192 60.95 -6.42 -29.96
N GLU D 193 60.34 -5.68 -29.01
CA GLU D 193 61.07 -5.06 -27.91
C GLU D 193 60.16 -5.06 -26.69
N VAL D 194 60.43 -5.92 -25.71
CA VAL D 194 59.60 -6.10 -24.51
C VAL D 194 59.92 -5.00 -23.50
N GLN D 195 58.94 -4.68 -22.66
CA GLN D 195 59.08 -3.66 -21.63
C GLN D 195 58.25 -4.09 -20.42
N GLY D 196 58.90 -4.03 -19.25
CA GLY D 196 58.22 -4.37 -18.01
C GLY D 196 57.99 -5.86 -17.79
N GLU D 197 56.94 -6.15 -17.03
CA GLU D 197 56.56 -7.51 -16.63
C GLU D 197 55.84 -8.23 -17.77
N VAL D 198 56.62 -8.76 -18.72
CA VAL D 198 56.10 -9.60 -19.77
C VAL D 198 57.08 -10.76 -19.95
N PHE D 199 56.56 -11.98 -20.08
CA PHE D 199 57.42 -13.15 -20.18
C PHE D 199 57.06 -13.97 -21.41
N THR D 200 57.92 -14.93 -21.74
CA THR D 200 57.68 -15.83 -22.87
C THR D 200 57.56 -17.25 -22.33
N LYS D 201 56.48 -17.93 -22.71
CA LYS D 201 56.15 -19.26 -22.20
C LYS D 201 55.51 -20.07 -23.31
N PRO D 202 55.40 -21.39 -23.14
CA PRO D 202 54.64 -22.18 -24.11
C PRO D 202 53.19 -21.73 -24.14
N GLN D 203 52.58 -21.81 -25.33
CA GLN D 203 51.18 -21.44 -25.47
C GLN D 203 50.27 -22.45 -24.79
N LEU D 204 49.22 -21.94 -24.14
CA LEU D 204 48.18 -22.79 -23.57
C LEU D 204 47.24 -23.33 -24.63
N TRP D 205 46.78 -22.47 -25.53
CA TRP D 205 45.78 -22.90 -26.51
C TRP D 205 46.38 -23.99 -27.39
N PRO D 206 45.54 -24.89 -27.93
CA PRO D 206 46.03 -25.94 -28.84
C PRO D 206 46.71 -25.36 -30.07
N GLU E 3 -9.55 -11.67 -28.89
CA GLU E 3 -9.62 -11.42 -27.46
C GLU E 3 -9.35 -9.94 -27.15
N VAL E 4 -8.72 -9.25 -28.11
CA VAL E 4 -8.39 -7.84 -27.90
C VAL E 4 -9.67 -7.04 -27.72
N GLN E 5 -9.54 -5.90 -27.04
CA GLN E 5 -10.63 -4.95 -26.88
C GLN E 5 -10.32 -3.70 -27.71
N LEU E 6 -11.26 -3.32 -28.58
CA LEU E 6 -11.02 -2.26 -29.54
C LEU E 6 -11.68 -0.96 -29.10
N VAL E 7 -10.93 0.14 -29.20
CA VAL E 7 -11.44 1.48 -28.92
C VAL E 7 -11.07 2.36 -30.11
N GLU E 8 -11.87 3.41 -30.33
CA GLU E 8 -11.66 4.29 -31.48
C GLU E 8 -11.72 5.74 -31.03
N SER E 9 -11.06 6.59 -31.80
CA SER E 9 -11.02 8.03 -31.52
C SER E 9 -10.69 8.77 -32.80
N GLY E 10 -10.92 10.08 -32.77
CA GLY E 10 -10.64 10.93 -33.90
C GLY E 10 -11.84 11.36 -34.71
N GLY E 11 -13.05 10.95 -34.30
CA GLY E 11 -14.24 11.36 -35.01
C GLY E 11 -14.60 12.81 -34.73
N GLY E 12 -15.62 13.28 -35.43
CA GLY E 12 -16.08 14.63 -35.28
C GLY E 12 -16.72 15.14 -36.56
N LEU E 13 -16.94 16.44 -36.61
CA LEU E 13 -17.54 17.09 -37.76
C LEU E 13 -16.53 18.01 -38.44
N VAL E 14 -16.55 18.02 -39.77
CA VAL E 14 -15.61 18.80 -40.55
C VAL E 14 -16.28 19.24 -41.84
N GLN E 15 -15.82 20.37 -42.39
CA GLN E 15 -16.30 20.84 -43.68
C GLN E 15 -15.75 19.96 -44.79
N THR E 16 -16.43 19.97 -45.94
CA THR E 16 -16.02 19.15 -47.06
C THR E 16 -14.60 19.50 -47.49
N GLY E 17 -13.88 18.49 -47.97
CA GLY E 17 -12.50 18.64 -48.37
C GLY E 17 -11.49 18.56 -47.25
N GLY E 18 -11.93 18.30 -46.02
CA GLY E 18 -11.02 18.20 -44.90
C GLY E 18 -10.40 16.82 -44.79
N SER E 19 -9.71 16.61 -43.67
CA SER E 19 -9.01 15.36 -43.41
C SER E 19 -9.26 14.92 -41.97
N LEU E 20 -9.17 13.61 -41.75
CA LEU E 20 -9.38 13.04 -40.42
C LEU E 20 -8.50 11.82 -40.27
N ARG E 21 -7.64 11.82 -39.25
CA ARG E 21 -6.76 10.70 -38.96
C ARG E 21 -7.34 9.90 -37.79
N LEU E 22 -8.37 9.11 -38.11
CA LEU E 22 -9.00 8.29 -37.08
C LEU E 22 -8.02 7.23 -36.58
N SER E 23 -8.11 6.97 -35.28
CA SER E 23 -7.22 5.99 -34.68
C SER E 23 -7.99 4.93 -33.93
N CYS E 24 -7.38 3.74 -33.85
CA CYS E 24 -7.99 2.65 -33.11
C CYS E 24 -6.95 1.94 -32.25
N ALA E 25 -7.25 1.77 -30.98
CA ALA E 25 -6.35 1.15 -30.01
C ALA E 25 -6.87 -0.22 -29.61
N ALA E 26 -5.94 -1.13 -29.37
CA ALA E 26 -6.25 -2.52 -29.05
C ALA E 26 -5.69 -2.88 -27.68
N SER E 27 -6.54 -3.55 -26.89
CA SER E 27 -6.13 -4.01 -25.55
C SER E 27 -5.91 -5.51 -25.60
N GLY E 28 -4.66 -5.94 -25.50
CA GLY E 28 -4.29 -7.34 -25.61
C GLY E 28 -2.83 -7.44 -26.03
N ARG E 29 -2.36 -8.68 -26.08
CA ARG E 29 -0.99 -8.97 -26.48
C ARG E 29 -0.87 -9.71 -27.80
N THR E 30 -1.98 -10.24 -28.33
CA THR E 30 -1.99 -10.94 -29.60
C THR E 30 -2.35 -10.02 -30.77
N PHE E 31 -2.39 -8.72 -30.55
CA PHE E 31 -2.82 -7.79 -31.59
C PHE E 31 -2.05 -8.03 -32.89
N ASN E 32 -0.75 -8.31 -32.79
CA ASN E 32 0.06 -8.54 -33.99
C ASN E 32 -0.28 -9.85 -34.69
N ARG E 33 -1.29 -10.58 -34.23
CA ARG E 33 -1.72 -11.82 -34.88
C ARG E 33 -3.13 -11.70 -35.45
N HIS E 34 -3.74 -10.53 -35.38
CA HIS E 34 -5.08 -10.30 -35.92
C HIS E 34 -5.02 -9.20 -36.97
N TYR E 35 -5.78 -9.40 -38.05
CA TYR E 35 -5.87 -8.37 -39.07
C TYR E 35 -6.93 -7.37 -38.63
N MET E 36 -6.78 -6.13 -39.04
CA MET E 36 -7.67 -5.06 -38.63
C MET E 36 -8.53 -4.61 -39.81
N GLY E 37 -9.65 -3.95 -39.49
CA GLY E 37 -10.52 -3.45 -40.53
C GLY E 37 -11.37 -2.31 -40.03
N TRP E 38 -11.78 -1.47 -40.97
CA TRP E 38 -12.70 -0.36 -40.70
C TRP E 38 -13.98 -0.61 -41.48
N PHE E 39 -15.11 -0.48 -40.78
CA PHE E 39 -16.43 -0.68 -41.35
C PHE E 39 -17.28 0.55 -41.10
N ARG E 40 -18.29 0.75 -41.95
CA ARG E 40 -19.18 1.90 -41.87
C ARG E 40 -20.60 1.46 -41.57
N GLN E 41 -21.30 2.27 -40.78
CA GLN E 41 -22.69 2.01 -40.40
C GLN E 41 -23.48 3.30 -40.53
N VAL E 42 -24.73 3.17 -40.96
CA VAL E 42 -25.61 4.33 -41.15
C VAL E 42 -26.96 4.01 -40.54
N PRO E 43 -27.70 5.00 -40.03
CA PRO E 43 -29.03 4.72 -39.50
C PRO E 43 -29.93 4.14 -40.58
N GLY E 44 -30.77 3.20 -40.18
CA GLY E 44 -31.61 2.49 -41.13
C GLY E 44 -30.82 1.66 -42.13
N LYS E 45 -29.78 0.99 -41.66
CA LYS E 45 -28.95 0.15 -42.52
C LYS E 45 -27.94 -0.56 -41.62
N GLU E 46 -27.21 -1.49 -42.21
CA GLU E 46 -26.24 -2.31 -41.49
C GLU E 46 -24.81 -1.86 -41.82
N ARG E 47 -23.86 -2.42 -41.09
CA ARG E 47 -22.47 -2.04 -41.24
C ARG E 47 -21.97 -2.42 -42.63
N GLU E 48 -21.03 -1.62 -43.13
CA GLU E 48 -20.47 -1.81 -44.47
C GLU E 48 -18.95 -1.87 -44.42
N PHE E 49 -18.38 -2.66 -45.31
CA PHE E 49 -16.93 -2.77 -45.41
C PHE E 49 -16.33 -1.44 -45.88
N VAL E 50 -15.22 -1.06 -45.27
CA VAL E 50 -14.50 0.15 -45.66
C VAL E 50 -13.09 -0.21 -46.09
N ALA E 51 -12.33 -0.83 -45.18
CA ALA E 51 -10.95 -1.17 -45.50
C ALA E 51 -10.47 -2.29 -44.59
N SER E 52 -9.38 -2.93 -45.01
CA SER E 52 -8.79 -4.03 -44.24
C SER E 52 -7.28 -4.00 -44.36
N ILE E 53 -6.56 -4.27 -43.27
CA ILE E 53 -5.10 -4.08 -43.31
C ILE E 53 -4.25 -5.21 -42.76
N SER E 54 -3.08 -5.44 -43.35
CA SER E 54 -2.24 -6.60 -42.98
C SER E 54 -1.81 -6.74 -41.54
N GLN E 55 -1.84 -7.97 -41.05
CA GLN E 55 -1.32 -8.22 -39.71
C GLN E 55 0.14 -7.90 -39.84
N THR E 56 0.76 -8.39 -40.91
CA THR E 56 2.15 -8.04 -41.16
C THR E 56 2.18 -6.60 -41.57
N GLY E 57 1.06 -6.10 -42.08
CA GLY E 57 0.97 -4.72 -42.47
C GLY E 57 1.51 -4.40 -43.85
N LEU E 58 2.04 -5.39 -44.57
CA LEU E 58 2.55 -5.18 -45.91
C LEU E 58 1.47 -5.32 -46.98
N ASN E 59 0.30 -5.83 -46.63
CA ASN E 59 -0.79 -6.03 -47.59
C ASN E 59 -2.04 -5.38 -47.05
N LYS E 60 -2.70 -4.57 -47.88
CA LYS E 60 -3.88 -3.82 -47.50
C LYS E 60 -5.00 -4.08 -48.51
N ASP E 61 -6.18 -3.55 -48.22
CA ASP E 61 -7.29 -3.67 -49.16
C ASP E 61 -8.25 -2.52 -48.92
N TYR E 62 -8.53 -1.77 -49.98
CA TYR E 62 -9.43 -0.63 -49.93
C TYR E 62 -10.65 -0.90 -50.79
N VAL E 63 -11.77 -0.29 -50.41
CA VAL E 63 -12.98 -0.36 -51.22
C VAL E 63 -12.81 0.60 -52.41
N ASP E 64 -13.69 0.48 -53.40
CA ASP E 64 -13.55 1.29 -54.60
C ASP E 64 -13.64 2.78 -54.29
N SER E 65 -14.51 3.16 -53.38
CA SER E 65 -14.65 4.58 -53.09
C SER E 65 -13.45 5.06 -52.29
N ALA E 66 -12.95 4.24 -51.37
CA ALA E 66 -11.89 4.70 -50.49
C ALA E 66 -10.54 4.77 -51.19
N LYS E 67 -10.29 3.91 -52.17
CA LYS E 67 -8.99 3.87 -52.81
C LYS E 67 -8.65 5.21 -53.45
N GLY E 68 -7.38 5.61 -53.35
CA GLY E 68 -6.94 6.90 -53.82
C GLY E 68 -7.26 8.05 -52.89
N ARG E 69 -8.24 7.89 -51.99
CA ARG E 69 -8.61 8.93 -51.04
C ARG E 69 -8.25 8.59 -49.61
N PHE E 70 -8.29 7.32 -49.22
CA PHE E 70 -8.06 6.89 -47.86
C PHE E 70 -6.79 6.05 -47.78
N THR E 71 -6.16 6.07 -46.61
CA THR E 71 -4.98 5.27 -46.34
C THR E 71 -5.15 4.57 -45.00
N ILE E 72 -4.62 3.35 -44.92
CA ILE E 72 -4.72 2.53 -43.72
C ILE E 72 -3.34 2.04 -43.34
N SER E 73 -3.01 2.11 -42.06
CA SER E 73 -1.70 1.70 -41.59
C SER E 73 -1.83 1.16 -40.17
N ARG E 74 -0.77 0.50 -39.70
CA ARG E 74 -0.76 -0.05 -38.35
C ARG E 74 0.64 0.07 -37.76
N ASP E 75 0.67 0.25 -36.44
CA ASP E 75 1.91 0.29 -35.68
C ASP E 75 1.89 -0.90 -34.72
N ASN E 76 2.68 -1.93 -35.05
CA ASN E 76 2.73 -3.12 -34.21
C ASN E 76 3.36 -2.81 -32.85
N ALA E 77 4.44 -2.02 -32.84
CA ALA E 77 5.07 -1.67 -31.58
C ALA E 77 4.10 -0.92 -30.67
N GLU E 78 3.36 0.04 -31.23
CA GLU E 78 2.30 0.73 -30.51
C GLU E 78 0.96 0.04 -30.64
N ASN E 79 0.91 -1.11 -31.33
CA ASN E 79 -0.30 -1.89 -31.56
C ASN E 79 -1.52 -1.00 -31.74
N THR E 80 -1.49 -0.09 -32.70
CA THR E 80 -2.63 0.77 -32.98
C THR E 80 -2.79 0.95 -34.49
N VAL E 81 -4.04 1.01 -34.94
CA VAL E 81 -4.33 1.16 -36.36
C VAL E 81 -4.74 2.60 -36.63
N TYR E 82 -4.38 3.08 -37.82
CA TYR E 82 -4.67 4.45 -38.23
C TYR E 82 -5.36 4.42 -39.59
N LEU E 83 -6.46 5.22 -39.68
CA LEU E 83 -7.17 5.34 -40.95
C LEU E 83 -7.28 6.82 -41.30
N GLN E 84 -6.46 7.27 -42.27
CA GLN E 84 -6.50 8.67 -42.65
C GLN E 84 -7.59 8.91 -43.68
N MET E 85 -8.71 9.47 -43.24
CA MET E 85 -9.80 9.74 -44.16
C MET E 85 -9.74 11.16 -44.68
N ASN E 86 -9.80 11.31 -46.01
CA ASN E 86 -9.72 12.63 -46.61
C ASN E 86 -10.85 12.80 -47.61
N ASN E 87 -10.77 13.82 -48.46
CA ASN E 87 -11.82 14.03 -49.46
C ASN E 87 -13.16 13.72 -48.82
N LEU E 88 -13.49 14.44 -47.77
CA LEU E 88 -14.70 14.19 -47.06
C LEU E 88 -15.97 14.80 -47.66
N LYS E 89 -16.86 13.98 -48.22
CA LYS E 89 -18.08 14.59 -48.72
C LYS E 89 -19.22 14.30 -47.77
N PRO E 90 -20.33 15.05 -47.88
CA PRO E 90 -21.43 14.88 -46.94
C PRO E 90 -21.84 13.44 -46.67
N GLU E 91 -22.01 12.66 -47.71
CA GLU E 91 -22.49 11.27 -47.53
C GLU E 91 -21.63 10.44 -46.60
N ASP E 92 -20.32 10.66 -46.61
CA ASP E 92 -19.43 9.83 -45.79
C ASP E 92 -19.52 10.44 -44.42
N THR E 93 -20.66 10.54 -43.87
CA THR E 93 -20.99 10.96 -42.52
C THR E 93 -21.87 9.90 -41.88
N ALA E 94 -21.29 9.10 -41.00
CA ALA E 94 -21.99 7.99 -40.37
C ALA E 94 -21.13 7.49 -39.21
N LEU E 95 -21.51 6.35 -38.64
CA LEU E 95 -20.71 5.71 -37.61
C LEU E 95 -19.64 4.84 -38.27
N TYR E 96 -18.47 4.81 -37.65
CA TYR E 96 -17.36 3.99 -38.12
C TYR E 96 -16.90 3.09 -36.99
N TYR E 97 -16.62 1.83 -37.33
CA TYR E 97 -16.25 0.81 -36.36
C TYR E 97 -14.91 0.21 -36.73
N CYS E 98 -14.02 0.09 -35.74
CA CYS E 98 -12.75 -0.59 -35.97
C CYS E 98 -12.97 -2.00 -35.48
N ALA E 99 -12.98 -2.94 -36.41
CA ALA E 99 -13.21 -4.34 -36.13
C ALA E 99 -11.95 -5.16 -36.38
N GLY E 100 -11.93 -6.37 -35.85
CA GLY E 100 -10.79 -7.23 -36.08
C GLY E 100 -10.94 -8.56 -35.42
N SER E 101 -10.60 -9.61 -36.16
CA SER E 101 -10.70 -10.96 -35.61
C SER E 101 -9.93 -11.94 -36.45
N GLN E 102 -8.81 -12.40 -35.92
CA GLN E 102 -8.03 -13.40 -36.62
C GLN E 102 -6.92 -13.81 -35.71
N SER E 103 -6.87 -15.07 -35.36
CA SER E 103 -5.76 -15.51 -34.55
C SER E 103 -4.91 -16.48 -35.34
N SER E 104 -4.84 -16.28 -36.66
CA SER E 104 -4.09 -17.20 -37.50
C SER E 104 -3.76 -16.63 -38.87
N TYR E 105 -2.71 -17.16 -39.48
CA TYR E 105 -2.33 -16.74 -40.83
C TYR E 105 -3.52 -16.83 -41.77
N TYR E 106 -3.77 -15.77 -42.53
CA TYR E 106 -4.73 -15.81 -43.63
C TYR E 106 -4.67 -14.49 -44.39
N ASP E 107 -5.54 -14.35 -45.39
CA ASP E 107 -5.59 -13.22 -46.29
C ASP E 107 -6.52 -12.14 -45.74
N LYS E 108 -6.83 -11.15 -46.57
CA LYS E 108 -7.69 -10.06 -46.16
C LYS E 108 -9.06 -10.25 -46.81
N PRO E 109 -10.10 -10.59 -46.05
CA PRO E 109 -11.42 -10.76 -46.66
C PRO E 109 -12.22 -9.47 -46.68
N ARG E 110 -13.45 -9.54 -47.21
CA ARG E 110 -14.33 -8.37 -47.30
C ARG E 110 -15.74 -8.76 -46.90
N LEU E 111 -15.87 -9.53 -45.83
CA LEU E 111 -17.16 -9.95 -45.31
C LEU E 111 -17.29 -9.53 -43.85
N LEU E 112 -18.36 -9.98 -43.21
CA LEU E 112 -18.68 -9.63 -41.83
C LEU E 112 -18.69 -10.81 -40.89
N THR E 113 -19.04 -12.01 -41.37
CA THR E 113 -19.13 -13.16 -40.47
C THR E 113 -17.78 -13.49 -39.84
N GLU E 114 -16.71 -13.42 -40.62
CA GLU E 114 -15.40 -13.80 -40.11
C GLU E 114 -14.99 -12.92 -38.92
N TYR E 115 -15.21 -11.61 -39.03
CA TYR E 115 -14.88 -10.72 -37.93
C TYR E 115 -15.67 -11.12 -36.68
N ALA E 116 -14.98 -11.13 -35.55
CA ALA E 116 -15.57 -11.58 -34.29
C ALA E 116 -15.59 -10.53 -33.19
N TYR E 117 -14.79 -9.47 -33.31
CA TYR E 117 -14.69 -8.46 -32.28
C TYR E 117 -14.94 -7.08 -32.86
N TRP E 118 -15.69 -6.26 -32.14
CA TRP E 118 -16.08 -4.94 -32.60
C TRP E 118 -15.87 -3.93 -31.48
N GLY E 119 -15.61 -2.67 -31.87
CA GLY E 119 -15.47 -1.59 -30.93
C GLY E 119 -16.77 -0.83 -30.71
N GLN E 120 -16.72 0.15 -29.81
CA GLN E 120 -17.91 0.94 -29.53
C GLN E 120 -18.32 1.75 -30.75
N GLY E 121 -17.36 2.34 -31.46
CA GLY E 121 -17.63 3.11 -32.65
C GLY E 121 -17.32 4.59 -32.46
N THR E 122 -17.38 5.30 -33.57
CA THR E 122 -17.16 6.76 -33.58
C THR E 122 -18.07 7.36 -34.64
N LEU E 123 -18.28 8.68 -34.55
CA LEU E 123 -19.15 9.38 -35.47
C LEU E 123 -18.33 10.34 -36.32
N VAL E 124 -18.59 10.35 -37.62
CA VAL E 124 -17.93 11.25 -38.56
C VAL E 124 -19.00 12.00 -39.33
N THR E 125 -18.86 13.32 -39.44
CA THR E 125 -19.85 14.16 -40.10
C THR E 125 -19.16 15.15 -41.02
N VAL E 126 -19.74 15.36 -42.20
CA VAL E 126 -19.26 16.34 -43.16
C VAL E 126 -20.35 17.39 -43.34
N SER E 127 -19.96 18.66 -43.19
CA SER E 127 -20.89 19.76 -43.30
C SER E 127 -21.01 20.27 -44.74
N GLN F 1 25.72 -13.88 -70.32
CA GLN F 1 25.51 -14.56 -69.01
C GLN F 1 26.77 -14.45 -68.15
N THR F 2 26.61 -14.58 -66.85
CA THR F 2 27.75 -14.61 -65.95
C THR F 2 27.53 -15.71 -64.92
N ASP F 3 28.59 -16.47 -64.64
CA ASP F 3 28.57 -17.52 -63.63
C ASP F 3 28.85 -16.87 -62.28
N MET F 4 27.89 -16.93 -61.37
CA MET F 4 28.08 -16.33 -60.05
C MET F 4 28.49 -17.37 -59.03
N SER F 5 28.95 -18.54 -59.49
CA SER F 5 29.25 -19.61 -58.54
C SER F 5 30.31 -19.17 -57.54
N ARG F 6 30.14 -19.58 -56.28
CA ARG F 6 31.06 -19.22 -55.20
C ARG F 6 31.12 -17.73 -54.98
N LYS F 7 30.15 -16.96 -55.42
CA LYS F 7 30.14 -15.51 -55.30
C LYS F 7 28.75 -15.03 -54.91
N ALA F 8 28.72 -13.86 -54.29
CA ALA F 8 27.47 -13.30 -53.77
C ALA F 8 27.54 -11.78 -53.82
N PHE F 9 26.36 -11.18 -53.70
CA PHE F 9 26.23 -9.73 -53.61
C PHE F 9 26.38 -9.23 -52.18
N VAL F 10 26.85 -7.98 -52.06
CA VAL F 10 27.04 -7.33 -50.77
C VAL F 10 26.32 -5.99 -50.79
N PHE F 11 25.48 -5.75 -49.77
CA PHE F 11 24.79 -4.49 -49.53
C PHE F 11 25.28 -3.91 -48.20
N PRO F 12 26.38 -3.16 -48.16
CA PRO F 12 26.95 -2.82 -46.84
C PRO F 12 26.23 -1.77 -46.01
N LYS F 13 25.41 -0.91 -46.61
CA LYS F 13 24.78 0.18 -45.89
C LYS F 13 23.28 0.12 -46.09
N GLU F 14 22.56 0.43 -45.02
CA GLU F 14 21.12 0.57 -45.09
C GLU F 14 20.78 1.85 -45.85
N SER F 15 20.22 1.69 -47.04
CA SER F 15 20.04 2.79 -47.99
C SER F 15 18.90 2.40 -48.93
N ASP F 16 18.38 3.40 -49.66
CA ASP F 16 17.19 3.20 -50.46
C ASP F 16 17.45 2.96 -51.95
N THR F 17 18.62 3.36 -52.46
CA THR F 17 18.88 3.25 -53.89
C THR F 17 19.66 2.00 -54.28
N SER F 18 20.31 1.33 -53.34
CA SER F 18 21.11 0.14 -53.62
C SER F 18 20.19 -1.04 -53.88
N TYR F 19 20.25 -1.60 -55.09
CA TYR F 19 19.40 -2.75 -55.41
C TYR F 19 19.86 -3.38 -56.72
N VAL F 20 19.47 -4.63 -56.91
CA VAL F 20 19.83 -5.39 -58.11
C VAL F 20 18.57 -5.86 -58.81
N SER F 21 18.53 -5.68 -60.14
CA SER F 21 17.38 -6.03 -60.95
C SER F 21 17.71 -7.31 -61.71
N LEU F 22 16.81 -8.28 -61.60
CA LEU F 22 16.94 -9.59 -62.25
C LEU F 22 16.06 -9.64 -63.49
N LYS F 23 16.48 -10.41 -64.49
CA LYS F 23 15.72 -10.62 -65.71
C LYS F 23 15.47 -12.10 -65.95
N ALA F 24 14.32 -12.40 -66.54
CA ALA F 24 13.91 -13.78 -66.82
C ALA F 24 13.44 -13.92 -68.26
N PRO F 25 13.78 -15.04 -68.91
CA PRO F 25 13.24 -15.32 -70.25
C PRO F 25 11.80 -15.79 -70.29
N LEU F 26 11.14 -15.95 -69.14
CA LEU F 26 9.80 -16.50 -69.09
C LEU F 26 8.82 -15.70 -69.95
N THR F 27 7.95 -16.43 -70.65
CA THR F 27 6.91 -15.80 -71.46
C THR F 27 5.52 -16.28 -71.09
N LYS F 28 5.32 -17.63 -70.93
CA LYS F 28 4.01 -18.16 -70.54
C LYS F 28 3.75 -17.83 -69.07
N PRO F 29 2.50 -17.53 -68.67
CA PRO F 29 2.23 -17.34 -67.25
C PRO F 29 2.43 -18.61 -66.44
N LEU F 30 2.81 -18.42 -65.18
CA LEU F 30 3.14 -19.52 -64.29
C LEU F 30 1.90 -20.09 -63.58
N LYS F 31 1.68 -21.39 -63.76
CA LYS F 31 0.77 -22.14 -62.92
C LYS F 31 1.43 -22.75 -61.69
N ALA F 32 2.75 -22.90 -61.67
CA ALA F 32 3.45 -23.35 -60.46
C ALA F 32 4.93 -22.98 -60.53
N PHE F 33 5.61 -23.01 -59.39
CA PHE F 33 7.02 -22.65 -59.31
C PHE F 33 7.61 -23.14 -58.00
N THR F 34 8.94 -23.07 -57.90
CA THR F 34 9.64 -23.24 -56.63
C THR F 34 10.81 -22.27 -56.62
N VAL F 35 11.10 -21.67 -55.46
CA VAL F 35 12.23 -20.76 -55.32
C VAL F 35 13.13 -21.20 -54.18
N CYS F 36 14.43 -21.28 -54.44
CA CYS F 36 15.42 -21.58 -53.42
C CYS F 36 16.49 -20.50 -53.38
N LEU F 37 16.96 -20.18 -52.17
CA LEU F 37 17.96 -19.14 -52.05
C LEU F 37 18.62 -19.19 -50.68
N HIS F 38 19.85 -18.68 -50.64
CA HIS F 38 20.57 -18.59 -49.40
C HIS F 38 20.68 -17.11 -49.09
N PHE F 39 20.62 -16.73 -47.83
CA PHE F 39 20.80 -15.33 -47.46
C PHE F 39 21.30 -15.23 -46.03
N TYR F 40 22.02 -14.14 -45.77
CA TYR F 40 22.58 -13.93 -44.44
C TYR F 40 22.54 -12.45 -44.08
N THR F 41 21.94 -12.13 -42.95
CA THR F 41 21.80 -10.75 -42.48
C THR F 41 21.64 -10.78 -40.97
N GLU F 42 21.85 -9.62 -40.33
CA GLU F 42 21.73 -9.48 -38.89
C GLU F 42 20.57 -8.58 -38.48
N LEU F 43 19.74 -8.15 -39.43
CA LEU F 43 18.64 -7.26 -39.12
C LEU F 43 17.51 -7.94 -38.36
N SER F 44 17.54 -9.27 -38.28
CA SER F 44 16.42 -10.00 -37.68
C SER F 44 15.88 -9.39 -36.40
N SER F 45 16.74 -8.98 -35.48
CA SER F 45 16.21 -8.50 -34.21
C SER F 45 15.82 -7.03 -34.23
N THR F 46 16.08 -6.32 -35.31
CA THR F 46 15.92 -4.86 -35.33
C THR F 46 14.72 -4.40 -36.14
N ARG F 47 14.48 -4.97 -37.32
CA ARG F 47 13.35 -4.54 -38.14
C ARG F 47 13.15 -5.54 -39.27
N GLY F 48 12.07 -5.33 -40.02
CA GLY F 48 11.72 -6.19 -41.13
C GLY F 48 12.42 -5.81 -42.42
N TYR F 49 12.46 -6.78 -43.34
CA TYR F 49 13.14 -6.59 -44.63
C TYR F 49 12.55 -7.55 -45.64
N SER F 50 12.81 -7.26 -46.92
CA SER F 50 12.30 -8.03 -48.04
C SER F 50 13.39 -8.87 -48.70
N ILE F 51 13.18 -10.18 -48.76
CA ILE F 51 14.14 -11.11 -49.33
C ILE F 51 14.04 -11.13 -50.84
N PHE F 52 12.85 -11.42 -51.37
CA PHE F 52 12.62 -11.53 -52.81
C PHE F 52 11.34 -10.81 -53.19
N SER F 53 11.42 -10.02 -54.28
CA SER F 53 10.31 -9.20 -54.76
C SER F 53 10.00 -9.53 -56.21
N TYR F 54 8.87 -10.18 -56.45
CA TYR F 54 8.29 -10.36 -57.78
C TYR F 54 7.01 -9.53 -57.90
N ALA F 55 6.98 -8.67 -58.92
CA ALA F 55 5.86 -7.76 -59.14
C ALA F 55 5.53 -7.69 -60.63
N THR F 56 4.29 -7.32 -60.92
CA THR F 56 3.82 -7.15 -62.30
C THR F 56 3.15 -5.78 -62.40
N LYS F 57 2.83 -5.38 -63.63
CA LYS F 57 2.32 -4.02 -63.83
C LYS F 57 0.98 -3.82 -63.14
N ARG F 58 0.29 -4.92 -62.82
CA ARG F 58 -1.03 -4.85 -62.21
C ARG F 58 -1.01 -5.09 -60.70
N GLN F 59 0.11 -5.55 -60.14
CA GLN F 59 0.21 -5.95 -58.74
C GLN F 59 1.66 -5.78 -58.32
N ASP F 60 1.91 -4.89 -57.36
CA ASP F 60 3.27 -4.76 -56.81
C ASP F 60 3.66 -5.94 -55.91
N ASN F 61 2.71 -6.76 -55.47
CA ASN F 61 3.06 -7.88 -54.60
C ASN F 61 2.60 -9.22 -55.14
N GLU F 62 2.94 -9.52 -56.40
CA GLU F 62 2.62 -10.83 -56.95
C GLU F 62 3.23 -11.95 -56.12
N ILE F 63 4.53 -11.85 -55.81
CA ILE F 63 5.20 -12.83 -54.96
C ILE F 63 6.26 -12.11 -54.13
N LEU F 64 5.89 -12.14 -52.75
CA LEU F 64 6.75 -11.49 -51.77
C LEU F 64 7.19 -12.33 -50.57
N ILE F 65 8.57 -12.62 -50.54
CA ILE F 65 9.08 -13.27 -49.33
C ILE F 65 9.64 -12.22 -48.39
N PHE F 66 8.98 -12.03 -47.25
CA PHE F 66 9.24 -10.94 -46.32
C PHE F 66 9.37 -11.43 -44.90
N TRP F 67 10.38 -10.91 -44.19
CA TRP F 67 10.59 -11.18 -42.77
C TRP F 67 9.91 -10.04 -42.01
N SER F 68 8.97 -10.42 -41.14
CA SER F 68 8.27 -9.46 -40.30
C SER F 68 8.84 -9.57 -38.91
N LYS F 69 8.99 -8.46 -38.21
CA LYS F 69 9.63 -8.47 -36.90
C LYS F 69 8.75 -9.18 -35.89
N ASP F 70 9.39 -10.01 -35.05
CA ASP F 70 8.67 -10.75 -34.01
C ASP F 70 7.57 -11.63 -34.57
N ILE F 71 7.66 -11.97 -35.86
CA ILE F 71 6.67 -12.85 -36.47
C ILE F 71 7.35 -14.05 -37.12
N GLY F 72 8.26 -13.81 -38.04
CA GLY F 72 8.91 -14.87 -38.77
C GLY F 72 8.86 -14.61 -40.26
N TYR F 73 8.67 -15.68 -41.02
CA TYR F 73 8.60 -15.58 -42.48
C TYR F 73 7.17 -15.41 -42.95
N SER F 74 6.97 -14.35 -43.74
CA SER F 74 5.64 -14.05 -44.27
C SER F 74 5.62 -14.25 -45.78
N PHE F 75 4.93 -15.29 -46.23
CA PHE F 75 4.82 -15.60 -47.65
C PHE F 75 3.51 -15.08 -48.22
N THR F 76 3.73 -14.33 -49.40
CA THR F 76 2.60 -13.70 -50.07
C THR F 76 2.51 -14.07 -51.55
N VAL F 77 1.24 -14.49 -51.98
CA VAL F 77 1.07 -14.74 -53.41
C VAL F 77 -0.23 -14.13 -53.90
N GLY F 78 -0.16 -13.40 -55.01
CA GLY F 78 -1.33 -12.77 -55.57
C GLY F 78 -2.08 -11.92 -54.56
N GLY F 79 -1.37 -11.11 -53.81
CA GLY F 79 -2.08 -10.25 -52.88
C GLY F 79 -2.71 -10.92 -51.70
N SER F 80 -2.26 -12.12 -51.40
CA SER F 80 -2.69 -12.75 -50.17
C SER F 80 -1.46 -13.20 -49.36
N GLU F 81 -1.58 -13.24 -48.05
CA GLU F 81 -0.39 -13.50 -47.26
C GLU F 81 -0.61 -14.63 -46.28
N ILE F 82 0.48 -15.33 -45.97
CA ILE F 82 0.48 -16.29 -44.88
C ILE F 82 1.76 -16.07 -44.08
N LEU F 83 1.73 -16.52 -42.84
CA LEU F 83 2.82 -16.38 -41.89
C LEU F 83 3.32 -17.77 -41.51
N PHE F 84 4.63 -17.88 -41.40
CA PHE F 84 5.31 -19.06 -40.87
C PHE F 84 6.13 -18.58 -39.69
N GLU F 85 5.53 -18.64 -38.50
CA GLU F 85 6.13 -18.06 -37.31
C GLU F 85 7.49 -18.66 -37.01
N VAL F 86 8.39 -17.83 -36.49
CA VAL F 86 9.65 -18.27 -35.90
C VAL F 86 9.71 -17.87 -34.42
N PRO F 87 9.73 -18.84 -33.51
CA PRO F 87 9.74 -18.50 -32.07
C PRO F 87 10.93 -17.66 -31.63
N GLU F 88 12.13 -18.10 -32.00
CA GLU F 88 13.39 -17.46 -31.65
C GLU F 88 14.26 -17.47 -32.88
N VAL F 89 15.21 -16.54 -32.93
CA VAL F 89 16.07 -16.41 -34.08
C VAL F 89 17.53 -16.46 -33.63
N THR F 90 18.40 -16.91 -34.53
CA THR F 90 19.83 -16.95 -34.29
C THR F 90 20.57 -16.37 -35.48
N VAL F 91 21.82 -15.96 -35.24
CA VAL F 91 22.66 -15.30 -36.23
C VAL F 91 23.34 -16.40 -37.05
N ALA F 92 22.73 -16.81 -38.16
CA ALA F 92 23.44 -17.75 -39.02
C ALA F 92 23.00 -17.64 -40.48
N PRO F 93 23.85 -17.97 -41.44
CA PRO F 93 23.39 -18.03 -42.83
C PRO F 93 22.25 -19.02 -42.95
N VAL F 94 21.23 -18.68 -43.74
CA VAL F 94 20.03 -19.50 -43.81
C VAL F 94 19.64 -19.76 -45.26
N HIS F 95 19.32 -21.01 -45.56
CA HIS F 95 18.88 -21.43 -46.89
C HIS F 95 17.39 -21.76 -46.80
N ILE F 96 16.65 -21.33 -47.83
CA ILE F 96 15.21 -21.50 -47.81
C ILE F 96 14.67 -21.91 -49.16
N CYS F 97 13.79 -22.90 -49.20
CA CYS F 97 13.15 -23.34 -50.44
C CYS F 97 11.64 -23.32 -50.24
N THR F 98 10.94 -22.67 -51.17
CA THR F 98 9.51 -22.43 -51.02
C THR F 98 8.81 -22.75 -52.33
N SER F 99 7.77 -23.57 -52.24
CA SER F 99 7.07 -24.01 -53.44
C SER F 99 5.58 -23.72 -53.30
N TRP F 100 4.94 -23.46 -54.44
CA TRP F 100 3.50 -23.26 -54.51
C TRP F 100 2.98 -23.82 -55.82
N GLU F 101 1.70 -24.45 -55.63
CA GLU F 101 1.03 -25.06 -56.75
C GLU F 101 -0.32 -24.41 -56.96
N SER F 102 -0.60 -24.02 -58.29
CA SER F 102 -1.92 -23.43 -58.50
C SER F 102 -3.05 -24.45 -58.44
N ALA F 103 -2.82 -25.67 -58.92
CA ALA F 103 -3.90 -26.65 -58.98
C ALA F 103 -4.50 -26.92 -57.61
N SER F 104 -3.66 -27.17 -56.62
CA SER F 104 -4.13 -27.59 -55.30
C SER F 104 -4.09 -26.44 -54.30
N GLY F 105 -3.33 -25.38 -54.60
CA GLY F 105 -3.05 -24.34 -53.65
C GLY F 105 -2.12 -24.73 -52.52
N ILE F 106 -1.41 -25.84 -52.64
CA ILE F 106 -0.52 -26.27 -51.56
C ILE F 106 0.77 -25.47 -51.62
N VAL F 107 1.37 -25.25 -50.45
CA VAL F 107 2.64 -24.54 -50.35
C VAL F 107 3.55 -25.34 -49.43
N GLU F 108 4.78 -25.56 -49.87
CA GLU F 108 5.83 -26.16 -49.06
C GLU F 108 6.81 -25.10 -48.63
N PHE F 109 7.27 -25.17 -47.36
CA PHE F 109 8.24 -24.20 -46.82
C PHE F 109 9.40 -24.90 -46.11
N TRP F 110 10.56 -25.00 -46.72
CA TRP F 110 11.73 -25.68 -46.20
C TRP F 110 12.72 -24.64 -45.70
N VAL F 111 13.12 -24.69 -44.45
CA VAL F 111 14.16 -23.79 -44.01
C VAL F 111 15.18 -24.77 -43.54
N ASP F 112 16.47 -24.62 -43.83
CA ASP F 112 17.62 -25.44 -43.46
C ASP F 112 17.27 -26.92 -43.63
N GLY F 113 16.66 -27.22 -44.78
CA GLY F 113 16.22 -28.56 -45.10
C GLY F 113 15.22 -29.16 -44.13
N LYS F 114 14.56 -28.34 -43.30
CA LYS F 114 13.52 -28.83 -42.41
C LYS F 114 12.17 -28.31 -42.88
N PRO F 115 11.20 -29.17 -43.16
CA PRO F 115 9.95 -28.71 -43.77
C PRO F 115 8.93 -28.18 -42.77
N ARG F 116 8.28 -27.08 -43.14
CA ARG F 116 7.14 -26.58 -42.41
C ARG F 116 5.87 -27.27 -42.94
N VAL F 117 4.79 -27.25 -42.17
CA VAL F 117 3.55 -27.91 -42.58
C VAL F 117 3.04 -27.28 -43.87
N ARG F 118 2.49 -28.11 -44.76
CA ARG F 118 1.94 -27.58 -46.00
C ARG F 118 0.62 -26.88 -45.73
N LYS F 119 0.36 -25.78 -46.45
CA LYS F 119 -0.86 -25.00 -46.24
C LYS F 119 -1.42 -24.59 -47.60
N SER F 120 -2.57 -23.93 -47.56
CA SER F 120 -3.26 -23.50 -48.78
C SER F 120 -3.25 -21.98 -48.95
N LEU F 121 -3.26 -21.57 -50.21
CA LEU F 121 -3.13 -20.18 -50.64
C LEU F 121 -3.55 -20.02 -52.09
N LYS F 122 -4.66 -19.30 -52.29
CA LYS F 122 -5.07 -18.82 -53.60
C LYS F 122 -5.17 -19.94 -54.63
N LYS F 123 -6.09 -20.86 -54.39
CA LYS F 123 -6.26 -21.96 -55.33
C LYS F 123 -6.92 -21.42 -56.60
N GLY F 124 -6.45 -21.88 -57.76
CA GLY F 124 -7.07 -21.49 -59.00
C GLY F 124 -6.48 -20.26 -59.66
N TYR F 125 -5.45 -19.66 -59.05
CA TYR F 125 -4.92 -18.41 -59.57
C TYR F 125 -3.98 -18.65 -60.74
N THR F 126 -3.56 -17.54 -61.36
CA THR F 126 -2.54 -17.54 -62.40
C THR F 126 -1.56 -16.41 -62.15
N VAL F 127 -0.27 -16.70 -62.39
CA VAL F 127 0.78 -15.70 -62.23
C VAL F 127 1.27 -15.26 -63.61
N GLY F 128 1.27 -13.95 -63.85
CA GLY F 128 1.74 -13.45 -65.12
C GLY F 128 3.26 -13.51 -65.22
N ALA F 129 3.77 -13.75 -66.42
CA ALA F 129 5.20 -13.92 -66.58
C ALA F 129 5.92 -12.58 -66.69
N GLU F 130 5.39 -11.66 -67.49
CA GLU F 130 5.97 -10.32 -67.57
C GLU F 130 6.07 -9.74 -66.17
N ALA F 131 7.31 -9.51 -65.71
CA ALA F 131 7.46 -9.01 -64.35
C ALA F 131 8.89 -8.58 -64.09
N SER F 132 9.04 -7.76 -63.06
CA SER F 132 10.32 -7.26 -62.60
C SER F 132 10.66 -7.90 -61.26
N ILE F 133 11.84 -8.51 -61.17
CA ILE F 133 12.32 -9.14 -59.95
C ILE F 133 13.47 -8.28 -59.42
N ILE F 134 13.46 -8.02 -58.11
CA ILE F 134 14.40 -7.10 -57.49
C ILE F 134 14.93 -7.71 -56.20
N LEU F 135 16.21 -7.51 -55.94
CA LEU F 135 16.86 -7.88 -54.69
C LEU F 135 17.37 -6.64 -53.98
N GLY F 136 17.27 -6.63 -52.66
CA GLY F 136 17.72 -5.54 -51.82
C GLY F 136 16.66 -4.51 -51.50
N GLN F 137 15.48 -4.59 -52.12
CA GLN F 137 14.42 -3.62 -51.91
C GLN F 137 13.08 -4.33 -51.99
N GLU F 138 12.08 -3.75 -51.31
CA GLU F 138 10.68 -4.13 -51.46
C GLU F 138 10.11 -3.07 -52.39
N GLN F 139 9.44 -3.51 -53.45
CA GLN F 139 8.96 -2.59 -54.45
C GLN F 139 7.45 -2.50 -54.47
N ASP F 140 6.94 -1.29 -54.19
CA ASP F 140 5.52 -0.97 -54.21
C ASP F 140 5.05 -0.48 -55.56
N SER F 141 5.91 -0.52 -56.57
CA SER F 141 5.60 -0.17 -57.94
C SER F 141 6.49 -0.98 -58.87
N PHE F 142 6.21 -0.92 -60.18
CA PHE F 142 6.94 -1.73 -61.13
C PHE F 142 8.33 -1.16 -61.43
N GLY F 143 8.51 0.14 -61.27
CA GLY F 143 9.84 0.72 -61.38
C GLY F 143 10.23 1.75 -60.35
N GLY F 144 9.86 1.56 -59.08
CA GLY F 144 10.28 2.51 -58.08
C GLY F 144 9.54 2.48 -56.76
N ASN F 145 9.65 3.57 -56.02
CA ASN F 145 8.94 3.76 -54.76
C ASN F 145 9.38 2.76 -53.71
N PHE F 146 10.65 2.80 -53.33
CA PHE F 146 11.19 1.87 -52.36
C PHE F 146 11.19 2.53 -50.98
N GLU F 147 11.43 1.73 -49.95
CA GLU F 147 11.35 2.20 -48.57
C GLU F 147 12.61 1.77 -47.81
N GLY F 148 13.32 2.75 -47.28
CA GLY F 148 14.52 2.49 -46.50
C GLY F 148 14.31 1.59 -45.29
N SER F 149 13.20 1.76 -44.59
CA SER F 149 12.92 0.92 -43.43
C SER F 149 12.78 -0.56 -43.82
N GLN F 150 12.56 -0.84 -45.09
CA GLN F 150 12.33 -2.21 -45.54
C GLN F 150 13.50 -2.80 -46.33
N SER F 151 14.46 -1.99 -46.77
CA SER F 151 15.59 -2.54 -47.50
C SER F 151 16.42 -3.47 -46.62
N LEU F 152 17.07 -4.43 -47.30
CA LEU F 152 17.88 -5.39 -46.60
C LEU F 152 19.36 -5.10 -46.64
N VAL F 153 20.03 -5.37 -45.55
CA VAL F 153 21.48 -5.23 -45.42
C VAL F 153 22.10 -6.62 -45.25
N GLY F 154 23.06 -6.96 -46.11
CA GLY F 154 23.74 -8.23 -46.00
C GLY F 154 23.95 -8.90 -47.34
N ASP F 155 23.90 -10.23 -47.34
CA ASP F 155 24.23 -11.04 -48.49
C ASP F 155 23.06 -11.93 -48.91
N ILE F 156 23.01 -12.24 -50.20
CA ILE F 156 21.99 -13.10 -50.80
C ILE F 156 22.56 -13.75 -52.04
N GLY F 157 22.54 -15.07 -52.07
CA GLY F 157 23.08 -15.80 -53.22
C GLY F 157 22.30 -17.08 -53.43
N ASN F 158 22.79 -17.89 -54.37
CA ASN F 158 22.16 -19.15 -54.73
C ASN F 158 20.70 -18.98 -55.16
N VAL F 159 20.35 -17.83 -55.72
CA VAL F 159 18.96 -17.59 -56.09
C VAL F 159 18.63 -18.43 -57.31
N ASN F 160 17.68 -19.35 -57.15
CA ASN F 160 17.28 -20.25 -58.21
C ASN F 160 15.77 -20.37 -58.21
N MET F 161 15.14 -20.32 -59.38
CA MET F 161 13.70 -20.49 -59.42
C MET F 161 13.23 -21.27 -60.65
N TRP F 162 12.36 -22.25 -60.38
CA TRP F 162 11.87 -23.23 -61.34
C TRP F 162 10.45 -22.84 -61.74
N ASP F 163 9.78 -23.65 -62.56
CA ASP F 163 8.39 -23.37 -62.93
C ASP F 163 7.54 -24.57 -62.57
N PHE F 164 8.04 -25.41 -61.68
CA PHE F 164 7.24 -26.53 -61.16
C PHE F 164 7.77 -26.93 -59.79
N VAL F 165 7.01 -27.77 -59.10
CA VAL F 165 7.30 -28.19 -57.73
C VAL F 165 8.34 -29.30 -57.77
N LEU F 166 9.48 -29.08 -57.12
CA LEU F 166 10.45 -30.13 -56.85
C LEU F 166 9.91 -31.08 -55.80
N SER F 167 10.30 -32.35 -55.89
CA SER F 167 10.02 -33.32 -54.84
C SER F 167 10.98 -33.15 -53.66
N PRO F 168 10.65 -33.72 -52.50
CA PRO F 168 11.51 -33.56 -51.33
C PRO F 168 12.94 -33.98 -51.57
N ASP F 169 13.16 -35.06 -52.33
CA ASP F 169 14.51 -35.51 -52.62
C ASP F 169 15.30 -34.43 -53.34
N GLU F 170 14.70 -33.85 -54.37
CA GLU F 170 15.39 -32.81 -55.14
C GLU F 170 15.74 -31.64 -54.24
N ILE F 171 14.82 -31.23 -53.36
CA ILE F 171 15.13 -30.15 -52.43
C ILE F 171 16.31 -30.54 -51.55
N ASN F 172 16.36 -31.80 -51.10
CA ASN F 172 17.49 -32.24 -50.30
C ASN F 172 18.78 -32.11 -51.08
N THR F 173 18.77 -32.50 -52.36
CA THR F 173 19.97 -32.40 -53.17
C THR F 173 20.40 -30.95 -53.35
N ILE F 174 19.44 -30.05 -53.53
CA ILE F 174 19.74 -28.61 -53.57
C ILE F 174 20.42 -28.18 -52.28
N TYR F 175 19.89 -28.61 -51.14
CA TYR F 175 20.44 -28.15 -49.87
C TYR F 175 21.90 -28.56 -49.74
N LEU F 176 22.23 -29.81 -50.09
CA LEU F 176 23.59 -30.30 -49.94
C LEU F 176 24.53 -29.82 -51.04
N GLY F 177 23.99 -29.30 -52.14
CA GLY F 177 24.80 -28.65 -53.15
C GLY F 177 25.05 -29.45 -54.41
N GLY F 178 24.20 -30.41 -54.74
CA GLY F 178 24.41 -31.24 -55.91
C GLY F 178 24.16 -30.50 -57.21
N PRO F 179 24.26 -31.24 -58.32
CA PRO F 179 23.98 -30.64 -59.63
C PRO F 179 22.50 -30.60 -59.95
N PHE F 180 22.08 -29.48 -60.54
CA PHE F 180 20.67 -29.26 -60.86
C PHE F 180 20.61 -28.27 -62.01
N SER F 181 19.48 -28.26 -62.70
CA SER F 181 19.32 -27.48 -63.92
C SER F 181 18.09 -26.60 -63.76
N PRO F 182 18.23 -25.40 -63.21
CA PRO F 182 17.14 -24.44 -63.19
C PRO F 182 16.72 -24.03 -64.60
N ASN F 183 15.41 -23.79 -64.74
CA ASN F 183 14.80 -23.56 -66.03
C ASN F 183 14.46 -22.09 -66.29
N VAL F 184 14.28 -21.28 -65.24
CA VAL F 184 13.81 -19.91 -65.41
C VAL F 184 14.89 -18.95 -64.93
N LEU F 185 15.31 -19.07 -63.67
CA LEU F 185 16.43 -18.30 -63.13
C LEU F 185 17.56 -19.25 -62.79
N ASN F 186 18.73 -19.00 -63.38
CA ASN F 186 19.91 -19.84 -63.19
C ASN F 186 20.98 -18.98 -62.53
N TRP F 187 21.40 -19.39 -61.33
CA TRP F 187 22.58 -18.77 -60.74
C TRP F 187 23.80 -18.89 -61.65
N ARG F 188 23.93 -20.01 -62.37
CA ARG F 188 25.10 -20.24 -63.20
C ARG F 188 25.02 -19.58 -64.57
N ALA F 189 23.87 -19.03 -64.96
CA ALA F 189 23.73 -18.33 -66.23
C ALA F 189 23.00 -17.01 -66.03
N LEU F 190 23.28 -16.33 -64.92
CA LEU F 190 22.45 -15.22 -64.48
C LEU F 190 22.71 -13.98 -65.35
N LYS F 191 21.64 -13.22 -65.62
CA LYS F 191 21.75 -11.89 -66.19
C LYS F 191 21.20 -10.92 -65.14
N TYR F 192 21.79 -9.75 -65.01
CA TYR F 192 21.36 -8.81 -63.97
C TYR F 192 21.92 -7.42 -64.24
N GLU F 193 21.35 -6.44 -63.52
CA GLU F 193 21.89 -5.09 -63.49
C GLU F 193 21.92 -4.60 -62.05
N VAL F 194 23.00 -3.90 -61.69
CA VAL F 194 23.23 -3.44 -60.33
C VAL F 194 23.11 -1.92 -60.25
N GLN F 195 22.63 -1.43 -59.12
CA GLN F 195 22.47 0.00 -58.90
C GLN F 195 22.87 0.34 -57.47
N GLY F 196 23.65 1.42 -57.34
CA GLY F 196 24.07 1.93 -56.05
C GLY F 196 25.14 1.09 -55.39
N GLU F 197 25.21 1.19 -54.06
CA GLU F 197 26.21 0.48 -53.27
C GLU F 197 25.87 -1.00 -53.21
N VAL F 198 26.41 -1.76 -54.16
CA VAL F 198 26.31 -3.22 -54.13
C VAL F 198 27.58 -3.77 -54.76
N PHE F 199 28.04 -4.92 -54.29
CA PHE F 199 29.35 -5.44 -54.68
C PHE F 199 29.28 -6.94 -54.87
N THR F 200 30.32 -7.51 -55.46
CA THR F 200 30.41 -8.95 -55.66
C THR F 200 31.63 -9.43 -54.89
N LYS F 201 31.45 -10.46 -54.08
CA LYS F 201 32.50 -10.96 -53.20
C LYS F 201 32.39 -12.47 -53.08
N PRO F 202 33.44 -13.14 -52.62
CA PRO F 202 33.31 -14.57 -52.32
C PRO F 202 32.25 -14.77 -51.24
N GLN F 203 31.54 -15.89 -51.33
CA GLN F 203 30.52 -16.20 -50.34
C GLN F 203 31.13 -16.56 -48.99
N LEU F 204 30.41 -16.21 -47.93
CA LEU F 204 30.79 -16.62 -46.58
C LEU F 204 30.27 -18.01 -46.25
N TRP F 205 28.99 -18.25 -46.49
CA TRP F 205 28.41 -19.54 -46.12
C TRP F 205 29.18 -20.66 -46.84
N PRO F 206 29.32 -21.82 -46.19
CA PRO F 206 30.05 -22.94 -46.82
C PRO F 206 29.47 -23.34 -48.16
N GLU G 3 -8.16 -30.88 -3.66
CA GLU G 3 -7.49 -29.60 -3.52
C GLU G 3 -8.36 -28.46 -4.05
N VAL G 4 -9.06 -28.73 -5.15
CA VAL G 4 -9.95 -27.73 -5.73
C VAL G 4 -11.14 -27.51 -4.80
N GLN G 5 -11.71 -26.31 -4.88
CA GLN G 5 -12.93 -25.97 -4.16
C GLN G 5 -14.05 -25.75 -5.17
N LEU G 6 -15.16 -26.46 -4.98
CA LEU G 6 -16.25 -26.46 -5.95
C LEU G 6 -17.38 -25.55 -5.49
N VAL G 7 -17.86 -24.72 -6.40
CA VAL G 7 -19.01 -23.86 -6.16
C VAL G 7 -20.00 -24.08 -7.30
N GLU G 8 -21.28 -23.84 -7.02
CA GLU G 8 -22.33 -24.11 -8.00
C GLU G 8 -23.28 -22.92 -8.07
N SER G 9 -23.93 -22.77 -9.22
CA SER G 9 -24.88 -21.70 -9.44
C SER G 9 -25.83 -22.10 -10.55
N GLY G 10 -26.93 -21.36 -10.66
CA GLY G 10 -27.94 -21.59 -11.67
C GLY G 10 -29.19 -22.29 -11.19
N GLY G 11 -29.32 -22.55 -9.89
CA GLY G 11 -30.50 -23.18 -9.35
C GLY G 11 -31.68 -22.23 -9.29
N GLY G 12 -32.81 -22.77 -8.90
CA GLY G 12 -34.03 -22.01 -8.79
C GLY G 12 -35.24 -22.88 -9.07
N LEU G 13 -36.39 -22.24 -9.20
CA LEU G 13 -37.65 -22.91 -9.47
C LEU G 13 -38.17 -22.49 -10.84
N VAL G 14 -38.72 -23.46 -11.58
CA VAL G 14 -39.21 -23.22 -12.93
C VAL G 14 -40.42 -24.10 -13.16
N GLN G 15 -41.29 -23.69 -14.08
CA GLN G 15 -42.43 -24.50 -14.47
C GLN G 15 -41.96 -25.70 -15.29
N THR G 16 -42.80 -26.73 -15.33
CA THR G 16 -42.45 -27.95 -16.04
C THR G 16 -42.21 -27.65 -17.52
N GLY G 17 -41.28 -28.39 -18.11
CA GLY G 17 -40.90 -28.19 -19.49
C GLY G 17 -39.88 -27.10 -19.73
N GLY G 18 -39.37 -26.46 -18.68
CA GLY G 18 -38.37 -25.42 -18.83
C GLY G 18 -36.97 -25.98 -18.94
N SER G 19 -36.00 -25.07 -18.89
CA SER G 19 -34.60 -25.43 -19.00
C SER G 19 -33.79 -24.69 -17.94
N LEU G 20 -32.66 -25.29 -17.57
CA LEU G 20 -31.77 -24.70 -16.57
C LEU G 20 -30.33 -25.07 -16.90
N ARG G 21 -29.48 -24.07 -17.05
CA ARG G 21 -28.08 -24.28 -17.37
C ARG G 21 -27.24 -24.05 -16.11
N LEU G 22 -27.16 -25.10 -15.29
CA LEU G 22 -26.39 -25.01 -14.05
C LEU G 22 -24.90 -24.97 -14.37
N SER G 23 -24.18 -24.24 -13.54
CA SER G 23 -22.74 -24.14 -13.72
C SER G 23 -22.00 -24.42 -12.43
N CYS G 24 -20.78 -24.90 -12.57
CA CYS G 24 -19.94 -25.22 -11.43
C CYS G 24 -18.53 -24.71 -11.70
N ALA G 25 -17.99 -23.97 -10.73
CA ALA G 25 -16.67 -23.38 -10.82
C ALA G 25 -15.73 -24.07 -9.83
N ALA G 26 -14.47 -24.17 -10.24
CA ALA G 26 -13.44 -24.86 -9.46
C ALA G 26 -12.32 -23.90 -9.12
N SER G 27 -11.88 -23.97 -7.85
CA SER G 27 -10.77 -23.16 -7.35
C SER G 27 -9.56 -24.07 -7.21
N GLY G 28 -8.54 -23.78 -8.00
CA GLY G 28 -7.34 -24.59 -8.04
C GLY G 28 -6.68 -24.50 -9.39
N ARG G 29 -5.64 -25.30 -9.58
CA ARG G 29 -4.91 -25.36 -10.84
C ARG G 29 -4.84 -26.77 -11.42
N THR G 30 -5.35 -27.78 -10.71
CA THR G 30 -5.37 -29.15 -11.20
C THR G 30 -6.72 -29.52 -11.81
N PHE G 31 -7.60 -28.54 -12.04
CA PHE G 31 -8.93 -28.83 -12.55
C PHE G 31 -8.87 -29.71 -13.80
N ASN G 32 -7.94 -29.42 -14.70
CA ASN G 32 -7.82 -30.22 -15.92
C ASN G 32 -7.25 -31.61 -15.66
N ARG G 33 -7.04 -31.99 -14.40
CA ARG G 33 -6.58 -33.32 -14.05
C ARG G 33 -7.62 -34.11 -13.25
N HIS G 34 -8.82 -33.58 -13.09
CA HIS G 34 -9.91 -34.26 -12.40
C HIS G 34 -11.10 -34.39 -13.32
N TYR G 35 -11.80 -35.52 -13.24
CA TYR G 35 -13.09 -35.62 -13.89
C TYR G 35 -14.16 -34.97 -13.01
N MET G 36 -15.28 -34.60 -13.64
CA MET G 36 -16.33 -33.89 -12.94
C MET G 36 -17.58 -34.75 -12.89
N GLY G 37 -18.44 -34.46 -11.94
CA GLY G 37 -19.69 -35.20 -11.82
C GLY G 37 -20.77 -34.36 -11.17
N TRP G 38 -22.01 -34.66 -11.53
CA TRP G 38 -23.19 -34.06 -10.93
C TRP G 38 -23.98 -35.16 -10.22
N PHE G 39 -24.33 -34.90 -8.96
CA PHE G 39 -25.08 -35.84 -8.13
C PHE G 39 -26.33 -35.17 -7.60
N ARG G 40 -27.32 -35.98 -7.26
CA ARG G 40 -28.61 -35.49 -6.77
C ARG G 40 -28.84 -35.98 -5.35
N GLN G 41 -29.56 -35.16 -4.58
CA GLN G 41 -29.87 -35.46 -3.18
C GLN G 41 -31.28 -34.97 -2.87
N VAL G 42 -31.99 -35.74 -2.06
CA VAL G 42 -33.36 -35.41 -1.67
C VAL G 42 -33.50 -35.56 -0.16
N PRO G 43 -34.35 -34.79 0.50
CA PRO G 43 -34.53 -34.98 1.94
C PRO G 43 -35.00 -36.39 2.24
N GLY G 44 -34.50 -36.94 3.35
CA GLY G 44 -34.82 -38.31 3.72
C GLY G 44 -34.24 -39.35 2.78
N LYS G 45 -33.01 -39.14 2.31
CA LYS G 45 -32.33 -40.10 1.45
C LYS G 45 -30.90 -39.60 1.24
N GLU G 46 -30.09 -40.43 0.60
CA GLU G 46 -28.68 -40.11 0.36
C GLU G 46 -28.53 -39.45 -1.00
N ARG G 47 -27.29 -39.19 -1.40
CA ARG G 47 -27.01 -38.60 -2.71
C ARG G 47 -27.25 -39.64 -3.81
N GLU G 48 -27.34 -39.16 -5.04
CA GLU G 48 -27.62 -40.02 -6.18
C GLU G 48 -26.81 -39.57 -7.38
N PHE G 49 -26.20 -40.53 -8.08
CA PHE G 49 -25.45 -40.23 -9.28
C PHE G 49 -26.35 -39.61 -10.34
N VAL G 50 -25.83 -38.61 -11.04
CA VAL G 50 -26.57 -37.97 -12.12
C VAL G 50 -25.79 -38.09 -13.41
N ALA G 51 -24.56 -37.56 -13.43
CA ALA G 51 -23.78 -37.58 -14.66
C ALA G 51 -22.30 -37.44 -14.33
N SER G 52 -21.47 -37.80 -15.31
CA SER G 52 -20.04 -37.67 -15.14
C SER G 52 -19.39 -37.24 -16.44
N ILE G 53 -18.21 -36.67 -16.37
CA ILE G 53 -17.48 -36.19 -17.55
C ILE G 53 -15.99 -36.31 -17.28
N SER G 54 -15.24 -36.65 -18.33
CA SER G 54 -13.81 -36.91 -18.26
C SER G 54 -13.01 -35.61 -18.16
N GLN G 55 -11.72 -35.75 -17.88
CA GLN G 55 -10.87 -34.58 -17.84
C GLN G 55 -10.68 -34.08 -19.26
N THR G 56 -10.49 -35.00 -20.21
CA THR G 56 -10.34 -34.59 -21.61
C THR G 56 -11.65 -34.03 -22.15
N GLY G 57 -12.77 -34.43 -21.56
CA GLY G 57 -14.06 -33.98 -22.03
C GLY G 57 -14.59 -34.71 -23.24
N LEU G 58 -13.86 -35.70 -23.76
CA LEU G 58 -14.32 -36.43 -24.94
C LEU G 58 -15.22 -37.60 -24.58
N ASN G 59 -15.23 -38.03 -23.32
CA ASN G 59 -16.05 -39.14 -22.87
C ASN G 59 -16.98 -38.66 -21.76
N LYS G 60 -18.26 -38.94 -21.90
CA LYS G 60 -19.27 -38.55 -20.92
C LYS G 60 -20.05 -39.78 -20.48
N ASP G 61 -20.85 -39.61 -19.43
CA ASP G 61 -21.70 -40.69 -18.96
C ASP G 61 -22.95 -40.09 -18.33
N TYR G 62 -24.10 -40.50 -18.84
CA TYR G 62 -25.39 -40.04 -18.34
C TYR G 62 -26.15 -41.20 -17.73
N VAL G 63 -26.98 -40.89 -16.73
CA VAL G 63 -27.87 -41.89 -16.16
C VAL G 63 -29.01 -42.13 -17.14
N ASP G 64 -29.77 -43.20 -16.93
CA ASP G 64 -30.83 -43.55 -17.87
C ASP G 64 -31.87 -42.45 -17.97
N SER G 65 -32.23 -41.83 -16.86
CA SER G 65 -33.27 -40.82 -16.94
C SER G 65 -32.73 -39.58 -17.62
N ALA G 66 -31.45 -39.29 -17.44
CA ALA G 66 -30.89 -38.05 -17.94
C ALA G 66 -30.52 -38.09 -19.41
N LYS G 67 -30.20 -39.26 -19.94
CA LYS G 67 -29.80 -39.36 -21.34
C LYS G 67 -30.91 -38.87 -22.26
N GLY G 68 -30.52 -38.18 -23.32
CA GLY G 68 -31.47 -37.59 -24.25
C GLY G 68 -32.12 -36.31 -23.76
N ARG G 69 -32.10 -36.06 -22.45
CA ARG G 69 -32.68 -34.84 -21.88
C ARG G 69 -31.64 -33.87 -21.35
N PHE G 70 -30.54 -34.38 -20.80
CA PHE G 70 -29.53 -33.55 -20.17
C PHE G 70 -28.22 -33.61 -20.94
N THR G 71 -27.46 -32.53 -20.87
CA THR G 71 -26.15 -32.46 -21.52
C THR G 71 -25.12 -31.96 -20.51
N ILE G 72 -23.91 -32.47 -20.63
CA ILE G 72 -22.81 -32.12 -19.73
C ILE G 72 -21.60 -31.76 -20.55
N SER G 73 -20.93 -30.68 -20.16
CA SER G 73 -19.74 -30.25 -20.86
C SER G 73 -18.81 -29.51 -19.91
N ARG G 74 -17.59 -29.24 -20.36
CA ARG G 74 -16.62 -28.54 -19.54
C ARG G 74 -15.78 -27.61 -20.40
N ASP G 75 -15.31 -26.53 -19.77
CA ASP G 75 -14.45 -25.58 -20.45
C ASP G 75 -13.17 -25.56 -19.66
N ASN G 76 -12.12 -26.21 -20.15
CA ASN G 76 -10.85 -26.31 -19.45
C ASN G 76 -10.18 -24.95 -19.30
N ALA G 77 -10.25 -24.13 -20.35
CA ALA G 77 -9.65 -22.79 -20.27
C ALA G 77 -10.28 -21.98 -19.15
N GLU G 78 -11.60 -22.02 -19.05
CA GLU G 78 -12.32 -21.39 -17.95
C GLU G 78 -12.53 -22.33 -16.78
N ASN G 79 -12.00 -23.55 -16.85
CA ASN G 79 -12.15 -24.59 -15.82
C ASN G 79 -13.52 -24.51 -15.16
N THR G 80 -14.59 -24.64 -15.95
CA THR G 80 -15.94 -24.61 -15.43
C THR G 80 -16.77 -25.71 -16.09
N VAL G 81 -17.62 -26.36 -15.30
CA VAL G 81 -18.45 -27.46 -15.79
C VAL G 81 -19.87 -26.96 -15.96
N TYR G 82 -20.48 -27.29 -17.10
CA TYR G 82 -21.81 -26.85 -17.45
C TYR G 82 -22.73 -28.05 -17.57
N LEU G 83 -23.90 -27.95 -16.93
CA LEU G 83 -24.90 -29.00 -16.99
C LEU G 83 -26.21 -28.38 -17.45
N GLN G 84 -26.63 -28.70 -18.67
CA GLN G 84 -27.85 -28.16 -19.24
C GLN G 84 -28.96 -29.19 -19.10
N MET G 85 -30.03 -28.81 -18.41
CA MET G 85 -31.17 -29.67 -18.18
C MET G 85 -32.38 -29.10 -18.92
N ASN G 86 -33.13 -29.96 -19.59
CA ASN G 86 -34.30 -29.53 -20.35
C ASN G 86 -35.44 -30.51 -20.11
N ASN G 87 -36.66 -30.00 -20.28
CA ASN G 87 -37.88 -30.79 -20.07
C ASN G 87 -37.90 -31.41 -18.67
N LEU G 88 -37.92 -30.53 -17.67
CA LEU G 88 -37.90 -30.94 -16.28
C LEU G 88 -39.30 -31.32 -15.81
N LYS G 89 -39.36 -32.29 -14.94
CA LYS G 89 -40.64 -32.71 -14.40
C LYS G 89 -40.65 -32.37 -12.90
N PRO G 90 -41.79 -32.55 -12.24
CA PRO G 90 -41.87 -32.18 -10.81
C PRO G 90 -40.93 -32.96 -9.90
N GLU G 91 -40.82 -34.28 -10.13
CA GLU G 91 -40.02 -35.11 -9.23
C GLU G 91 -38.55 -34.69 -9.15
N ASP G 92 -37.98 -34.31 -10.28
CA ASP G 92 -36.59 -33.87 -10.31
C ASP G 92 -36.47 -32.47 -9.69
N THR G 93 -36.87 -32.39 -8.43
CA THR G 93 -36.78 -31.17 -7.62
C THR G 93 -36.07 -31.53 -6.32
N ALA G 94 -34.81 -31.16 -6.21
CA ALA G 94 -33.99 -31.56 -5.07
C ALA G 94 -32.70 -30.76 -5.09
N LEU G 95 -31.76 -31.13 -4.22
CA LEU G 95 -30.45 -30.51 -4.21
C LEU G 95 -29.53 -31.23 -5.19
N TYR G 96 -28.62 -30.46 -5.79
CA TYR G 96 -27.66 -30.97 -6.75
C TYR G 96 -26.27 -30.54 -6.31
N TYR G 97 -25.32 -31.47 -6.42
CA TYR G 97 -23.95 -31.25 -5.99
C TYR G 97 -22.98 -31.49 -7.14
N CYS G 98 -21.99 -30.62 -7.24
CA CYS G 98 -20.92 -30.73 -8.23
C CYS G 98 -19.71 -31.32 -7.54
N ALA G 99 -19.40 -32.57 -7.85
CA ALA G 99 -18.31 -33.31 -7.21
C ALA G 99 -17.17 -33.54 -8.18
N GLY G 100 -15.97 -33.69 -7.61
CA GLY G 100 -14.78 -33.92 -8.41
C GLY G 100 -13.66 -34.44 -7.55
N SER G 101 -13.04 -35.53 -8.02
CA SER G 101 -12.06 -36.20 -7.18
C SER G 101 -10.80 -36.57 -7.93
N GLN G 102 -10.84 -37.41 -8.82
CA GLN G 102 -9.68 -38.07 -9.42
C GLN G 102 -8.72 -37.11 -10.04
N SER G 103 -7.60 -36.92 -9.36
CA SER G 103 -6.58 -36.01 -9.87
C SER G 103 -5.75 -36.69 -10.95
N SER G 104 -5.97 -37.98 -11.19
CA SER G 104 -5.13 -38.62 -12.21
C SER G 104 -5.96 -39.20 -13.33
N TYR G 105 -5.32 -40.00 -14.18
CA TYR G 105 -6.08 -40.53 -15.32
C TYR G 105 -6.85 -41.78 -14.99
N TYR G 106 -8.10 -41.86 -15.44
CA TYR G 106 -8.89 -43.08 -15.27
C TYR G 106 -10.22 -42.91 -15.98
N ASP G 107 -11.04 -43.96 -15.92
CA ASP G 107 -12.32 -43.99 -16.61
C ASP G 107 -13.36 -43.23 -15.79
N LYS G 108 -14.63 -43.33 -16.20
CA LYS G 108 -15.70 -42.63 -15.53
C LYS G 108 -16.51 -43.61 -14.70
N PRO G 109 -16.44 -43.54 -13.37
CA PRO G 109 -17.23 -44.47 -12.54
C PRO G 109 -18.60 -43.91 -12.21
N ARG G 110 -19.41 -44.69 -11.52
CA ARG G 110 -20.76 -44.28 -11.13
C ARG G 110 -21.00 -44.61 -9.66
N LEU G 111 -19.99 -44.41 -8.83
CA LEU G 111 -20.08 -44.66 -7.40
C LEU G 111 -19.82 -43.36 -6.63
N LEU G 112 -19.74 -43.47 -5.31
CA LEU G 112 -19.56 -42.32 -4.43
C LEU G 112 -18.25 -42.36 -3.65
N THR G 113 -17.73 -43.54 -3.35
CA THR G 113 -16.51 -43.61 -2.54
C THR G 113 -15.33 -42.96 -3.23
N GLU G 114 -15.20 -43.18 -4.55
CA GLU G 114 -14.06 -42.63 -5.27
C GLU G 114 -14.04 -41.11 -5.21
N TYR G 115 -15.20 -40.48 -5.40
CA TYR G 115 -15.25 -39.03 -5.32
C TYR G 115 -14.78 -38.55 -3.95
N ALA G 116 -13.99 -37.47 -3.95
CA ALA G 116 -13.35 -36.98 -2.74
C ALA G 116 -13.86 -35.62 -2.30
N TYR G 117 -14.01 -34.67 -3.22
CA TYR G 117 -14.35 -33.30 -2.89
C TYR G 117 -15.75 -32.97 -3.38
N TRP G 118 -16.50 -32.23 -2.56
CA TRP G 118 -17.88 -31.89 -2.86
C TRP G 118 -18.10 -30.40 -2.67
N GLY G 119 -19.05 -29.85 -3.42
CA GLY G 119 -19.45 -28.47 -3.28
C GLY G 119 -20.56 -28.29 -2.27
N GLN G 120 -20.96 -27.04 -2.07
CA GLN G 120 -22.02 -26.73 -1.11
C GLN G 120 -23.37 -27.23 -1.61
N GLY G 121 -23.64 -27.11 -2.90
CA GLY G 121 -24.88 -27.58 -3.49
C GLY G 121 -25.77 -26.44 -3.93
N THR G 122 -26.80 -26.82 -4.69
CA THR G 122 -27.80 -25.87 -5.18
C THR G 122 -29.16 -26.56 -5.17
N LEU G 123 -30.22 -25.77 -5.24
CA LEU G 123 -31.58 -26.28 -5.19
C LEU G 123 -32.27 -26.08 -6.54
N VAL G 124 -32.94 -27.12 -7.01
CA VAL G 124 -33.70 -27.05 -8.27
C VAL G 124 -35.12 -27.51 -7.99
N THR G 125 -36.10 -26.74 -8.48
CA THR G 125 -37.49 -27.02 -8.20
C THR G 125 -38.32 -26.89 -9.47
N VAL G 126 -39.29 -27.78 -9.62
CA VAL G 126 -40.22 -27.76 -10.74
C VAL G 126 -41.63 -27.56 -10.18
N SER G 127 -42.33 -26.57 -10.71
CA SER G 127 -43.67 -26.24 -10.23
C SER G 127 -44.74 -27.04 -10.97
N GLN H 1 -7.10 -52.21 -54.29
CA GLN H 1 -5.96 -51.81 -53.43
C GLN H 1 -4.93 -50.99 -54.20
N THR H 2 -4.35 -50.01 -53.51
CA THR H 2 -3.33 -49.15 -54.06
C THR H 2 -2.16 -49.14 -53.10
N ASP H 3 -0.96 -48.90 -53.61
CA ASP H 3 0.24 -48.77 -52.77
C ASP H 3 0.48 -47.28 -52.52
N MET H 4 0.27 -46.86 -51.27
CA MET H 4 0.59 -45.52 -50.82
C MET H 4 2.05 -45.33 -50.45
N SER H 5 2.92 -46.29 -50.74
CA SER H 5 4.31 -46.19 -50.32
C SER H 5 4.92 -44.86 -50.76
N ARG H 6 5.58 -44.19 -49.82
CA ARG H 6 6.22 -42.90 -50.05
C ARG H 6 5.22 -41.80 -50.34
N LYS H 7 3.98 -41.91 -49.88
CA LYS H 7 2.95 -40.91 -50.11
C LYS H 7 2.12 -40.74 -48.85
N ALA H 8 1.48 -39.56 -48.76
CA ALA H 8 0.71 -39.18 -47.59
C ALA H 8 -0.47 -38.34 -48.04
N PHE H 9 -1.47 -38.29 -47.16
CA PHE H 9 -2.62 -37.41 -47.36
C PHE H 9 -2.36 -36.01 -46.81
N VAL H 10 -2.94 -35.02 -47.48
CA VAL H 10 -2.82 -33.60 -47.13
C VAL H 10 -4.21 -33.05 -46.88
N PHE H 11 -4.40 -32.44 -45.71
CA PHE H 11 -5.60 -31.70 -45.32
C PHE H 11 -5.23 -30.23 -45.19
N PRO H 12 -5.27 -29.43 -46.26
CA PRO H 12 -4.64 -28.10 -46.17
C PRO H 12 -5.45 -27.00 -45.52
N LYS H 13 -6.59 -27.29 -44.93
CA LYS H 13 -7.40 -26.25 -44.28
C LYS H 13 -8.27 -26.87 -43.19
N GLU H 14 -8.62 -26.02 -42.24
CA GLU H 14 -9.51 -26.40 -41.17
C GLU H 14 -10.95 -26.38 -41.68
N SER H 15 -11.59 -27.54 -41.68
CA SER H 15 -12.92 -27.69 -42.25
C SER H 15 -13.57 -28.92 -41.62
N ASP H 16 -14.88 -29.07 -41.77
CA ASP H 16 -15.58 -30.20 -41.15
C ASP H 16 -16.20 -31.12 -42.20
N THR H 17 -15.60 -31.20 -43.39
CA THR H 17 -16.09 -32.09 -44.43
C THR H 17 -14.98 -32.88 -45.11
N SER H 18 -13.74 -32.39 -45.06
CA SER H 18 -12.59 -33.09 -45.60
C SER H 18 -12.24 -34.25 -44.68
N TYR H 19 -12.27 -35.47 -45.21
CA TYR H 19 -11.97 -36.65 -44.41
C TYR H 19 -11.78 -37.86 -45.31
N VAL H 20 -11.11 -38.88 -44.78
CA VAL H 20 -10.86 -40.12 -45.48
C VAL H 20 -11.54 -41.26 -44.72
N SER H 21 -12.02 -42.27 -45.44
CA SER H 21 -12.66 -43.43 -44.85
C SER H 21 -11.98 -44.70 -45.31
N LEU H 22 -11.47 -45.49 -44.36
CA LEU H 22 -10.75 -46.73 -44.63
C LEU H 22 -11.67 -47.93 -44.44
N LYS H 23 -11.48 -48.96 -45.26
CA LYS H 23 -12.32 -50.15 -45.23
C LYS H 23 -11.52 -51.38 -44.84
N ALA H 24 -11.83 -51.95 -43.67
CA ALA H 24 -11.13 -53.13 -43.16
C ALA H 24 -11.83 -54.41 -43.59
N PRO H 25 -11.10 -55.47 -43.90
CA PRO H 25 -11.73 -56.77 -44.19
C PRO H 25 -12.10 -57.59 -42.97
N LEU H 26 -12.10 -56.99 -41.78
CA LEU H 26 -12.30 -57.69 -40.53
C LEU H 26 -13.63 -58.43 -40.49
N THR H 27 -13.62 -59.62 -39.88
CA THR H 27 -14.86 -60.36 -39.67
C THR H 27 -14.99 -60.87 -38.25
N LYS H 28 -13.87 -61.22 -37.57
CA LYS H 28 -13.89 -61.71 -36.21
C LYS H 28 -13.67 -60.55 -35.25
N PRO H 29 -14.37 -60.45 -34.13
CA PRO H 29 -14.10 -59.36 -33.19
C PRO H 29 -12.70 -59.46 -32.58
N LEU H 30 -12.13 -58.29 -32.29
CA LEU H 30 -10.78 -58.16 -31.78
C LEU H 30 -10.69 -58.28 -30.26
N LYS H 31 -9.87 -59.22 -29.81
CA LYS H 31 -9.41 -59.27 -28.42
C LYS H 31 -8.09 -58.55 -28.20
N ALA H 32 -7.42 -58.08 -29.26
CA ALA H 32 -6.15 -57.36 -29.12
C ALA H 32 -5.72 -56.80 -30.46
N PHE H 33 -4.80 -55.84 -30.45
CA PHE H 33 -4.31 -55.24 -31.70
C PHE H 33 -3.07 -54.39 -31.40
N THR H 34 -2.40 -53.98 -32.46
CA THR H 34 -1.40 -52.94 -32.41
C THR H 34 -1.70 -51.96 -33.54
N VAL H 35 -1.57 -50.67 -33.28
CA VAL H 35 -1.71 -49.65 -34.31
C VAL H 35 -0.48 -48.75 -34.36
N CYS H 36 0.06 -48.59 -35.58
CA CYS H 36 1.22 -47.73 -35.78
C CYS H 36 0.94 -46.73 -36.89
N LEU H 37 1.37 -45.47 -36.69
CA LEU H 37 1.17 -44.46 -37.72
C LEU H 37 2.20 -43.33 -37.55
N HIS H 38 2.28 -42.49 -38.56
CA HIS H 38 3.18 -41.35 -38.48
C HIS H 38 2.40 -40.14 -38.90
N PHE H 39 2.42 -39.10 -38.08
CA PHE H 39 1.64 -37.89 -38.37
C PHE H 39 2.47 -36.65 -38.07
N TYR H 40 2.12 -35.56 -38.76
CA TYR H 40 2.78 -34.28 -38.63
C TYR H 40 1.72 -33.18 -38.67
N THR H 41 1.75 -32.29 -37.69
CA THR H 41 0.84 -31.15 -37.63
C THR H 41 1.43 -30.11 -36.69
N GLU H 42 0.90 -28.89 -36.78
CA GLU H 42 1.32 -27.78 -35.92
C GLU H 42 0.21 -27.35 -34.97
N LEU H 43 -0.94 -28.01 -35.00
CA LEU H 43 -2.05 -27.62 -34.14
C LEU H 43 -1.80 -27.93 -32.67
N SER H 44 -0.68 -28.58 -32.34
CA SER H 44 -0.46 -28.98 -30.94
C SER H 44 -0.62 -27.82 -29.97
N SER H 45 -0.19 -26.63 -30.33
CA SER H 45 -0.23 -25.52 -29.37
C SER H 45 -1.51 -24.71 -29.43
N THR H 46 -2.44 -25.08 -30.31
CA THR H 46 -3.69 -24.29 -30.47
C THR H 46 -4.96 -24.98 -29.96
N ARG H 47 -5.20 -26.21 -30.42
CA ARG H 47 -6.43 -26.94 -30.08
C ARG H 47 -6.23 -28.44 -30.11
N GLY H 48 -7.19 -29.21 -29.60
CA GLY H 48 -7.19 -30.66 -29.71
C GLY H 48 -7.63 -31.15 -31.07
N TYR H 49 -7.22 -32.37 -31.41
CA TYR H 49 -7.51 -32.94 -32.72
C TYR H 49 -7.44 -34.46 -32.64
N SER H 50 -8.34 -35.11 -33.36
CA SER H 50 -8.40 -36.57 -33.45
C SER H 50 -7.38 -37.07 -34.47
N ILE H 51 -6.69 -38.16 -34.12
CA ILE H 51 -5.69 -38.78 -34.98
C ILE H 51 -6.30 -39.97 -35.71
N PHE H 52 -6.90 -40.89 -34.96
CA PHE H 52 -7.53 -42.08 -35.52
C PHE H 52 -8.83 -42.35 -34.78
N SER H 53 -9.93 -42.42 -35.55
CA SER H 53 -11.27 -42.69 -35.03
C SER H 53 -11.75 -44.05 -35.50
N TYR H 54 -11.94 -44.98 -34.57
CA TYR H 54 -12.61 -46.26 -34.79
C TYR H 54 -13.91 -46.38 -33.98
N ALA H 55 -15.01 -46.67 -34.68
CA ALA H 55 -16.34 -46.66 -34.08
C ALA H 55 -17.15 -47.86 -34.56
N THR H 56 -18.08 -48.28 -33.71
CA THR H 56 -19.09 -49.28 -34.06
C THR H 56 -20.47 -48.66 -33.93
N LYS H 57 -21.48 -49.35 -34.46
CA LYS H 57 -22.81 -48.75 -34.49
C LYS H 57 -23.32 -48.42 -33.10
N ARG H 58 -22.90 -49.17 -32.08
CA ARG H 58 -23.36 -48.95 -30.71
C ARG H 58 -22.45 -48.01 -29.93
N GLN H 59 -21.33 -47.59 -30.49
CA GLN H 59 -20.35 -46.76 -29.79
C GLN H 59 -19.64 -45.90 -30.82
N ASP H 60 -19.73 -44.58 -30.67
CA ASP H 60 -18.95 -43.67 -31.49
C ASP H 60 -17.48 -43.60 -31.11
N ASN H 61 -17.10 -44.11 -29.93
CA ASN H 61 -15.70 -43.98 -29.47
C ASN H 61 -15.17 -45.20 -28.71
N GLU H 62 -15.08 -46.33 -29.40
CA GLU H 62 -14.53 -47.53 -28.84
C GLU H 62 -13.04 -47.48 -29.06
N ILE H 63 -12.55 -46.75 -30.05
CA ILE H 63 -11.12 -46.60 -30.19
C ILE H 63 -10.88 -45.19 -30.70
N LEU H 64 -10.22 -44.38 -29.89
CA LEU H 64 -9.89 -43.02 -30.30
C LEU H 64 -8.58 -42.59 -29.68
N ILE H 65 -7.65 -42.18 -30.51
CA ILE H 65 -6.36 -41.68 -30.06
C ILE H 65 -6.56 -40.19 -30.33
N PHE H 66 -6.55 -39.37 -29.43
CA PHE H 66 -6.83 -37.94 -29.41
C PHE H 66 -5.77 -37.18 -28.64
N TRP H 67 -5.47 -35.97 -29.12
CA TRP H 67 -4.53 -35.06 -28.47
C TRP H 67 -5.36 -34.01 -27.75
N SER H 68 -5.21 -33.99 -26.42
CA SER H 68 -5.90 -33.01 -25.60
C SER H 68 -4.92 -31.89 -25.32
N LYS H 69 -5.37 -30.66 -25.40
CA LYS H 69 -4.48 -29.52 -25.24
C LYS H 69 -4.01 -29.39 -23.80
N ASP H 70 -2.71 -29.13 -23.64
CA ASP H 70 -2.06 -29.02 -22.33
C ASP H 70 -1.91 -30.37 -21.63
N ILE H 71 -2.41 -31.44 -22.24
CA ILE H 71 -2.40 -32.75 -21.58
C ILE H 71 -1.50 -33.75 -22.29
N GLY H 72 -1.68 -33.91 -23.59
CA GLY H 72 -0.90 -34.85 -24.36
C GLY H 72 -1.80 -35.86 -25.06
N TYR H 73 -1.29 -37.08 -25.17
CA TYR H 73 -2.01 -38.14 -25.86
C TYR H 73 -3.01 -38.83 -24.93
N SER H 74 -4.27 -38.84 -25.36
CA SER H 74 -5.37 -39.47 -24.62
C SER H 74 -5.87 -40.71 -25.36
N PHE H 75 -5.65 -41.89 -24.79
CA PHE H 75 -6.04 -43.14 -25.42
C PHE H 75 -7.30 -43.68 -24.75
N THR H 76 -8.30 -44.03 -25.57
CA THR H 76 -9.58 -44.48 -25.03
C THR H 76 -10.08 -45.69 -25.80
N VAL H 77 -10.52 -46.71 -25.05
CA VAL H 77 -11.08 -47.93 -25.61
C VAL H 77 -12.36 -48.26 -24.87
N GLY H 78 -13.44 -48.52 -25.61
CA GLY H 78 -14.66 -48.89 -24.94
C GLY H 78 -15.23 -47.72 -24.16
N GLY H 79 -14.82 -46.51 -24.54
CA GLY H 79 -15.31 -45.31 -23.91
C GLY H 79 -14.48 -45.01 -22.69
N SER H 80 -13.77 -46.03 -22.16
CA SER H 80 -12.87 -45.87 -21.01
C SER H 80 -11.63 -45.19 -21.49
N GLU H 81 -11.05 -44.27 -20.73
CA GLU H 81 -9.99 -43.42 -21.22
C GLU H 81 -8.77 -43.48 -20.30
N ILE H 82 -7.61 -43.16 -20.85
CA ILE H 82 -6.37 -42.91 -20.11
C ILE H 82 -5.48 -41.97 -20.92
N LEU H 83 -4.86 -41.06 -20.04
CA LEU H 83 -4.01 -40.03 -20.61
C LEU H 83 -2.54 -40.23 -20.37
N PHE H 84 -1.76 -39.91 -21.46
CA PHE H 84 -0.31 -39.94 -21.35
C PHE H 84 0.21 -38.51 -21.44
N GLU H 85 0.91 -38.08 -20.41
CA GLU H 85 1.31 -36.68 -20.27
C GLU H 85 2.40 -36.33 -21.27
N VAL H 86 2.40 -35.07 -21.71
CA VAL H 86 3.44 -34.50 -22.57
C VAL H 86 3.70 -33.05 -22.16
N PRO H 87 4.77 -32.78 -21.40
CA PRO H 87 5.04 -31.42 -20.88
C PRO H 87 5.27 -30.31 -21.90
N GLU H 88 6.17 -30.50 -22.85
CA GLU H 88 6.49 -29.53 -23.87
C GLU H 88 6.37 -30.19 -25.23
N VAL H 89 5.94 -29.41 -26.24
CA VAL H 89 5.75 -30.03 -27.53
C VAL H 89 6.65 -29.39 -28.57
N THR H 90 7.46 -30.23 -29.21
CA THR H 90 8.33 -29.92 -30.34
C THR H 90 7.50 -29.82 -31.62
N VAL H 91 8.03 -29.09 -32.59
CA VAL H 91 7.42 -28.94 -33.92
C VAL H 91 8.04 -29.97 -34.86
N ALA H 92 7.52 -31.21 -34.87
CA ALA H 92 8.15 -32.16 -35.79
C ALA H 92 7.30 -33.39 -36.08
N PRO H 93 7.58 -34.12 -37.17
CA PRO H 93 6.85 -35.38 -37.42
C PRO H 93 7.04 -36.38 -36.28
N VAL H 94 5.98 -37.13 -35.96
CA VAL H 94 6.02 -38.06 -34.85
C VAL H 94 5.46 -39.41 -35.27
N HIS H 95 6.14 -40.49 -34.86
CA HIS H 95 5.69 -41.86 -35.07
C HIS H 95 5.16 -42.39 -33.74
N ILE H 96 4.04 -43.10 -33.79
CA ILE H 96 3.44 -43.67 -32.56
C ILE H 96 2.92 -45.07 -32.85
N CYS H 97 3.21 -45.98 -31.91
CA CYS H 97 2.69 -47.33 -31.94
C CYS H 97 2.02 -47.61 -30.59
N THR H 98 0.81 -48.16 -30.64
CA THR H 98 0.07 -48.42 -29.42
C THR H 98 -0.54 -49.81 -29.45
N SER H 99 -0.41 -50.52 -28.35
CA SER H 99 -0.89 -51.90 -28.27
C SER H 99 -1.80 -52.06 -27.08
N TRP H 100 -2.86 -52.86 -27.24
CA TRP H 100 -3.76 -53.21 -26.15
C TRP H 100 -4.13 -54.68 -26.26
N GLU H 101 -4.28 -55.33 -25.10
CA GLU H 101 -4.61 -56.74 -25.09
C GLU H 101 -5.79 -56.94 -24.17
N SER H 102 -6.77 -57.73 -24.61
CA SER H 102 -8.00 -57.88 -23.83
C SER H 102 -7.82 -58.86 -22.68
N ALA H 103 -7.06 -59.93 -22.88
CA ALA H 103 -6.96 -60.97 -21.85
C ALA H 103 -6.35 -60.44 -20.56
N SER H 104 -5.45 -59.46 -20.65
CA SER H 104 -4.64 -59.04 -19.52
C SER H 104 -4.79 -57.55 -19.24
N GLY H 105 -5.15 -56.76 -20.25
CA GLY H 105 -5.49 -55.36 -20.08
C GLY H 105 -4.38 -54.33 -20.17
N ILE H 106 -3.18 -54.74 -20.57
CA ILE H 106 -2.08 -53.80 -20.61
C ILE H 106 -2.01 -53.01 -21.92
N VAL H 107 -1.75 -51.71 -21.83
CA VAL H 107 -1.56 -50.85 -22.98
C VAL H 107 -0.11 -50.41 -23.01
N GLU H 108 0.56 -50.63 -24.14
CA GLU H 108 1.92 -50.14 -24.36
C GLU H 108 1.90 -48.98 -25.34
N PHE H 109 2.53 -47.87 -24.96
CA PHE H 109 2.54 -46.65 -25.77
C PHE H 109 3.95 -46.24 -26.21
N TRP H 110 4.30 -46.46 -27.46
CA TRP H 110 5.62 -46.14 -28.00
C TRP H 110 5.51 -44.83 -28.77
N VAL H 111 6.27 -43.84 -28.37
CA VAL H 111 6.35 -42.58 -29.10
C VAL H 111 7.81 -42.38 -29.47
N ASP H 112 8.07 -42.03 -30.74
CA ASP H 112 9.42 -41.85 -31.27
C ASP H 112 10.31 -42.97 -30.73
N GLY H 113 9.78 -44.18 -30.76
CA GLY H 113 10.53 -45.34 -30.34
C GLY H 113 10.76 -45.47 -28.85
N LYS H 114 10.43 -44.44 -28.07
CA LYS H 114 10.66 -44.46 -26.63
C LYS H 114 9.40 -44.91 -25.90
N PRO H 115 9.44 -46.03 -25.18
CA PRO H 115 8.22 -46.60 -24.58
C PRO H 115 7.75 -45.94 -23.30
N ARG H 116 6.46 -45.61 -23.28
CA ARG H 116 5.81 -45.12 -22.07
C ARG H 116 5.49 -46.30 -21.15
N VAL H 117 5.24 -46.01 -19.87
CA VAL H 117 4.94 -47.04 -18.88
C VAL H 117 3.73 -47.85 -19.33
N ARG H 118 3.76 -49.14 -19.05
CA ARG H 118 2.58 -49.97 -19.28
C ARG H 118 1.49 -49.68 -18.24
N LYS H 119 0.24 -49.70 -18.69
CA LYS H 119 -0.90 -49.44 -17.82
C LYS H 119 -2.05 -50.37 -18.22
N SER H 120 -2.96 -50.60 -17.28
CA SER H 120 -4.12 -51.46 -17.48
C SER H 120 -5.36 -50.64 -17.86
N LEU H 121 -6.20 -51.25 -18.71
CA LEU H 121 -7.37 -50.56 -19.21
C LEU H 121 -8.39 -51.57 -19.72
N LYS H 122 -9.58 -51.52 -19.13
CA LYS H 122 -10.76 -52.23 -19.64
C LYS H 122 -10.44 -53.70 -19.90
N LYS H 123 -10.14 -54.40 -18.82
CA LYS H 123 -9.82 -55.82 -18.92
C LYS H 123 -11.08 -56.65 -19.12
N GLY H 124 -11.01 -57.59 -20.07
CA GLY H 124 -12.14 -58.48 -20.33
C GLY H 124 -13.08 -58.04 -21.43
N TYR H 125 -12.83 -56.89 -22.06
CA TYR H 125 -13.72 -56.41 -23.11
C TYR H 125 -13.44 -57.12 -24.43
N THR H 126 -14.37 -56.98 -25.38
CA THR H 126 -14.22 -57.44 -26.75
C THR H 126 -14.63 -56.33 -27.69
N VAL H 127 -13.85 -56.15 -28.75
CA VAL H 127 -14.12 -55.13 -29.76
C VAL H 127 -14.90 -55.75 -30.91
N GLY H 128 -15.96 -55.06 -31.34
CA GLY H 128 -16.73 -55.54 -32.47
C GLY H 128 -15.96 -55.38 -33.76
N ALA H 129 -16.20 -56.29 -34.72
CA ALA H 129 -15.46 -56.17 -35.97
C ALA H 129 -16.13 -55.19 -36.92
N GLU H 130 -17.46 -55.21 -36.96
CA GLU H 130 -18.18 -54.22 -37.76
C GLU H 130 -17.76 -52.83 -37.29
N ALA H 131 -17.24 -52.02 -38.20
CA ALA H 131 -16.75 -50.72 -37.76
C ALA H 131 -16.35 -49.87 -38.94
N SER H 132 -16.40 -48.56 -38.73
CA SER H 132 -15.98 -47.56 -39.70
C SER H 132 -14.78 -46.82 -39.14
N ILE H 133 -13.72 -46.73 -39.95
CA ILE H 133 -12.50 -46.01 -39.59
C ILE H 133 -12.42 -44.78 -40.47
N ILE H 134 -12.25 -43.63 -39.84
CA ILE H 134 -12.19 -42.34 -40.53
C ILE H 134 -10.96 -41.59 -40.06
N LEU H 135 -10.44 -40.72 -40.92
CA LEU H 135 -9.29 -39.89 -40.60
C LEU H 135 -9.61 -38.44 -40.97
N GLY H 136 -9.06 -37.54 -40.17
CA GLY H 136 -9.23 -36.10 -40.30
C GLY H 136 -10.46 -35.55 -39.63
N GLN H 137 -11.32 -36.41 -39.07
CA GLN H 137 -12.52 -35.97 -38.38
C GLN H 137 -12.74 -36.86 -37.17
N GLU H 138 -13.36 -36.34 -36.11
CA GLU H 138 -13.70 -37.16 -34.96
C GLU H 138 -15.11 -37.63 -35.19
N GLN H 139 -15.47 -38.81 -34.70
CA GLN H 139 -16.76 -39.40 -35.03
C GLN H 139 -17.62 -39.49 -33.77
N ASP H 140 -18.79 -38.87 -33.86
CA ASP H 140 -19.84 -38.90 -32.85
C ASP H 140 -21.07 -39.61 -33.39
N SER H 141 -20.99 -40.08 -34.62
CA SER H 141 -22.00 -40.87 -35.29
C SER H 141 -21.28 -41.77 -36.29
N PHE H 142 -21.98 -42.80 -36.74
CA PHE H 142 -21.34 -43.82 -37.57
C PHE H 142 -21.20 -43.39 -39.01
N GLY H 143 -21.89 -42.31 -39.40
CA GLY H 143 -21.79 -41.86 -40.78
C GLY H 143 -21.93 -40.36 -40.92
N GLY H 144 -21.64 -39.62 -39.86
CA GLY H 144 -21.73 -38.18 -39.90
C GLY H 144 -21.50 -37.57 -38.54
N ASN H 145 -21.91 -36.18 -38.52
CA ASN H 145 -21.83 -35.44 -37.28
C ASN H 145 -20.48 -35.18 -36.62
N PHE H 146 -19.53 -34.63 -37.38
CA PHE H 146 -18.23 -34.31 -36.82
C PHE H 146 -18.18 -32.84 -36.42
N GLU H 147 -16.91 -32.49 -35.88
CA GLU H 147 -16.69 -31.14 -35.37
C GLU H 147 -15.56 -30.40 -36.06
N GLY H 148 -15.75 -29.04 -36.24
CA GLY H 148 -14.66 -28.26 -36.80
C GLY H 148 -13.51 -28.01 -35.85
N SER H 149 -13.82 -27.77 -34.57
CA SER H 149 -12.77 -27.58 -33.57
C SER H 149 -11.92 -28.83 -33.36
N GLN H 150 -12.37 -29.98 -33.85
CA GLN H 150 -11.65 -31.23 -33.64
C GLN H 150 -11.01 -31.78 -34.91
N SER H 151 -11.40 -31.29 -36.09
CA SER H 151 -10.78 -31.72 -37.33
C SER H 151 -9.30 -31.33 -37.38
N LEU H 152 -8.51 -32.29 -37.86
CA LEU H 152 -7.08 -32.08 -37.90
C LEU H 152 -6.55 -31.55 -39.21
N VAL H 153 -5.64 -30.60 -39.11
CA VAL H 153 -4.97 -30.01 -40.26
C VAL H 153 -3.53 -30.53 -40.28
N GLY H 154 -3.17 -31.26 -41.32
CA GLY H 154 -1.82 -31.77 -41.41
C GLY H 154 -1.77 -33.04 -42.24
N ASP H 155 -0.73 -33.83 -41.96
CA ASP H 155 -0.34 -34.96 -42.81
C ASP H 155 -0.21 -36.23 -41.99
N ILE H 156 -0.60 -37.36 -42.60
CA ILE H 156 -0.58 -38.65 -41.92
C ILE H 156 -0.24 -39.73 -42.94
N GLY H 157 0.43 -40.77 -42.46
CA GLY H 157 0.76 -41.92 -43.29
C GLY H 157 1.13 -43.11 -42.44
N ASN H 158 1.59 -44.15 -43.12
CA ASN H 158 2.06 -45.40 -42.52
C ASN H 158 1.00 -46.06 -41.63
N VAL H 159 -0.28 -45.85 -41.94
CA VAL H 159 -1.35 -46.34 -41.08
C VAL H 159 -1.43 -47.86 -41.16
N ASN H 160 -1.16 -48.52 -40.04
CA ASN H 160 -0.90 -49.95 -40.00
C ASN H 160 -1.48 -50.49 -38.71
N MET H 161 -2.19 -51.61 -38.78
CA MET H 161 -2.81 -52.13 -37.57
C MET H 161 -3.12 -53.61 -37.66
N TRP H 162 -2.50 -54.35 -36.74
CA TRP H 162 -2.49 -55.80 -36.73
C TRP H 162 -3.70 -56.27 -35.92
N ASP H 163 -3.73 -57.56 -35.56
CA ASP H 163 -4.75 -58.10 -34.67
C ASP H 163 -4.11 -58.76 -33.45
N PHE H 164 -2.84 -58.46 -33.17
CA PHE H 164 -2.18 -58.99 -31.98
C PHE H 164 -1.04 -58.06 -31.59
N VAL H 165 -0.51 -58.25 -30.38
CA VAL H 165 0.47 -57.35 -29.80
C VAL H 165 1.84 -57.70 -30.38
N LEU H 166 2.50 -56.71 -30.97
CA LEU H 166 3.86 -56.85 -31.45
C LEU H 166 4.82 -56.86 -30.27
N SER H 167 5.95 -57.56 -30.44
CA SER H 167 7.00 -57.52 -29.44
C SER H 167 7.85 -56.27 -29.59
N PRO H 168 8.61 -55.89 -28.56
CA PRO H 168 9.39 -54.65 -28.65
C PRO H 168 10.34 -54.63 -29.83
N ASP H 169 10.92 -55.79 -30.16
CA ASP H 169 11.80 -55.86 -31.31
C ASP H 169 11.06 -55.52 -32.59
N GLU H 170 9.85 -56.05 -32.76
CA GLU H 170 9.09 -55.78 -33.97
C GLU H 170 8.78 -54.29 -34.09
N ILE H 171 8.41 -53.65 -32.98
CA ILE H 171 8.16 -52.20 -33.03
C ILE H 171 9.43 -51.45 -33.38
N ASN H 172 10.57 -51.89 -32.85
CA ASN H 172 11.83 -51.27 -33.23
C ASN H 172 12.05 -51.39 -34.73
N THR H 173 11.76 -52.56 -35.30
CA THR H 173 11.87 -52.74 -36.74
C THR H 173 10.98 -51.74 -37.47
N ILE H 174 9.73 -51.60 -37.00
CA ILE H 174 8.81 -50.63 -37.59
C ILE H 174 9.43 -49.24 -37.60
N TYR H 175 10.04 -48.81 -36.51
CA TYR H 175 10.57 -47.45 -36.50
C TYR H 175 11.73 -47.29 -37.49
N LEU H 176 12.41 -48.39 -37.83
CA LEU H 176 13.48 -48.37 -38.82
C LEU H 176 12.96 -48.36 -40.26
N GLY H 177 11.73 -48.83 -40.47
CA GLY H 177 11.17 -48.90 -41.81
C GLY H 177 11.45 -50.18 -42.55
N GLY H 178 11.78 -51.27 -41.84
CA GLY H 178 12.05 -52.54 -42.47
C GLY H 178 10.78 -53.21 -42.95
N PRO H 179 10.93 -54.36 -43.59
CA PRO H 179 9.75 -55.14 -44.02
C PRO H 179 8.94 -55.68 -42.85
N PHE H 180 7.62 -55.62 -43.00
CA PHE H 180 6.68 -56.18 -42.03
C PHE H 180 5.38 -56.47 -42.80
N SER H 181 4.55 -57.33 -42.21
CA SER H 181 3.38 -57.84 -42.91
C SER H 181 2.12 -57.54 -42.10
N PRO H 182 1.51 -56.37 -42.31
CA PRO H 182 0.21 -56.11 -41.66
C PRO H 182 -0.92 -56.98 -42.17
N ASN H 183 -1.89 -57.23 -41.30
CA ASN H 183 -2.90 -58.26 -41.49
C ASN H 183 -4.30 -57.67 -41.69
N VAL H 184 -4.64 -56.59 -40.99
CA VAL H 184 -5.98 -56.03 -41.02
C VAL H 184 -5.94 -54.74 -41.83
N LEU H 185 -5.02 -53.82 -41.50
CA LEU H 185 -4.86 -52.59 -42.29
C LEU H 185 -3.46 -52.56 -42.85
N ASN H 186 -3.36 -52.45 -44.17
CA ASN H 186 -2.09 -52.47 -44.89
C ASN H 186 -1.91 -51.14 -45.61
N TRP H 187 -0.86 -50.39 -45.24
CA TRP H 187 -0.48 -49.25 -46.06
C TRP H 187 -0.19 -49.66 -47.49
N ARG H 188 0.53 -50.76 -47.69
CA ARG H 188 0.94 -51.18 -49.03
C ARG H 188 -0.18 -51.77 -49.87
N ALA H 189 -1.32 -52.11 -49.30
CA ALA H 189 -2.42 -52.69 -50.06
C ALA H 189 -3.75 -52.05 -49.68
N LEU H 190 -3.72 -50.74 -49.42
CA LEU H 190 -4.84 -50.12 -48.75
C LEU H 190 -6.00 -49.85 -49.72
N LYS H 191 -7.19 -49.72 -49.15
CA LYS H 191 -8.37 -49.27 -49.88
C LYS H 191 -8.92 -48.09 -49.08
N TYR H 192 -9.50 -47.12 -49.76
CA TYR H 192 -9.95 -45.91 -49.09
C TYR H 192 -10.91 -45.14 -49.97
N GLU H 193 -11.57 -44.15 -49.37
CA GLU H 193 -12.37 -43.19 -50.10
C GLU H 193 -12.20 -41.81 -49.47
N VAL H 194 -12.00 -40.82 -50.34
CA VAL H 194 -11.69 -39.46 -49.94
C VAL H 194 -12.90 -38.55 -50.17
N GLN H 195 -13.09 -37.59 -49.25
CA GLN H 195 -14.19 -36.64 -49.30
C GLN H 195 -13.64 -35.26 -48.97
N GLY H 196 -14.02 -34.30 -49.80
CA GLY H 196 -13.62 -32.92 -49.60
C GLY H 196 -12.19 -32.62 -50.01
N GLU H 197 -11.63 -31.59 -49.37
CA GLU H 197 -10.27 -31.12 -49.66
C GLU H 197 -9.26 -32.02 -48.97
N VAL H 198 -8.81 -33.04 -49.69
CA VAL H 198 -7.71 -33.88 -49.26
C VAL H 198 -6.93 -34.29 -50.51
N PHE H 199 -5.63 -34.50 -50.36
CA PHE H 199 -4.76 -34.67 -51.52
C PHE H 199 -3.73 -35.75 -51.20
N THR H 200 -3.07 -36.24 -52.26
CA THR H 200 -2.00 -37.22 -52.09
C THR H 200 -0.72 -36.55 -52.55
N LYS H 201 0.32 -36.65 -51.75
CA LYS H 201 1.59 -36.00 -52.03
C LYS H 201 2.73 -36.87 -51.54
N PRO H 202 3.95 -36.63 -52.02
CA PRO H 202 5.09 -37.32 -51.42
C PRO H 202 5.20 -36.96 -49.96
N GLN H 203 5.63 -37.94 -49.15
CA GLN H 203 5.77 -37.71 -47.73
C GLN H 203 6.88 -36.70 -47.43
N LEU H 204 6.71 -35.96 -46.34
CA LEU H 204 7.73 -35.01 -45.90
C LEU H 204 8.75 -35.69 -44.98
N TRP H 205 8.27 -36.46 -44.02
CA TRP H 205 9.18 -37.11 -43.08
C TRP H 205 10.13 -38.04 -43.83
N PRO H 206 11.31 -38.31 -43.26
CA PRO H 206 12.24 -39.26 -43.87
C PRO H 206 11.58 -40.61 -44.19
N GLU I 3 17.87 -23.74 11.96
CA GLU I 3 17.27 -22.68 11.16
C GLU I 3 15.75 -22.72 11.29
N VAL I 4 15.19 -23.93 11.31
CA VAL I 4 13.75 -24.06 11.47
C VAL I 4 13.33 -23.59 12.86
N GLN I 5 12.14 -23.01 12.94
CA GLN I 5 11.56 -22.59 14.21
C GLN I 5 10.46 -23.57 14.60
N LEU I 6 10.56 -24.13 15.80
CA LEU I 6 9.68 -25.22 16.22
C LEU I 6 8.63 -24.68 17.20
N VAL I 7 7.38 -25.05 16.95
CA VAL I 7 6.27 -24.71 17.84
C VAL I 7 5.49 -25.99 18.11
N GLU I 8 4.79 -26.02 19.25
CA GLU I 8 4.07 -27.22 19.66
C GLU I 8 2.68 -26.84 20.14
N SER I 9 1.77 -27.81 20.03
CA SER I 9 0.39 -27.61 20.45
C SER I 9 -0.24 -28.97 20.74
N GLY I 10 -1.39 -28.93 21.42
CA GLY I 10 -2.12 -30.12 21.77
C GLY I 10 -2.00 -30.56 23.20
N GLY I 11 -1.29 -29.80 24.03
CA GLY I 11 -1.16 -30.15 25.44
C GLY I 11 -2.44 -29.84 26.21
N GLY I 12 -2.43 -30.25 27.47
CA GLY I 12 -3.57 -30.05 28.34
C GLY I 12 -3.63 -31.14 29.39
N LEU I 13 -4.77 -31.18 30.08
CA LEU I 13 -5.01 -32.14 31.14
C LEU I 13 -6.12 -33.11 30.72
N VAL I 14 -5.94 -34.38 31.06
CA VAL I 14 -6.89 -35.42 30.68
C VAL I 14 -6.90 -36.49 31.76
N GLN I 15 -8.04 -37.19 31.88
CA GLN I 15 -8.14 -38.30 32.79
C GLN I 15 -7.35 -39.50 32.25
N THR I 16 -6.99 -40.41 33.15
CA THR I 16 -6.21 -41.57 32.76
C THR I 16 -6.95 -42.39 31.71
N GLY I 17 -6.19 -42.99 30.80
CA GLY I 17 -6.76 -43.75 29.71
C GLY I 17 -7.18 -42.95 28.49
N GLY I 18 -6.95 -41.63 28.51
CA GLY I 18 -7.31 -40.80 27.38
C GLY I 18 -6.26 -40.81 26.29
N SER I 19 -6.45 -39.91 25.32
CA SER I 19 -5.55 -39.79 24.18
C SER I 19 -5.25 -38.33 23.91
N LEU I 20 -4.11 -38.09 23.27
CA LEU I 20 -3.68 -36.74 22.94
C LEU I 20 -2.85 -36.78 21.66
N ARG I 21 -3.29 -36.03 20.65
CA ARG I 21 -2.58 -35.96 19.36
C ARG I 21 -1.77 -34.67 19.33
N LEU I 22 -0.65 -34.68 20.03
CA LEU I 22 0.21 -33.51 20.06
C LEU I 22 0.81 -33.25 18.68
N SER I 23 0.93 -31.98 18.35
CA SER I 23 1.47 -31.61 17.06
C SER I 23 2.60 -30.60 17.17
N CYS I 24 3.54 -30.67 16.25
CA CYS I 24 4.66 -29.75 16.21
C CYS I 24 4.82 -29.21 14.79
N ALA I 25 4.93 -27.90 14.69
CA ALA I 25 5.06 -27.21 13.41
C ALA I 25 6.46 -26.62 13.28
N ALA I 26 6.98 -26.65 12.05
CA ALA I 26 8.32 -26.19 11.75
C ALA I 26 8.26 -25.04 10.75
N SER I 27 9.04 -24.00 11.01
CA SER I 27 9.14 -22.84 10.14
C SER I 27 10.48 -22.89 9.42
N GLY I 28 10.43 -22.94 8.10
CA GLY I 28 11.61 -23.06 7.28
C GLY I 28 11.28 -23.85 6.03
N ARG I 29 12.32 -24.15 5.25
CA ARG I 29 12.17 -24.94 4.04
C ARG I 29 13.04 -26.19 4.01
N THR I 30 13.97 -26.34 4.95
CA THR I 30 14.81 -27.53 5.06
C THR I 30 14.21 -28.60 5.96
N PHE I 31 12.95 -28.42 6.40
CA PHE I 31 12.35 -29.34 7.35
C PHE I 31 12.49 -30.79 6.88
N ASN I 32 12.28 -31.03 5.59
CA ASN I 32 12.41 -32.38 5.06
C ASN I 32 13.85 -32.89 5.04
N ARG I 33 14.80 -32.12 5.57
CA ARG I 33 16.18 -32.54 5.68
C ARG I 33 16.63 -32.72 7.12
N HIS I 34 15.72 -32.60 8.08
CA HIS I 34 16.03 -32.76 9.50
C HIS I 34 15.13 -33.84 10.08
N TYR I 35 15.73 -34.68 10.91
CA TYR I 35 14.96 -35.69 11.61
C TYR I 35 14.27 -35.01 12.79
N MET I 36 13.16 -35.56 13.27
CA MET I 36 12.40 -34.95 14.35
C MET I 36 12.44 -35.82 15.58
N GLY I 37 12.17 -35.21 16.73
CA GLY I 37 12.15 -35.96 17.97
C GLY I 37 11.32 -35.29 19.03
N TRP I 38 10.79 -36.10 19.93
CA TRP I 38 10.04 -35.64 21.08
C TRP I 38 10.78 -36.03 22.35
N PHE I 39 10.95 -35.06 23.25
CA PHE I 39 11.66 -35.25 24.51
C PHE I 39 10.75 -34.81 25.66
N ARG I 40 11.03 -35.36 26.84
CA ARG I 40 10.24 -35.10 28.03
C ARG I 40 11.10 -34.41 29.09
N GLN I 41 10.45 -33.57 29.90
CA GLN I 41 11.11 -32.84 30.96
C GLN I 41 10.17 -32.74 32.15
N VAL I 42 10.75 -32.81 33.35
CA VAL I 42 9.99 -32.72 34.59
C VAL I 42 10.69 -31.74 35.52
N PRO I 43 9.97 -31.05 36.40
CA PRO I 43 10.64 -30.16 37.35
C PRO I 43 11.61 -30.93 38.22
N GLY I 44 12.74 -30.29 38.54
CA GLY I 44 13.78 -30.95 39.31
C GLY I 44 14.45 -32.09 38.59
N LYS I 45 14.69 -31.96 37.29
CA LYS I 45 15.40 -32.96 36.50
C LYS I 45 15.63 -32.38 35.12
N GLU I 46 16.35 -33.13 34.28
CA GLU I 46 16.70 -32.70 32.95
C GLU I 46 15.72 -33.31 31.93
N ARG I 47 15.95 -33.00 30.66
CA ARG I 47 15.10 -33.52 29.60
C ARG I 47 15.30 -35.03 29.44
N GLU I 48 14.36 -35.66 28.75
CA GLU I 48 14.41 -37.11 28.59
C GLU I 48 13.91 -37.53 27.23
N PHE I 49 14.67 -38.36 26.54
CA PHE I 49 14.30 -38.85 25.22
C PHE I 49 12.95 -39.54 25.27
N VAL I 50 12.13 -39.29 24.25
CA VAL I 50 10.82 -39.93 24.15
C VAL I 50 10.76 -40.72 22.85
N ALA I 51 10.95 -40.05 21.71
CA ALA I 51 10.86 -40.74 20.42
C ALA I 51 11.57 -39.99 19.29
N SER I 52 11.34 -40.43 18.05
CA SER I 52 11.99 -39.80 16.90
C SER I 52 11.33 -40.21 15.59
N ILE I 53 11.42 -39.35 14.56
CA ILE I 53 10.81 -39.65 13.28
C ILE I 53 11.80 -39.46 12.14
N SER I 54 11.78 -40.37 11.17
CA SER I 54 12.73 -40.30 10.05
C SER I 54 12.51 -39.11 9.16
N GLN I 55 13.59 -38.55 8.63
CA GLN I 55 13.44 -37.46 7.68
C GLN I 55 12.54 -37.99 6.60
N THR I 56 12.89 -39.15 6.05
CA THR I 56 12.05 -39.78 5.05
C THR I 56 10.74 -40.22 5.68
N GLY I 57 10.76 -40.44 6.98
CA GLY I 57 9.55 -40.87 7.66
C GLY I 57 9.31 -42.36 7.62
N LEU I 58 10.17 -43.13 6.97
CA LEU I 58 10.01 -44.58 6.88
C LEU I 58 10.62 -45.32 8.05
N ASN I 59 11.42 -44.61 8.85
CA ASN I 59 12.04 -45.21 10.00
C ASN I 59 11.67 -44.42 11.25
N LYS I 60 11.44 -45.12 12.34
CA LYS I 60 11.09 -44.47 13.59
C LYS I 60 11.85 -45.14 14.73
N ASP I 61 11.73 -44.56 15.92
CA ASP I 61 12.34 -45.14 17.11
C ASP I 61 11.56 -44.69 18.33
N TYR I 62 11.08 -45.66 19.11
CA TYR I 62 10.31 -45.42 20.32
C TYR I 62 11.09 -45.90 21.53
N VAL I 63 10.91 -45.20 22.64
CA VAL I 63 11.49 -45.64 23.92
C VAL I 63 10.71 -46.85 24.40
N ASP I 64 11.26 -47.54 25.41
CA ASP I 64 10.65 -48.75 25.95
C ASP I 64 9.25 -48.56 26.46
N SER I 65 9.00 -47.43 27.06
CA SER I 65 7.70 -47.24 27.69
C SER I 65 6.72 -46.82 26.63
N ALA I 66 7.21 -46.13 25.63
CA ALA I 66 6.31 -45.57 24.63
C ALA I 66 5.88 -46.57 23.57
N LYS I 67 6.70 -47.58 23.28
CA LYS I 67 6.36 -48.53 22.23
C LYS I 67 5.07 -49.26 22.57
N GLY I 68 4.26 -49.51 21.55
CA GLY I 68 2.96 -50.12 21.72
C GLY I 68 1.88 -49.18 22.22
N ARG I 69 2.26 -48.06 22.84
CA ARG I 69 1.29 -47.08 23.34
C ARG I 69 1.30 -45.79 22.54
N PHE I 70 2.45 -45.36 22.05
CA PHE I 70 2.58 -44.08 21.36
C PHE I 70 2.93 -44.31 19.90
N THR I 71 2.55 -43.36 19.06
CA THR I 71 2.86 -43.40 17.64
C THR I 71 3.40 -42.04 17.21
N ILE I 72 4.33 -42.06 16.25
CA ILE I 72 4.97 -40.86 15.75
C ILE I 72 4.93 -40.88 14.23
N SER I 73 4.64 -39.75 13.64
CA SER I 73 4.60 -39.65 12.20
C SER I 73 4.88 -38.22 11.76
N ARG I 74 5.02 -37.99 10.48
CA ARG I 74 5.33 -36.68 9.95
C ARG I 74 4.67 -36.50 8.59
N ASP I 75 4.34 -35.25 8.29
CA ASP I 75 3.78 -34.88 6.98
C ASP I 75 4.76 -33.89 6.37
N ASN I 76 5.49 -34.36 5.35
CA ASN I 76 6.46 -33.50 4.69
C ASN I 76 5.78 -32.37 3.92
N ALA I 77 4.68 -32.68 3.23
CA ALA I 77 3.97 -31.64 2.48
C ALA I 77 3.49 -30.53 3.41
N GLU I 78 2.93 -30.89 4.56
CA GLU I 78 2.55 -29.92 5.58
C GLU I 78 3.68 -29.69 6.59
N ASN I 79 4.84 -30.29 6.36
CA ASN I 79 6.01 -30.18 7.23
C ASN I 79 5.63 -30.06 8.70
N THR I 80 4.90 -31.04 9.22
CA THR I 80 4.52 -31.04 10.63
C THR I 80 4.62 -32.44 11.19
N VAL I 81 5.03 -32.55 12.45
CA VAL I 81 5.21 -33.84 13.12
C VAL I 81 4.04 -34.05 14.07
N TYR I 82 3.63 -35.31 14.18
CA TYR I 82 2.50 -35.66 15.03
C TYR I 82 2.81 -36.82 15.96
N LEU I 83 2.61 -36.60 17.25
CA LEU I 83 2.81 -37.63 18.25
C LEU I 83 1.46 -37.96 18.87
N GLN I 84 0.96 -39.17 18.61
CA GLN I 84 -0.30 -39.63 19.15
C GLN I 84 -0.02 -40.49 20.38
N MET I 85 -0.52 -40.05 21.54
CA MET I 85 -0.35 -40.77 22.79
C MET I 85 -1.68 -41.33 23.24
N ASN I 86 -1.63 -42.57 23.72
CA ASN I 86 -2.82 -43.21 24.20
C ASN I 86 -2.53 -43.92 25.50
N ASN I 87 -3.57 -44.19 26.27
CA ASN I 87 -3.44 -44.86 27.56
C ASN I 87 -2.43 -44.15 28.46
N LEU I 88 -2.86 -42.96 28.86
CA LEU I 88 -2.00 -42.14 29.70
C LEU I 88 -2.15 -42.41 31.17
N LYS I 89 -1.07 -42.27 31.89
CA LYS I 89 -1.02 -42.48 33.33
C LYS I 89 -0.53 -41.20 33.97
N PRO I 90 -0.75 -41.01 35.27
CA PRO I 90 -0.34 -39.74 35.89
C PRO I 90 1.15 -39.43 35.75
N GLU I 91 2.02 -40.43 35.85
CA GLU I 91 3.46 -40.13 35.87
C GLU I 91 3.90 -39.45 34.58
N ASP I 92 3.29 -39.83 33.45
CA ASP I 92 3.58 -39.18 32.17
C ASP I 92 2.83 -37.85 32.06
N THR I 93 3.10 -36.99 33.03
CA THR I 93 2.53 -35.64 33.10
C THR I 93 3.69 -34.67 33.36
N ALA I 94 4.12 -33.98 32.33
CA ALA I 94 5.30 -33.12 32.41
C ALA I 94 5.32 -32.24 31.16
N LEU I 95 6.44 -31.55 30.95
CA LEU I 95 6.64 -30.76 29.75
C LEU I 95 7.21 -31.63 28.64
N TYR I 96 6.81 -31.31 27.42
CA TYR I 96 7.27 -32.03 26.24
C TYR I 96 7.81 -31.03 25.23
N TYR I 97 8.91 -31.40 24.58
CA TYR I 97 9.60 -30.55 23.63
C TYR I 97 9.75 -31.27 22.30
N CYS I 98 9.51 -30.54 21.22
CA CYS I 98 9.71 -31.04 19.86
C CYS I 98 11.04 -30.48 19.35
N ALA I 99 12.06 -31.32 19.32
CA ALA I 99 13.37 -30.83 18.93
C ALA I 99 13.96 -31.64 17.81
N GLY I 100 14.97 -31.09 17.14
CA GLY I 100 15.54 -31.79 16.02
C GLY I 100 16.63 -31.03 15.32
N SER I 101 17.67 -31.76 14.91
CA SER I 101 18.74 -31.14 14.18
C SER I 101 19.63 -32.12 13.47
N GLN I 102 19.55 -32.13 12.15
CA GLN I 102 20.45 -32.95 11.39
C GLN I 102 20.75 -32.07 10.21
N SER I 103 21.99 -31.59 10.11
CA SER I 103 22.36 -30.80 8.94
C SER I 103 22.16 -31.64 7.70
N SER I 104 22.72 -32.86 7.74
CA SER I 104 22.60 -33.75 6.60
C SER I 104 21.82 -34.94 7.09
N TYR I 105 22.00 -36.07 6.42
CA TYR I 105 21.24 -37.25 6.78
C TYR I 105 21.95 -38.33 7.58
N TYR I 106 21.36 -38.76 8.68
CA TYR I 106 21.98 -39.73 9.58
C TYR I 106 20.94 -40.69 10.13
N ASP I 107 21.40 -41.64 10.94
CA ASP I 107 20.53 -42.59 11.61
C ASP I 107 19.77 -41.88 12.73
N LYS I 108 18.98 -42.64 13.50
CA LYS I 108 18.20 -42.03 14.57
C LYS I 108 18.90 -42.26 15.89
N PRO I 109 19.48 -41.24 16.51
CA PRO I 109 20.15 -41.45 17.80
C PRO I 109 19.20 -41.26 18.96
N ARG I 110 19.70 -41.41 20.18
CA ARG I 110 18.88 -41.27 21.38
C ARG I 110 19.62 -40.43 22.42
N LEU I 111 20.32 -39.40 21.97
CA LEU I 111 21.08 -38.51 22.84
C LEU I 111 20.53 -37.09 22.73
N LEU I 112 21.22 -36.15 23.37
CA LEU I 112 20.81 -34.76 23.43
C LEU I 112 21.77 -33.80 22.77
N THR I 113 23.08 -34.11 22.78
CA THR I 113 24.06 -33.18 22.22
C THR I 113 23.83 -32.96 20.73
N GLU I 114 23.45 -34.11 20.05
CA GLU I 114 23.25 -34.03 18.59
C GLU I 114 22.26 -32.94 18.26
N TYR I 115 21.13 -32.96 18.85
CA TYR I 115 20.05 -32.03 18.55
C TYR I 115 20.51 -30.60 18.76
N ALA I 116 20.09 -29.71 17.86
CA ALA I 116 20.54 -28.34 17.86
C ALA I 116 19.46 -27.33 18.20
N TYR I 117 18.22 -27.55 17.76
CA TYR I 117 17.15 -26.59 17.93
C TYR I 117 16.02 -27.18 18.76
N TRP I 118 15.43 -26.36 19.62
CA TRP I 118 14.38 -26.78 20.52
C TRP I 118 13.21 -25.81 20.46
N GLY I 119 12.01 -26.33 20.73
CA GLY I 119 10.82 -25.51 20.80
C GLY I 119 10.55 -25.00 22.20
N GLN I 120 9.52 -24.15 22.32
CA GLN I 120 9.17 -23.59 23.61
C GLN I 120 8.71 -24.68 24.57
N GLY I 121 7.91 -25.61 24.09
CA GLY I 121 7.42 -26.72 24.89
C GLY I 121 5.91 -26.66 25.10
N THR I 122 5.40 -27.75 25.68
CA THR I 122 3.98 -27.86 26.00
C THR I 122 3.85 -28.67 27.28
N LEU I 123 2.69 -28.56 27.91
CA LEU I 123 2.43 -29.23 29.19
C LEU I 123 1.36 -30.29 29.00
N VAL I 124 1.60 -31.48 29.57
CA VAL I 124 0.63 -32.56 29.53
C VAL I 124 0.43 -33.07 30.95
N THR I 125 -0.84 -33.26 31.33
CA THR I 125 -1.17 -33.66 32.69
C THR I 125 -2.22 -34.77 32.67
N VAL I 126 -2.06 -35.74 33.55
CA VAL I 126 -2.99 -36.84 33.72
C VAL I 126 -3.60 -36.75 35.11
N SER I 127 -4.92 -36.77 35.18
CA SER I 127 -5.63 -36.63 36.46
C SER I 127 -5.86 -38.00 37.09
N GLN J 1 13.27 -73.70 -10.69
CA GLN J 1 13.87 -72.46 -11.28
C GLN J 1 13.43 -72.23 -12.70
N THR J 2 13.24 -70.96 -13.05
CA THR J 2 12.87 -70.54 -14.38
C THR J 2 13.85 -69.47 -14.82
N ASP J 3 14.05 -69.33 -16.13
CA ASP J 3 14.88 -68.27 -16.69
C ASP J 3 13.96 -67.12 -17.11
N MET J 4 14.05 -66.01 -16.39
CA MET J 4 13.36 -64.77 -16.74
C MET J 4 14.11 -63.94 -17.78
N SER J 5 15.16 -64.46 -18.40
CA SER J 5 15.95 -63.67 -19.34
C SER J 5 15.04 -63.02 -20.37
N ARG J 6 15.24 -61.72 -20.58
CA ARG J 6 14.46 -60.92 -21.53
C ARG J 6 13.01 -60.78 -21.11
N LYS J 7 12.70 -60.87 -19.83
CA LYS J 7 11.34 -60.76 -19.31
C LYS J 7 11.33 -59.97 -18.02
N ALA J 8 10.17 -59.40 -17.71
CA ALA J 8 10.00 -58.54 -16.55
C ALA J 8 8.59 -58.72 -16.01
N PHE J 9 8.44 -58.35 -14.75
CA PHE J 9 7.13 -58.32 -14.10
C PHE J 9 6.42 -56.99 -14.35
N VAL J 10 5.09 -57.06 -14.44
CA VAL J 10 4.23 -55.91 -14.67
C VAL J 10 3.24 -55.81 -13.53
N PHE J 11 3.20 -54.63 -12.89
CA PHE J 11 2.21 -54.27 -11.88
C PHE J 11 1.33 -53.16 -12.44
N PRO J 12 0.26 -53.46 -13.18
CA PRO J 12 -0.39 -52.39 -13.95
C PRO J 12 -1.36 -51.49 -13.19
N LYS J 13 -1.45 -51.59 -11.88
CA LYS J 13 -2.37 -50.73 -11.13
C LYS J 13 -1.89 -50.57 -9.70
N GLU J 14 -2.32 -49.46 -9.10
CA GLU J 14 -2.03 -49.18 -7.71
C GLU J 14 -2.97 -49.98 -6.82
N SER J 15 -2.41 -50.88 -6.02
CA SER J 15 -3.19 -51.80 -5.19
C SER J 15 -2.28 -52.26 -4.06
N ASP J 16 -2.86 -52.85 -3.02
CA ASP J 16 -2.09 -53.29 -1.86
C ASP J 16 -2.11 -54.81 -1.69
N THR J 17 -2.27 -55.55 -2.79
CA THR J 17 -2.28 -56.99 -2.75
C THR J 17 -1.43 -57.63 -3.84
N SER J 18 -1.17 -56.93 -4.94
CA SER J 18 -0.29 -57.41 -6.00
C SER J 18 1.15 -57.34 -5.53
N TYR J 19 1.83 -58.48 -5.49
CA TYR J 19 3.22 -58.51 -5.05
C TYR J 19 3.84 -59.85 -5.41
N VAL J 20 5.18 -59.86 -5.45
CA VAL J 20 5.95 -61.07 -5.73
C VAL J 20 6.81 -61.38 -4.52
N SER J 21 7.04 -62.68 -4.28
CA SER J 21 7.87 -63.14 -3.17
C SER J 21 8.97 -64.04 -3.69
N LEU J 22 10.22 -63.66 -3.43
CA LEU J 22 11.40 -64.39 -3.88
C LEU J 22 11.95 -65.26 -2.75
N LYS J 23 12.48 -66.43 -3.10
CA LYS J 23 13.00 -67.38 -2.12
C LYS J 23 14.50 -67.60 -2.30
N ALA J 24 15.27 -67.18 -1.30
CA ALA J 24 16.72 -67.30 -1.33
C ALA J 24 17.17 -68.61 -0.69
N PRO J 25 18.21 -69.25 -1.21
CA PRO J 25 18.76 -70.46 -0.55
C PRO J 25 19.72 -70.17 0.59
N LEU J 26 19.76 -68.93 1.07
CA LEU J 26 20.73 -68.50 2.06
C LEU J 26 20.66 -69.34 3.34
N THR J 27 21.83 -69.60 3.93
CA THR J 27 21.89 -70.27 5.22
C THR J 27 22.82 -69.57 6.19
N LYS J 28 23.91 -68.94 5.70
CA LYS J 28 24.86 -68.23 6.55
C LYS J 28 24.47 -66.75 6.60
N PRO J 29 24.52 -66.08 7.75
CA PRO J 29 24.21 -64.65 7.76
C PRO J 29 25.21 -63.83 6.97
N LEU J 30 24.71 -62.74 6.39
CA LEU J 30 25.52 -61.88 5.52
C LEU J 30 26.28 -60.82 6.29
N LYS J 31 27.59 -60.81 6.10
CA LYS J 31 28.46 -59.70 6.49
C LYS J 31 28.67 -58.69 5.37
N ALA J 32 28.21 -58.96 4.15
CA ALA J 32 28.36 -58.03 3.03
C ALA J 32 27.56 -58.54 1.82
N PHE J 33 27.30 -57.67 0.84
CA PHE J 33 26.57 -58.06 -0.35
C PHE J 33 26.65 -56.96 -1.40
N THR J 34 26.21 -57.29 -2.61
CA THR J 34 25.94 -56.31 -3.64
C THR J 34 24.56 -56.66 -4.22
N VAL J 35 23.74 -55.64 -4.48
CA VAL J 35 22.45 -55.82 -5.15
C VAL J 35 22.37 -54.94 -6.39
N CYS J 36 21.99 -55.56 -7.52
CA CYS J 36 21.79 -54.85 -8.76
C CYS J 36 20.42 -55.15 -9.34
N LEU J 37 19.85 -54.12 -9.97
CA LEU J 37 18.52 -54.26 -10.53
C LEU J 37 18.23 -53.22 -11.60
N HIS J 38 17.15 -53.42 -12.34
CA HIS J 38 16.76 -52.42 -13.31
C HIS J 38 15.27 -52.22 -13.19
N PHE J 39 14.86 -50.97 -12.98
CA PHE J 39 13.44 -50.69 -12.77
C PHE J 39 13.03 -49.47 -13.59
N TYR J 40 11.73 -49.44 -13.92
CA TYR J 40 11.14 -48.35 -14.69
C TYR J 40 9.77 -48.06 -14.09
N THR J 41 9.50 -46.80 -13.80
CA THR J 41 8.19 -46.39 -13.30
C THR J 41 8.03 -44.90 -13.51
N GLU J 42 6.78 -44.44 -13.41
CA GLU J 42 6.44 -43.03 -13.56
C GLU J 42 5.92 -42.38 -12.29
N LEU J 43 5.90 -43.07 -11.15
CA LEU J 43 5.35 -42.42 -9.97
C LEU J 43 6.29 -41.32 -9.49
N SER J 44 7.45 -41.19 -10.15
CA SER J 44 8.45 -40.23 -9.73
C SER J 44 7.78 -38.87 -9.67
N SER J 45 8.01 -38.16 -8.56
CA SER J 45 7.38 -36.86 -8.36
C SER J 45 5.89 -37.01 -8.06
N THR J 46 5.42 -38.22 -7.75
CA THR J 46 4.02 -38.37 -7.36
C THR J 46 3.99 -38.79 -5.90
N ARG J 47 4.66 -39.88 -5.57
CA ARG J 47 4.66 -40.38 -4.20
C ARG J 47 5.85 -41.31 -4.02
N GLY J 48 6.03 -41.78 -2.79
CA GLY J 48 7.10 -42.70 -2.47
C GLY J 48 6.75 -44.14 -2.81
N TYR J 49 7.78 -44.95 -3.03
CA TYR J 49 7.52 -46.33 -3.42
C TYR J 49 8.74 -47.18 -3.07
N SER J 50 8.48 -48.40 -2.61
CA SER J 50 9.51 -49.37 -2.28
C SER J 50 10.01 -50.07 -3.55
N ILE J 51 11.32 -50.26 -3.65
CA ILE J 51 11.94 -50.93 -4.78
C ILE J 51 12.24 -52.38 -4.41
N PHE J 52 12.95 -52.57 -3.31
CA PHE J 52 13.32 -53.89 -2.81
C PHE J 52 13.18 -53.91 -1.29
N SER J 53 12.37 -54.86 -0.79
CA SER J 53 12.13 -55.05 0.64
C SER J 53 12.74 -56.36 1.11
N TYR J 54 13.75 -56.29 1.97
CA TYR J 54 14.30 -57.42 2.71
C TYR J 54 14.10 -57.28 4.22
N ALA J 55 13.50 -58.30 4.83
CA ALA J 55 13.09 -58.26 6.23
C ALA J 55 13.41 -59.58 6.92
N THR J 56 13.64 -59.50 8.23
CA THR J 56 13.75 -60.66 9.10
C THR J 56 12.66 -60.61 10.16
N LYS J 57 12.47 -61.72 10.87
CA LYS J 57 11.35 -61.79 11.81
C LYS J 57 11.45 -60.71 12.87
N ARG J 58 12.66 -60.31 13.23
CA ARG J 58 12.84 -59.29 14.27
C ARG J 58 12.90 -57.87 13.74
N GLN J 59 12.90 -57.70 12.42
CA GLN J 59 13.05 -56.38 11.80
C GLN J 59 12.30 -56.40 10.48
N ASP J 60 11.32 -55.51 10.34
CA ASP J 60 10.65 -55.33 9.05
C ASP J 60 11.48 -54.56 8.03
N ASN J 61 12.59 -53.94 8.45
CA ASN J 61 13.37 -53.11 7.54
C ASN J 61 14.85 -53.43 7.60
N GLU J 62 15.21 -54.71 7.53
CA GLU J 62 16.62 -55.07 7.52
C GLU J 62 17.34 -54.43 6.33
N ILE J 63 16.76 -54.53 5.14
CA ILE J 63 17.28 -53.79 3.98
C ILE J 63 16.09 -53.25 3.18
N LEU J 64 16.17 -51.97 2.85
CA LEU J 64 15.09 -51.33 2.10
C LEU J 64 15.57 -50.22 1.17
N ILE J 65 15.35 -50.47 -0.14
CA ILE J 65 15.64 -49.49 -1.16
C ILE J 65 14.34 -48.76 -1.33
N PHE J 66 14.32 -47.47 -1.03
CA PHE J 66 13.11 -46.69 -1.12
C PHE J 66 13.37 -45.33 -1.77
N TRP J 67 12.40 -44.87 -2.55
CA TRP J 67 12.45 -43.55 -3.19
C TRP J 67 11.54 -42.64 -2.37
N SER J 68 12.16 -41.60 -1.80
CA SER J 68 11.44 -40.62 -1.02
C SER J 68 11.18 -39.42 -1.90
N LYS J 69 9.98 -38.87 -1.83
CA LYS J 69 9.59 -37.78 -2.72
C LYS J 69 10.33 -36.51 -2.38
N ASP J 70 10.83 -35.83 -3.41
CA ASP J 70 11.60 -34.59 -3.30
C ASP J 70 13.01 -34.84 -2.76
N ILE J 71 13.34 -36.09 -2.45
CA ILE J 71 14.62 -36.40 -1.82
C ILE J 71 15.53 -37.25 -2.70
N GLY J 72 15.01 -38.35 -3.21
CA GLY J 72 15.78 -39.26 -4.04
C GLY J 72 15.81 -40.64 -3.45
N TYR J 73 16.94 -41.32 -3.64
CA TYR J 73 17.09 -42.70 -3.18
C TYR J 73 17.50 -42.75 -1.72
N SER J 74 16.71 -43.45 -0.90
CA SER J 74 16.97 -43.62 0.53
C SER J 74 17.34 -45.06 0.85
N PHE J 75 18.60 -45.28 1.24
CA PHE J 75 19.11 -46.62 1.53
C PHE J 75 19.19 -46.82 3.04
N THR J 76 18.65 -47.95 3.52
CA THR J 76 18.60 -48.22 4.96
C THR J 76 18.98 -49.67 5.21
N VAL J 77 19.87 -49.87 6.19
CA VAL J 77 20.30 -51.20 6.59
C VAL J 77 20.29 -51.34 8.11
N GLY J 78 19.66 -52.39 8.63
CA GLY J 78 19.69 -52.55 10.06
C GLY J 78 18.90 -51.45 10.71
N GLY J 79 18.01 -50.85 9.94
CA GLY J 79 17.13 -49.80 10.44
C GLY J 79 17.74 -48.43 10.36
N SER J 80 19.06 -48.32 10.28
CA SER J 80 19.60 -46.99 10.09
C SER J 80 19.46 -46.58 8.62
N GLU J 81 19.28 -45.27 8.41
CA GLU J 81 18.92 -44.80 7.09
C GLU J 81 20.02 -43.94 6.50
N ILE J 82 20.04 -43.84 5.17
CA ILE J 82 20.84 -42.85 4.46
C ILE J 82 20.20 -42.59 3.10
N LEU J 83 20.23 -41.30 2.74
CA LEU J 83 19.57 -40.77 1.56
C LEU J 83 20.63 -40.32 0.57
N PHE J 84 20.37 -40.58 -0.70
CA PHE J 84 21.18 -40.06 -1.81
C PHE J 84 20.32 -39.09 -2.60
N GLU J 85 20.79 -37.85 -2.70
CA GLU J 85 19.98 -36.77 -3.25
C GLU J 85 19.83 -36.94 -4.76
N VAL J 86 18.69 -36.48 -5.27
CA VAL J 86 18.40 -36.45 -6.71
C VAL J 86 17.59 -35.19 -7.05
N PRO J 87 18.24 -34.16 -7.58
CA PRO J 87 17.58 -32.86 -7.84
C PRO J 87 16.40 -32.86 -8.81
N GLU J 88 16.59 -33.42 -10.02
CA GLU J 88 15.56 -33.49 -11.04
C GLU J 88 15.42 -34.93 -11.49
N VAL J 89 14.20 -35.33 -11.85
CA VAL J 89 13.99 -36.70 -12.22
C VAL J 89 13.50 -36.80 -13.66
N THR J 90 14.26 -37.53 -14.48
CA THR J 90 13.95 -37.91 -15.85
C THR J 90 12.93 -39.06 -15.87
N VAL J 91 12.22 -39.19 -16.98
CA VAL J 91 11.26 -40.27 -17.21
C VAL J 91 11.97 -41.38 -17.99
N ALA J 92 12.65 -42.30 -17.30
CA ALA J 92 13.30 -43.35 -18.08
C ALA J 92 13.71 -44.57 -17.25
N PRO J 93 13.96 -45.73 -17.89
CA PRO J 93 14.46 -46.88 -17.13
C PRO J 93 15.79 -46.58 -16.46
N VAL J 94 15.98 -47.13 -15.25
CA VAL J 94 17.18 -46.86 -14.46
C VAL J 94 17.76 -48.16 -13.92
N HIS J 95 19.08 -48.29 -14.00
CA HIS J 95 19.82 -49.41 -13.43
C HIS J 95 20.51 -48.93 -12.16
N ILE J 96 20.48 -49.73 -11.10
CA ILE J 96 21.13 -49.36 -9.84
C ILE J 96 21.83 -50.58 -9.25
N CYS J 97 23.06 -50.34 -8.79
CA CYS J 97 23.84 -51.32 -8.05
C CYS J 97 24.29 -50.71 -6.74
N THR J 98 24.10 -51.44 -5.65
CA THR J 98 24.44 -50.92 -4.33
C THR J 98 25.19 -51.97 -3.53
N SER J 99 26.28 -51.54 -2.89
CA SER J 99 27.12 -52.47 -2.14
C SER J 99 27.31 -51.95 -0.72
N TRP J 100 27.34 -52.88 0.24
CA TRP J 100 27.62 -52.55 1.63
C TRP J 100 28.51 -53.64 2.22
N GLU J 101 29.45 -53.23 3.09
CA GLU J 101 30.40 -54.16 3.68
C GLU J 101 30.38 -53.98 5.19
N SER J 102 30.24 -55.08 5.94
CA SER J 102 30.10 -54.96 7.39
C SER J 102 31.43 -54.64 8.08
N ALA J 103 32.53 -55.23 7.60
CA ALA J 103 33.81 -55.07 8.27
C ALA J 103 34.26 -53.61 8.31
N SER J 104 33.90 -52.82 7.29
CA SER J 104 34.48 -51.49 7.12
C SER J 104 33.38 -50.42 7.06
N GLY J 105 32.18 -50.80 6.63
CA GLY J 105 31.02 -49.94 6.69
C GLY J 105 30.74 -49.04 5.50
N ILE J 106 31.51 -49.13 4.41
CA ILE J 106 31.23 -48.26 3.27
C ILE J 106 30.06 -48.79 2.45
N VAL J 107 29.29 -47.85 1.90
CA VAL J 107 28.23 -48.14 0.95
C VAL J 107 28.59 -47.44 -0.36
N GLU J 108 28.60 -48.20 -1.45
CA GLU J 108 28.81 -47.67 -2.79
C GLU J 108 27.50 -47.69 -3.56
N PHE J 109 27.12 -46.55 -4.13
CA PHE J 109 25.86 -46.40 -4.86
C PHE J 109 26.06 -46.05 -6.34
N TRP J 110 25.85 -47.01 -7.23
CA TRP J 110 26.03 -46.82 -8.66
C TRP J 110 24.64 -46.64 -9.28
N VAL J 111 24.43 -45.50 -9.93
CA VAL J 111 23.19 -45.26 -10.67
C VAL J 111 23.59 -44.97 -12.11
N ASP J 112 22.91 -45.62 -13.06
CA ASP J 112 23.22 -45.49 -14.48
C ASP J 112 24.73 -45.50 -14.67
N GLY J 113 25.39 -46.41 -13.97
CA GLY J 113 26.81 -46.59 -14.10
C GLY J 113 27.64 -45.49 -13.47
N LYS J 114 27.03 -44.39 -13.03
CA LYS J 114 27.78 -43.28 -12.47
C LYS J 114 27.82 -43.38 -10.94
N PRO J 115 29.00 -43.50 -10.34
CA PRO J 115 29.10 -43.78 -8.91
C PRO J 115 28.92 -42.57 -8.01
N ARG J 116 28.05 -42.73 -7.00
CA ARG J 116 27.86 -41.73 -5.96
C ARG J 116 29.00 -41.86 -4.93
N VAL J 117 29.19 -40.80 -4.14
CA VAL J 117 30.26 -40.79 -3.14
C VAL J 117 30.09 -41.97 -2.19
N ARG J 118 31.21 -42.54 -1.77
CA ARG J 118 31.17 -43.57 -0.73
C ARG J 118 30.86 -42.97 0.63
N LYS J 119 30.09 -43.72 1.44
CA LYS J 119 29.70 -43.26 2.77
C LYS J 119 29.71 -44.46 3.70
N SER J 120 29.84 -44.20 5.01
CA SER J 120 29.86 -45.21 6.06
C SER J 120 28.48 -45.41 6.68
N LEU J 121 28.21 -46.66 7.06
CA LEU J 121 26.91 -47.00 7.60
C LEU J 121 26.84 -48.35 8.27
N LYS J 122 26.38 -48.37 9.51
CA LYS J 122 26.22 -49.61 10.24
C LYS J 122 27.51 -50.39 10.42
N LYS J 123 28.53 -49.84 11.12
CA LYS J 123 29.72 -50.68 11.20
C LYS J 123 29.61 -51.71 12.32
N GLY J 124 29.98 -52.94 12.01
CA GLY J 124 30.00 -54.04 12.96
C GLY J 124 28.77 -54.92 13.01
N TYR J 125 27.74 -54.63 12.23
CA TYR J 125 26.52 -55.42 12.26
C TYR J 125 26.64 -56.69 11.42
N THR J 126 25.68 -57.60 11.61
CA THR J 126 25.52 -58.81 10.83
C THR J 126 24.07 -58.96 10.42
N VAL J 127 23.85 -59.36 9.17
CA VAL J 127 22.51 -59.57 8.64
C VAL J 127 22.12 -61.02 8.79
N GLY J 128 20.91 -61.26 9.29
CA GLY J 128 20.41 -62.62 9.43
C GLY J 128 20.09 -63.23 8.09
N ALA J 129 20.26 -64.55 7.99
CA ALA J 129 19.98 -65.19 6.70
C ALA J 129 18.50 -65.50 6.55
N GLU J 130 17.84 -65.94 7.62
CA GLU J 130 16.40 -66.13 7.57
C GLU J 130 15.76 -64.82 7.15
N ALA J 131 15.00 -64.83 6.05
CA ALA J 131 14.46 -63.56 5.59
C ALA J 131 13.49 -63.80 4.44
N SER J 132 12.57 -62.86 4.29
CA SER J 132 11.60 -62.84 3.21
C SER J 132 11.86 -61.63 2.33
N ILE J 133 11.97 -61.85 1.03
CA ILE J 133 12.16 -60.79 0.05
C ILE J 133 10.90 -60.66 -0.76
N ILE J 134 10.37 -59.45 -0.84
CA ILE J 134 9.12 -59.16 -1.54
C ILE J 134 9.34 -57.99 -2.47
N LEU J 135 8.57 -57.94 -3.55
CA LEU J 135 8.64 -56.85 -4.51
C LEU J 135 7.22 -56.35 -4.78
N GLY J 136 7.14 -55.04 -5.01
CA GLY J 136 5.91 -54.33 -5.28
C GLY J 136 5.16 -53.87 -4.04
N GLN J 137 5.64 -54.24 -2.84
CA GLN J 137 5.00 -53.82 -1.60
C GLN J 137 6.09 -53.54 -0.58
N GLU J 138 5.82 -52.64 0.37
CA GLU J 138 6.75 -52.34 1.46
C GLU J 138 6.35 -53.23 2.61
N GLN J 139 7.29 -53.72 3.42
CA GLN J 139 6.97 -54.71 4.43
C GLN J 139 7.15 -54.09 5.81
N ASP J 140 6.08 -54.14 6.58
CA ASP J 140 6.01 -53.73 7.98
C ASP J 140 5.73 -54.92 8.86
N SER J 141 5.61 -56.08 8.25
CA SER J 141 5.44 -57.36 8.91
C SER J 141 6.03 -58.43 8.00
N PHE J 142 6.27 -59.60 8.57
CA PHE J 142 7.01 -60.62 7.85
C PHE J 142 6.13 -61.38 6.87
N GLY J 143 4.81 -61.24 6.99
CA GLY J 143 3.94 -61.93 6.08
C GLY J 143 2.67 -61.15 5.77
N GLY J 144 2.72 -59.83 5.92
CA GLY J 144 1.58 -58.99 5.63
C GLY J 144 1.81 -57.56 6.02
N ASN J 145 0.75 -56.77 6.14
CA ASN J 145 0.87 -55.37 6.57
C ASN J 145 1.50 -54.32 5.66
N PHE J 146 1.14 -54.32 4.39
CA PHE J 146 1.68 -53.35 3.45
C PHE J 146 0.78 -52.13 3.28
N GLU J 147 1.18 -51.15 2.48
CA GLU J 147 0.42 -49.92 2.30
C GLU J 147 0.20 -49.66 0.82
N GLY J 148 -0.91 -48.99 0.51
CA GLY J 148 -1.24 -48.64 -0.86
C GLY J 148 -0.46 -47.44 -1.38
N SER J 149 -0.26 -46.44 -0.52
CA SER J 149 0.54 -45.27 -0.91
C SER J 149 2.00 -45.63 -1.19
N GLN J 150 2.43 -46.82 -0.79
CA GLN J 150 3.82 -47.22 -0.97
C GLN J 150 4.01 -48.30 -2.03
N SER J 151 2.94 -48.97 -2.44
CA SER J 151 3.05 -49.97 -3.50
C SER J 151 3.46 -49.33 -4.83
N LEU J 152 4.36 -50.00 -5.52
CA LEU J 152 4.98 -49.49 -6.75
C LEU J 152 4.18 -49.95 -7.97
N VAL J 153 3.94 -49.01 -8.88
CA VAL J 153 3.33 -49.29 -10.18
C VAL J 153 4.41 -49.18 -11.24
N GLY J 154 4.70 -50.27 -11.92
CA GLY J 154 5.71 -50.24 -12.97
C GLY J 154 6.36 -51.61 -13.14
N ASP J 155 7.59 -51.57 -13.65
CA ASP J 155 8.27 -52.76 -14.14
C ASP J 155 9.66 -52.88 -13.54
N ILE J 156 10.06 -54.12 -13.29
CA ILE J 156 11.35 -54.38 -12.67
C ILE J 156 11.91 -55.68 -13.20
N GLY J 157 13.23 -55.78 -13.24
CA GLY J 157 13.90 -57.00 -13.65
C GLY J 157 15.36 -56.97 -13.26
N ASN J 158 16.06 -58.00 -13.75
CA ASN J 158 17.50 -58.18 -13.54
C ASN J 158 17.88 -58.23 -12.06
N VAL J 159 16.97 -58.70 -11.21
CA VAL J 159 17.19 -58.68 -9.77
C VAL J 159 18.27 -59.68 -9.40
N ASN J 160 19.39 -59.19 -8.89
CA ASN J 160 20.63 -59.95 -8.75
C ASN J 160 21.30 -59.50 -7.47
N MET J 161 21.79 -60.45 -6.67
CA MET J 161 22.41 -60.05 -5.41
C MET J 161 23.36 -61.10 -4.86
N TRP J 162 24.60 -60.69 -4.72
CA TRP J 162 25.72 -61.56 -4.39
C TRP J 162 25.83 -61.61 -2.86
N ASP J 163 26.95 -62.13 -2.36
CA ASP J 163 27.25 -62.10 -0.92
C ASP J 163 28.59 -61.41 -0.65
N PHE J 164 29.09 -60.64 -1.62
CA PHE J 164 30.32 -59.88 -1.41
C PHE J 164 30.33 -58.68 -2.36
N VAL J 165 31.24 -57.75 -2.12
CA VAL J 165 31.29 -56.48 -2.82
C VAL J 165 31.98 -56.70 -4.17
N LEU J 166 31.29 -56.35 -5.24
CA LEU J 166 31.85 -56.37 -6.58
C LEU J 166 32.84 -55.22 -6.74
N SER J 167 33.85 -55.42 -7.59
CA SER J 167 34.76 -54.34 -7.93
C SER J 167 34.15 -53.45 -9.01
N PRO J 168 34.67 -52.22 -9.17
CA PRO J 168 34.07 -51.30 -10.15
C PRO J 168 34.02 -51.88 -11.55
N ASP J 169 35.03 -52.65 -11.93
CA ASP J 169 35.04 -53.28 -13.24
C ASP J 169 33.86 -54.23 -13.38
N GLU J 170 33.61 -55.05 -12.36
CA GLU J 170 32.51 -55.99 -12.43
C GLU J 170 31.18 -55.27 -12.59
N ILE J 171 30.98 -54.18 -11.85
CA ILE J 171 29.73 -53.42 -11.99
C ILE J 171 29.63 -52.85 -13.40
N ASN J 172 30.74 -52.37 -13.95
CA ASN J 172 30.72 -51.90 -15.33
C ASN J 172 30.29 -53.02 -16.27
N THR J 173 30.80 -54.23 -16.06
CA THR J 173 30.37 -55.36 -16.87
C THR J 173 28.86 -55.56 -16.74
N ILE J 174 28.35 -55.51 -15.52
CA ILE J 174 26.91 -55.64 -15.30
C ILE J 174 26.14 -54.63 -16.13
N TYR J 175 26.59 -53.36 -16.15
CA TYR J 175 25.81 -52.38 -16.91
C TYR J 175 25.85 -52.67 -18.40
N LEU J 176 26.87 -53.38 -18.88
CA LEU J 176 26.95 -53.77 -20.28
C LEU J 176 26.09 -54.97 -20.61
N GLY J 177 25.74 -55.80 -19.62
CA GLY J 177 24.96 -56.99 -19.84
C GLY J 177 25.77 -58.23 -20.16
N GLY J 178 27.05 -58.26 -19.81
CA GLY J 178 27.88 -59.41 -20.08
C GLY J 178 27.58 -60.56 -19.13
N PRO J 179 28.25 -61.69 -19.32
CA PRO J 179 28.09 -62.82 -18.39
C PRO J 179 28.60 -62.52 -16.99
N PHE J 180 27.85 -63.01 -16.01
CA PHE J 180 28.21 -62.92 -14.60
C PHE J 180 27.48 -64.04 -13.88
N SER J 181 27.97 -64.38 -12.69
CA SER J 181 27.50 -65.57 -11.98
C SER J 181 27.01 -65.17 -10.60
N PRO J 182 25.73 -64.80 -10.47
CA PRO J 182 25.17 -64.55 -9.13
C PRO J 182 25.07 -65.81 -8.26
N ASN J 183 25.16 -65.61 -6.96
CA ASN J 183 25.37 -66.68 -6.00
C ASN J 183 24.17 -66.89 -5.09
N VAL J 184 23.46 -65.82 -4.69
CA VAL J 184 22.37 -65.91 -3.74
C VAL J 184 21.07 -65.71 -4.50
N LEU J 185 20.96 -64.64 -5.28
CA LEU J 185 19.76 -64.44 -6.09
C LEU J 185 20.18 -64.39 -7.55
N ASN J 186 19.57 -65.27 -8.35
CA ASN J 186 19.89 -65.42 -9.76
C ASN J 186 18.65 -65.10 -10.59
N TRP J 187 18.74 -64.06 -11.43
CA TRP J 187 17.71 -63.85 -12.43
C TRP J 187 17.57 -65.07 -13.34
N ARG J 188 18.67 -65.66 -13.77
CA ARG J 188 18.63 -66.76 -14.72
C ARG J 188 18.18 -68.09 -14.12
N ALA J 189 18.13 -68.22 -12.80
CA ALA J 189 17.71 -69.46 -12.17
C ALA J 189 16.73 -69.19 -11.04
N LEU J 190 15.86 -68.21 -11.23
CA LEU J 190 15.12 -67.67 -10.10
C LEU J 190 13.94 -68.57 -9.73
N LYS J 191 13.50 -68.44 -8.48
CA LYS J 191 12.26 -69.06 -8.00
C LYS J 191 11.44 -67.93 -7.40
N TYR J 192 10.13 -68.02 -7.51
CA TYR J 192 9.28 -66.92 -7.06
C TYR J 192 7.84 -67.39 -6.92
N GLU J 193 7.02 -66.56 -6.29
CA GLU J 193 5.59 -66.76 -6.25
C GLU J 193 4.89 -65.42 -6.38
N VAL J 194 3.87 -65.39 -7.23
CA VAL J 194 3.15 -64.17 -7.57
C VAL J 194 1.77 -64.16 -6.93
N GLN J 195 1.33 -62.97 -6.51
CA GLN J 195 0.04 -62.77 -5.87
C GLN J 195 -0.59 -61.52 -6.46
N GLY J 196 -1.87 -61.66 -6.82
CA GLY J 196 -2.64 -60.55 -7.36
C GLY J 196 -2.34 -60.21 -8.81
N GLU J 197 -2.58 -58.95 -9.15
CA GLU J 197 -2.41 -58.46 -10.52
C GLU J 197 -0.92 -58.23 -10.78
N VAL J 198 -0.25 -59.24 -11.29
CA VAL J 198 1.12 -59.12 -11.77
C VAL J 198 1.28 -60.04 -12.97
N PHE J 199 2.14 -59.68 -13.90
CA PHE J 199 2.22 -60.36 -15.18
C PHE J 199 3.67 -60.48 -15.61
N THR J 200 3.92 -61.34 -16.59
CA THR J 200 5.25 -61.50 -17.15
C THR J 200 5.17 -61.04 -18.60
N LYS J 201 6.10 -60.19 -19.00
CA LYS J 201 6.09 -59.61 -20.34
C LYS J 201 7.52 -59.44 -20.81
N PRO J 202 7.73 -59.29 -22.12
CA PRO J 202 9.07 -58.91 -22.59
C PRO J 202 9.48 -57.58 -21.98
N GLN J 203 10.77 -57.46 -21.69
CA GLN J 203 11.28 -56.22 -21.11
C GLN J 203 11.16 -55.06 -22.08
N LEU J 204 10.98 -53.86 -21.54
CA LEU J 204 10.93 -52.66 -22.36
C LEU J 204 12.34 -52.08 -22.56
N TRP J 205 13.11 -51.97 -21.49
CA TRP J 205 14.44 -51.40 -21.59
C TRP J 205 15.29 -52.22 -22.55
N PRO J 206 16.31 -51.61 -23.16
CA PRO J 206 17.24 -52.36 -24.02
C PRO J 206 17.81 -53.60 -23.34
N GLU K 3 -31.08 4.06 -1.38
CA GLU K 3 -29.76 4.15 -0.79
C GLU K 3 -29.40 2.85 -0.08
N VAL K 4 -30.40 2.11 0.37
CA VAL K 4 -30.15 0.85 1.06
C VAL K 4 -30.22 -0.29 0.07
N GLN K 5 -29.23 -1.19 0.14
CA GLN K 5 -29.19 -2.39 -0.70
C GLN K 5 -29.64 -3.59 0.12
N LEU K 6 -30.63 -4.31 -0.37
CA LEU K 6 -31.27 -5.39 0.37
C LEU K 6 -30.86 -6.74 -0.19
N VAL K 7 -30.45 -7.64 0.69
CA VAL K 7 -30.12 -9.02 0.31
C VAL K 7 -30.80 -9.95 1.30
N GLU K 8 -31.04 -11.18 0.88
CA GLU K 8 -31.72 -12.16 1.71
C GLU K 8 -30.98 -13.48 1.68
N SER K 9 -31.24 -14.28 2.71
CA SER K 9 -30.61 -15.59 2.80
C SER K 9 -31.47 -16.50 3.65
N GLY K 10 -31.12 -17.77 3.68
CA GLY K 10 -31.84 -18.76 4.45
C GLY K 10 -32.81 -19.61 3.64
N GLY K 11 -32.87 -19.43 2.33
CA GLY K 11 -33.76 -20.21 1.49
C GLY K 11 -33.25 -21.64 1.31
N GLY K 12 -34.15 -22.47 0.80
CA GLY K 12 -33.82 -23.86 0.57
C GLY K 12 -35.07 -24.72 0.58
N LEU K 13 -34.77 -26.06 0.63
CA LEU K 13 -35.83 -27.02 0.68
C LEU K 13 -35.89 -27.62 2.06
N VAL K 14 -37.11 -27.87 2.52
CA VAL K 14 -37.30 -28.45 3.84
C VAL K 14 -38.55 -29.31 3.85
N GLN K 15 -38.62 -30.25 4.78
CA GLN K 15 -39.79 -31.10 4.90
C GLN K 15 -40.98 -30.30 5.44
N THR K 16 -42.18 -30.81 5.18
CA THR K 16 -43.38 -30.15 5.67
C THR K 16 -43.35 -30.02 7.18
N GLY K 17 -43.80 -28.88 7.68
CA GLY K 17 -43.79 -28.63 9.11
C GLY K 17 -42.43 -28.35 9.70
N GLY K 18 -41.48 -27.90 8.88
CA GLY K 18 -40.15 -27.58 9.35
C GLY K 18 -40.03 -26.17 9.87
N SER K 19 -38.80 -25.67 9.88
CA SER K 19 -38.57 -24.31 10.34
C SER K 19 -37.56 -23.62 9.45
N LEU K 20 -37.63 -22.31 9.36
CA LEU K 20 -36.75 -21.52 8.52
C LEU K 20 -36.63 -20.12 9.11
N ARG K 21 -35.45 -19.78 9.60
CA ARG K 21 -35.19 -18.46 10.18
C ARG K 21 -34.50 -17.58 9.14
N LEU K 22 -35.26 -17.21 8.12
CA LEU K 22 -34.69 -16.46 7.01
C LEU K 22 -34.23 -15.09 7.49
N SER K 23 -33.14 -14.63 6.89
CA SER K 23 -32.60 -13.34 7.27
C SER K 23 -32.47 -12.41 6.09
N CYS K 24 -32.28 -11.15 6.37
CA CYS K 24 -32.12 -10.12 5.34
C CYS K 24 -31.15 -9.07 5.83
N ALA K 25 -30.15 -8.77 5.01
CA ALA K 25 -29.14 -7.77 5.32
C ALA K 25 -29.39 -6.51 4.51
N ALA K 26 -29.19 -5.36 5.16
CA ALA K 26 -29.41 -4.06 4.54
C ALA K 26 -28.12 -3.26 4.59
N SER K 27 -27.73 -2.71 3.44
CA SER K 27 -26.55 -1.87 3.32
C SER K 27 -26.97 -0.41 3.26
N GLY K 28 -26.42 0.40 4.16
CA GLY K 28 -26.79 1.78 4.31
C GLY K 28 -26.92 2.17 5.77
N ARG K 29 -27.21 3.44 6.03
CA ARG K 29 -27.35 3.93 7.41
C ARG K 29 -28.79 4.30 7.75
N THR K 30 -29.73 4.03 6.86
CA THR K 30 -31.15 4.34 7.09
C THR K 30 -31.95 3.11 7.49
N PHE K 31 -31.29 2.00 7.82
CA PHE K 31 -32.02 0.79 8.17
C PHE K 31 -33.04 1.06 9.27
N ASN K 32 -32.60 1.72 10.34
CA ASN K 32 -33.51 2.06 11.44
C ASN K 32 -34.42 3.23 11.10
N ARG K 33 -34.37 3.73 9.86
CA ARG K 33 -35.29 4.77 9.40
C ARG K 33 -36.31 4.24 8.40
N HIS K 34 -36.29 2.95 8.11
CA HIS K 34 -37.25 2.34 7.19
C HIS K 34 -37.96 1.19 7.86
N TYR K 35 -39.21 0.95 7.45
CA TYR K 35 -39.97 -0.20 7.89
C TYR K 35 -39.79 -1.31 6.86
N MET K 36 -39.33 -2.47 7.33
CA MET K 36 -38.99 -3.56 6.44
C MET K 36 -40.22 -4.39 6.11
N GLY K 37 -40.09 -5.25 5.11
CA GLY K 37 -41.18 -6.16 4.79
C GLY K 37 -40.72 -7.32 3.96
N TRP K 38 -41.50 -8.40 4.02
CA TRP K 38 -41.27 -9.61 3.23
C TRP K 38 -42.44 -9.81 2.28
N PHE K 39 -42.12 -10.01 1.00
CA PHE K 39 -43.08 -10.20 -0.07
C PHE K 39 -42.89 -11.57 -0.68
N ARG K 40 -43.96 -12.16 -1.18
CA ARG K 40 -43.83 -13.42 -1.84
C ARG K 40 -44.01 -13.22 -3.31
N GLN K 41 -43.56 -14.16 -4.09
CA GLN K 41 -43.73 -14.15 -5.54
C GLN K 41 -43.64 -15.57 -6.11
N VAL K 42 -44.51 -15.91 -7.05
CA VAL K 42 -44.58 -17.24 -7.64
C VAL K 42 -44.45 -17.11 -9.15
N PRO K 43 -43.90 -18.11 -9.85
CA PRO K 43 -43.81 -18.01 -11.31
C PRO K 43 -45.18 -17.86 -11.94
N GLY K 44 -45.24 -17.04 -12.99
CA GLY K 44 -46.49 -16.78 -13.67
C GLY K 44 -47.52 -16.03 -12.86
N LYS K 45 -47.08 -15.04 -12.08
CA LYS K 45 -47.97 -14.19 -11.30
C LYS K 45 -47.14 -13.06 -10.70
N GLU K 46 -47.81 -12.21 -9.94
CA GLU K 46 -47.14 -11.07 -9.34
C GLU K 46 -46.73 -11.36 -7.90
N ARG K 47 -46.11 -10.38 -7.27
CA ARG K 47 -45.64 -10.54 -5.90
C ARG K 47 -46.79 -10.44 -4.92
N GLU K 48 -46.70 -11.21 -3.84
CA GLU K 48 -47.72 -11.24 -2.78
C GLU K 48 -47.13 -10.73 -1.48
N PHE K 49 -47.93 -9.96 -0.74
CA PHE K 49 -47.48 -9.49 0.57
C PHE K 49 -47.36 -10.66 1.54
N VAL K 50 -46.36 -10.58 2.42
CA VAL K 50 -46.15 -11.61 3.43
C VAL K 50 -46.24 -10.97 4.81
N ALA K 51 -45.37 -9.99 5.08
CA ALA K 51 -45.36 -9.36 6.39
C ALA K 51 -44.66 -8.01 6.30
N SER K 52 -44.85 -7.21 7.36
CA SER K 52 -44.23 -5.90 7.41
C SER K 52 -43.90 -5.57 8.86
N ILE K 53 -42.89 -4.74 9.09
CA ILE K 53 -42.46 -4.37 10.44
C ILE K 53 -41.99 -2.93 10.42
N SER K 54 -42.26 -2.21 11.51
CA SER K 54 -41.92 -0.81 11.65
C SER K 54 -40.42 -0.62 11.76
N GLN K 55 -39.99 0.64 11.64
CA GLN K 55 -38.57 0.96 11.83
C GLN K 55 -38.14 0.64 13.25
N THR K 56 -38.94 1.04 14.24
CA THR K 56 -38.60 0.72 15.62
C THR K 56 -38.76 -0.77 15.87
N GLY K 57 -39.80 -1.36 15.29
CA GLY K 57 -40.05 -2.78 15.45
C GLY K 57 -41.11 -3.13 16.48
N LEU K 58 -41.60 -2.16 17.25
CA LEU K 58 -42.64 -2.44 18.23
C LEU K 58 -44.01 -2.63 17.61
N ASN K 59 -44.22 -2.16 16.37
CA ASN K 59 -45.47 -2.33 15.66
C ASN K 59 -45.20 -3.12 14.39
N LYS K 60 -45.89 -4.23 14.20
CA LYS K 60 -45.71 -5.01 12.99
C LYS K 60 -47.02 -5.26 12.28
N ASP K 61 -47.01 -6.18 11.34
CA ASP K 61 -48.22 -6.49 10.57
C ASP K 61 -48.02 -7.83 9.88
N TYR K 62 -48.82 -8.81 10.24
CA TYR K 62 -48.75 -10.15 9.68
C TYR K 62 -49.97 -10.41 8.79
N VAL K 63 -49.76 -11.14 7.70
CA VAL K 63 -50.88 -11.55 6.87
C VAL K 63 -51.75 -12.54 7.65
N ASP K 64 -52.99 -12.70 7.19
CA ASP K 64 -53.94 -13.54 7.92
C ASP K 64 -53.42 -14.96 8.07
N SER K 65 -52.98 -15.57 6.97
CA SER K 65 -52.49 -16.94 7.03
C SER K 65 -51.24 -17.05 7.89
N ALA K 66 -50.31 -16.12 7.73
CA ALA K 66 -49.05 -16.18 8.47
C ALA K 66 -49.23 -15.86 9.94
N LYS K 67 -50.36 -15.30 10.34
CA LYS K 67 -50.56 -14.90 11.73
C LYS K 67 -50.43 -16.12 12.65
N GLY K 68 -49.67 -15.95 13.72
CA GLY K 68 -49.47 -17.01 14.69
C GLY K 68 -48.48 -18.06 14.25
N ARG K 69 -48.30 -18.20 12.94
CA ARG K 69 -47.38 -19.18 12.38
C ARG K 69 -46.02 -18.59 12.03
N PHE K 70 -45.99 -17.35 11.55
CA PHE K 70 -44.75 -16.69 11.18
C PHE K 70 -44.52 -15.47 12.06
N THR K 71 -43.23 -15.15 12.22
CA THR K 71 -42.85 -14.01 13.04
C THR K 71 -41.86 -13.13 12.29
N ILE K 72 -41.89 -11.83 12.55
CA ILE K 72 -41.02 -10.87 11.90
C ILE K 72 -40.32 -10.06 12.96
N SER K 73 -39.02 -9.81 12.76
CA SER K 73 -38.24 -9.07 13.73
C SER K 73 -37.13 -8.31 13.00
N ARG K 74 -36.51 -7.39 13.73
CA ARG K 74 -35.42 -6.64 13.15
C ARG K 74 -34.48 -6.16 14.25
N ASP K 75 -33.26 -5.82 13.89
CA ASP K 75 -32.26 -5.35 14.84
C ASP K 75 -31.41 -4.28 14.17
N ASN K 76 -31.42 -3.08 14.72
CA ASN K 76 -30.66 -1.99 14.13
C ASN K 76 -29.16 -2.11 14.45
N ALA K 77 -28.83 -2.68 15.60
CA ALA K 77 -27.42 -2.82 15.96
C ALA K 77 -26.61 -3.38 14.78
N GLU K 78 -26.99 -4.55 14.30
CA GLU K 78 -26.44 -5.11 13.07
C GLU K 78 -27.32 -4.81 11.87
N ASN K 79 -28.32 -3.95 12.03
CA ASN K 79 -29.24 -3.49 10.99
C ASN K 79 -29.55 -4.62 10.00
N THR K 80 -30.15 -5.69 10.52
CA THR K 80 -30.67 -6.77 9.71
C THR K 80 -32.06 -7.18 10.21
N VAL K 81 -32.85 -7.72 9.29
CA VAL K 81 -34.21 -8.16 9.58
C VAL K 81 -34.26 -9.68 9.48
N TYR K 82 -35.30 -10.24 10.12
CA TYR K 82 -35.48 -11.67 10.13
C TYR K 82 -36.93 -12.11 10.10
N LEU K 83 -37.23 -13.14 9.33
CA LEU K 83 -38.56 -13.73 9.27
C LEU K 83 -38.45 -15.19 9.66
N GLN K 84 -39.13 -15.59 10.73
CA GLN K 84 -39.11 -16.95 11.22
C GLN K 84 -40.41 -17.65 10.80
N MET K 85 -40.29 -18.76 10.10
CA MET K 85 -41.42 -19.53 9.61
C MET K 85 -41.37 -20.93 10.22
N ASN K 86 -42.51 -21.39 10.74
CA ASN K 86 -42.59 -22.69 11.38
C ASN K 86 -43.78 -23.46 10.81
N ASN K 87 -43.64 -24.78 10.77
CA ASN K 87 -44.67 -25.68 10.26
C ASN K 87 -45.05 -25.30 8.82
N LEU K 88 -44.16 -25.35 7.94
CA LEU K 88 -44.46 -24.99 6.57
C LEU K 88 -45.09 -26.14 5.81
N LYS K 89 -45.65 -25.88 4.70
CA LYS K 89 -46.44 -26.81 3.90
C LYS K 89 -46.00 -26.75 2.45
N PRO K 90 -46.59 -27.55 1.57
CA PRO K 90 -46.17 -27.50 0.15
C PRO K 90 -46.51 -26.19 -0.54
N GLU K 91 -47.73 -25.69 -0.36
CA GLU K 91 -48.17 -24.49 -1.05
C GLU K 91 -47.20 -23.33 -0.90
N ASP K 92 -46.84 -23.01 0.34
CA ASP K 92 -45.95 -21.90 0.62
C ASP K 92 -44.54 -22.29 0.18
N THR K 93 -44.32 -22.19 -1.13
CA THR K 93 -43.04 -22.55 -1.74
C THR K 93 -42.86 -21.63 -2.96
N ALA K 94 -42.07 -20.59 -2.80
CA ALA K 94 -41.96 -19.54 -3.82
C ALA K 94 -40.73 -18.69 -3.50
N LEU K 95 -40.61 -17.56 -4.20
CA LEU K 95 -39.54 -16.62 -3.96
C LEU K 95 -39.97 -15.61 -2.91
N TYR K 96 -39.11 -15.38 -1.92
CA TYR K 96 -39.36 -14.40 -0.86
C TYR K 96 -38.38 -13.26 -1.03
N TYR K 97 -38.93 -12.04 -1.00
CA TYR K 97 -38.11 -10.86 -1.19
C TYR K 97 -38.19 -9.92 -0.01
N CYS K 98 -37.05 -9.49 0.49
CA CYS K 98 -36.99 -8.54 1.59
C CYS K 98 -36.88 -7.14 1.00
N ALA K 99 -37.91 -6.34 1.21
CA ALA K 99 -38.00 -5.04 0.56
C ALA K 99 -38.46 -3.98 1.55
N GLY K 100 -38.09 -2.73 1.26
CA GLY K 100 -38.48 -1.61 2.08
C GLY K 100 -38.50 -0.35 1.26
N SER K 101 -38.96 0.73 1.88
CA SER K 101 -39.03 2.04 1.23
C SER K 101 -39.34 3.06 2.32
N GLN K 102 -39.64 4.29 1.89
CA GLN K 102 -40.11 5.35 2.79
C GLN K 102 -39.07 5.62 3.89
N SER K 103 -37.95 6.18 3.49
CA SER K 103 -36.95 6.52 4.48
C SER K 103 -37.62 7.37 5.54
N SER K 104 -38.69 8.00 5.29
CA SER K 104 -39.35 8.85 6.28
C SER K 104 -40.14 8.01 7.28
N TYR K 105 -40.98 8.67 8.08
CA TYR K 105 -41.83 7.92 8.98
C TYR K 105 -43.33 7.82 8.77
N TYR K 106 -43.86 6.59 8.84
CA TYR K 106 -45.29 6.39 8.62
C TYR K 106 -45.84 5.03 9.07
N ASP K 107 -47.05 4.70 8.66
CA ASP K 107 -47.66 3.43 9.01
C ASP K 107 -47.05 2.24 8.25
N LYS K 108 -47.42 0.99 8.66
CA LYS K 108 -47.05 -0.15 7.84
C LYS K 108 -48.18 -0.43 6.87
N PRO K 109 -48.01 -0.20 5.57
CA PRO K 109 -49.08 -0.51 4.61
C PRO K 109 -49.01 -1.94 4.12
N ARG K 110 -49.95 -2.31 3.25
CA ARG K 110 -49.98 -3.66 2.69
C ARG K 110 -49.95 -3.64 1.16
N LEU K 111 -49.74 -2.48 0.56
CA LEU K 111 -49.70 -2.35 -0.89
C LEU K 111 -48.27 -2.58 -1.40
N LEU K 112 -48.14 -2.67 -2.72
CA LEU K 112 -46.84 -2.84 -3.36
C LEU K 112 -46.24 -1.54 -3.87
N THR K 113 -47.07 -0.55 -4.17
CA THR K 113 -46.54 0.68 -4.73
C THR K 113 -45.59 1.36 -3.76
N GLU K 114 -45.98 1.47 -2.49
CA GLU K 114 -45.17 2.20 -1.53
C GLU K 114 -43.76 1.63 -1.44
N TYR K 115 -43.65 0.30 -1.42
CA TYR K 115 -42.33 -0.33 -1.37
C TYR K 115 -41.56 -0.01 -2.65
N ALA K 116 -40.38 0.58 -2.49
CA ALA K 116 -39.54 0.98 -3.61
C ALA K 116 -38.21 0.25 -3.66
N TYR K 117 -37.64 -0.10 -2.52
CA TYR K 117 -36.36 -0.81 -2.47
C TYR K 117 -36.62 -2.29 -2.48
N TRP K 118 -36.14 -2.97 -3.52
CA TRP K 118 -36.42 -4.39 -3.73
C TRP K 118 -35.11 -5.18 -3.83
N GLY K 119 -35.10 -6.36 -3.19
CA GLY K 119 -33.96 -7.24 -3.25
C GLY K 119 -34.06 -8.21 -4.42
N GLN K 120 -33.24 -9.27 -4.34
CA GLN K 120 -33.24 -10.26 -5.40
C GLN K 120 -34.17 -11.43 -5.11
N GLY K 121 -34.42 -11.73 -3.84
CA GLY K 121 -35.28 -12.81 -3.45
C GLY K 121 -34.53 -14.12 -3.29
N THR K 122 -35.19 -15.06 -2.61
CA THR K 122 -34.64 -16.39 -2.37
C THR K 122 -35.74 -17.43 -2.49
N LEU K 123 -35.35 -18.64 -2.89
CA LEU K 123 -36.30 -19.71 -3.15
C LEU K 123 -36.52 -20.53 -1.89
N VAL K 124 -37.78 -20.80 -1.57
CA VAL K 124 -38.15 -21.62 -0.42
C VAL K 124 -39.13 -22.68 -0.89
N THR K 125 -38.76 -23.94 -0.48
CA THR K 125 -39.54 -25.11 -0.90
C THR K 125 -39.82 -26.10 0.22
N VAL K 126 -41.05 -26.70 0.19
CA VAL K 126 -41.38 -27.73 1.17
C VAL K 126 -41.73 -29.00 0.40
N SER K 127 -41.12 -30.10 0.81
CA SER K 127 -41.33 -31.39 0.16
C SER K 127 -42.49 -32.14 0.80
N GLN L 1 -59.39 7.43 46.26
CA GLN L 1 -58.46 8.42 45.66
C GLN L 1 -57.45 8.95 46.67
N THR L 2 -56.23 9.19 46.17
CA THR L 2 -55.14 9.74 46.97
C THR L 2 -54.57 10.92 46.22
N ASP L 3 -53.98 11.86 46.96
CA ASP L 3 -53.29 13.00 46.35
C ASP L 3 -51.80 12.66 46.29
N MET L 4 -51.31 12.45 45.07
CA MET L 4 -49.89 12.25 44.81
C MET L 4 -49.10 13.55 44.71
N SER L 5 -49.70 14.70 45.05
CA SER L 5 -49.01 15.97 44.90
C SER L 5 -47.64 15.95 45.56
N ARG L 6 -46.63 16.40 44.81
CA ARG L 6 -45.25 16.44 45.28
C ARG L 6 -44.69 15.05 45.51
N LYS L 7 -45.20 14.05 44.79
CA LYS L 7 -44.73 12.68 44.92
C LYS L 7 -44.68 12.00 43.56
N ALA L 8 -43.86 10.96 43.48
CA ALA L 8 -43.60 10.24 42.24
C ALA L 8 -43.37 8.78 42.58
N PHE L 9 -43.54 7.93 41.57
CA PHE L 9 -43.22 6.52 41.68
C PHE L 9 -41.74 6.25 41.40
N VAL L 10 -41.16 5.28 42.03
CA VAL L 10 -39.77 4.97 41.83
C VAL L 10 -39.60 3.51 41.41
N PHE L 11 -38.91 3.27 40.35
CA PHE L 11 -38.62 1.93 39.85
C PHE L 11 -37.11 1.88 39.97
N PRO L 12 -36.58 1.38 41.10
CA PRO L 12 -35.12 1.43 41.30
C PRO L 12 -34.26 0.34 40.63
N LYS L 13 -34.87 -0.57 39.87
CA LYS L 13 -34.10 -1.62 39.20
C LYS L 13 -34.82 -2.07 37.95
N GLU L 14 -34.03 -2.61 37.02
CA GLU L 14 -34.55 -3.17 35.78
C GLU L 14 -35.12 -4.56 36.04
N SER L 15 -36.42 -4.72 35.83
CA SER L 15 -37.12 -5.96 36.13
C SER L 15 -38.38 -6.03 35.29
N ASP L 16 -38.95 -7.23 35.20
CA ASP L 16 -40.14 -7.49 34.41
C ASP L 16 -41.39 -7.78 35.23
N THR L 17 -41.47 -7.30 36.47
CA THR L 17 -42.61 -7.54 37.33
C THR L 17 -43.03 -6.28 38.09
N SER L 18 -42.11 -5.33 38.28
CA SER L 18 -42.43 -4.07 38.91
C SER L 18 -43.23 -3.20 37.93
N TYR L 19 -44.44 -2.84 38.32
CA TYR L 19 -45.29 -2.02 37.47
C TYR L 19 -46.48 -1.51 38.25
N VAL L 20 -47.08 -0.44 37.74
CA VAL L 20 -48.26 0.16 38.35
C VAL L 20 -49.42 0.07 37.35
N SER L 21 -50.64 -0.09 37.87
CA SER L 21 -51.83 -0.16 37.05
C SER L 21 -52.82 0.90 37.52
N LEU L 22 -53.20 1.79 36.60
CA LEU L 22 -54.11 2.90 36.90
C LEU L 22 -55.53 2.55 36.45
N LYS L 23 -56.51 3.05 37.20
CA LYS L 23 -57.91 2.75 36.92
C LYS L 23 -58.66 4.03 36.55
N ALA L 24 -59.11 4.10 35.31
CA ALA L 24 -59.84 5.24 34.77
C ALA L 24 -61.33 5.06 34.95
N PRO L 25 -62.07 6.14 35.22
CA PRO L 25 -63.53 6.04 35.29
C PRO L 25 -64.23 6.09 33.95
N LEU L 26 -63.48 5.92 32.85
CA LEU L 26 -64.00 6.09 31.50
C LEU L 26 -65.17 5.15 31.23
N THR L 27 -66.16 5.66 30.49
CA THR L 27 -67.26 4.81 30.06
C THR L 27 -67.53 5.00 28.56
N LYS L 28 -67.32 6.23 28.05
CA LYS L 28 -67.55 6.51 26.64
C LYS L 28 -66.22 6.35 25.90
N PRO L 29 -66.21 5.76 24.71
CA PRO L 29 -64.95 5.67 23.97
C PRO L 29 -64.43 7.03 23.57
N LEU L 30 -63.10 7.13 23.50
CA LEU L 30 -62.42 8.39 23.22
C LEU L 30 -62.27 8.66 21.73
N LYS L 31 -62.78 9.82 21.31
CA LYS L 31 -62.47 10.38 20.01
C LYS L 31 -61.30 11.36 20.05
N ALA L 32 -60.77 11.70 21.22
CA ALA L 32 -59.63 12.61 21.33
C ALA L 32 -59.20 12.64 22.79
N PHE L 33 -57.98 13.11 23.04
CA PHE L 33 -57.45 13.22 24.39
C PHE L 33 -56.19 14.05 24.41
N THR L 34 -55.75 14.40 25.62
CA THR L 34 -54.41 14.93 25.86
C THR L 34 -53.83 14.16 27.03
N VAL L 35 -52.54 13.82 26.94
CA VAL L 35 -51.82 13.20 28.05
C VAL L 35 -50.59 14.03 28.36
N CYS L 36 -50.41 14.37 29.65
CA CYS L 36 -49.24 15.10 30.12
C CYS L 36 -48.61 14.35 31.28
N LEU L 37 -47.27 14.36 31.31
CA LEU L 37 -46.57 13.70 32.40
C LEU L 37 -45.15 14.27 32.50
N HIS L 38 -44.50 13.96 33.62
CA HIS L 38 -43.12 14.37 33.80
C HIS L 38 -42.33 13.15 34.22
N PHE L 39 -41.26 12.85 33.50
CA PHE L 39 -40.49 11.66 33.79
C PHE L 39 -38.99 11.98 33.77
N TYR L 40 -38.25 11.16 34.51
CA TYR L 40 -36.79 11.30 34.63
C TYR L 40 -36.21 9.90 34.61
N THR L 41 -35.21 9.70 33.75
CA THR L 41 -34.51 8.42 33.66
C THR L 41 -33.17 8.64 32.98
N GLU L 42 -32.30 7.65 33.11
CA GLU L 42 -30.97 7.66 32.49
C GLU L 42 -30.83 6.61 31.40
N LEU L 43 -31.90 5.86 31.11
CA LEU L 43 -31.81 4.81 30.11
C LEU L 43 -31.70 5.35 28.70
N SER L 44 -31.74 6.67 28.52
CA SER L 44 -31.76 7.24 27.18
C SER L 44 -30.59 6.70 26.36
N SER L 45 -29.42 6.55 26.99
CA SER L 45 -28.23 6.16 26.25
C SER L 45 -28.00 4.66 26.25
N THR L 46 -28.85 3.86 26.91
CA THR L 46 -28.65 2.42 27.00
C THR L 46 -29.60 1.62 26.13
N ARG L 47 -30.91 1.80 26.29
CA ARG L 47 -31.89 1.03 25.54
C ARG L 47 -33.23 1.76 25.55
N GLY L 48 -34.19 1.17 24.83
CA GLY L 48 -35.52 1.74 24.74
C GLY L 48 -36.40 1.39 25.94
N TYR L 49 -37.40 2.23 26.17
CA TYR L 49 -38.28 2.07 27.33
C TYR L 49 -39.61 2.75 27.04
N SER L 50 -40.68 2.12 27.52
CA SER L 50 -42.04 2.64 27.41
C SER L 50 -42.28 3.70 28.48
N ILE L 51 -42.94 4.79 28.10
CA ILE L 51 -43.27 5.89 29.00
C ILE L 51 -44.71 5.72 29.45
N PHE L 52 -45.60 5.59 28.45
CA PHE L 52 -47.00 5.38 28.75
C PHE L 52 -47.54 4.43 27.72
N SER L 53 -48.12 3.40 28.12
CA SER L 53 -48.69 2.41 27.24
C SER L 53 -50.15 2.20 27.61
N TYR L 54 -51.03 2.41 26.77
CA TYR L 54 -52.48 2.22 26.76
C TYR L 54 -52.91 1.15 25.78
N ALA L 55 -53.67 0.15 26.27
CA ALA L 55 -54.04 -1.03 25.50
C ALA L 55 -55.50 -1.39 25.74
N THR L 56 -56.08 -2.10 24.77
CA THR L 56 -57.44 -2.60 24.92
C THR L 56 -57.32 -4.11 24.66
N LYS L 57 -58.40 -4.86 24.83
CA LYS L 57 -58.32 -6.31 24.68
C LYS L 57 -57.98 -6.71 23.24
N ARG L 58 -58.39 -5.90 22.27
CA ARG L 58 -58.12 -6.25 20.87
C ARG L 58 -56.80 -5.69 20.37
N GLN L 59 -56.12 -4.89 21.17
CA GLN L 59 -54.90 -4.22 20.74
C GLN L 59 -54.03 -4.01 21.97
N ASP L 60 -52.82 -4.56 21.97
CA ASP L 60 -51.87 -4.26 23.04
C ASP L 60 -51.23 -2.88 22.91
N ASN L 61 -51.38 -2.22 21.77
CA ASN L 61 -50.76 -0.90 21.57
C ASN L 61 -51.60 0.11 20.80
N GLU L 62 -52.76 0.39 21.43
CA GLU L 62 -53.67 1.39 20.91
C GLU L 62 -52.98 2.69 21.13
N ILE L 63 -52.55 3.02 22.36
CA ILE L 63 -51.75 4.24 22.45
C ILE L 63 -50.47 3.88 23.21
N LEU L 64 -49.33 4.28 22.66
CA LEU L 64 -48.03 3.97 23.25
C LEU L 64 -47.08 5.12 22.98
N ILE L 65 -46.51 5.69 23.97
CA ILE L 65 -45.48 6.71 23.83
C ILE L 65 -44.26 5.94 24.26
N PHE L 66 -43.35 5.69 23.42
CA PHE L 66 -42.16 4.86 23.58
C PHE L 66 -40.92 5.60 23.08
N TRP L 67 -39.81 5.40 23.77
CA TRP L 67 -38.52 5.97 23.38
C TRP L 67 -37.71 4.87 22.70
N SER L 68 -37.41 5.11 21.43
CA SER L 68 -36.60 4.18 20.64
C SER L 68 -35.17 4.70 20.50
N LYS L 69 -34.22 3.86 20.87
CA LYS L 69 -32.84 4.30 21.01
C LYS L 69 -32.30 4.81 19.67
N ASP L 70 -31.61 5.95 19.71
CA ASP L 70 -31.05 6.56 18.49
C ASP L 70 -32.12 7.17 17.60
N ILE L 71 -33.38 7.17 18.04
CA ILE L 71 -34.48 7.69 17.24
C ILE L 71 -35.22 8.81 17.95
N GLY L 72 -35.66 8.55 19.18
CA GLY L 72 -36.38 9.55 19.94
C GLY L 72 -37.75 9.08 20.38
N TYR L 73 -38.71 9.99 20.44
CA TYR L 73 -40.07 9.69 20.89
C TYR L 73 -40.89 9.14 19.74
N SER L 74 -41.47 7.95 19.94
CA SER L 74 -42.31 7.30 18.94
C SER L 74 -43.74 7.25 19.44
N PHE L 75 -44.63 8.01 18.78
CA PHE L 75 -46.04 8.10 19.17
C PHE L 75 -46.86 7.25 18.22
N THR L 76 -47.74 6.40 18.77
CA THR L 76 -48.53 5.46 17.98
C THR L 76 -49.96 5.46 18.48
N VAL L 77 -50.90 5.53 17.55
CA VAL L 77 -52.33 5.49 17.84
C VAL L 77 -52.96 4.50 16.87
N GLY L 78 -53.74 3.55 17.39
CA GLY L 78 -54.40 2.61 16.52
C GLY L 78 -53.42 1.65 15.87
N GLY L 79 -52.25 1.54 16.47
CA GLY L 79 -51.22 0.63 16.00
C GLY L 79 -50.33 1.20 14.94
N SER L 80 -50.79 2.23 14.22
CA SER L 80 -49.90 2.88 13.28
C SER L 80 -48.95 3.79 14.04
N GLU L 81 -47.75 3.96 13.51
CA GLU L 81 -46.68 4.61 14.25
C GLU L 81 -46.33 5.96 13.62
N ILE L 82 -45.76 6.84 14.44
CA ILE L 82 -45.13 8.07 14.00
C ILE L 82 -44.07 8.46 15.03
N LEU L 83 -42.94 8.92 14.50
CA LEU L 83 -41.85 9.23 15.38
C LEU L 83 -41.42 10.68 15.37
N PHE L 84 -41.05 11.16 16.53
CA PHE L 84 -40.56 12.52 16.72
C PHE L 84 -39.08 12.44 17.05
N GLU L 85 -38.28 13.07 16.20
CA GLU L 85 -36.83 12.94 16.25
C GLU L 85 -36.27 13.71 17.44
N VAL L 86 -35.16 13.22 17.98
CA VAL L 86 -34.42 13.90 19.04
C VAL L 86 -32.93 13.67 18.80
N PRO L 87 -32.22 14.64 18.23
CA PRO L 87 -30.80 14.42 17.90
C PRO L 87 -29.90 14.15 19.09
N GLU L 88 -29.94 15.00 20.11
CA GLU L 88 -29.17 14.83 21.33
C GLU L 88 -30.08 14.95 22.54
N VAL L 89 -29.79 14.14 23.57
CA VAL L 89 -30.62 14.13 24.75
C VAL L 89 -29.81 14.51 25.98
N THR L 90 -30.32 15.50 26.71
CA THR L 90 -29.79 15.95 28.00
C THR L 90 -30.11 14.98 29.12
N VAL L 91 -29.32 15.00 30.19
CA VAL L 91 -29.55 14.15 31.37
C VAL L 91 -30.37 15.00 32.33
N ALA L 92 -31.70 15.00 32.15
CA ALA L 92 -32.52 15.80 33.06
C ALA L 92 -34.00 15.42 33.02
N PRO L 93 -34.79 15.81 34.03
CA PRO L 93 -36.23 15.56 33.99
C PRO L 93 -36.87 16.24 32.79
N VAL L 94 -37.87 15.58 32.21
CA VAL L 94 -38.52 16.06 30.99
C VAL L 94 -40.03 16.01 31.14
N HIS L 95 -40.70 17.07 30.68
CA HIS L 95 -42.15 17.15 30.65
C HIS L 95 -42.63 16.92 29.23
N ILE L 96 -43.70 16.14 29.06
CA ILE L 96 -44.23 15.87 27.73
C ILE L 96 -45.75 15.92 27.78
N CYS L 97 -46.33 16.60 26.80
CA CYS L 97 -47.77 16.63 26.59
C CYS L 97 -48.06 16.26 25.14
N THR L 98 -49.00 15.33 24.94
CA THR L 98 -49.33 14.89 23.59
C THR L 98 -50.84 14.84 23.42
N SER L 99 -51.32 15.36 22.30
CA SER L 99 -52.75 15.45 22.04
C SER L 99 -53.04 14.82 20.69
N TRP L 100 -54.18 14.13 20.59
CA TRP L 100 -54.64 13.57 19.32
C TRP L 100 -56.15 13.75 19.19
N GLU L 101 -56.59 14.04 17.97
CA GLU L 101 -58.00 14.16 17.72
C GLU L 101 -58.22 13.34 16.49
N SER L 102 -59.35 12.65 16.44
CA SER L 102 -59.65 11.78 15.29
C SER L 102 -60.50 12.48 14.24
N ALA L 103 -61.29 13.45 14.67
CA ALA L 103 -62.12 14.17 13.73
C ALA L 103 -61.25 14.77 12.67
N SER L 104 -59.98 15.00 12.99
CA SER L 104 -59.06 15.66 12.06
C SER L 104 -57.74 14.92 11.93
N GLY L 105 -57.33 14.18 12.95
CA GLY L 105 -56.18 13.33 12.85
C GLY L 105 -54.86 13.98 13.23
N ILE L 106 -54.89 15.23 13.69
CA ILE L 106 -53.64 15.91 14.05
C ILE L 106 -53.17 15.44 15.42
N VAL L 107 -51.85 15.36 15.57
CA VAL L 107 -51.20 15.11 16.85
C VAL L 107 -50.31 16.30 17.17
N GLU L 108 -50.49 16.87 18.36
CA GLU L 108 -49.61 17.94 18.84
C GLU L 108 -48.71 17.42 19.95
N PHE L 109 -47.45 17.60 19.86
CA PHE L 109 -46.48 17.11 20.83
C PHE L 109 -45.70 18.27 21.44
N TRP L 110 -45.84 18.54 22.67
CA TRP L 110 -45.16 19.58 23.43
C TRP L 110 -44.12 18.91 24.32
N VAL L 111 -42.85 19.29 24.16
CA VAL L 111 -41.80 18.81 25.03
C VAL L 111 -41.15 20.04 25.66
N ASP L 112 -40.97 19.93 27.03
CA ASP L 112 -40.47 21.07 27.80
C ASP L 112 -41.07 22.36 27.27
N GLY L 113 -42.35 22.37 27.03
CA GLY L 113 -43.06 23.57 26.62
C GLY L 113 -42.82 23.97 25.18
N LYS L 114 -41.86 23.34 24.48
CA LYS L 114 -41.56 23.72 23.12
C LYS L 114 -42.31 22.84 22.13
N PRO L 115 -43.17 23.41 21.29
CA PRO L 115 -44.05 22.58 20.44
C PRO L 115 -43.40 22.04 19.18
N ARG L 116 -43.55 20.74 18.97
CA ARG L 116 -43.13 20.09 17.74
C ARG L 116 -44.15 20.35 16.64
N VAL L 117 -43.72 20.16 15.37
CA VAL L 117 -44.61 20.39 14.25
C VAL L 117 -45.87 19.52 14.40
N ARG L 118 -47.01 20.08 13.99
CA ARG L 118 -48.23 19.28 13.93
C ARG L 118 -48.20 18.29 12.77
N LYS L 119 -48.77 17.11 13.01
CA LYS L 119 -48.81 16.05 12.01
C LYS L 119 -50.15 15.34 12.12
N SER L 120 -50.56 14.68 11.04
CA SER L 120 -51.81 13.93 10.98
C SER L 120 -51.57 12.46 11.25
N LEU L 121 -52.54 11.81 11.90
CA LEU L 121 -52.41 10.43 12.30
C LEU L 121 -53.79 9.82 12.53
N LYS L 122 -54.08 8.64 11.98
CA LYS L 122 -55.34 7.94 12.32
C LYS L 122 -56.59 8.78 12.20
N LYS L 123 -56.90 9.33 11.04
CA LYS L 123 -58.11 10.13 11.01
C LYS L 123 -59.33 9.21 10.90
N GLY L 124 -60.35 9.49 11.71
CA GLY L 124 -61.56 8.70 11.66
C GLY L 124 -61.63 7.55 12.64
N TYR L 125 -60.59 7.33 13.44
CA TYR L 125 -60.59 6.22 14.38
C TYR L 125 -61.37 6.56 15.64
N THR L 126 -61.67 5.53 16.41
CA THR L 126 -62.27 5.67 17.72
C THR L 126 -61.53 4.77 18.70
N VAL L 127 -61.26 5.30 19.89
CA VAL L 127 -60.55 4.56 20.94
C VAL L 127 -61.59 3.91 21.85
N GLY L 128 -61.40 2.63 22.16
CA GLY L 128 -62.29 1.95 23.06
C GLY L 128 -62.12 2.45 24.48
N ALA L 129 -63.21 2.44 25.26
CA ALA L 129 -63.08 2.94 26.63
C ALA L 129 -62.55 1.84 27.53
N GLU L 130 -63.01 0.61 27.34
CA GLU L 130 -62.44 -0.50 28.10
C GLU L 130 -60.95 -0.52 27.84
N ALA L 131 -60.15 -0.44 28.89
CA ALA L 131 -58.71 -0.35 28.69
C ALA L 131 -57.99 -0.45 30.03
N SER L 132 -56.76 -0.95 29.96
CA SER L 132 -55.85 -1.05 31.10
C SER L 132 -54.68 -0.13 30.83
N ILE L 133 -54.36 0.72 31.81
CA ILE L 133 -53.22 1.61 31.72
C ILE L 133 -52.19 1.14 32.73
N ILE L 134 -50.97 0.92 32.26
CA ILE L 134 -49.89 0.41 33.10
C ILE L 134 -48.66 1.29 32.90
N LEU L 135 -47.83 1.35 33.92
CA LEU L 135 -46.59 2.11 33.88
C LEU L 135 -45.44 1.25 34.38
N GLY L 136 -44.27 1.48 33.77
CA GLY L 136 -43.03 0.79 34.05
C GLY L 136 -42.86 -0.50 33.28
N GLN L 137 -43.86 -0.92 32.52
CA GLN L 137 -43.80 -2.14 31.71
C GLN L 137 -44.53 -1.86 30.40
N GLU L 138 -44.16 -2.54 29.35
CA GLU L 138 -44.85 -2.40 28.06
C GLU L 138 -45.85 -3.55 28.01
N GLN L 139 -46.97 -3.40 27.37
CA GLN L 139 -48.08 -4.35 27.42
C GLN L 139 -48.25 -4.95 26.02
N ASP L 140 -48.22 -6.27 25.97
CA ASP L 140 -48.45 -7.07 24.78
C ASP L 140 -49.71 -7.89 24.95
N SER L 141 -50.37 -7.71 26.09
CA SER L 141 -51.64 -8.32 26.43
C SER L 141 -52.32 -7.36 27.39
N PHE L 142 -53.62 -7.55 27.63
CA PHE L 142 -54.39 -6.58 28.40
C PHE L 142 -54.15 -6.76 29.90
N GLY L 143 -53.38 -7.78 30.29
CA GLY L 143 -53.11 -8.01 31.69
C GLY L 143 -51.83 -8.77 31.98
N GLY L 144 -50.85 -8.73 31.08
CA GLY L 144 -49.58 -9.40 31.33
C GLY L 144 -48.67 -9.42 30.13
N ASN L 145 -47.61 -10.24 30.16
CA ASN L 145 -46.71 -10.38 29.01
C ASN L 145 -45.96 -9.07 28.69
N PHE L 146 -45.05 -8.70 29.58
CA PHE L 146 -44.19 -7.56 29.34
C PHE L 146 -42.76 -8.04 29.19
N GLU L 147 -41.83 -7.11 28.96
CA GLU L 147 -40.44 -7.47 28.70
C GLU L 147 -39.51 -6.68 29.62
N GLY L 148 -38.37 -7.29 29.95
CA GLY L 148 -37.37 -6.64 30.78
C GLY L 148 -36.55 -5.61 30.04
N SER L 149 -36.19 -5.88 28.79
CA SER L 149 -35.46 -4.90 27.99
C SER L 149 -36.30 -3.64 27.75
N GLN L 150 -37.59 -3.71 28.00
CA GLN L 150 -38.48 -2.58 27.74
C GLN L 150 -38.99 -1.93 29.02
N SER L 151 -38.87 -2.61 30.17
CA SER L 151 -39.26 -2.02 31.44
C SER L 151 -38.40 -0.81 31.78
N LEU L 152 -39.05 0.24 32.27
CA LEU L 152 -38.38 1.51 32.53
C LEU L 152 -37.86 1.55 33.97
N VAL L 153 -36.61 2.01 34.11
CA VAL L 153 -35.99 2.27 35.41
C VAL L 153 -35.90 3.77 35.60
N GLY L 154 -36.58 4.29 36.61
CA GLY L 154 -36.54 5.71 36.87
C GLY L 154 -37.81 6.18 37.57
N ASP L 155 -38.10 7.46 37.39
CA ASP L 155 -39.11 8.16 38.18
C ASP L 155 -40.09 8.89 37.28
N ILE L 156 -41.36 8.91 37.69
CA ILE L 156 -42.43 9.51 36.91
C ILE L 156 -43.44 10.13 37.86
N GLY L 157 -44.07 11.20 37.39
CA GLY L 157 -45.12 11.85 38.15
C GLY L 157 -45.94 12.76 37.26
N ASN L 158 -46.83 13.52 37.91
CA ASN L 158 -47.70 14.48 37.24
C ASN L 158 -48.55 13.83 36.15
N VAL L 159 -48.88 12.55 36.33
CA VAL L 159 -49.59 11.81 35.30
C VAL L 159 -51.02 12.31 35.19
N ASN L 160 -51.32 12.99 34.09
CA ASN L 160 -52.64 13.55 33.91
C ASN L 160 -53.07 13.31 32.49
N MET L 161 -54.37 13.17 32.29
CA MET L 161 -54.88 12.86 30.97
C MET L 161 -56.38 13.13 30.83
N TRP L 162 -56.69 14.05 29.92
CA TRP L 162 -58.02 14.61 29.73
C TRP L 162 -58.78 13.73 28.72
N ASP L 163 -59.85 14.24 28.14
CA ASP L 163 -60.55 13.51 27.08
C ASP L 163 -60.76 14.48 25.92
N PHE L 164 -60.04 15.61 25.91
CA PHE L 164 -60.09 16.53 24.79
C PHE L 164 -58.75 17.26 24.70
N VAL L 165 -58.54 17.94 23.57
CA VAL L 165 -57.26 18.56 23.23
C VAL L 165 -57.19 19.90 23.97
N LEU L 166 -56.14 20.08 24.76
CA LEU L 166 -55.86 21.36 25.40
C LEU L 166 -55.36 22.38 24.38
N SER L 167 -55.65 23.65 24.64
CA SER L 167 -55.09 24.72 23.82
C SER L 167 -53.66 25.05 24.24
N PRO L 168 -52.89 25.71 23.37
CA PRO L 168 -51.48 25.97 23.71
C PRO L 168 -51.30 26.73 25.01
N ASP L 169 -52.21 27.66 25.31
CA ASP L 169 -52.14 28.39 26.57
C ASP L 169 -52.26 27.44 27.75
N GLU L 170 -53.20 26.49 27.64
CA GLU L 170 -53.43 25.53 28.70
C GLU L 170 -52.20 24.68 28.94
N ILE L 171 -51.56 24.26 27.91
CA ILE L 171 -50.34 23.47 28.03
C ILE L 171 -49.23 24.31 28.65
N ASN L 172 -49.13 25.58 28.25
CA ASN L 172 -48.15 26.46 28.88
C ASN L 172 -48.40 26.54 30.38
N THR L 173 -49.67 26.66 30.78
CA THR L 173 -49.99 26.66 32.20
C THR L 173 -49.50 25.37 32.85
N ILE L 174 -49.75 24.24 32.20
CA ILE L 174 -49.29 22.95 32.73
C ILE L 174 -47.79 22.99 32.98
N TYR L 175 -47.00 23.53 32.04
CA TYR L 175 -45.57 23.53 32.26
C TYR L 175 -45.18 24.44 33.42
N LEU L 176 -46.03 25.42 33.74
CA LEU L 176 -45.81 26.31 34.88
C LEU L 176 -46.22 25.66 36.19
N GLY L 177 -47.09 24.66 36.16
CA GLY L 177 -47.57 24.04 37.37
C GLY L 177 -48.80 24.71 37.96
N GLY L 178 -49.54 25.45 37.15
CA GLY L 178 -50.73 26.14 37.59
C GLY L 178 -51.90 25.18 37.78
N PRO L 179 -53.02 25.72 38.25
CA PRO L 179 -54.24 24.91 38.38
C PRO L 179 -54.82 24.41 37.07
N PHE L 180 -55.28 23.16 37.09
CA PHE L 180 -55.95 22.55 35.95
C PHE L 180 -56.84 21.45 36.52
N SER L 181 -57.83 21.03 35.73
CA SER L 181 -58.87 20.12 36.19
C SER L 181 -58.90 18.91 35.27
N PRO L 182 -58.10 17.88 35.57
CA PRO L 182 -58.22 16.64 34.81
C PRO L 182 -59.55 15.94 35.06
N ASN L 183 -60.00 15.22 34.05
CA ASN L 183 -61.37 14.70 33.97
C ASN L 183 -61.40 13.18 34.03
N VAL L 184 -60.41 12.50 33.43
CA VAL L 184 -60.40 11.05 33.34
C VAL L 184 -59.34 10.51 34.28
N LEU L 185 -58.11 11.00 34.19
CA LEU L 185 -57.07 10.58 35.13
C LEU L 185 -56.57 11.81 35.86
N ASN L 186 -56.64 11.77 37.19
CA ASN L 186 -56.26 12.89 38.05
C ASN L 186 -55.10 12.46 38.94
N TRP L 187 -53.97 13.15 38.79
CA TRP L 187 -52.89 12.99 39.77
C TRP L 187 -53.37 13.29 41.18
N ARG L 188 -54.15 14.36 41.36
CA ARG L 188 -54.57 14.75 42.70
C ARG L 188 -55.65 13.86 43.28
N ALA L 189 -56.30 13.01 42.49
CA ALA L 189 -57.35 12.13 42.97
C ALA L 189 -57.18 10.73 42.41
N LEU L 190 -55.93 10.28 42.29
CA LEU L 190 -55.65 9.11 41.47
C LEU L 190 -55.98 7.82 42.21
N LYS L 191 -56.18 6.77 41.42
CA LYS L 191 -56.34 5.41 41.92
C LYS L 191 -55.29 4.57 41.21
N TYR L 192 -54.77 3.56 41.88
CA TYR L 192 -53.70 2.75 41.34
C TYR L 192 -53.54 1.47 42.14
N GLU L 193 -52.77 0.54 41.56
CA GLU L 193 -52.32 -0.66 42.26
C GLU L 193 -50.89 -0.93 41.84
N VAL L 194 -50.04 -1.23 42.82
CA VAL L 194 -48.61 -1.41 42.61
C VAL L 194 -48.28 -2.88 42.71
N GLN L 195 -47.33 -3.34 41.89
CA GLN L 195 -46.91 -4.72 41.85
C GLN L 195 -45.39 -4.74 41.74
N GLY L 196 -44.76 -5.57 42.57
CA GLY L 196 -43.32 -5.70 42.52
C GLY L 196 -42.60 -4.52 43.18
N GLU L 197 -41.38 -4.28 42.71
CA GLU L 197 -40.53 -3.22 43.26
C GLU L 197 -40.97 -1.87 42.70
N VAL L 198 -41.86 -1.19 43.42
CA VAL L 198 -42.23 0.19 43.12
C VAL L 198 -42.50 0.90 44.44
N PHE L 199 -42.21 2.20 44.48
CA PHE L 199 -42.24 2.94 45.73
C PHE L 199 -42.81 4.33 45.49
N THR L 200 -43.18 5.02 46.56
CA THR L 200 -43.67 6.39 46.46
C THR L 200 -42.68 7.28 47.22
N LYS L 201 -42.25 8.36 46.59
CA LYS L 201 -41.26 9.25 47.19
C LYS L 201 -41.56 10.68 46.80
N PRO L 202 -41.03 11.65 47.54
CA PRO L 202 -41.13 13.04 47.06
C PRO L 202 -40.45 13.19 45.71
N GLN L 203 -41.03 14.04 44.85
CA GLN L 203 -40.45 14.27 43.54
C GLN L 203 -39.12 14.99 43.66
N LEU L 204 -38.21 14.73 42.72
CA LEU L 204 -36.94 15.44 42.69
C LEU L 204 -37.07 16.73 41.88
N TRP L 205 -37.68 16.65 40.70
CA TRP L 205 -37.82 17.81 39.85
C TRP L 205 -38.61 18.91 40.55
N PRO L 206 -38.41 20.19 40.16
CA PRO L 206 -39.20 21.29 40.71
C PRO L 206 -40.70 21.04 40.62
N GLU M 3 -13.04 26.35 -10.70
CA GLU M 3 -12.95 25.33 -9.66
C GLU M 3 -13.77 24.10 -10.02
N VAL M 4 -14.53 24.17 -11.11
CA VAL M 4 -15.33 23.04 -11.53
C VAL M 4 -15.01 22.71 -12.99
N GLN M 5 -14.87 21.43 -13.28
CA GLN M 5 -14.58 20.96 -14.64
C GLN M 5 -15.84 20.36 -15.24
N LEU M 6 -16.22 20.82 -16.41
CA LEU M 6 -17.46 20.41 -17.05
C LEU M 6 -17.15 19.43 -18.19
N VAL M 7 -17.83 18.29 -18.16
CA VAL M 7 -17.65 17.31 -19.22
C VAL M 7 -19.03 16.77 -19.54
N GLU M 8 -19.46 16.99 -20.78
CA GLU M 8 -20.78 16.53 -21.18
C GLU M 8 -20.67 15.23 -21.95
N SER M 9 -21.73 14.70 -22.39
CA SER M 9 -21.83 13.39 -23.01
C SER M 9 -23.23 13.23 -23.57
N GLY M 10 -23.48 12.13 -24.26
CA GLY M 10 -24.77 11.84 -24.84
C GLY M 10 -24.92 12.25 -26.29
N GLY M 11 -23.87 12.77 -26.92
CA GLY M 11 -23.94 13.15 -28.31
C GLY M 11 -23.91 11.96 -29.25
N GLY M 12 -24.17 12.25 -30.53
CA GLY M 12 -24.17 11.21 -31.53
C GLY M 12 -25.03 11.63 -32.72
N LEU M 13 -25.33 10.64 -33.55
CA LEU M 13 -26.15 10.84 -34.74
C LEU M 13 -27.47 10.09 -34.57
N VAL M 14 -28.56 10.79 -34.84
CA VAL M 14 -29.88 10.19 -34.71
C VAL M 14 -30.74 10.56 -35.91
N GLN M 15 -31.82 9.82 -36.10
CA GLN M 15 -32.72 10.12 -37.20
C GLN M 15 -33.46 11.41 -36.96
N THR M 16 -33.97 12.01 -38.03
CA THR M 16 -34.71 13.24 -37.88
C THR M 16 -35.87 13.06 -36.91
N GLY M 17 -36.16 14.08 -36.14
CA GLY M 17 -37.26 14.03 -35.19
C GLY M 17 -37.06 13.05 -34.06
N GLY M 18 -35.81 12.78 -33.69
CA GLY M 18 -35.50 11.87 -32.61
C GLY M 18 -35.48 12.54 -31.25
N SER M 19 -34.80 11.89 -30.31
CA SER M 19 -34.68 12.46 -28.99
C SER M 19 -33.26 12.29 -28.50
N LEU M 20 -32.86 13.08 -27.53
CA LEU M 20 -31.50 13.05 -26.98
C LEU M 20 -31.51 13.65 -25.60
N ARG M 21 -31.12 12.84 -24.60
CA ARG M 21 -30.96 13.30 -23.22
C ARG M 21 -29.48 13.52 -22.95
N LEU M 22 -28.96 14.64 -23.47
CA LEU M 22 -27.56 14.97 -23.25
C LEU M 22 -27.34 15.29 -21.79
N SER M 23 -26.16 14.92 -21.29
CA SER M 23 -25.85 15.18 -19.91
C SER M 23 -24.54 15.91 -19.77
N CYS M 24 -24.33 16.53 -18.62
CA CYS M 24 -23.10 17.27 -18.34
C CYS M 24 -22.75 17.10 -16.88
N ALA M 25 -21.59 16.52 -16.60
CA ALA M 25 -21.11 16.30 -15.25
C ALA M 25 -20.13 17.40 -14.87
N ALA M 26 -20.21 17.82 -13.61
CA ALA M 26 -19.38 18.90 -13.08
C ALA M 26 -18.52 18.36 -11.94
N SER M 27 -17.22 18.67 -11.99
CA SER M 27 -16.28 18.28 -10.96
C SER M 27 -15.98 19.49 -10.08
N GLY M 28 -16.17 19.32 -8.77
CA GLY M 28 -16.03 20.39 -7.82
C GLY M 28 -17.12 20.33 -6.76
N ARG M 29 -17.09 21.28 -5.82
CA ARG M 29 -18.10 21.32 -4.77
C ARG M 29 -18.96 22.57 -4.80
N THR M 30 -18.69 23.51 -5.70
CA THR M 30 -19.50 24.71 -5.85
C THR M 30 -20.54 24.58 -6.95
N PHE M 31 -20.73 23.39 -7.50
CA PHE M 31 -21.66 23.20 -8.60
C PHE M 31 -23.03 23.80 -8.27
N ASN M 32 -23.50 23.60 -7.04
CA ASN M 32 -24.80 24.15 -6.63
C ASN M 32 -24.78 25.66 -6.50
N ARG M 33 -23.63 26.28 -6.72
CA ARG M 33 -23.49 27.72 -6.57
C ARG M 33 -23.52 28.48 -7.89
N HIS M 34 -23.23 27.82 -9.02
CA HIS M 34 -23.27 28.43 -10.33
C HIS M 34 -24.53 28.00 -11.07
N TYR M 35 -24.91 28.81 -12.06
CA TYR M 35 -26.01 28.47 -12.96
C TYR M 35 -25.42 27.94 -14.26
N MET M 36 -25.93 26.80 -14.72
CA MET M 36 -25.34 26.10 -15.84
C MET M 36 -25.93 26.62 -17.15
N GLY M 37 -25.29 26.25 -18.26
CA GLY M 37 -25.80 26.65 -19.56
C GLY M 37 -25.27 25.75 -20.66
N TRP M 38 -26.01 25.73 -21.76
CA TRP M 38 -25.64 24.99 -22.96
C TRP M 38 -25.54 25.96 -24.13
N PHE M 39 -24.43 25.87 -24.86
CA PHE M 39 -24.14 26.70 -26.01
C PHE M 39 -23.95 25.83 -27.25
N ARG M 40 -24.21 26.40 -28.40
CA ARG M 40 -23.98 25.68 -29.61
C ARG M 40 -22.83 26.31 -30.35
N GLN M 41 -22.26 25.59 -31.27
CA GLN M 41 -21.19 26.06 -32.13
C GLN M 41 -21.21 25.28 -33.43
N VAL M 42 -20.80 25.93 -34.50
CA VAL M 42 -20.73 25.32 -35.83
C VAL M 42 -19.39 25.67 -36.45
N PRO M 43 -18.83 24.82 -37.31
CA PRO M 43 -17.55 25.16 -37.96
C PRO M 43 -17.67 26.45 -38.76
N GLY M 44 -16.61 27.24 -38.73
CA GLY M 44 -16.61 28.52 -39.42
C GLY M 44 -17.56 29.55 -38.84
N LYS M 45 -17.65 29.63 -37.52
CA LYS M 45 -18.48 30.62 -36.84
C LYS M 45 -18.20 30.52 -35.34
N GLU M 46 -18.85 31.40 -34.58
CA GLU M 46 -18.64 31.46 -33.14
C GLU M 46 -19.69 30.61 -32.43
N ARG M 47 -19.55 30.51 -31.11
CA ARG M 47 -20.49 29.75 -30.31
C ARG M 47 -21.82 30.48 -30.19
N GLU M 48 -22.89 29.73 -30.00
CA GLU M 48 -24.24 30.26 -29.88
C GLU M 48 -24.88 29.79 -28.58
N PHE M 49 -25.58 30.70 -27.92
CA PHE M 49 -26.31 30.34 -26.72
C PHE M 49 -27.46 29.40 -27.06
N VAL M 50 -27.72 28.45 -26.17
CA VAL M 50 -28.81 27.50 -26.36
C VAL M 50 -29.80 27.61 -25.21
N ALA M 51 -29.31 27.43 -23.98
CA ALA M 51 -30.20 27.48 -22.83
C ALA M 51 -29.38 27.77 -21.58
N SER M 52 -30.09 28.16 -20.50
CA SER M 52 -29.45 28.42 -19.23
C SER M 52 -30.39 28.02 -18.10
N ILE M 53 -29.80 27.66 -16.96
CA ILE M 53 -30.57 27.23 -15.79
C ILE M 53 -29.91 27.77 -14.54
N SER M 54 -30.73 28.18 -13.57
CA SER M 54 -30.28 28.78 -12.33
C SER M 54 -29.55 27.76 -11.46
N GLN M 55 -28.90 28.27 -10.41
CA GLN M 55 -28.27 27.39 -9.44
C GLN M 55 -29.30 26.52 -8.74
N THR M 56 -30.39 27.12 -8.28
CA THR M 56 -31.45 26.35 -7.65
C THR M 56 -32.17 25.49 -8.68
N GLY M 57 -32.36 26.03 -9.87
CA GLY M 57 -33.05 25.31 -10.93
C GLY M 57 -34.51 25.66 -11.10
N LEU M 58 -35.08 26.47 -10.21
CA LEU M 58 -36.48 26.87 -10.36
C LEU M 58 -36.67 27.97 -11.39
N ASN M 59 -35.61 28.66 -11.78
CA ASN M 59 -35.68 29.70 -12.81
C ASN M 59 -34.71 29.32 -13.93
N LYS M 60 -35.24 29.21 -15.15
CA LYS M 60 -34.47 28.80 -16.31
C LYS M 60 -34.65 29.82 -17.43
N ASP M 61 -34.08 29.51 -18.59
CA ASP M 61 -34.20 30.39 -19.76
C ASP M 61 -33.91 29.57 -21.00
N TYR M 62 -34.88 29.50 -21.90
CA TYR M 62 -34.75 28.78 -23.16
C TYR M 62 -34.68 29.77 -24.33
N VAL M 63 -33.92 29.40 -25.36
CA VAL M 63 -33.91 30.20 -26.57
C VAL M 63 -35.27 30.13 -27.24
N ASP M 64 -35.53 31.11 -28.11
CA ASP M 64 -36.85 31.20 -28.75
C ASP M 64 -37.17 29.93 -29.53
N SER M 65 -36.23 29.48 -30.36
CA SER M 65 -36.47 28.29 -31.17
C SER M 65 -36.66 27.05 -30.29
N ALA M 66 -35.79 26.87 -29.31
CA ALA M 66 -35.83 25.68 -28.46
C ALA M 66 -37.01 25.69 -27.49
N LYS M 67 -37.70 26.81 -27.33
CA LYS M 67 -38.79 26.88 -26.37
C LYS M 67 -39.85 25.83 -26.68
N GLY M 68 -40.27 25.11 -25.64
CA GLY M 68 -41.28 24.08 -25.81
C GLY M 68 -40.74 22.79 -26.36
N ARG M 69 -39.71 22.87 -27.20
CA ARG M 69 -39.10 21.71 -27.81
C ARG M 69 -38.02 21.10 -26.92
N PHE M 70 -37.14 21.92 -26.37
CA PHE M 70 -36.05 21.47 -25.53
C PHE M 70 -36.32 21.80 -24.08
N THR M 71 -35.69 21.01 -23.21
CA THR M 71 -35.82 21.23 -21.78
C THR M 71 -34.45 21.19 -21.13
N ILE M 72 -34.29 21.89 -20.03
CA ILE M 72 -33.04 21.94 -19.30
C ILE M 72 -33.33 21.74 -17.82
N SER M 73 -32.55 20.89 -17.16
CA SER M 73 -32.76 20.57 -15.75
C SER M 73 -31.42 20.36 -15.08
N ARG M 74 -31.42 20.45 -13.74
CA ARG M 74 -30.19 20.25 -12.99
C ARG M 74 -30.45 19.51 -11.70
N ASP M 75 -29.48 18.73 -11.25
CA ASP M 75 -29.61 17.95 -10.03
C ASP M 75 -28.38 18.29 -9.19
N ASN M 76 -28.54 18.47 -7.89
CA ASN M 76 -27.42 18.77 -7.01
C ASN M 76 -26.82 17.51 -6.39
N ALA M 77 -27.67 16.59 -5.93
CA ALA M 77 -27.14 15.40 -5.28
C ALA M 77 -26.10 14.71 -6.17
N GLU M 78 -26.44 14.52 -7.44
CA GLU M 78 -25.50 14.02 -8.43
C GLU M 78 -24.83 15.16 -9.21
N ASN M 79 -25.05 16.40 -8.79
CA ASN M 79 -24.43 17.61 -9.33
C ASN M 79 -24.16 17.50 -10.83
N THR M 80 -25.22 17.27 -11.61
CA THR M 80 -25.09 17.20 -13.06
C THR M 80 -26.32 17.80 -13.71
N VAL M 81 -26.13 18.29 -14.94
CA VAL M 81 -27.23 18.92 -15.66
C VAL M 81 -27.66 18.08 -16.86
N TYR M 82 -28.94 18.18 -17.22
CA TYR M 82 -29.50 17.41 -18.31
C TYR M 82 -30.28 18.25 -19.31
N LEU M 83 -30.02 18.19 -20.53
CA LEU M 83 -30.76 18.92 -21.53
C LEU M 83 -31.40 17.90 -22.45
N GLN M 84 -32.71 17.99 -22.59
CA GLN M 84 -33.41 17.07 -23.47
C GLN M 84 -33.86 17.77 -24.72
N MET M 85 -33.60 17.14 -25.85
CA MET M 85 -34.01 17.68 -27.14
C MET M 85 -34.90 16.66 -27.82
N ASN M 86 -36.04 17.06 -28.29
CA ASN M 86 -37.03 16.18 -28.90
C ASN M 86 -37.39 16.70 -30.28
N ASN M 87 -37.73 15.77 -31.17
CA ASN M 87 -38.09 16.09 -32.55
C ASN M 87 -36.98 16.91 -33.22
N LEU M 88 -35.81 16.29 -33.32
CA LEU M 88 -34.65 16.95 -33.89
C LEU M 88 -34.79 17.07 -35.41
N LYS M 89 -34.03 18.01 -35.97
CA LYS M 89 -34.04 18.27 -37.41
C LYS M 89 -32.60 18.29 -37.94
N PRO M 90 -32.41 18.48 -39.25
CA PRO M 90 -31.04 18.49 -39.77
C PRO M 90 -30.24 19.72 -39.38
N GLU M 91 -30.72 20.88 -39.48
CA GLU M 91 -29.93 22.08 -39.20
C GLU M 91 -29.35 22.10 -37.78
N ASP M 92 -30.23 21.74 -36.77
CA ASP M 92 -29.69 21.70 -35.42
C ASP M 92 -28.76 20.50 -35.26
N THR M 93 -27.60 20.57 -35.91
CA THR M 93 -26.59 19.51 -35.87
C THR M 93 -25.23 20.20 -35.83
N ALA M 94 -24.62 20.22 -34.66
CA ALA M 94 -23.39 20.99 -34.46
C ALA M 94 -22.76 20.54 -33.14
N LEU M 95 -21.75 21.29 -32.70
CA LEU M 95 -21.10 21.02 -31.42
C LEU M 95 -21.87 21.70 -30.30
N TYR M 96 -22.04 20.99 -29.20
CA TYR M 96 -22.72 21.50 -28.02
C TYR M 96 -21.74 21.52 -26.85
N TYR M 97 -21.71 22.65 -26.14
CA TYR M 97 -20.80 22.84 -25.02
C TYR M 97 -21.60 23.13 -23.77
N CYS M 98 -21.30 22.41 -22.69
CA CYS M 98 -21.87 22.69 -21.38
C CYS M 98 -20.92 23.64 -20.66
N ALA M 99 -21.37 24.87 -20.44
CA ALA M 99 -20.53 25.91 -19.88
C ALA M 99 -21.28 26.63 -18.77
N GLY M 100 -20.67 27.71 -18.28
CA GLY M 100 -21.23 28.46 -17.18
C GLY M 100 -20.24 28.64 -16.06
N SER M 101 -19.94 29.88 -15.70
CA SER M 101 -18.98 30.18 -14.65
C SER M 101 -19.44 31.42 -13.91
N GLN M 102 -19.91 31.24 -12.68
CA GLN M 102 -20.32 32.37 -11.85
C GLN M 102 -20.26 31.94 -10.39
N SER M 103 -19.27 32.47 -9.66
CA SER M 103 -19.25 32.34 -8.22
C SER M 103 -20.17 33.35 -7.54
N SER M 104 -20.77 34.24 -8.31
CA SER M 104 -21.65 35.29 -7.80
C SER M 104 -23.09 34.95 -8.13
N TYR M 105 -23.88 34.70 -7.10
CA TYR M 105 -25.32 34.54 -7.22
C TYR M 105 -25.95 35.69 -8.00
N TYR M 106 -26.57 35.37 -9.13
CA TYR M 106 -27.24 36.37 -9.95
C TYR M 106 -28.23 35.65 -10.87
N ASP M 107 -28.74 36.40 -11.85
CA ASP M 107 -29.75 35.88 -12.77
C ASP M 107 -29.09 35.06 -13.87
N LYS M 108 -29.87 34.68 -14.87
CA LYS M 108 -29.35 33.95 -16.02
C LYS M 108 -29.24 34.89 -17.22
N PRO M 109 -28.03 35.24 -17.65
CA PRO M 109 -27.91 36.08 -18.85
C PRO M 109 -27.87 35.27 -20.13
N ARG M 110 -27.84 35.94 -21.28
CA ARG M 110 -27.79 35.27 -22.57
C ARG M 110 -26.54 35.65 -23.35
N LEU M 111 -25.55 36.24 -22.69
CA LEU M 111 -24.31 36.65 -23.32
C LEU M 111 -23.25 35.56 -23.14
N LEU M 112 -22.10 35.79 -23.76
CA LEU M 112 -20.99 34.84 -23.71
C LEU M 112 -19.89 35.26 -22.75
N THR M 113 -19.72 36.55 -22.54
CA THR M 113 -18.64 37.03 -21.68
C THR M 113 -18.76 36.51 -20.26
N GLU M 114 -19.97 36.56 -19.70
CA GLU M 114 -20.14 36.18 -18.30
C GLU M 114 -19.72 34.74 -18.06
N TYR M 115 -20.09 33.84 -18.97
CA TYR M 115 -19.67 32.45 -18.86
C TYR M 115 -18.14 32.36 -18.97
N ALA M 116 -17.51 31.66 -18.03
CA ALA M 116 -16.07 31.52 -18.00
C ALA M 116 -15.59 30.09 -17.94
N TYR M 117 -16.46 29.12 -17.68
CA TYR M 117 -16.10 27.71 -17.60
C TYR M 117 -16.71 26.99 -18.79
N TRP M 118 -15.86 26.34 -19.58
CA TRP M 118 -16.29 25.71 -20.83
C TRP M 118 -15.75 24.29 -20.89
N GLY M 119 -16.60 23.35 -21.32
CA GLY M 119 -16.20 21.98 -21.51
C GLY M 119 -15.63 21.72 -22.89
N GLN M 120 -15.22 20.47 -23.11
CA GLN M 120 -14.65 20.09 -24.40
C GLN M 120 -15.70 20.18 -25.51
N GLY M 121 -16.92 19.75 -25.22
CA GLY M 121 -17.99 19.76 -26.20
C GLY M 121 -18.22 18.40 -26.83
N THR M 122 -19.42 18.22 -27.38
CA THR M 122 -19.81 16.98 -28.04
C THR M 122 -20.46 17.34 -29.38
N LEU M 123 -20.70 16.32 -30.19
CA LEU M 123 -21.28 16.50 -31.52
C LEU M 123 -22.68 15.90 -31.55
N VAL M 124 -23.62 16.64 -32.14
CA VAL M 124 -24.98 16.16 -32.31
C VAL M 124 -25.37 16.31 -33.78
N THR M 125 -25.84 15.14 -34.31
CA THR M 125 -26.18 15.07 -35.72
C THR M 125 -27.55 14.43 -35.99
N VAL M 126 -28.27 14.99 -36.99
CA VAL M 126 -29.57 14.43 -37.36
C VAL M 126 -29.53 14.07 -38.84
N SER M 127 -29.94 12.85 -39.16
CA SER M 127 -29.96 12.39 -40.54
C SER M 127 -31.18 12.92 -41.28
N GLN N 1 -65.07 39.13 4.87
CA GLN N 1 -63.76 39.23 5.57
C GLN N 1 -63.79 38.48 6.90
N THR N 2 -62.65 37.87 7.24
CA THR N 2 -62.52 37.15 8.50
C THR N 2 -61.26 37.63 9.21
N ASP N 3 -61.25 37.54 10.54
CA ASP N 3 -60.06 37.86 11.33
C ASP N 3 -59.36 36.54 11.64
N MET N 4 -58.18 36.34 11.03
CA MET N 4 -57.33 35.19 11.32
C MET N 4 -56.47 35.38 12.57
N SER N 5 -56.70 36.45 13.34
CA SER N 5 -55.85 36.72 14.50
C SER N 5 -55.71 35.50 15.40
N ARG N 6 -54.48 35.18 15.77
CA ARG N 6 -54.19 34.03 16.64
C ARG N 6 -54.52 32.71 15.96
N LYS N 7 -54.48 32.66 14.64
CA LYS N 7 -54.78 31.44 13.90
C LYS N 7 -53.83 31.30 12.71
N ALA N 8 -53.69 30.06 12.25
CA ALA N 8 -52.77 29.69 11.19
C ALA N 8 -53.38 28.56 10.39
N PHE N 9 -52.88 28.39 9.16
CA PHE N 9 -53.25 27.27 8.32
C PHE N 9 -52.37 26.05 8.61
N VAL N 10 -52.90 24.89 8.47
CA VAL N 10 -52.14 23.67 8.72
C VAL N 10 -52.16 22.76 7.51
N PHE N 11 -51.03 22.32 7.07
CA PHE N 11 -50.89 21.39 5.95
C PHE N 11 -50.25 20.19 6.61
N PRO N 12 -51.07 19.23 7.06
CA PRO N 12 -50.51 18.11 7.83
C PRO N 12 -49.87 16.95 7.03
N LYS N 13 -49.82 17.04 5.71
CA LYS N 13 -49.21 15.98 4.91
C LYS N 13 -48.66 16.54 3.60
N GLU N 14 -47.69 15.83 3.06
CA GLU N 14 -47.10 16.17 1.77
C GLU N 14 -48.00 15.69 0.64
N SER N 15 -48.51 16.64 -0.14
CA SER N 15 -49.48 16.34 -1.19
C SER N 15 -49.43 17.47 -2.21
N ASP N 16 -50.01 17.19 -3.38
CA ASP N 16 -50.02 18.14 -4.51
C ASP N 16 -51.39 18.71 -4.82
N THR N 17 -52.29 18.78 -3.85
CA THR N 17 -53.63 19.31 -4.06
C THR N 17 -54.08 20.21 -2.91
N SER N 18 -53.50 20.05 -1.73
CA SER N 18 -53.79 20.90 -0.59
C SER N 18 -53.11 22.25 -0.81
N TYR N 19 -53.92 23.31 -0.85
CA TYR N 19 -53.38 24.65 -1.06
C TYR N 19 -54.45 25.69 -0.77
N VAL N 20 -54.00 26.91 -0.51
CA VAL N 20 -54.89 28.04 -0.25
C VAL N 20 -54.66 29.08 -1.33
N SER N 21 -55.72 29.81 -1.69
CA SER N 21 -55.66 30.86 -2.69
C SER N 21 -56.20 32.15 -2.08
N LEU N 22 -55.37 33.19 -2.06
CA LEU N 22 -55.72 34.47 -1.48
C LEU N 22 -56.16 35.45 -2.56
N LYS N 23 -57.10 36.33 -2.23
CA LYS N 23 -57.65 37.28 -3.18
C LYS N 23 -57.35 38.71 -2.75
N ALA N 24 -56.52 39.38 -3.54
CA ALA N 24 -56.10 40.75 -3.29
C ALA N 24 -57.05 41.74 -3.96
N PRO N 25 -57.32 42.88 -3.33
CA PRO N 25 -58.14 43.91 -4.00
C PRO N 25 -57.35 44.80 -4.96
N LEU N 26 -56.14 44.38 -5.32
CA LEU N 26 -55.24 45.20 -6.12
C LEU N 26 -55.84 45.57 -7.46
N THR N 27 -55.56 46.80 -7.90
CA THR N 27 -55.95 47.26 -9.22
C THR N 27 -54.82 47.94 -9.97
N LYS N 28 -53.91 48.64 -9.29
CA LYS N 28 -52.79 49.33 -9.91
C LYS N 28 -51.58 48.40 -9.85
N PRO N 29 -50.77 48.32 -10.92
CA PRO N 29 -49.57 47.47 -10.83
C PRO N 29 -48.58 47.99 -9.80
N LEU N 30 -47.86 47.05 -9.20
CA LEU N 30 -46.92 47.35 -8.12
C LEU N 30 -45.54 47.74 -8.65
N LYS N 31 -45.09 48.93 -8.23
CA LYS N 31 -43.70 49.34 -8.37
C LYS N 31 -42.85 49.02 -7.14
N ALA N 32 -43.45 48.55 -6.05
CA ALA N 32 -42.68 48.20 -4.85
C ALA N 32 -43.64 47.55 -3.87
N PHE N 33 -43.10 46.85 -2.86
CA PHE N 33 -43.92 46.21 -1.86
C PHE N 33 -43.08 45.72 -0.69
N THR N 34 -43.78 45.32 0.38
CA THR N 34 -43.19 44.55 1.46
C THR N 34 -44.13 43.39 1.76
N VAL N 35 -43.55 42.21 2.00
CA VAL N 35 -44.31 41.04 2.43
C VAL N 35 -43.71 40.51 3.72
N CYS N 36 -44.54 40.28 4.72
CA CYS N 36 -44.13 39.71 6.00
C CYS N 36 -45.00 38.52 6.35
N LEU N 37 -44.35 37.53 6.96
CA LEU N 37 -45.03 36.31 7.32
C LEU N 37 -44.33 35.54 8.42
N HIS N 38 -45.03 34.60 9.03
CA HIS N 38 -44.40 33.75 10.02
C HIS N 38 -44.71 32.31 9.68
N PHE N 39 -43.69 31.49 9.54
CA PHE N 39 -43.91 30.11 9.15
C PHE N 39 -43.07 29.18 10.00
N TYR N 40 -43.55 27.94 10.11
CA TYR N 40 -42.90 26.89 10.89
C TYR N 40 -43.01 25.60 10.09
N THR N 41 -41.88 24.92 9.91
CA THR N 41 -41.86 23.64 9.22
C THR N 41 -40.58 22.91 9.58
N GLU N 42 -40.55 21.61 9.28
CA GLU N 42 -39.40 20.76 9.52
C GLU N 42 -38.77 20.27 8.22
N LEU N 43 -39.28 20.72 7.07
CA LEU N 43 -38.74 20.25 5.81
C LEU N 43 -37.36 20.82 5.52
N SER N 44 -36.84 21.67 6.39
CA SER N 44 -35.56 22.33 6.10
C SER N 44 -34.49 21.30 5.77
N SER N 45 -34.51 20.17 6.48
CA SER N 45 -33.45 19.18 6.30
C SER N 45 -33.82 18.10 5.31
N THR N 46 -35.01 18.13 4.71
CA THR N 46 -35.44 17.09 3.79
C THR N 46 -35.42 17.52 2.33
N ARG N 47 -36.22 18.57 2.03
CA ARG N 47 -36.40 19.03 0.66
C ARG N 47 -36.70 20.52 0.57
N GLY N 48 -36.66 21.08 -0.64
CA GLY N 48 -37.06 22.46 -0.82
C GLY N 48 -38.56 22.65 -0.83
N TYR N 49 -38.98 23.88 -0.52
CA TYR N 49 -40.40 24.17 -0.40
C TYR N 49 -40.62 25.66 -0.61
N SER N 50 -41.72 26.00 -1.28
CA SER N 50 -42.13 27.37 -1.53
C SER N 50 -42.81 27.94 -0.29
N ILE N 51 -42.50 29.19 0.05
CA ILE N 51 -43.07 29.90 1.19
C ILE N 51 -44.20 30.78 0.69
N PHE N 52 -43.86 31.61 -0.30
CA PHE N 52 -44.84 32.49 -0.90
C PHE N 52 -44.56 32.53 -2.38
N SER N 53 -45.56 32.24 -3.19
CA SER N 53 -45.40 32.26 -4.62
C SER N 53 -46.45 33.20 -5.20
N TYR N 54 -46.11 34.19 -5.83
CA TYR N 54 -46.88 35.18 -6.59
C TYR N 54 -46.61 35.08 -8.09
N ALA N 55 -47.67 34.92 -8.88
CA ALA N 55 -47.57 34.66 -10.31
C ALA N 55 -48.60 35.49 -11.06
N THR N 56 -48.27 35.81 -12.32
CA THR N 56 -49.18 36.44 -13.27
C THR N 56 -49.33 35.53 -14.49
N LYS N 57 -50.33 35.83 -15.34
CA LYS N 57 -50.61 34.93 -16.46
C LYS N 57 -49.40 34.77 -17.36
N ARG N 58 -48.55 35.80 -17.47
CA ARG N 58 -47.39 35.67 -18.36
C ARG N 58 -46.18 35.11 -17.65
N GLN N 59 -46.24 34.92 -16.34
CA GLN N 59 -45.08 34.48 -15.56
C GLN N 59 -45.60 33.70 -14.37
N ASP N 60 -45.19 32.44 -14.25
CA ASP N 60 -45.48 31.65 -13.05
C ASP N 60 -44.64 32.05 -11.84
N ASN N 61 -43.59 32.82 -12.04
CA ASN N 61 -42.70 33.19 -10.93
C ASN N 61 -42.21 34.65 -10.95
N GLU N 62 -43.21 35.54 -10.89
CA GLU N 62 -42.95 36.96 -10.82
C GLU N 62 -42.35 37.16 -9.46
N ILE N 63 -43.03 36.76 -8.38
CA ILE N 63 -42.35 36.86 -7.09
C ILE N 63 -42.46 35.51 -6.42
N LEU N 64 -41.33 34.99 -5.93
CA LEU N 64 -41.26 33.69 -5.30
C LEU N 64 -40.23 33.71 -4.18
N ILE N 65 -40.59 33.41 -3.00
CA ILE N 65 -39.65 33.27 -1.89
C ILE N 65 -39.65 31.77 -1.73
N PHE N 66 -38.60 31.10 -1.94
CA PHE N 66 -38.40 29.66 -1.95
C PHE N 66 -37.17 29.30 -1.14
N TRP N 67 -37.25 28.16 -0.46
CA TRP N 67 -36.13 27.61 0.31
C TRP N 67 -35.53 26.49 -0.51
N SER N 68 -34.26 26.69 -0.88
CA SER N 68 -33.50 25.68 -1.63
C SER N 68 -32.54 24.94 -0.70
N LYS N 69 -32.64 23.62 -0.73
CA LYS N 69 -31.94 22.80 0.25
C LYS N 69 -30.44 23.01 0.14
N ASP N 70 -29.78 23.16 1.29
CA ASP N 70 -28.33 23.39 1.34
C ASP N 70 -27.93 24.80 0.88
N ILE N 71 -28.92 25.64 0.57
CA ILE N 71 -28.64 26.99 0.09
C ILE N 71 -29.25 28.06 0.98
N GLY N 72 -30.55 27.95 1.27
CA GLY N 72 -31.21 28.93 2.10
C GLY N 72 -32.38 29.59 1.39
N TYR N 73 -32.61 30.87 1.69
CA TYR N 73 -33.74 31.61 1.12
C TYR N 73 -33.35 32.16 -0.25
N SER N 74 -34.15 31.83 -1.26
CA SER N 74 -33.94 32.29 -2.62
C SER N 74 -35.07 33.25 -3.00
N PHE N 75 -34.74 34.53 -3.18
CA PHE N 75 -35.71 35.56 -3.50
C PHE N 75 -35.59 35.89 -4.99
N THR N 76 -36.72 35.91 -5.69
CA THR N 76 -36.75 36.13 -7.13
C THR N 76 -37.86 37.10 -7.48
N VAL N 77 -37.54 38.07 -8.32
CA VAL N 77 -38.49 39.08 -8.82
C VAL N 77 -38.30 39.17 -10.32
N GLY N 78 -39.38 39.09 -11.08
CA GLY N 78 -39.27 39.20 -12.51
C GLY N 78 -38.54 38.03 -13.12
N GLY N 79 -38.51 36.92 -12.39
CA GLY N 79 -37.91 35.69 -12.87
C GLY N 79 -36.42 35.63 -12.61
N SER N 80 -35.74 36.77 -12.46
CA SER N 80 -34.34 36.71 -12.10
C SER N 80 -34.22 36.36 -10.62
N GLU N 81 -33.13 35.68 -10.26
CA GLU N 81 -33.02 35.09 -8.94
C GLU N 81 -31.92 35.79 -8.13
N ILE N 82 -32.04 35.70 -6.81
CA ILE N 82 -31.00 36.07 -5.86
C ILE N 82 -31.22 35.25 -4.60
N LEU N 83 -30.11 34.80 -4.03
CA LEU N 83 -30.10 33.87 -2.91
C LEU N 83 -29.58 34.55 -1.66
N PHE N 84 -30.20 34.23 -0.53
CA PHE N 84 -29.72 34.64 0.78
C PHE N 84 -29.29 33.39 1.53
N GLU N 85 -28.01 33.35 1.88
CA GLU N 85 -27.39 32.15 2.43
C GLU N 85 -27.85 31.92 3.86
N VAL N 86 -27.91 30.66 4.26
CA VAL N 86 -28.20 30.25 5.62
C VAL N 86 -27.35 29.03 5.96
N PRO N 87 -26.23 29.20 6.67
CA PRO N 87 -25.33 28.06 6.93
C PRO N 87 -25.96 26.94 7.74
N GLU N 88 -26.55 27.26 8.89
CA GLU N 88 -27.22 26.29 9.74
C GLU N 88 -28.61 26.78 10.09
N VAL N 89 -29.56 25.84 10.17
CA VAL N 89 -30.95 26.19 10.44
C VAL N 89 -31.42 25.50 11.71
N THR N 90 -31.94 26.31 12.63
CA THR N 90 -32.59 25.90 13.87
C THR N 90 -33.97 25.30 13.55
N VAL N 91 -34.46 24.47 14.47
CA VAL N 91 -35.78 23.86 14.35
C VAL N 91 -36.74 24.78 15.12
N ALA N 92 -37.24 25.82 14.47
CA ALA N 92 -38.14 26.72 15.17
C ALA N 92 -38.95 27.62 14.24
N PRO N 93 -40.05 28.21 14.73
CA PRO N 93 -40.79 29.17 13.90
C PRO N 93 -39.92 30.36 13.52
N VAL N 94 -40.12 30.86 12.30
CA VAL N 94 -39.29 31.92 11.74
C VAL N 94 -40.19 33.01 11.14
N HIS N 95 -39.82 34.27 11.40
CA HIS N 95 -40.48 35.43 10.81
C HIS N 95 -39.61 35.99 9.70
N ILE N 96 -40.23 36.37 8.59
CA ILE N 96 -39.48 36.93 7.47
C ILE N 96 -40.25 38.10 6.88
N CYS N 97 -39.53 39.19 6.63
CA CYS N 97 -40.05 40.36 5.94
C CYS N 97 -39.13 40.69 4.78
N THR N 98 -39.70 40.90 3.59
CA THR N 98 -38.90 41.19 2.42
C THR N 98 -39.52 42.35 1.64
N SER N 99 -38.66 43.29 1.24
CA SER N 99 -39.11 44.49 0.55
C SER N 99 -38.33 44.63 -0.75
N TRP N 100 -39.01 45.11 -1.79
CA TRP N 100 -38.37 45.40 -3.07
C TRP N 100 -38.94 46.69 -3.65
N GLU N 101 -38.07 47.46 -4.29
CA GLU N 101 -38.45 48.76 -4.84
C GLU N 101 -38.04 48.85 -6.31
N SER N 102 -38.93 49.24 -7.22
CA SER N 102 -38.52 49.24 -8.63
C SER N 102 -37.66 50.44 -8.92
N ALA N 103 -38.01 51.60 -8.36
CA ALA N 103 -37.27 52.79 -8.76
C ALA N 103 -35.77 52.60 -8.59
N SER N 104 -35.35 51.80 -7.61
CA SER N 104 -33.95 51.72 -7.23
C SER N 104 -33.42 50.30 -7.28
N GLY N 105 -34.29 49.30 -7.12
CA GLY N 105 -33.89 47.92 -7.30
C GLY N 105 -33.37 47.23 -6.06
N ILE N 106 -33.37 47.89 -4.91
CA ILE N 106 -32.87 47.28 -3.70
C ILE N 106 -33.89 46.32 -3.11
N VAL N 107 -33.40 45.22 -2.53
CA VAL N 107 -34.21 44.27 -1.78
C VAL N 107 -33.67 44.25 -0.35
N GLU N 108 -34.56 44.45 0.63
CA GLU N 108 -34.20 44.32 2.03
C GLU N 108 -34.83 43.05 2.62
N PHE N 109 -33.99 42.20 3.20
CA PHE N 109 -34.44 40.96 3.83
C PHE N 109 -34.22 41.02 5.34
N TRP N 110 -35.31 40.93 6.09
CA TRP N 110 -35.29 40.86 7.55
C TRP N 110 -35.71 39.46 7.97
N VAL N 111 -34.85 38.76 8.70
CA VAL N 111 -35.19 37.46 9.27
C VAL N 111 -35.01 37.57 10.77
N ASP N 112 -36.02 37.08 11.52
CA ASP N 112 -36.04 37.15 12.98
C ASP N 112 -35.55 38.54 13.38
N GLY N 113 -36.03 39.57 12.70
CA GLY N 113 -35.66 40.92 13.07
C GLY N 113 -34.25 41.31 12.71
N LYS N 114 -33.41 40.38 12.28
CA LYS N 114 -32.02 40.68 11.98
C LYS N 114 -31.85 40.95 10.49
N PRO N 115 -31.42 42.16 10.10
CA PRO N 115 -31.41 42.52 8.67
C PRO N 115 -30.22 41.98 7.88
N ARG N 116 -30.53 41.36 6.74
CA ARG N 116 -29.49 40.93 5.80
C ARG N 116 -29.03 42.12 4.97
N VAL N 117 -27.85 41.98 4.35
CA VAL N 117 -27.30 43.06 3.55
C VAL N 117 -28.28 43.46 2.45
N ARG N 118 -28.34 44.75 2.16
CA ARG N 118 -29.12 45.22 1.03
C ARG N 118 -28.45 44.87 -0.30
N LYS N 119 -29.27 44.53 -1.29
CA LYS N 119 -28.79 44.16 -2.62
C LYS N 119 -29.76 44.71 -3.65
N SER N 120 -29.26 44.88 -4.88
CA SER N 120 -30.05 45.39 -6.00
C SER N 120 -30.59 44.25 -6.85
N LEU N 121 -31.79 44.46 -7.39
CA LEU N 121 -32.47 43.42 -8.15
C LEU N 121 -33.51 44.06 -9.07
N LYS N 122 -33.36 43.80 -10.37
CA LYS N 122 -34.38 44.11 -11.37
C LYS N 122 -34.87 45.56 -11.26
N LYS N 123 -33.97 46.49 -11.53
CA LYS N 123 -34.30 47.90 -11.46
C LYS N 123 -35.09 48.31 -12.70
N GLY N 124 -36.17 49.06 -12.51
CA GLY N 124 -36.96 49.53 -13.62
C GLY N 124 -38.15 48.67 -14.00
N TYR N 125 -38.36 47.56 -13.30
CA TYR N 125 -39.47 46.67 -13.63
C TYR N 125 -40.78 47.18 -13.05
N THR N 126 -41.88 46.60 -13.52
CA THR N 126 -43.21 46.84 -12.98
C THR N 126 -43.90 45.50 -12.81
N VAL N 127 -44.58 45.34 -11.68
CA VAL N 127 -45.33 44.12 -11.38
C VAL N 127 -46.76 44.30 -11.81
N GLY N 128 -47.31 43.31 -12.51
CA GLY N 128 -48.69 43.38 -12.91
C GLY N 128 -49.62 43.23 -11.72
N ALA N 129 -50.78 43.87 -11.77
CA ALA N 129 -51.69 43.75 -10.63
C ALA N 129 -52.50 42.47 -10.74
N GLU N 130 -52.94 42.12 -11.95
CA GLU N 130 -53.61 40.86 -12.14
C GLU N 130 -52.68 39.75 -11.66
N ALA N 131 -53.14 38.95 -10.70
CA ALA N 131 -52.24 37.94 -10.14
C ALA N 131 -53.02 37.03 -9.21
N SER N 132 -52.51 35.80 -9.08
CA SER N 132 -53.04 34.79 -8.18
C SER N 132 -51.96 34.51 -7.14
N ILE N 133 -52.32 34.54 -5.88
CA ILE N 133 -51.38 34.21 -4.82
C ILE N 133 -51.87 32.92 -4.19
N ILE N 134 -50.99 31.98 -4.05
CA ILE N 134 -51.31 30.66 -3.52
C ILE N 134 -50.28 30.30 -2.46
N LEU N 135 -50.69 29.47 -1.50
CA LEU N 135 -49.82 28.99 -0.45
C LEU N 135 -49.94 27.48 -0.33
N GLY N 136 -48.81 26.86 0.02
CA GLY N 136 -48.64 25.43 0.18
C GLY N 136 -48.31 24.69 -1.09
N GLN N 137 -48.30 25.37 -2.24
CA GLN N 137 -47.97 24.76 -3.52
C GLN N 137 -47.17 25.77 -4.32
N GLU N 138 -46.34 25.34 -5.21
CA GLU N 138 -45.57 26.25 -6.07
C GLU N 138 -46.35 26.33 -7.39
N GLN N 139 -46.34 27.42 -8.09
CA GLN N 139 -47.21 27.68 -9.23
C GLN N 139 -46.36 27.78 -10.50
N ASP N 140 -46.69 26.97 -11.49
CA ASP N 140 -46.08 26.95 -12.81
C ASP N 140 -47.06 27.39 -13.88
N SER N 141 -48.27 27.69 -13.43
CA SER N 141 -49.33 28.18 -14.28
C SER N 141 -49.94 29.27 -13.41
N PHE N 142 -50.99 29.95 -13.84
CA PHE N 142 -51.51 31.06 -13.05
C PHE N 142 -51.87 30.66 -11.63
N GLY N 143 -52.53 29.52 -11.44
CA GLY N 143 -52.88 29.04 -10.11
C GLY N 143 -52.87 27.53 -10.05
N GLY N 144 -52.02 26.90 -10.85
CA GLY N 144 -51.95 25.46 -10.92
C GLY N 144 -50.58 24.98 -11.32
N ASN N 145 -50.51 23.78 -11.87
CA ASN N 145 -49.23 23.21 -12.26
C ASN N 145 -48.34 23.15 -11.04
N PHE N 146 -48.77 22.39 -10.04
CA PHE N 146 -48.00 22.27 -8.81
C PHE N 146 -47.20 20.99 -8.75
N GLU N 147 -46.25 20.91 -7.82
CA GLU N 147 -45.47 19.69 -7.61
C GLU N 147 -45.53 19.25 -6.15
N GLY N 148 -45.42 17.94 -5.94
CA GLY N 148 -45.42 17.38 -4.61
C GLY N 148 -44.11 17.56 -3.88
N SER N 149 -42.98 17.42 -4.58
CA SER N 149 -41.68 17.65 -3.96
C SER N 149 -41.52 19.10 -3.52
N GLN N 150 -42.38 20.00 -4.00
CA GLN N 150 -42.28 21.41 -3.68
C GLN N 150 -43.38 21.89 -2.74
N SER N 151 -44.45 21.12 -2.60
CA SER N 151 -45.52 21.48 -1.67
C SER N 151 -45.01 21.47 -0.23
N LEU N 152 -45.42 22.48 0.54
CA LEU N 152 -44.92 22.68 1.88
C LEU N 152 -45.82 21.97 2.90
N VAL N 153 -45.19 21.27 3.84
CA VAL N 153 -45.86 20.65 4.97
C VAL N 153 -45.51 21.45 6.23
N GLY N 154 -46.51 22.05 6.85
CA GLY N 154 -46.28 22.82 8.05
C GLY N 154 -47.33 23.90 8.22
N ASP N 155 -46.95 24.95 8.94
CA ASP N 155 -47.87 25.95 9.45
C ASP N 155 -47.40 27.35 9.08
N ILE N 156 -48.35 28.22 8.77
CA ILE N 156 -48.06 29.59 8.34
C ILE N 156 -49.14 30.52 8.86
N GLY N 157 -48.74 31.76 9.13
CA GLY N 157 -49.67 32.79 9.56
C GLY N 157 -49.05 34.16 9.41
N ASN N 158 -49.78 35.15 9.93
CA ASN N 158 -49.34 36.54 9.91
C ASN N 158 -49.07 37.05 8.51
N VAL N 159 -49.79 36.49 7.53
CA VAL N 159 -49.55 36.82 6.13
C VAL N 159 -50.00 38.26 5.86
N ASN N 160 -49.01 39.13 5.64
CA ASN N 160 -49.30 40.53 5.42
C ASN N 160 -48.50 41.02 4.25
N MET N 161 -49.06 41.95 3.52
CA MET N 161 -48.41 42.47 2.31
C MET N 161 -48.87 43.90 2.02
N TRP N 162 -47.94 44.83 1.93
CA TRP N 162 -48.24 46.24 1.70
C TRP N 162 -48.08 46.52 0.21
N ASP N 163 -47.92 47.80 -0.16
CA ASP N 163 -47.64 48.16 -1.55
C ASP N 163 -46.48 49.14 -1.54
N PHE N 164 -45.79 49.27 -0.41
CA PHE N 164 -44.60 50.12 -0.33
C PHE N 164 -43.65 49.55 0.73
N VAL N 165 -42.41 50.05 0.71
CA VAL N 165 -41.33 49.52 1.54
C VAL N 165 -41.48 50.10 2.94
N LEU N 166 -41.57 49.23 3.94
CA LEU N 166 -41.58 49.64 5.33
C LEU N 166 -40.19 50.10 5.75
N SER N 167 -40.15 51.04 6.71
CA SER N 167 -38.89 51.45 7.31
C SER N 167 -38.44 50.45 8.38
N PRO N 168 -37.16 50.46 8.75
CA PRO N 168 -36.66 49.48 9.72
C PRO N 168 -37.41 49.50 11.03
N ASP N 169 -37.82 50.69 11.48
CA ASP N 169 -38.60 50.78 12.72
C ASP N 169 -39.92 50.03 12.58
N GLU N 170 -40.61 50.22 11.46
CA GLU N 170 -41.88 49.55 11.27
C GLU N 170 -41.72 48.04 11.27
N ILE N 171 -40.66 47.53 10.62
CA ILE N 171 -40.41 46.09 10.62
C ILE N 171 -40.11 45.61 12.04
N ASN N 172 -39.36 46.39 12.81
CA ASN N 172 -39.14 46.03 14.21
C ASN N 172 -40.46 45.92 14.95
N THR N 173 -41.38 46.86 14.70
CA THR N 173 -42.70 46.77 15.31
C THR N 173 -43.37 45.47 14.92
N ILE N 174 -43.31 45.15 13.63
CA ILE N 174 -43.90 43.90 13.15
C ILE N 174 -43.36 42.71 13.96
N TYR N 175 -42.05 42.67 14.19
CA TYR N 175 -41.52 41.52 14.92
C TYR N 175 -42.02 41.51 16.36
N LEU N 176 -42.39 42.67 16.89
CA LEU N 176 -42.95 42.78 18.23
C LEU N 176 -44.43 42.39 18.28
N GLY N 177 -45.13 42.46 17.15
CA GLY N 177 -46.54 42.17 17.13
C GLY N 177 -47.42 43.37 17.41
N GLY N 178 -46.89 44.58 17.22
CA GLY N 178 -47.62 45.80 17.45
C GLY N 178 -48.63 46.07 16.36
N PRO N 179 -49.41 47.15 16.53
CA PRO N 179 -50.36 47.56 15.48
C PRO N 179 -49.70 48.00 14.17
N PHE N 180 -50.33 47.60 13.07
CA PHE N 180 -49.92 47.99 11.73
C PHE N 180 -51.14 47.87 10.84
N SER N 181 -51.10 48.55 9.70
CA SER N 181 -52.27 48.70 8.83
C SER N 181 -51.90 48.20 7.44
N PRO N 182 -52.06 46.90 7.19
CA PRO N 182 -51.86 46.40 5.82
C PRO N 182 -52.94 46.93 4.87
N ASN N 183 -52.55 47.07 3.61
CA ASN N 183 -53.32 47.80 2.62
C ASN N 183 -53.85 46.90 1.52
N VAL N 184 -53.09 45.87 1.11
CA VAL N 184 -53.47 45.02 -0.01
C VAL N 184 -53.89 43.67 0.54
N LEU N 185 -53.05 43.04 1.36
CA LEU N 185 -53.44 41.77 2.00
C LEU N 185 -53.39 41.96 3.50
N ASN N 186 -54.51 41.69 4.16
CA ASN N 186 -54.67 41.88 5.59
C ASN N 186 -54.97 40.53 6.24
N TRP N 187 -54.10 40.10 7.15
CA TRP N 187 -54.44 38.96 8.00
C TRP N 187 -55.74 39.20 8.76
N ARG N 188 -55.92 40.40 9.30
CA ARG N 188 -57.10 40.66 10.12
C ARG N 188 -58.37 40.83 9.28
N ALA N 189 -58.26 40.99 7.97
CA ALA N 189 -59.41 41.17 7.09
C ALA N 189 -59.27 40.31 5.85
N LEU N 190 -58.73 39.11 5.99
CA LEU N 190 -58.27 38.35 4.84
C LEU N 190 -59.43 37.68 4.12
N LYS N 191 -59.18 37.36 2.84
CA LYS N 191 -60.09 36.54 2.04
C LYS N 191 -59.27 35.39 1.50
N TYR N 192 -59.88 34.23 1.34
CA TYR N 192 -59.16 33.04 0.92
C TYR N 192 -60.13 31.97 0.46
N GLU N 193 -59.58 30.95 -0.18
CA GLU N 193 -60.31 29.74 -0.52
C GLU N 193 -59.36 28.57 -0.33
N VAL N 194 -59.84 27.52 0.32
CA VAL N 194 -59.03 26.37 0.69
C VAL N 194 -59.40 25.20 -0.20
N GLN N 195 -58.39 24.40 -0.57
CA GLN N 195 -58.57 23.25 -1.43
C GLN N 195 -57.75 22.10 -0.87
N GLY N 196 -58.38 20.93 -0.77
CA GLY N 196 -57.68 19.76 -0.26
C GLY N 196 -57.51 19.79 1.24
N GLU N 197 -56.46 19.11 1.70
CA GLU N 197 -56.17 18.98 3.13
C GLU N 197 -55.52 20.26 3.65
N VAL N 198 -56.34 21.19 4.15
CA VAL N 198 -55.85 22.36 4.84
C VAL N 198 -56.84 22.70 5.95
N PHE N 199 -56.35 23.27 7.05
CA PHE N 199 -57.16 23.44 8.24
C PHE N 199 -56.82 24.76 8.89
N THR N 200 -57.67 25.23 9.81
CA THR N 200 -57.41 26.44 10.56
C THR N 200 -57.27 26.06 12.03
N LYS N 201 -56.23 26.53 12.68
CA LYS N 201 -55.96 26.17 14.07
C LYS N 201 -55.35 27.36 14.79
N PRO N 202 -55.40 27.39 16.12
CA PRO N 202 -54.64 28.41 16.84
C PRO N 202 -53.16 28.28 16.54
N GLN N 203 -52.49 29.43 16.47
CA GLN N 203 -51.05 29.43 16.21
C GLN N 203 -50.29 28.81 17.37
N LEU N 204 -49.15 28.19 17.06
CA LEU N 204 -48.30 27.65 18.11
C LEU N 204 -47.31 28.70 18.58
N TRP N 205 -46.67 29.40 17.65
CA TRP N 205 -45.67 30.41 18.00
C TRP N 205 -46.31 31.51 18.85
N PRO N 206 -45.50 32.21 19.66
CA PRO N 206 -46.01 33.36 20.42
C PRO N 206 -46.74 34.38 19.55
N GLU O 3 10.94 29.21 7.97
CA GLU O 3 10.18 27.97 7.92
C GLU O 3 9.75 27.66 6.50
N VAL O 4 9.47 28.69 5.72
CA VAL O 4 9.06 28.50 4.33
C VAL O 4 10.29 28.30 3.46
N GLN O 5 10.15 27.45 2.44
CA GLN O 5 11.23 27.17 1.50
C GLN O 5 10.94 27.91 0.20
N LEU O 6 11.87 28.74 -0.25
CA LEU O 6 11.67 29.58 -1.41
C LEU O 6 12.45 29.01 -2.60
N VAL O 7 11.75 28.82 -3.71
CA VAL O 7 12.36 28.35 -4.95
C VAL O 7 11.92 29.25 -6.09
N GLU O 8 12.86 29.94 -6.72
CA GLU O 8 12.53 30.81 -7.83
C GLU O 8 12.62 30.04 -9.14
N SER O 9 12.19 30.69 -10.22
CA SER O 9 12.18 30.09 -11.55
C SER O 9 11.85 31.18 -12.56
N GLY O 10 12.14 30.88 -13.82
CA GLY O 10 11.92 31.81 -14.91
C GLY O 10 13.16 32.51 -15.41
N GLY O 11 14.34 32.18 -14.89
CA GLY O 11 15.56 32.79 -15.36
C GLY O 11 15.99 32.26 -16.71
N GLY O 12 16.99 32.92 -17.29
CA GLY O 12 17.48 32.52 -18.59
C GLY O 12 18.17 33.69 -19.27
N LEU O 13 18.29 33.38 -20.68
CA LEU O 13 18.94 34.36 -21.54
C LEU O 13 17.96 35.02 -22.49
N VAL O 14 18.13 36.33 -22.71
CA VAL O 14 17.25 37.05 -23.62
C VAL O 14 17.93 38.27 -24.25
N GLN O 15 17.34 38.80 -25.33
CA GLN O 15 17.89 39.97 -26.00
C GLN O 15 17.74 41.21 -25.15
N THR O 16 18.60 42.27 -25.45
CA THR O 16 18.37 43.54 -24.77
C THR O 16 16.95 44.02 -25.02
N GLY O 17 16.38 44.66 -24.00
CA GLY O 17 15.02 45.16 -24.10
C GLY O 17 13.97 44.08 -24.22
N GLY O 18 14.13 43.00 -23.46
CA GLY O 18 13.19 41.90 -23.46
C GLY O 18 12.22 41.96 -22.30
N SER O 19 11.62 40.81 -22.01
CA SER O 19 10.66 40.70 -20.91
C SER O 19 10.89 39.38 -20.17
N LEU O 20 10.57 39.40 -18.88
CA LEU O 20 10.77 38.20 -18.05
C LEU O 20 9.87 38.22 -16.81
N ARG O 21 8.91 37.31 -16.75
CA ARG O 21 8.01 37.20 -15.60
C ARG O 21 8.51 36.08 -14.69
N LEU O 22 9.55 36.39 -13.93
CA LEU O 22 10.08 35.40 -13.00
C LEU O 22 9.09 35.12 -11.88
N SER O 23 9.09 33.88 -11.42
CA SER O 23 8.20 33.52 -10.34
C SER O 23 8.96 32.92 -9.19
N CYS O 24 8.28 32.73 -8.08
CA CYS O 24 8.90 32.15 -6.89
C CYS O 24 7.83 31.45 -6.08
N ALA O 25 8.04 30.16 -5.81
CA ALA O 25 7.13 29.35 -5.02
C ALA O 25 7.63 29.23 -3.59
N ALA O 26 6.71 29.27 -2.64
CA ALA O 26 7.01 29.18 -1.23
C ALA O 26 6.34 27.96 -0.63
N SER O 27 7.11 27.13 0.05
CA SER O 27 6.61 25.93 0.72
C SER O 27 6.41 26.26 2.19
N GLY O 28 5.19 26.09 2.65
CA GLY O 28 4.82 26.42 4.02
C GLY O 28 3.39 26.92 4.07
N ARG O 29 2.96 27.27 5.28
CA ARG O 29 1.62 27.77 5.50
C ARG O 29 1.57 29.19 6.05
N THR O 30 2.72 29.78 6.38
CA THR O 30 2.79 31.16 6.86
C THR O 30 3.06 32.16 5.74
N PHE O 31 3.09 31.70 4.49
CA PHE O 31 3.47 32.58 3.38
C PHE O 31 2.67 33.88 3.41
N ASN O 32 1.38 33.80 3.70
CA ASN O 32 0.55 35.01 3.78
C ASN O 32 0.88 35.88 4.99
N ARG O 33 1.84 35.44 5.80
CA ARG O 33 2.24 36.16 7.00
C ARG O 33 3.58 36.86 6.86
N HIS O 34 4.35 36.55 5.82
CA HIS O 34 5.65 37.16 5.58
C HIS O 34 5.57 38.13 4.41
N TYR O 35 6.50 39.08 4.37
CA TYR O 35 6.67 39.93 3.20
C TYR O 35 7.84 39.40 2.39
N MET O 36 7.63 39.26 1.08
CA MET O 36 8.63 38.67 0.21
C MET O 36 9.53 39.76 -0.36
N GLY O 37 10.66 39.33 -0.91
CA GLY O 37 11.59 40.26 -1.53
C GLY O 37 12.42 39.58 -2.59
N TRP O 38 12.87 40.38 -3.56
CA TRP O 38 13.77 39.93 -4.60
C TRP O 38 15.09 40.67 -4.45
N PHE O 39 16.18 39.90 -4.39
CA PHE O 39 17.52 40.42 -4.19
C PHE O 39 18.39 40.05 -5.40
N ARG O 40 19.37 40.90 -5.69
CA ARG O 40 20.29 40.69 -6.79
C ARG O 40 21.69 40.41 -6.26
N GLN O 41 22.45 39.61 -7.03
CA GLN O 41 23.82 39.27 -6.64
C GLN O 41 24.69 38.99 -7.86
N VAL O 42 25.91 39.51 -7.87
CA VAL O 42 26.84 39.37 -8.99
C VAL O 42 28.11 38.71 -8.47
N PRO O 43 28.81 37.89 -9.30
CA PRO O 43 30.07 37.29 -8.86
C PRO O 43 31.13 38.29 -8.42
N GLY O 44 31.77 38.04 -7.28
CA GLY O 44 32.75 38.95 -6.75
C GLY O 44 32.18 40.11 -5.96
N LYS O 45 30.91 40.03 -5.55
CA LYS O 45 30.28 41.09 -4.79
C LYS O 45 29.18 40.47 -3.92
N GLU O 46 28.57 41.32 -3.09
CA GLU O 46 27.51 40.89 -2.19
C GLU O 46 26.15 41.03 -2.86
N ARG O 47 25.11 40.61 -2.15
CA ARG O 47 23.76 40.74 -2.66
C ARG O 47 23.27 42.18 -2.55
N GLU O 48 22.41 42.57 -3.49
CA GLU O 48 21.81 43.90 -3.49
C GLU O 48 20.30 43.79 -3.51
N PHE O 49 19.65 44.78 -2.91
CA PHE O 49 18.19 44.83 -2.90
C PHE O 49 17.65 45.08 -4.29
N VAL O 50 16.52 44.46 -4.60
CA VAL O 50 15.85 44.67 -5.88
C VAL O 50 14.45 45.19 -5.63
N ALA O 51 13.65 44.43 -4.89
CA ALA O 51 12.28 44.84 -4.63
C ALA O 51 11.75 44.14 -3.39
N SER O 52 10.57 44.54 -2.91
CA SER O 52 9.93 43.87 -1.77
C SER O 52 8.40 43.81 -1.91
N ILE O 53 7.78 42.65 -1.67
CA ILE O 53 6.32 42.48 -1.82
C ILE O 53 5.60 42.23 -0.49
N SER O 54 4.39 42.77 -0.34
CA SER O 54 3.69 42.65 0.96
C SER O 54 2.68 41.53 1.11
N GLN O 55 2.38 41.19 2.36
CA GLN O 55 1.41 40.14 2.65
C GLN O 55 0.07 40.46 2.01
N THR O 56 -0.61 41.48 2.52
CA THR O 56 -1.87 41.89 1.92
C THR O 56 -1.62 42.19 0.45
N GLY O 57 -0.41 42.64 0.14
CA GLY O 57 -0.06 42.90 -1.24
C GLY O 57 -0.39 44.29 -1.73
N LEU O 58 -0.78 45.19 -0.83
CA LEU O 58 -1.18 46.51 -1.30
C LEU O 58 -0.08 47.55 -1.11
N ASN O 59 0.91 47.26 -0.26
CA ASN O 59 2.05 48.14 -0.05
C ASN O 59 3.31 47.41 -0.50
N LYS O 60 4.06 48.04 -1.41
CA LYS O 60 5.26 47.45 -1.99
C LYS O 60 6.39 48.47 -1.92
N ASP O 61 7.55 48.08 -2.48
CA ASP O 61 8.70 48.97 -2.51
C ASP O 61 9.62 48.55 -3.64
N TYR O 62 9.91 49.49 -4.54
CA TYR O 62 10.77 49.24 -5.69
C TYR O 62 12.06 50.04 -5.55
N VAL O 63 13.16 49.46 -6.02
CA VAL O 63 14.40 50.22 -6.07
C VAL O 63 14.25 51.37 -7.07
N ASP O 64 15.13 52.36 -6.93
CA ASP O 64 15.02 53.57 -7.76
C ASP O 64 15.10 53.23 -9.24
N SER O 65 16.10 52.43 -9.63
CA SER O 65 16.27 52.10 -11.03
C SER O 65 15.09 51.28 -11.56
N ALA O 66 14.64 50.30 -10.78
CA ALA O 66 13.57 49.42 -11.23
C ALA O 66 12.20 50.08 -11.21
N LYS O 67 12.07 51.26 -10.62
CA LYS O 67 10.78 51.91 -10.50
C LYS O 67 10.15 52.10 -11.88
N GLY O 68 8.88 51.73 -12.01
CA GLY O 68 8.16 51.86 -13.26
C GLY O 68 8.51 50.78 -14.26
N ARG O 69 9.80 50.48 -14.39
CA ARG O 69 10.24 49.46 -15.34
C ARG O 69 9.85 48.06 -14.89
N PHE O 70 9.96 47.78 -13.59
CA PHE O 70 9.67 46.47 -13.05
C PHE O 70 8.40 46.51 -12.21
N THR O 71 7.90 45.31 -11.95
CA THR O 71 6.71 45.19 -11.12
C THR O 71 6.86 43.97 -10.21
N ILE O 72 6.24 44.02 -9.05
CA ILE O 72 6.27 42.93 -8.08
C ILE O 72 4.87 42.69 -7.57
N SER O 73 4.48 41.41 -7.50
CA SER O 73 3.13 41.06 -7.08
C SER O 73 3.18 39.77 -6.28
N ARG O 74 2.10 39.55 -5.51
CA ARG O 74 2.02 38.33 -4.72
C ARG O 74 0.66 37.67 -4.85
N ASP O 75 0.66 36.34 -4.78
CA ASP O 75 -0.61 35.63 -4.77
C ASP O 75 -0.66 34.81 -3.50
N ASN O 76 -1.83 34.72 -2.90
CA ASN O 76 -2.01 34.03 -1.62
C ASN O 76 -2.59 32.63 -1.78
N ALA O 77 -3.59 32.46 -2.66
CA ALA O 77 -4.19 31.15 -2.85
C ALA O 77 -3.15 30.14 -3.31
N GLU O 78 -2.33 30.54 -4.28
CA GLU O 78 -1.20 29.72 -4.74
C GLU O 78 0.09 30.03 -3.98
N ASN O 79 0.05 30.96 -3.02
CA ASN O 79 1.20 31.33 -2.21
C ASN O 79 2.48 31.42 -3.02
N THR O 80 2.53 32.31 -4.01
CA THR O 80 3.75 32.54 -4.78
C THR O 80 3.96 34.04 -4.96
N VAL O 81 5.09 34.38 -5.57
CA VAL O 81 5.47 35.77 -5.82
C VAL O 81 5.89 35.90 -7.27
N TYR O 82 5.56 37.05 -7.86
CA TYR O 82 5.90 37.30 -9.26
C TYR O 82 6.64 38.61 -9.47
N LEU O 83 7.73 38.56 -10.19
CA LEU O 83 8.49 39.75 -10.50
C LEU O 83 8.56 39.85 -12.01
N GLN O 84 7.99 40.92 -12.55
CA GLN O 84 8.02 41.11 -14.00
C GLN O 84 8.95 42.24 -14.38
N MET O 85 9.88 41.95 -15.27
CA MET O 85 10.85 42.94 -15.74
C MET O 85 10.72 43.12 -17.25
N ASN O 86 10.78 44.36 -17.71
CA ASN O 86 10.60 44.67 -19.12
C ASN O 86 11.74 45.58 -19.57
N ASN O 87 12.03 45.51 -20.87
CA ASN O 87 13.09 46.32 -21.48
C ASN O 87 14.41 46.10 -20.75
N LEU O 88 14.83 44.84 -20.72
CA LEU O 88 16.05 44.48 -20.03
C LEU O 88 17.29 44.99 -20.78
N LYS O 89 18.39 45.13 -20.05
CA LYS O 89 19.64 45.62 -20.60
C LYS O 89 20.77 44.67 -20.24
N PRO O 90 22.00 44.94 -20.70
CA PRO O 90 23.10 44.02 -20.37
C PRO O 90 23.52 44.07 -18.91
N GLU O 91 23.57 45.25 -18.29
CA GLU O 91 24.11 45.35 -16.94
C GLU O 91 23.28 44.54 -15.95
N ASP O 92 21.95 44.63 -16.04
CA ASP O 92 21.08 43.86 -15.15
C ASP O 92 21.08 42.41 -15.63
N THR O 93 22.15 41.70 -15.28
CA THR O 93 22.34 40.30 -15.65
C THR O 93 23.15 39.65 -14.54
N ALA O 94 22.49 38.94 -13.66
CA ALA O 94 23.12 38.39 -12.46
C ALA O 94 22.18 37.35 -11.86
N LEU O 95 22.42 36.88 -10.71
CA LEU O 95 21.55 35.91 -10.08
C LEU O 95 20.54 36.61 -9.21
N TYR O 96 19.28 36.20 -9.32
CA TYR O 96 18.22 36.87 -8.56
C TYR O 96 17.65 35.95 -7.48
N TYR O 97 17.57 36.47 -6.26
CA TYR O 97 17.05 35.69 -5.14
C TYR O 97 15.72 36.06 -4.50
N CYS O 98 14.74 35.16 -4.62
CA CYS O 98 13.50 35.43 -3.93
C CYS O 98 13.73 34.94 -2.53
N ALA O 99 13.68 35.85 -1.61
CA ALA O 99 13.97 35.56 -0.22
C ALA O 99 13.08 36.44 0.66
N GLY O 100 13.43 36.50 1.95
CA GLY O 100 12.65 37.23 2.92
C GLY O 100 12.30 36.38 4.12
N SER O 101 11.90 37.03 5.20
CA SER O 101 11.54 36.32 6.42
C SER O 101 10.68 37.22 7.31
N GLN O 102 9.48 36.75 7.64
CA GLN O 102 8.57 37.58 8.41
C GLN O 102 7.65 36.72 9.28
N SER O 103 8.08 36.56 10.57
CA SER O 103 7.21 35.86 11.52
C SER O 103 6.49 36.98 12.27
N SER O 104 6.58 38.20 11.75
CA SER O 104 6.06 39.39 12.40
C SER O 104 5.09 40.12 11.48
N TYR O 105 4.71 41.34 11.88
CA TYR O 105 3.76 42.19 11.15
C TYR O 105 4.34 43.61 11.10
N TYR O 106 5.08 43.91 10.03
CA TYR O 106 5.73 45.21 9.91
C TYR O 106 5.79 45.70 8.47
N ASP O 107 6.58 46.76 8.24
CA ASP O 107 6.69 47.39 6.93
C ASP O 107 7.68 46.61 6.06
N LYS O 108 8.06 47.21 4.92
CA LYS O 108 9.01 46.59 4.01
C LYS O 108 10.35 47.31 4.14
N PRO O 109 11.38 46.67 4.70
CA PRO O 109 12.69 47.33 4.80
C PRO O 109 13.53 47.11 3.56
N ARG O 110 14.71 47.71 3.52
CA ARG O 110 15.61 47.58 2.38
C ARG O 110 16.97 47.00 2.77
N LEU O 111 17.14 46.61 4.03
CA LEU O 111 18.39 46.05 4.50
C LEU O 111 18.41 44.54 4.26
N LEU O 112 19.56 43.92 4.51
CA LEU O 112 19.75 42.49 4.29
C LEU O 112 19.60 41.67 5.56
N THR O 113 19.91 42.25 6.71
CA THR O 113 19.86 41.49 7.95
C THR O 113 18.47 40.96 8.27
N GLU O 114 17.45 41.79 8.08
CA GLU O 114 16.10 41.40 8.45
C GLU O 114 15.66 40.16 7.68
N TYR O 115 15.95 40.10 6.39
CA TYR O 115 15.62 38.91 5.61
C TYR O 115 16.40 37.71 6.13
N ALA O 116 15.67 36.70 6.62
CA ALA O 116 16.28 35.52 7.22
C ALA O 116 16.28 34.32 6.28
N TYR O 117 15.15 34.00 5.67
CA TYR O 117 15.06 32.88 4.76
C TYR O 117 15.46 33.29 3.36
N TRP O 118 16.27 32.45 2.70
CA TRP O 118 16.79 32.74 1.37
C TRP O 118 16.59 31.53 0.48
N GLY O 119 16.40 31.79 -0.81
CA GLY O 119 16.28 30.75 -1.82
C GLY O 119 17.63 30.38 -2.41
N GLN O 120 17.58 29.73 -3.58
CA GLN O 120 18.79 29.35 -4.28
C GLN O 120 19.21 30.33 -5.35
N GLY O 121 18.26 30.98 -6.02
CA GLY O 121 18.57 31.98 -7.02
C GLY O 121 18.61 31.41 -8.43
N THR O 122 18.36 32.29 -9.39
CA THR O 122 18.38 31.92 -10.80
C THR O 122 19.12 32.99 -11.59
N LEU O 123 19.79 32.57 -12.66
CA LEU O 123 20.60 33.46 -13.48
C LEU O 123 19.72 34.15 -14.52
N VAL O 124 19.92 35.45 -14.67
CA VAL O 124 19.22 36.20 -15.70
C VAL O 124 20.30 36.94 -16.49
N THR O 125 20.26 36.85 -17.82
CA THR O 125 21.25 37.47 -18.69
C THR O 125 20.56 38.12 -19.88
N VAL O 126 21.10 39.27 -20.28
CA VAL O 126 20.59 39.99 -21.45
C VAL O 126 21.77 40.34 -22.35
N SER O 127 21.61 40.11 -23.64
CA SER O 127 22.65 40.39 -24.62
C SER O 127 22.18 41.43 -25.63
N GLN P 1 -23.90 72.09 3.67
CA GLN P 1 -23.80 71.01 4.68
C GLN P 1 -25.13 70.26 4.81
N THR P 2 -25.05 68.95 5.03
CA THR P 2 -26.23 68.12 5.22
C THR P 2 -26.04 67.30 6.49
N ASP P 3 -27.15 66.93 7.13
CA ASP P 3 -27.14 66.05 8.28
C ASP P 3 -27.44 64.64 7.78
N MET P 4 -26.42 63.76 7.82
CA MET P 4 -26.60 62.35 7.50
C MET P 4 -27.14 61.53 8.67
N SER P 5 -27.56 62.17 9.76
CA SER P 5 -28.00 61.42 10.94
C SER P 5 -29.05 60.38 10.56
N ARG P 6 -28.85 59.15 11.05
CA ARG P 6 -29.76 58.04 10.79
C ARG P 6 -29.77 57.65 9.32
N LYS P 7 -28.69 57.90 8.60
CA LYS P 7 -28.59 57.57 7.19
C LYS P 7 -27.20 57.03 6.86
N ALA P 8 -27.14 56.28 5.77
CA ALA P 8 -25.93 55.60 5.33
C ALA P 8 -25.91 55.56 3.81
N PHE P 9 -24.71 55.37 3.26
CA PHE P 9 -24.54 55.15 1.83
C PHE P 9 -24.71 53.69 1.45
N VAL P 10 -25.26 53.47 0.27
CA VAL P 10 -25.50 52.12 -0.25
C VAL P 10 -24.77 51.96 -1.58
N PHE P 11 -23.94 50.92 -1.66
CA PHE P 11 -23.27 50.47 -2.88
C PHE P 11 -23.82 49.09 -3.24
N PRO P 12 -24.92 48.97 -3.98
CA PRO P 12 -25.58 47.66 -4.06
C PRO P 12 -24.97 46.67 -5.04
N LYS P 13 -23.82 46.97 -5.63
CA LYS P 13 -23.18 46.05 -6.57
C LYS P 13 -21.68 46.28 -6.62
N GLU P 14 -20.97 45.22 -7.01
CA GLU P 14 -19.53 45.29 -7.19
C GLU P 14 -19.20 45.95 -8.52
N SER P 15 -18.51 47.09 -8.44
CA SER P 15 -18.21 47.90 -9.62
C SER P 15 -17.01 48.78 -9.31
N ASP P 16 -16.42 49.31 -10.38
CA ASP P 16 -15.23 50.15 -10.27
C ASP P 16 -15.46 51.62 -10.59
N THR P 17 -16.67 52.12 -10.41
CA THR P 17 -16.99 53.52 -10.71
C THR P 17 -17.88 54.13 -9.63
N SER P 18 -18.61 53.31 -8.88
CA SER P 18 -19.42 53.78 -7.78
C SER P 18 -18.52 54.14 -6.61
N TYR P 19 -18.54 55.41 -6.19
CA TYR P 19 -17.70 55.84 -5.09
C TYR P 19 -18.15 57.22 -4.62
N VAL P 20 -17.78 57.56 -3.39
CA VAL P 20 -18.09 58.86 -2.81
C VAL P 20 -16.78 59.57 -2.51
N SER P 21 -16.78 60.90 -2.62
CA SER P 21 -15.62 61.73 -2.34
C SER P 21 -16.00 62.78 -1.30
N LEU P 22 -15.30 62.77 -0.17
CA LEU P 22 -15.54 63.68 0.94
C LEU P 22 -14.57 64.85 0.91
N LYS P 23 -15.03 66.02 1.33
CA LYS P 23 -14.23 67.23 1.30
C LYS P 23 -13.99 67.75 2.72
N ALA P 24 -12.73 67.71 3.14
CA ALA P 24 -12.31 68.15 4.46
C ALA P 24 -11.93 69.62 4.45
N PRO P 25 -12.21 70.36 5.51
CA PRO P 25 -11.75 71.76 5.60
C PRO P 25 -10.30 71.92 6.06
N LEU P 26 -9.54 70.83 6.06
CA LEU P 26 -8.19 70.81 6.61
C LEU P 26 -7.29 71.84 5.92
N THR P 27 -6.43 72.47 6.72
CA THR P 27 -5.43 73.37 6.15
C THR P 27 -4.05 73.07 6.74
N LYS P 28 -3.98 72.65 8.00
CA LYS P 28 -2.73 72.34 8.64
C LYS P 28 -2.46 70.84 8.50
N PRO P 29 -1.22 70.43 8.22
CA PRO P 29 -0.97 68.98 8.14
C PRO P 29 -1.16 68.30 9.49
N LEU P 30 -1.58 67.03 9.43
CA LEU P 30 -1.89 66.26 10.61
C LEU P 30 -0.67 65.58 11.21
N LYS P 31 -0.44 65.85 12.50
CA LYS P 31 0.48 65.08 13.31
C LYS P 31 -0.22 63.96 14.09
N ALA P 32 -1.55 63.89 14.06
CA ALA P 32 -2.29 62.84 14.75
C ALA P 32 -3.75 62.96 14.37
N PHE P 33 -4.53 61.91 14.61
CA PHE P 33 -5.96 61.91 14.30
C PHE P 33 -6.63 60.71 14.93
N THR P 34 -7.96 60.73 14.90
CA THR P 34 -8.78 59.56 15.19
C THR P 34 -9.83 59.46 14.09
N VAL P 35 -10.09 58.24 13.62
CA VAL P 35 -11.16 57.98 12.66
C VAL P 35 -12.10 56.93 13.23
N CYS P 36 -13.40 57.21 13.23
CA CYS P 36 -14.42 56.27 13.66
C CYS P 36 -15.48 56.12 12.58
N LEU P 37 -15.95 54.89 12.41
CA LEU P 37 -17.00 54.65 11.42
C LEU P 37 -17.72 53.35 11.75
N HIS P 38 -18.86 53.14 11.09
CA HIS P 38 -19.61 51.92 11.27
C HIS P 38 -19.95 51.39 9.90
N PHE P 39 -19.59 50.14 9.64
CA PHE P 39 -19.82 49.56 8.32
C PHE P 39 -20.40 48.16 8.46
N TYR P 40 -21.12 47.75 7.42
CA TYR P 40 -21.77 46.44 7.36
C TYR P 40 -21.62 45.91 5.95
N THR P 41 -21.14 44.67 5.82
CA THR P 41 -21.02 44.02 4.53
C THR P 41 -20.89 42.53 4.75
N GLU P 42 -21.10 41.77 3.68
CA GLU P 42 -20.97 40.32 3.69
C GLU P 42 -19.80 39.86 2.84
N LEU P 43 -19.04 40.79 2.25
CA LEU P 43 -17.92 40.43 1.39
C LEU P 43 -16.74 39.89 2.19
N SER P 44 -16.86 39.85 3.52
CA SER P 44 -15.75 39.45 4.37
C SER P 44 -15.19 38.10 3.96
N SER P 45 -16.06 37.17 3.56
CA SER P 45 -15.64 35.81 3.27
C SER P 45 -15.29 35.58 1.81
N THR P 46 -15.40 36.60 0.96
CA THR P 46 -15.16 36.46 -0.46
C THR P 46 -13.83 37.06 -0.91
N ARG P 47 -13.84 38.50 -0.74
CA ARG P 47 -12.74 39.32 -1.25
C ARG P 47 -12.23 40.35 -0.26
N GLY P 48 -10.97 40.88 -0.48
CA GLY P 48 -10.60 42.08 0.26
C GLY P 48 -11.29 43.33 -0.24
N TYR P 49 -11.40 44.32 0.65
CA TYR P 49 -12.09 45.56 0.35
C TYR P 49 -11.57 46.66 1.26
N SER P 50 -11.47 47.87 0.70
CA SER P 50 -11.05 49.06 1.42
C SER P 50 -12.21 49.63 2.21
N ILE P 51 -11.95 50.06 3.45
CA ILE P 51 -12.95 50.66 4.33
C ILE P 51 -12.80 52.17 4.24
N PHE P 52 -11.59 52.66 4.45
CA PHE P 52 -11.29 54.08 4.39
C PHE P 52 -9.95 54.27 3.68
N SER P 53 -9.96 55.03 2.59
CA SER P 53 -8.79 55.35 1.79
C SER P 53 -8.48 56.84 1.94
N TYR P 54 -7.33 57.16 2.53
CA TYR P 54 -6.78 58.53 2.54
C TYR P 54 -5.45 58.61 1.79
N ALA P 55 -5.37 59.52 0.81
CA ALA P 55 -4.22 59.63 -0.08
C ALA P 55 -3.86 61.10 -0.30
N THR P 56 -2.60 61.30 -0.71
CA THR P 56 -2.14 62.64 -1.04
C THR P 56 -1.54 62.49 -2.43
N LYS P 57 -1.11 63.58 -3.06
CA LYS P 57 -0.61 63.49 -4.43
C LYS P 57 0.67 62.67 -4.51
N ARG P 58 1.48 62.67 -3.45
CA ARG P 58 2.73 61.93 -3.49
C ARG P 58 2.58 60.50 -3.00
N GLN P 59 1.42 60.13 -2.49
CA GLN P 59 1.22 58.80 -1.91
C GLN P 59 -0.25 58.44 -2.11
N ASP P 60 -0.52 57.34 -2.79
CA ASP P 60 -1.88 56.83 -2.88
C ASP P 60 -2.36 56.14 -1.60
N ASN P 61 -1.46 55.84 -0.68
CA ASN P 61 -1.83 55.14 0.55
C ASN P 61 -1.14 55.65 1.83
N GLU P 62 -1.41 56.94 2.08
CA GLU P 62 -0.92 57.58 3.29
C GLU P 62 -1.67 56.94 4.39
N ILE P 63 -3.02 56.97 4.38
CA ILE P 63 -3.71 56.21 5.42
C ILE P 63 -4.72 55.32 4.73
N LEU P 64 -4.72 54.04 5.10
CA LEU P 64 -5.61 53.05 4.48
C LEU P 64 -6.01 52.02 5.54
N ILE P 65 -7.26 51.83 5.77
CA ILE P 65 -7.75 50.79 6.64
C ILE P 65 -8.34 49.84 5.63
N PHE P 66 -7.84 48.69 5.48
CA PHE P 66 -8.17 47.66 4.49
C PHE P 66 -8.34 46.32 5.17
N TRP P 67 -9.28 45.53 4.66
CA TRP P 67 -9.53 44.17 5.13
C TRP P 67 -8.89 43.21 4.13
N SER P 68 -7.92 42.46 4.63
CA SER P 68 -7.23 41.44 3.83
C SER P 68 -7.74 40.05 4.18
N LYS P 69 -8.17 39.32 3.15
CA LYS P 69 -8.88 38.07 3.36
C LYS P 69 -8.00 37.07 4.10
N ASP P 70 -8.58 36.41 5.10
CA ASP P 70 -7.84 35.42 5.92
C ASP P 70 -6.84 36.09 6.86
N ILE P 71 -6.82 37.41 6.91
CA ILE P 71 -5.87 38.14 7.76
C ILE P 71 -6.58 39.04 8.76
N GLY P 72 -7.47 39.89 8.27
CA GLY P 72 -8.17 40.80 9.15
C GLY P 72 -7.98 42.26 8.76
N TYR P 73 -7.95 43.14 9.76
CA TYR P 73 -7.81 44.57 9.53
C TYR P 73 -6.34 44.93 9.39
N SER P 74 -5.99 45.57 8.27
CA SER P 74 -4.63 46.01 7.99
C SER P 74 -4.57 47.53 8.02
N PHE P 75 -3.88 48.09 9.01
CA PHE P 75 -3.78 49.53 9.18
C PHE P 75 -2.40 49.99 8.70
N THR P 76 -2.37 51.03 7.86
CA THR P 76 -1.14 51.50 7.25
C THR P 76 -1.11 53.02 7.30
N VAL P 77 0.03 53.58 7.71
CA VAL P 77 0.25 55.02 7.76
C VAL P 77 1.60 55.29 7.13
N GLY P 78 1.64 56.25 6.19
CA GLY P 78 2.91 56.57 5.58
C GLY P 78 3.41 55.44 4.71
N GLY P 79 2.50 54.56 4.30
CA GLY P 79 2.83 53.47 3.44
C GLY P 79 3.33 52.23 4.15
N SER P 80 3.88 52.39 5.36
CA SER P 80 4.25 51.20 6.11
C SER P 80 2.99 50.53 6.66
N GLU P 81 3.05 49.22 6.83
CA GLU P 81 1.85 48.44 7.11
C GLU P 81 1.91 47.86 8.51
N ILE P 82 0.73 47.57 9.07
CA ILE P 82 0.55 46.80 10.29
C ILE P 82 -0.82 46.16 10.24
N LEU P 83 -0.85 44.90 10.68
CA LEU P 83 -2.10 44.17 10.62
C LEU P 83 -2.64 43.79 11.96
N PHE P 84 -3.95 43.80 12.07
CA PHE P 84 -4.66 43.39 13.27
C PHE P 84 -5.42 42.12 12.92
N GLU P 85 -5.10 41.05 13.65
CA GLU P 85 -5.58 39.71 13.34
C GLU P 85 -7.06 39.61 13.70
N VAL P 86 -7.79 38.79 12.96
CA VAL P 86 -9.18 38.48 13.25
C VAL P 86 -9.43 37.01 12.92
N PRO P 87 -9.44 36.12 13.92
CA PRO P 87 -9.57 34.68 13.62
C PRO P 87 -10.88 34.29 12.96
N GLU P 88 -12.02 34.68 13.53
CA GLU P 88 -13.33 34.39 12.97
C GLU P 88 -14.14 35.67 12.89
N VAL P 89 -14.95 35.79 11.82
CA VAL P 89 -15.73 37.00 11.61
C VAL P 89 -17.22 36.64 11.55
N THR P 90 -17.98 37.34 12.38
CA THR P 90 -19.44 37.31 12.44
C THR P 90 -20.05 38.07 11.26
N VAL P 91 -21.29 37.73 10.92
CA VAL P 91 -22.01 38.39 9.84
C VAL P 91 -22.82 39.51 10.53
N ALA P 92 -22.20 40.66 10.75
CA ALA P 92 -22.94 41.73 11.41
C ALA P 92 -22.30 43.10 11.25
N PRO P 93 -23.05 44.18 11.48
CA PRO P 93 -22.45 45.52 11.46
C PRO P 93 -21.35 45.65 12.50
N VAL P 94 -20.31 46.40 12.15
CA VAL P 94 -19.12 46.54 12.99
C VAL P 94 -18.73 48.01 13.10
N HIS P 95 -18.39 48.43 14.32
CA HIS P 95 -17.88 49.78 14.59
C HIS P 95 -16.38 49.70 14.79
N ILE P 96 -15.65 50.65 14.22
CA ILE P 96 -14.20 50.68 14.38
C ILE P 96 -13.74 52.12 14.57
N CYS P 97 -12.85 52.30 15.54
CA CYS P 97 -12.18 53.56 15.80
C CYS P 97 -10.68 53.32 15.84
N THR P 98 -9.92 54.15 15.12
CA THR P 98 -8.47 53.98 15.07
C THR P 98 -7.80 55.34 15.25
N SER P 99 -6.77 55.36 16.10
CA SER P 99 -6.07 56.59 16.43
C SER P 99 -4.58 56.40 16.19
N TRP P 100 -3.92 57.44 15.70
CA TRP P 100 -2.46 57.43 15.53
C TRP P 100 -1.88 58.78 15.92
N GLU P 101 -0.72 58.74 16.56
CA GLU P 101 -0.04 59.94 16.92
C GLU P 101 1.37 59.74 16.46
N SER P 102 1.99 60.79 15.95
CA SER P 102 3.36 60.68 15.43
C SER P 102 4.40 61.07 16.47
N ALA P 103 4.03 61.93 17.41
CA ALA P 103 4.96 62.34 18.43
C ALA P 103 5.45 61.11 19.15
N SER P 104 4.66 60.04 19.13
CA SER P 104 5.01 58.83 19.86
C SER P 104 4.88 57.58 19.02
N GLY P 105 4.01 57.60 18.01
CA GLY P 105 3.94 56.51 17.05
C GLY P 105 2.98 55.41 17.41
N ILE P 106 2.23 55.55 18.51
CA ILE P 106 1.30 54.50 18.91
C ILE P 106 0.03 54.57 18.07
N VAL P 107 -0.53 53.40 17.78
CA VAL P 107 -1.84 53.26 17.13
C VAL P 107 -2.75 52.52 18.09
N GLU P 108 -3.92 53.08 18.38
CA GLU P 108 -4.95 52.42 19.18
C GLU P 108 -6.12 52.00 18.31
N PHE P 109 -6.52 50.77 18.36
CA PHE P 109 -7.59 50.23 17.54
C PHE P 109 -8.73 49.69 18.40
N TRP P 110 -9.87 50.28 18.37
CA TRP P 110 -11.07 49.89 19.10
C TRP P 110 -12.04 49.26 18.11
N VAL P 111 -12.41 48.01 18.34
CA VAL P 111 -13.43 47.35 17.53
C VAL P 111 -14.54 46.93 18.47
N ASP P 112 -15.81 47.25 18.00
CA ASP P 112 -16.98 47.02 18.84
C ASP P 112 -16.66 47.35 20.29
N GLY P 113 -16.02 48.45 20.51
CA GLY P 113 -15.74 48.90 21.86
C GLY P 113 -14.63 48.16 22.57
N LYS P 114 -14.14 47.05 22.01
CA LYS P 114 -13.12 46.25 22.66
C LYS P 114 -11.74 46.63 22.15
N PRO P 115 -10.85 47.13 23.01
CA PRO P 115 -9.57 47.68 22.54
C PRO P 115 -8.49 46.64 22.23
N ARG P 116 -7.89 46.77 21.05
CA ARG P 116 -6.74 45.95 20.68
C ARG P 116 -5.48 46.52 21.32
N VAL P 117 -4.43 45.69 21.40
CA VAL P 117 -3.19 46.12 22.02
C VAL P 117 -2.66 47.37 21.32
N ARG P 118 -2.07 48.26 22.10
CA ARG P 118 -1.37 49.40 21.51
C ARG P 118 -0.08 48.98 20.83
N LYS P 119 0.23 49.62 19.70
CA LYS P 119 1.43 49.31 18.94
C LYS P 119 1.99 50.61 18.39
N SER P 120 3.29 50.60 18.08
CA SER P 120 3.98 51.75 17.52
C SER P 120 4.06 51.66 16.00
N LEU P 121 3.99 52.82 15.36
CA LEU P 121 3.98 52.88 13.90
C LEU P 121 4.41 54.26 13.44
N LYS P 122 5.46 54.30 12.62
CA LYS P 122 5.87 55.50 11.90
C LYS P 122 5.98 56.72 12.81
N LYS P 123 6.93 56.65 13.75
CA LYS P 123 7.14 57.75 14.69
C LYS P 123 7.90 58.87 14.00
N GLY P 124 7.44 60.11 14.20
CA GLY P 124 8.11 61.26 13.62
C GLY P 124 7.57 61.73 12.29
N TYR P 125 6.57 61.06 11.73
CA TYR P 125 6.03 61.45 10.43
C TYR P 125 5.07 62.62 10.56
N THR P 126 4.74 63.21 9.42
CA THR P 126 3.73 64.24 9.31
C THR P 126 2.84 63.92 8.11
N VAL P 127 1.53 64.08 8.30
CA VAL P 127 0.56 63.84 7.24
C VAL P 127 0.27 65.16 6.54
N GLY P 128 0.27 65.13 5.21
CA GLY P 128 -0.05 66.32 4.45
C GLY P 128 -1.52 66.66 4.57
N ALA P 129 -1.84 67.95 4.51
CA ALA P 129 -3.25 68.31 4.65
C ALA P 129 -3.96 68.19 3.29
N GLU P 130 -3.28 68.57 2.22
CA GLU P 130 -3.84 68.36 0.89
C GLU P 130 -4.12 66.87 0.75
N ALA P 131 -5.36 66.52 0.47
CA ALA P 131 -5.69 65.11 0.40
C ALA P 131 -7.11 64.93 -0.11
N SER P 132 -7.34 63.77 -0.73
CA SER P 132 -8.64 63.35 -1.23
C SER P 132 -9.07 62.13 -0.42
N ILE P 133 -10.29 62.17 0.09
CA ILE P 133 -10.85 61.04 0.82
C ILE P 133 -11.93 60.46 -0.04
N ILE P 134 -11.89 59.16 -0.26
CA ILE P 134 -12.88 58.47 -1.09
C ILE P 134 -13.35 57.23 -0.36
N LEU P 135 -14.58 56.82 -0.65
CA LEU P 135 -15.16 55.61 -0.07
C LEU P 135 -15.76 54.76 -1.17
N GLY P 136 -15.68 53.45 -0.95
CA GLY P 136 -16.15 52.41 -1.84
C GLY P 136 -15.17 52.01 -2.92
N GLN P 137 -14.03 52.68 -3.01
CA GLN P 137 -13.00 52.38 -3.99
C GLN P 137 -11.65 52.58 -3.33
N GLU P 138 -10.64 51.87 -3.77
CA GLU P 138 -9.29 52.04 -3.23
C GLU P 138 -8.59 52.99 -4.19
N GLN P 139 -7.67 53.80 -3.73
CA GLN P 139 -7.08 54.88 -4.51
C GLN P 139 -5.61 54.56 -4.73
N ASP P 140 -5.21 54.54 -5.99
CA ASP P 140 -3.84 54.37 -6.44
C ASP P 140 -3.35 55.64 -7.12
N SER P 141 -4.23 56.65 -7.09
CA SER P 141 -3.93 57.96 -7.67
C SER P 141 -4.76 58.92 -6.84
N PHE P 142 -4.53 60.23 -6.93
CA PHE P 142 -5.23 61.20 -6.09
C PHE P 142 -6.60 61.53 -6.66
N GLY P 143 -6.92 61.00 -7.85
CA GLY P 143 -8.21 61.25 -8.46
C GLY P 143 -8.71 60.20 -9.43
N GLY P 144 -8.27 58.95 -9.25
CA GLY P 144 -8.75 57.85 -10.08
C GLY P 144 -8.03 56.54 -9.83
N ASN P 145 -8.02 55.63 -10.81
CA ASN P 145 -7.28 54.38 -10.66
C ASN P 145 -7.77 53.55 -9.47
N PHE P 146 -8.97 52.99 -9.57
CA PHE P 146 -9.48 52.14 -8.50
C PHE P 146 -9.48 50.71 -9.01
N GLU P 147 -9.99 49.78 -8.20
CA GLU P 147 -10.01 48.37 -8.60
C GLU P 147 -11.36 47.75 -8.32
N GLY P 148 -11.84 46.86 -9.20
CA GLY P 148 -13.11 46.20 -8.90
C GLY P 148 -13.01 45.13 -7.83
N SER P 149 -11.92 44.36 -7.83
CA SER P 149 -11.72 43.37 -6.79
C SER P 149 -11.55 44.01 -5.42
N GLN P 150 -11.32 45.33 -5.38
CA GLN P 150 -11.09 46.04 -4.12
C GLN P 150 -12.25 46.95 -3.75
N SER P 151 -13.14 47.25 -4.69
CA SER P 151 -14.31 48.05 -4.38
C SER P 151 -15.22 47.33 -3.39
N LEU P 152 -15.74 48.07 -2.42
CA LEU P 152 -16.52 47.51 -1.33
C LEU P 152 -18.00 47.48 -1.70
N VAL P 153 -18.63 46.35 -1.41
CA VAL P 153 -20.08 46.17 -1.55
C VAL P 153 -20.68 46.14 -0.16
N GLY P 154 -21.53 47.10 0.15
CA GLY P 154 -22.19 47.14 1.44
C GLY P 154 -22.55 48.56 1.82
N ASP P 155 -22.65 48.76 3.13
CA ASP P 155 -23.25 49.96 3.73
C ASP P 155 -22.30 50.55 4.76
N ILE P 156 -22.26 51.88 4.84
CA ILE P 156 -21.35 52.58 5.74
C ILE P 156 -22.02 53.85 6.25
N GLY P 157 -21.68 54.22 7.47
CA GLY P 157 -22.17 55.45 8.06
C GLY P 157 -21.34 55.85 9.25
N ASN P 158 -21.81 56.88 9.95
CA ASN P 158 -21.18 57.40 11.16
C ASN P 158 -19.73 57.84 10.90
N VAL P 159 -19.44 58.27 9.68
CA VAL P 159 -18.07 58.60 9.30
C VAL P 159 -17.63 59.87 10.01
N ASN P 160 -16.71 59.69 10.97
CA ASN P 160 -16.25 60.82 11.77
C ASN P 160 -14.75 60.75 11.88
N MET P 161 -14.12 61.93 11.97
CA MET P 161 -12.67 61.96 12.06
C MET P 161 -12.12 63.28 12.58
N TRP P 162 -11.43 63.19 13.72
CA TRP P 162 -10.98 64.33 14.49
C TRP P 162 -9.58 64.71 13.98
N ASP P 163 -8.82 65.47 14.76
CA ASP P 163 -7.43 65.78 14.40
C ASP P 163 -6.56 65.49 15.62
N PHE P 164 -7.11 64.79 16.61
CA PHE P 164 -6.34 64.38 17.77
C PHE P 164 -6.91 63.07 18.32
N VAL P 165 -6.15 62.43 19.20
CA VAL P 165 -6.45 61.09 19.70
C VAL P 165 -7.50 61.24 20.81
N LEU P 166 -8.62 60.55 20.65
CA LEU P 166 -9.64 60.49 21.69
C LEU P 166 -9.16 59.61 22.85
N SER P 167 -9.65 59.92 24.04
CA SER P 167 -9.39 59.07 25.20
C SER P 167 -10.35 57.88 25.22
N PRO P 168 -10.01 56.82 25.98
CA PRO P 168 -10.86 55.63 25.97
C PRO P 168 -12.31 55.91 26.35
N ASP P 169 -12.50 56.85 27.27
CA ASP P 169 -13.85 57.21 27.68
C ASP P 169 -14.61 57.76 26.48
N GLU P 170 -13.99 58.68 25.76
CA GLU P 170 -14.67 59.29 24.62
C GLU P 170 -15.05 58.25 23.58
N ILE P 171 -14.15 57.29 23.32
CA ILE P 171 -14.46 56.23 22.36
C ILE P 171 -15.63 55.38 22.88
N ASN P 172 -15.65 55.10 24.18
CA ASN P 172 -16.80 54.39 24.74
C ASN P 172 -18.08 55.16 24.49
N THR P 173 -18.04 56.48 24.65
CA THR P 173 -19.21 57.30 24.37
C THR P 173 -19.60 57.11 22.91
N ILE P 174 -18.63 57.16 22.02
CA ILE P 174 -18.90 56.98 20.60
C ILE P 174 -19.65 55.67 20.38
N TYR P 175 -19.22 54.58 21.02
CA TYR P 175 -19.91 53.31 20.78
C TYR P 175 -21.33 53.36 21.32
N LEU P 176 -21.60 54.22 22.29
CA LEU P 176 -22.94 54.41 22.84
C LEU P 176 -23.81 55.29 21.96
N GLY P 177 -23.21 56.13 21.11
CA GLY P 177 -23.97 57.04 20.29
C GLY P 177 -24.26 58.36 20.95
N GLY P 178 -23.48 58.74 21.95
CA GLY P 178 -23.66 59.98 22.66
C GLY P 178 -23.17 61.18 21.87
N PRO P 179 -23.36 62.37 22.41
CA PRO P 179 -22.84 63.58 21.76
C PRO P 179 -21.32 63.64 21.69
N PHE P 180 -20.84 64.14 20.54
CA PHE P 180 -19.42 64.37 20.31
C PHE P 180 -19.32 65.44 19.23
N SER P 181 -18.16 66.08 19.15
CA SER P 181 -17.98 67.26 18.31
C SER P 181 -16.81 66.99 17.37
N PRO P 182 -17.07 66.39 16.21
CA PRO P 182 -16.00 66.26 15.21
C PRO P 182 -15.59 67.61 14.64
N ASN P 183 -14.33 67.70 14.25
CA ASN P 183 -13.66 68.96 13.95
C ASN P 183 -13.30 69.06 12.46
N VAL P 184 -12.91 67.94 11.84
CA VAL P 184 -12.45 67.95 10.46
C VAL P 184 -13.52 67.30 9.60
N LEU P 185 -13.97 66.11 9.95
CA LEU P 185 -15.06 65.48 9.21
C LEU P 185 -16.22 65.23 10.16
N ASN P 186 -17.38 65.77 9.83
CA ASN P 186 -18.58 65.69 10.66
C ASN P 186 -19.66 64.95 9.88
N TRP P 187 -20.11 63.81 10.42
CA TRP P 187 -21.31 63.19 9.88
C TRP P 187 -22.48 64.16 9.87
N ARG P 188 -22.66 64.92 10.94
CA ARG P 188 -23.80 65.82 11.04
C ARG P 188 -23.65 67.05 10.15
N ALA P 189 -22.46 67.32 9.61
CA ALA P 189 -22.24 68.49 8.76
C ALA P 189 -21.44 68.15 7.51
N LEU P 190 -21.50 66.98 7.02
CA LEU P 190 -20.59 66.57 5.94
C LEU P 190 -20.86 67.12 4.56
N LYS P 191 -19.89 67.14 3.76
CA LYS P 191 -19.95 67.58 2.35
C LYS P 191 -19.44 66.38 1.57
N TYR P 192 -19.96 66.17 0.38
CA TYR P 192 -19.62 64.99 -0.40
C TYR P 192 -20.04 65.15 -1.84
N GLU P 193 -19.53 64.24 -2.68
CA GLU P 193 -19.99 64.10 -4.06
C GLU P 193 -20.03 62.62 -4.39
N VAL P 194 -21.12 62.19 -5.02
CA VAL P 194 -21.37 60.78 -5.31
C VAL P 194 -21.17 60.55 -6.81
N GLN P 195 -20.63 59.39 -7.16
CA GLN P 195 -20.37 59.03 -8.53
C GLN P 195 -20.78 57.58 -8.73
N GLY P 196 -21.52 57.33 -9.81
CA GLY P 196 -21.94 55.98 -10.11
C GLY P 196 -23.09 55.51 -9.23
N GLU P 197 -23.17 54.20 -9.04
CA GLU P 197 -24.22 53.57 -8.25
C GLU P 197 -23.94 53.73 -6.77
N VAL P 198 -24.47 54.79 -6.17
CA VAL P 198 -24.45 54.98 -4.72
C VAL P 198 -25.73 55.68 -4.32
N PHE P 199 -26.22 55.40 -3.12
CA PHE P 199 -27.54 55.84 -2.70
C PHE P 199 -27.51 56.24 -1.24
N THR P 200 -28.53 56.95 -0.79
CA THR P 200 -28.65 57.32 0.62
C THR P 200 -29.91 56.65 1.16
N LYS P 201 -29.78 55.98 2.31
CA LYS P 201 -30.90 55.24 2.88
C LYS P 201 -30.83 55.33 4.39
N PRO P 202 -31.94 55.07 5.09
CA PRO P 202 -31.85 54.95 6.55
C PRO P 202 -30.92 53.82 6.93
N GLN P 203 -30.18 54.02 8.02
CA GLN P 203 -29.27 52.98 8.48
C GLN P 203 -30.03 51.76 8.98
N LEU P 204 -29.41 50.58 8.84
CA LEU P 204 -30.01 49.36 9.36
C LEU P 204 -29.60 49.14 10.81
N TRP P 205 -28.31 49.29 11.10
CA TRP P 205 -27.81 49.06 12.45
C TRP P 205 -28.48 50.02 13.43
N PRO P 206 -28.54 49.65 14.72
CA PRO P 206 -29.06 50.54 15.75
C PRO P 206 -28.40 51.92 15.73
N GLU Q 3 7.25 7.25 30.01
CA GLU Q 3 6.58 7.18 28.74
C GLU Q 3 7.45 7.70 27.62
N VAL Q 4 8.40 8.57 27.96
CA VAL Q 4 9.31 9.11 26.96
C VAL Q 4 10.60 8.30 26.93
N GLN Q 5 11.19 8.19 25.75
CA GLN Q 5 12.44 7.47 25.57
C GLN Q 5 13.57 8.46 25.32
N LEU Q 6 14.64 8.36 26.09
CA LEU Q 6 15.75 9.30 26.01
C LEU Q 6 16.93 8.64 25.30
N VAL Q 7 17.42 9.32 24.27
CA VAL Q 7 18.57 8.83 23.54
C VAL Q 7 19.49 10.02 23.34
N GLU Q 8 20.70 9.92 23.88
CA GLU Q 8 21.65 11.01 23.79
C GLU Q 8 22.68 10.70 22.72
N SER Q 9 23.53 11.55 22.38
CA SER Q 9 24.46 11.52 21.26
C SER Q 9 25.45 12.66 21.42
N GLY Q 10 26.54 12.57 20.66
CA GLY Q 10 27.58 13.56 20.70
C GLY Q 10 28.84 13.15 21.46
N GLY Q 11 28.90 11.92 21.96
CA GLY Q 11 30.06 11.45 22.67
C GLY Q 11 31.22 11.14 21.74
N GLY Q 12 32.37 10.90 22.36
CA GLY Q 12 33.57 10.59 21.61
C GLY Q 12 34.81 10.97 22.40
N LEU Q 13 35.93 10.99 21.69
CA LEU Q 13 37.23 11.32 22.28
C LEU Q 13 37.72 12.63 21.68
N VAL Q 14 38.14 13.55 22.55
CA VAL Q 14 38.64 14.86 22.14
C VAL Q 14 39.92 15.17 22.90
N GLN Q 15 40.68 16.11 22.37
CA GLN Q 15 41.88 16.56 23.04
C GLN Q 15 41.54 17.33 24.31
N THR Q 16 42.47 17.39 25.24
CA THR Q 16 42.25 18.11 26.48
C THR Q 16 41.84 19.53 26.18
N GLY Q 17 40.95 20.05 27.02
CA GLY Q 17 40.52 21.43 26.86
C GLY Q 17 39.67 21.68 25.63
N GLY Q 18 39.02 20.66 25.09
CA GLY Q 18 38.19 20.79 23.92
C GLY Q 18 36.77 21.19 24.25
N SER Q 19 35.88 20.96 23.29
CA SER Q 19 34.47 21.29 23.44
C SER Q 19 33.61 20.13 22.95
N LEU Q 20 32.42 20.03 23.52
CA LEU Q 20 31.50 18.96 23.17
C LEU Q 20 30.06 19.37 23.47
N ARG Q 21 29.28 19.44 22.29
CA ARG Q 21 27.87 19.79 22.39
C ARG Q 21 27.02 18.52 22.39
N LEU Q 22 26.97 17.86 23.61
CA LEU Q 22 26.19 16.63 23.65
C LEU Q 22 24.70 16.96 23.59
N SER Q 23 23.96 16.06 22.97
CA SER Q 23 22.53 16.26 22.85
C SER Q 23 21.75 15.07 23.33
N CYS Q 24 20.43 15.43 23.66
CA CYS Q 24 19.50 14.43 24.17
C CYS Q 24 18.15 14.55 23.47
N ALA Q 25 17.76 13.43 22.72
CA ALA Q 25 16.46 13.46 22.09
C ALA Q 25 15.46 12.66 22.92
N ALA Q 26 14.26 13.21 23.07
CA ALA Q 26 13.20 12.60 23.87
C ALA Q 26 12.03 12.23 22.96
N SER Q 27 11.58 10.99 23.07
CA SER Q 27 10.44 10.49 22.33
C SER Q 27 9.23 10.48 23.25
N GLY Q 28 8.16 11.15 22.82
CA GLY Q 28 6.96 11.33 23.61
C GLY Q 28 6.41 12.73 23.46
N ARG Q 29 5.30 13.02 24.15
CA ARG Q 29 4.68 14.33 24.07
C ARG Q 29 4.72 15.09 25.39
N THR Q 30 5.19 14.47 26.47
CA THR Q 30 5.30 15.12 27.77
C THR Q 30 6.67 15.75 27.99
N PHE Q 31 7.46 15.90 26.92
CA PHE Q 31 8.84 16.37 27.08
C PHE Q 31 8.91 17.64 27.91
N ASN Q 32 8.10 18.63 27.56
CA ASN Q 32 8.07 19.88 28.31
C ASN Q 32 7.18 19.81 29.55
N ARG Q 33 6.80 18.61 29.99
CA ARG Q 33 6.25 18.39 31.32
C ARG Q 33 7.27 17.78 32.28
N HIS Q 34 8.50 17.55 31.81
CA HIS Q 34 9.55 16.94 32.61
C HIS Q 34 10.73 17.89 32.75
N TYR Q 35 11.49 17.69 33.83
CA TYR Q 35 12.76 18.38 34.03
C TYR Q 35 13.89 17.39 33.72
N MET Q 36 14.65 17.68 32.66
CA MET Q 36 15.68 16.78 32.21
C MET Q 36 16.93 16.92 33.08
N GLY Q 37 17.81 15.91 32.99
CA GLY Q 37 19.07 15.98 33.70
C GLY Q 37 20.12 15.14 33.03
N TRP Q 38 21.38 15.44 33.35
CA TRP Q 38 22.53 14.70 32.87
C TRP Q 38 23.27 14.11 34.05
N PHE Q 39 23.54 12.80 33.99
CA PHE Q 39 24.21 12.06 35.04
C PHE Q 39 25.50 11.46 34.50
N ARG Q 40 26.48 11.29 35.39
CA ARG Q 40 27.76 10.71 35.03
C ARG Q 40 27.92 9.34 35.69
N GLN Q 41 28.66 8.46 35.00
CA GLN Q 41 28.90 7.11 35.50
C GLN Q 41 30.26 6.58 35.07
N VAL Q 42 30.99 5.96 35.97
CA VAL Q 42 32.33 5.44 35.68
C VAL Q 42 32.35 3.95 36.02
N PRO Q 43 33.16 3.15 35.34
CA PRO Q 43 33.20 1.71 35.65
C PRO Q 43 33.60 1.48 37.10
N GLY Q 44 33.00 0.45 37.70
CA GLY Q 44 33.26 0.13 39.09
C GLY Q 44 32.77 1.18 40.07
N LYS Q 45 31.60 1.74 39.80
CA LYS Q 45 31.02 2.76 40.65
C LYS Q 45 29.60 3.06 40.21
N GLU Q 46 28.86 3.81 41.01
CA GLU Q 46 27.52 4.22 40.63
C GLU Q 46 27.55 5.52 39.82
N ARG Q 47 26.37 5.98 39.42
CA ARG Q 47 26.25 7.22 38.67
C ARG Q 47 26.23 8.42 39.59
N GLU Q 48 26.68 9.56 39.06
CA GLU Q 48 26.76 10.80 39.81
C GLU Q 48 25.97 11.89 39.09
N PHE Q 49 25.42 12.81 39.87
CA PHE Q 49 24.71 13.95 39.29
C PHE Q 49 25.69 14.84 38.53
N VAL Q 50 25.23 15.36 37.39
CA VAL Q 50 26.04 16.27 36.60
C VAL Q 50 25.32 17.61 36.51
N ALA Q 51 24.09 17.59 35.98
CA ALA Q 51 23.34 18.83 35.84
C ALA Q 51 21.85 18.50 35.72
N SER Q 52 21.03 19.54 35.91
CA SER Q 52 19.59 19.39 35.76
C SER Q 52 19.00 20.70 35.26
N ILE Q 53 17.85 20.61 34.61
CA ILE Q 53 17.17 21.78 34.07
C ILE Q 53 15.70 21.75 34.45
N SER Q 54 15.08 22.93 34.44
CA SER Q 54 13.67 23.07 34.77
C SER Q 54 12.79 22.66 33.58
N GLN Q 55 11.52 22.37 33.88
CA GLN Q 55 10.57 22.09 32.82
C GLN Q 55 10.39 23.31 31.92
N THR Q 56 10.31 24.49 32.50
CA THR Q 56 10.20 25.72 31.70
C THR Q 56 11.52 26.05 31.03
N GLY Q 57 12.63 25.65 31.64
CA GLY Q 57 13.93 25.93 31.09
C GLY Q 57 14.57 27.22 31.57
N LEU Q 58 13.83 28.07 32.29
CA LEU Q 58 14.40 29.31 32.80
C LEU Q 58 15.25 29.10 34.05
N ASN Q 59 15.09 27.97 34.73
CA ASN Q 59 15.83 27.66 35.95
C ASN Q 59 16.63 26.39 35.73
N LYS Q 60 17.90 26.41 36.15
CA LYS Q 60 18.81 25.30 35.96
C LYS Q 60 19.43 24.91 37.30
N ASP Q 61 20.30 23.91 37.28
CA ASP Q 61 21.04 23.49 38.47
C ASP Q 61 22.32 22.81 38.02
N TYR Q 62 23.46 23.43 38.29
CA TYR Q 62 24.72 22.87 37.87
C TYR Q 62 25.54 22.41 39.05
N VAL Q 63 26.28 21.33 38.87
CA VAL Q 63 27.16 20.85 39.93
C VAL Q 63 28.26 21.88 40.18
N ASP Q 64 28.88 21.77 41.35
CA ASP Q 64 29.87 22.77 41.74
C ASP Q 64 31.04 22.82 40.76
N SER Q 65 31.58 21.65 40.41
CA SER Q 65 32.72 21.61 39.49
C SER Q 65 32.34 22.14 38.12
N ALA Q 66 31.19 21.73 37.60
CA ALA Q 66 30.77 22.14 36.27
C ALA Q 66 30.31 23.58 36.19
N LYS Q 67 30.09 24.24 37.34
CA LYS Q 67 29.60 25.61 37.33
C LYS Q 67 30.54 26.51 36.54
N GLY Q 68 29.97 27.33 35.66
CA GLY Q 68 30.74 28.24 34.83
C GLY Q 68 31.48 27.58 33.68
N ARG Q 69 31.78 26.28 33.76
CA ARG Q 69 32.47 25.57 32.71
C ARG Q 69 31.50 24.93 31.71
N PHE Q 70 30.48 24.25 32.23
CA PHE Q 70 29.49 23.60 31.39
C PHE Q 70 28.19 24.41 31.37
N THR Q 71 27.35 24.07 30.39
CA THR Q 71 26.08 24.75 30.23
C THR Q 71 24.97 23.77 29.84
N ILE Q 72 23.76 23.99 30.32
CA ILE Q 72 22.63 23.11 30.07
C ILE Q 72 21.50 23.93 29.47
N SER Q 73 20.80 23.37 28.49
CA SER Q 73 19.71 24.06 27.83
C SER Q 73 18.67 23.04 27.37
N ARG Q 74 17.45 23.54 27.16
CA ARG Q 74 16.37 22.69 26.71
C ARG Q 74 15.57 23.37 25.62
N ASP Q 75 15.03 22.60 24.69
CA ASP Q 75 14.18 23.16 23.65
C ASP Q 75 12.88 22.37 23.61
N ASN Q 76 11.77 23.04 23.41
CA ASN Q 76 10.45 22.42 23.39
C ASN Q 76 9.94 22.13 21.99
N ALA Q 77 10.13 23.06 21.05
CA ALA Q 77 9.65 22.85 19.69
C ALA Q 77 10.21 21.54 19.12
N GLU Q 78 11.53 21.38 19.18
CA GLU Q 78 12.18 20.13 18.82
C GLU Q 78 12.41 19.23 20.03
N ASN Q 79 11.97 19.65 21.21
CA ASN Q 79 11.97 18.85 22.44
C ASN Q 79 13.24 18.01 22.58
N THR Q 80 14.37 18.71 22.67
CA THR Q 80 15.66 18.07 22.93
C THR Q 80 16.44 18.88 23.96
N VAL Q 81 17.36 18.20 24.62
CA VAL Q 81 18.20 18.82 25.65
C VAL Q 81 19.63 18.90 25.14
N TYR Q 82 20.32 19.98 25.52
CA TYR Q 82 21.71 20.21 25.15
C TYR Q 82 22.56 20.35 26.40
N LEU Q 83 23.71 19.69 26.40
CA LEU Q 83 24.71 19.84 27.46
C LEU Q 83 26.03 20.17 26.78
N GLN Q 84 26.54 21.37 27.02
CA GLN Q 84 27.75 21.85 26.39
C GLN Q 84 28.89 21.85 27.40
N MET Q 85 29.96 21.15 27.05
CA MET Q 85 31.13 21.08 27.91
C MET Q 85 32.31 21.73 27.23
N ASN Q 86 33.03 22.58 27.94
CA ASN Q 86 34.15 23.29 27.37
C ASN Q 86 35.37 23.09 28.23
N ASN Q 87 36.54 23.23 27.62
CA ASN Q 87 37.81 23.07 28.33
C ASN Q 87 37.82 21.77 29.15
N LEU Q 88 37.70 20.65 28.43
CA LEU Q 88 37.65 19.35 29.07
C LEU Q 88 39.03 18.94 29.57
N LYS Q 89 39.02 17.96 30.48
CA LYS Q 89 40.24 17.43 31.08
C LYS Q 89 40.23 15.91 31.03
N PRO Q 90 41.30 15.24 31.50
CA PRO Q 90 41.30 13.78 31.45
C PRO Q 90 40.32 13.12 32.41
N GLU Q 91 40.19 13.66 33.63
CA GLU Q 91 39.40 12.97 34.65
C GLU Q 91 37.94 12.84 34.23
N ASP Q 92 37.37 13.92 33.67
CA ASP Q 92 35.97 13.90 33.21
C ASP Q 92 35.92 13.12 31.90
N THR Q 93 35.93 11.79 32.05
CA THR Q 93 35.89 10.87 30.91
C THR Q 93 35.15 9.62 31.37
N ALA Q 94 33.88 9.52 31.00
CA ALA Q 94 33.02 8.46 31.52
C ALA Q 94 31.75 8.41 30.67
N LEU Q 95 30.76 7.66 31.13
CA LEU Q 95 29.48 7.56 30.45
C LEU Q 95 28.55 8.66 30.96
N TYR Q 96 27.89 9.35 30.03
CA TYR Q 96 26.93 10.38 30.36
C TYR Q 96 25.54 9.90 29.94
N TYR Q 97 24.60 10.08 30.86
CA TYR Q 97 23.24 9.64 30.61
C TYR Q 97 22.25 10.76 30.72
N CYS Q 98 21.28 10.78 29.82
CA CYS Q 98 20.26 11.80 29.97
C CYS Q 98 19.06 11.18 30.63
N ALA Q 99 18.83 11.59 31.86
CA ALA Q 99 17.78 11.06 32.72
C ALA Q 99 16.56 11.98 32.70
N GLY Q 100 15.39 11.38 32.53
CA GLY Q 100 14.14 12.13 32.49
C GLY Q 100 13.66 12.52 33.86
N SER Q 101 12.34 12.64 33.99
CA SER Q 101 11.73 13.08 35.24
C SER Q 101 10.41 12.34 35.42
N GLN Q 102 9.61 12.82 36.37
CA GLN Q 102 8.34 12.19 36.72
C GLN Q 102 7.15 12.81 36.01
N SER Q 103 7.37 13.76 35.10
CA SER Q 103 6.28 14.39 34.35
C SER Q 103 5.49 15.34 35.23
N SER Q 104 5.84 15.40 36.51
CA SER Q 104 5.14 16.27 37.45
C SER Q 104 5.93 17.55 37.69
N TYR Q 105 5.21 18.67 37.75
CA TYR Q 105 5.82 19.95 38.06
C TYR Q 105 6.46 19.93 39.43
N TYR Q 106 7.72 20.36 39.52
CA TYR Q 106 8.44 20.32 40.80
C TYR Q 106 9.84 20.95 40.85
N ASP Q 107 10.53 20.82 41.98
CA ASP Q 107 11.90 21.31 42.14
C ASP Q 107 12.90 20.65 41.17
N LYS Q 108 14.14 21.30 40.97
CA LYS Q 108 15.18 20.47 40.39
C LYS Q 108 15.98 19.82 41.51
N PRO Q 109 15.84 18.51 41.73
CA PRO Q 109 16.59 17.87 42.81
C PRO Q 109 17.97 17.41 42.35
N ARG Q 110 18.73 16.81 43.26
CA ARG Q 110 20.07 16.33 42.95
C ARG Q 110 20.25 14.86 43.31
N LEU Q 111 19.18 14.18 43.70
CA LEU Q 111 19.23 12.77 44.06
C LEU Q 111 19.01 11.89 42.83
N LEU Q 112 19.23 10.59 43.00
CA LEU Q 112 19.03 9.63 41.92
C LEU Q 112 17.68 8.94 41.98
N THR Q 113 17.08 8.85 43.16
CA THR Q 113 15.83 8.13 43.28
C THR Q 113 14.72 8.78 42.47
N GLU Q 114 14.62 10.10 42.54
CA GLU Q 114 13.51 10.78 41.88
C GLU Q 114 13.52 10.52 40.37
N TYR Q 115 14.69 10.59 39.75
CA TYR Q 115 14.79 10.30 38.33
C TYR Q 115 14.36 8.86 38.06
N ALA Q 116 13.51 8.68 37.05
CA ALA Q 116 12.98 7.37 36.69
C ALA Q 116 13.25 6.98 35.25
N TYR Q 117 13.32 7.94 34.34
CA TYR Q 117 13.54 7.65 32.92
C TYR Q 117 15.04 7.75 32.63
N TRP Q 118 15.63 6.65 32.19
CA TRP Q 118 17.07 6.55 31.99
C TRP Q 118 17.38 6.11 30.56
N GLY Q 119 18.38 6.75 29.96
CA GLY Q 119 18.85 6.39 28.63
C GLY Q 119 19.93 5.33 28.68
N GLN Q 120 20.66 5.22 27.57
CA GLN Q 120 21.73 4.23 27.48
C GLN Q 120 23.09 4.82 27.83
N GLY Q 121 23.27 6.13 27.64
CA GLY Q 121 24.53 6.77 27.93
C GLY Q 121 25.47 6.76 26.74
N THR Q 122 26.48 7.63 26.82
CA THR Q 122 27.50 7.74 25.77
C THR Q 122 28.83 8.04 26.41
N LEU Q 123 29.89 7.50 25.80
CA LEU Q 123 31.24 7.63 26.33
C LEU Q 123 31.86 8.95 25.90
N VAL Q 124 32.47 9.65 26.86
CA VAL Q 124 33.16 10.89 26.57
C VAL Q 124 34.56 10.73 27.14
N THR Q 125 35.56 11.05 26.31
CA THR Q 125 36.96 10.88 26.68
C THR Q 125 37.82 12.06 26.29
N VAL Q 126 38.83 12.38 27.10
CA VAL Q 126 39.75 13.46 26.79
C VAL Q 126 41.17 12.90 26.83
N SER Q 127 41.94 13.20 25.79
CA SER Q 127 43.31 12.73 25.69
C SER Q 127 44.25 13.62 26.50
N GLN R 1 7.18 60.97 44.88
CA GLN R 1 6.06 60.01 44.64
C GLN R 1 5.08 60.53 43.60
N THR R 2 4.55 59.63 42.79
CA THR R 2 3.57 59.98 41.77
C THR R 2 2.37 59.05 41.91
N ASP R 3 1.20 59.53 41.50
CA ASP R 3 -0.01 58.71 41.47
C ASP R 3 -0.17 58.18 40.04
N MET R 4 0.02 56.88 39.86
CA MET R 4 -0.24 56.21 38.59
C MET R 4 -1.71 55.87 38.37
N SER R 5 -2.62 56.34 39.22
CA SER R 5 -4.03 55.98 39.09
C SER R 5 -4.54 56.23 37.68
N ARG R 6 -5.22 55.21 37.12
CA ARG R 6 -5.78 55.29 35.78
C ARG R 6 -4.70 55.40 34.71
N LYS R 7 -3.51 54.89 34.97
CA LYS R 7 -2.40 54.94 34.02
C LYS R 7 -1.62 53.63 34.04
N ALA R 8 -0.92 53.38 32.94
CA ALA R 8 -0.18 52.14 32.73
C ALA R 8 1.07 52.46 31.92
N PHE R 9 2.03 51.56 32.00
CA PHE R 9 3.22 51.63 31.17
C PHE R 9 3.01 50.97 29.82
N VAL R 10 3.65 51.52 28.79
CA VAL R 10 3.54 51.02 27.43
C VAL R 10 4.94 50.66 26.93
N PHE R 11 5.10 49.42 26.46
CA PHE R 11 6.29 48.92 25.78
C PHE R 11 5.90 48.58 24.33
N PRO R 12 5.93 49.52 23.39
CA PRO R 12 5.27 49.25 22.10
C PRO R 12 6.07 48.42 21.12
N LYS R 13 7.21 47.85 21.52
CA LYS R 13 8.02 47.04 20.62
C LYS R 13 8.85 46.03 21.40
N GLU R 14 9.20 44.95 20.72
CA GLU R 14 10.06 43.93 21.29
C GLU R 14 11.52 44.37 21.22
N SER R 15 12.14 44.53 22.39
CA SER R 15 13.50 45.06 22.49
C SER R 15 14.09 44.59 23.81
N ASP R 16 15.42 44.71 23.91
CA ASP R 16 16.17 44.28 25.08
C ASP R 16 16.76 45.42 25.89
N THR R 17 16.17 46.61 25.84
CA THR R 17 16.66 47.76 26.57
C THR R 17 15.54 48.56 27.22
N SER R 18 14.32 48.46 26.69
CA SER R 18 13.16 49.11 27.28
C SER R 18 12.76 48.36 28.54
N TYR R 19 12.79 49.05 29.69
CA TYR R 19 12.43 48.43 30.94
C TYR R 19 12.25 49.50 32.01
N VAL R 20 11.53 49.13 33.06
CA VAL R 20 11.29 50.02 34.20
C VAL R 20 11.90 49.39 35.44
N SER R 21 12.39 50.22 36.35
CA SER R 21 12.97 49.77 37.61
C SER R 21 12.26 50.46 38.77
N LEU R 22 11.68 49.66 39.65
CA LEU R 22 10.92 50.14 40.80
C LEU R 22 11.78 50.11 42.06
N LYS R 23 11.56 51.08 42.95
CA LYS R 23 12.35 51.20 44.17
C LYS R 23 11.46 51.00 45.39
N ALA R 24 11.72 49.93 46.13
CA ALA R 24 10.97 49.55 47.32
C ALA R 24 11.62 50.15 48.56
N PRO R 25 10.82 50.57 49.55
CA PRO R 25 11.41 51.04 50.82
C PRO R 25 11.77 49.92 51.79
N LEU R 26 11.82 48.68 51.32
CA LEU R 26 12.02 47.53 52.17
C LEU R 26 13.33 47.62 52.95
N THR R 27 13.31 47.16 54.20
CA THR R 27 14.54 47.08 54.98
C THR R 27 14.66 45.72 55.65
N LYS R 28 13.54 45.12 56.04
CA LYS R 28 13.53 43.82 56.69
C LYS R 28 13.30 42.74 55.63
N PRO R 29 14.01 41.61 55.68
CA PRO R 29 13.74 40.55 54.70
C PRO R 29 12.34 39.99 54.83
N LEU R 30 11.80 39.55 53.68
CA LEU R 30 10.44 39.05 53.59
C LEU R 30 10.34 37.58 53.93
N LYS R 31 9.48 37.28 54.90
CA LYS R 31 9.03 35.92 55.15
C LYS R 31 7.71 35.60 54.44
N ALA R 32 7.07 36.58 53.80
CA ALA R 32 5.83 36.33 53.08
C ALA R 32 5.46 37.61 52.35
N PHE R 33 4.57 37.52 51.36
CA PHE R 33 4.13 38.68 50.61
C PHE R 33 2.92 38.31 49.76
N THR R 34 2.28 39.33 49.20
CA THR R 34 1.31 39.17 48.13
C THR R 34 1.66 40.18 47.05
N VAL R 35 1.56 39.76 45.79
CA VAL R 35 1.73 40.66 44.66
C VAL R 35 0.50 40.58 43.76
N CYS R 36 -0.07 41.74 43.43
CA CYS R 36 -1.20 41.83 42.53
C CYS R 36 -0.88 42.82 41.42
N LEU R 37 -1.39 42.48 40.23
CA LEU R 37 -1.13 43.29 39.08
C LEU R 37 -2.14 43.06 37.98
N HIS R 38 -2.18 43.96 36.99
CA HIS R 38 -3.05 43.76 35.86
C HIS R 38 -2.27 44.00 34.59
N PHE R 39 -2.27 43.03 33.69
CA PHE R 39 -1.50 43.14 32.47
C PHE R 39 -2.33 42.71 31.27
N TYR R 40 -1.96 43.25 30.12
CA TYR R 40 -2.61 42.98 28.84
C TYR R 40 -1.50 42.87 27.81
N THR R 41 -1.54 41.78 27.03
CA THR R 41 -0.58 41.59 25.96
C THR R 41 -1.13 40.58 24.96
N GLU R 42 -0.50 40.57 23.79
CA GLU R 42 -0.84 39.66 22.70
C GLU R 42 0.24 38.64 22.40
N LEU R 43 1.33 38.59 23.18
CA LEU R 43 2.35 37.63 22.79
C LEU R 43 1.86 36.22 23.05
N SER R 44 0.65 36.08 23.61
CA SER R 44 0.13 34.77 23.94
C SER R 44 0.16 33.91 22.69
N SER R 45 0.58 32.65 22.88
CA SER R 45 0.69 31.73 21.77
C SER R 45 1.85 32.11 20.85
N THR R 46 2.82 32.81 21.20
CA THR R 46 3.96 33.15 20.34
C THR R 46 5.31 32.87 21.02
N ARG R 47 5.48 33.43 22.31
CA ARG R 47 6.73 33.13 22.99
C ARG R 47 6.55 33.42 24.47
N GLY R 48 7.58 33.12 25.26
CA GLY R 48 7.53 33.38 26.68
C GLY R 48 7.87 34.81 27.03
N TYR R 49 7.38 35.26 28.19
CA TYR R 49 7.60 36.64 28.61
C TYR R 49 7.46 36.73 30.12
N SER R 50 8.31 37.56 30.73
CA SER R 50 8.28 37.81 32.16
C SER R 50 7.20 38.83 32.50
N ILE R 51 6.47 38.58 33.58
CA ILE R 51 5.42 39.47 34.06
C ILE R 51 6.01 40.32 35.18
N PHE R 52 6.60 39.66 36.17
CA PHE R 52 7.23 40.31 37.31
C PHE R 52 8.53 39.57 37.63
N SER R 53 9.59 40.35 37.68
CA SER R 53 10.88 39.79 37.96
C SER R 53 11.47 40.40 39.22
N TYR R 54 11.63 39.60 40.25
CA TYR R 54 12.31 40.01 41.50
C TYR R 54 13.59 39.22 41.73
N ALA R 55 14.70 39.94 41.93
CA ALA R 55 16.03 39.34 42.03
C ALA R 55 16.82 40.01 43.15
N THR R 56 17.74 39.24 43.74
CA THR R 56 18.74 39.73 44.68
C THR R 56 20.13 39.45 44.15
N LYS R 57 21.15 40.05 44.77
CA LYS R 57 22.50 39.92 44.21
C LYS R 57 22.95 38.47 44.13
N ARG R 58 22.47 37.61 45.03
CA ARG R 58 22.90 36.22 44.99
C ARG R 58 22.00 35.34 44.12
N GLN R 59 20.89 35.89 43.62
CA GLN R 59 19.93 35.10 42.87
C GLN R 59 19.26 36.04 41.87
N ASP R 60 19.36 35.74 40.58
CA ASP R 60 18.61 36.48 39.58
C ASP R 60 17.13 36.13 39.53
N ASN R 61 16.73 35.03 40.19
CA ASN R 61 15.33 34.53 40.15
C ASN R 61 14.75 34.05 41.47
N GLU R 62 14.83 34.97 42.45
CA GLU R 62 14.25 34.74 43.76
C GLU R 62 12.78 34.68 43.54
N ILE R 63 12.17 35.74 42.98
CA ILE R 63 10.75 35.57 42.68
C ILE R 63 10.54 35.95 41.22
N LEU R 64 9.86 35.10 40.47
CA LEU R 64 9.62 35.32 39.04
C LEU R 64 8.26 34.77 38.66
N ILE R 65 7.40 35.51 38.13
CA ILE R 65 6.13 35.05 37.61
C ILE R 65 6.40 35.17 36.12
N PHE R 66 6.41 34.16 35.40
CA PHE R 66 6.76 34.02 33.99
C PHE R 66 5.72 33.17 33.28
N TRP R 67 5.44 33.54 32.02
CA TRP R 67 4.52 32.79 31.17
C TRP R 67 5.36 31.95 30.22
N SER R 68 5.19 30.64 30.35
CA SER R 68 5.88 29.67 29.50
C SER R 68 4.96 29.10 28.43
N LYS R 69 5.39 29.20 27.18
CA LYS R 69 4.53 28.90 26.05
C LYS R 69 4.04 27.46 26.08
N ASP R 70 2.74 27.27 25.84
CA ASP R 70 2.05 25.99 25.86
C ASP R 70 1.87 25.45 27.28
N ILE R 71 2.36 26.16 28.30
CA ILE R 71 2.32 25.69 29.68
C ILE R 71 1.45 26.56 30.57
N GLY R 72 1.69 27.87 30.55
CA GLY R 72 0.91 28.77 31.38
C GLY R 72 1.75 29.59 32.33
N TYR R 73 1.21 29.88 33.51
CA TYR R 73 1.90 30.70 34.51
C TYR R 73 2.84 29.84 35.34
N SER R 74 4.12 30.21 35.37
CA SER R 74 5.15 29.52 36.13
C SER R 74 5.62 30.39 37.29
N PHE R 75 5.30 29.97 38.51
CA PHE R 75 5.63 30.72 39.72
C PHE R 75 6.84 30.07 40.39
N THR R 76 7.85 30.86 40.74
CA THR R 76 9.10 30.36 41.30
C THR R 76 9.52 31.22 42.47
N VAL R 77 9.90 30.58 43.57
CA VAL R 77 10.38 31.24 44.77
C VAL R 77 11.64 30.51 45.22
N GLY R 78 12.71 31.24 45.47
CA GLY R 78 13.93 30.62 45.92
C GLY R 78 14.56 29.77 44.85
N GLY R 79 14.22 30.05 43.60
CA GLY R 79 14.78 29.36 42.46
C GLY R 79 14.06 28.07 42.13
N SER R 80 13.34 27.49 43.09
CA SER R 80 12.54 26.33 42.76
C SER R 80 11.28 26.77 42.03
N GLU R 81 10.78 25.90 41.15
CA GLU R 81 9.72 26.28 40.23
C GLU R 81 8.42 25.56 40.57
N ILE R 82 7.31 26.16 40.15
CA ILE R 82 5.98 25.54 40.14
C ILE R 82 5.17 26.22 39.06
N LEU R 83 4.42 25.28 38.35
CA LEU R 83 3.62 25.73 37.22
C LEU R 83 2.13 25.66 37.42
N PHE R 84 1.44 26.75 36.95
CA PHE R 84 -0.02 26.75 36.97
C PHE R 84 -0.49 26.66 35.53
N GLU R 85 -1.23 25.59 35.25
CA GLU R 85 -1.61 25.23 33.89
C GLU R 85 -2.68 26.20 33.38
N VAL R 86 -2.67 26.44 32.08
CA VAL R 86 -3.69 27.23 31.40
C VAL R 86 -3.97 26.60 30.05
N PRO R 87 -5.05 25.82 29.90
CA PRO R 87 -5.30 25.11 28.63
C PRO R 87 -5.50 26.02 27.43
N GLU R 88 -6.42 26.99 27.53
CA GLU R 88 -6.68 27.94 26.46
C GLU R 88 -6.63 29.36 27.02
N VAL R 89 -6.12 30.29 26.21
CA VAL R 89 -5.98 31.66 26.66
C VAL R 89 -6.76 32.60 25.75
N THR R 90 -7.62 33.40 26.38
CA THR R 90 -8.39 34.48 25.78
C THR R 90 -7.49 35.66 25.46
N VAL R 91 -7.92 36.49 24.50
CA VAL R 91 -7.19 37.71 24.13
C VAL R 91 -7.82 38.82 24.95
N ALA R 92 -7.35 39.01 26.20
CA ALA R 92 -7.93 40.06 27.01
C ALA R 92 -7.08 40.45 28.21
N PRO R 93 -7.32 41.62 28.81
CA PRO R 93 -6.59 41.98 30.04
C PRO R 93 -6.86 40.98 31.16
N VAL R 94 -5.84 40.73 31.96
CA VAL R 94 -5.89 39.72 33.02
C VAL R 94 -5.35 40.29 34.32
N HIS R 95 -6.05 39.99 35.43
CA HIS R 95 -5.62 40.36 36.77
C HIS R 95 -5.06 39.13 37.46
N ILE R 96 -3.95 39.30 38.19
CA ILE R 96 -3.34 38.17 38.89
C ILE R 96 -2.87 38.64 40.25
N CYS R 97 -3.18 37.83 41.26
CA CYS R 97 -2.69 38.00 42.62
C CYS R 97 -2.05 36.71 43.09
N THR R 98 -0.86 36.82 43.66
CA THR R 98 -0.14 35.64 44.11
C THR R 98 0.42 35.88 45.50
N SER R 99 0.25 34.90 46.38
CA SER R 99 0.69 35.04 47.76
C SER R 99 1.56 33.84 48.12
N TRP R 100 2.61 34.08 48.91
CA TRP R 100 3.45 33.00 49.42
C TRP R 100 3.82 33.29 50.87
N GLU R 101 3.88 32.22 51.67
CA GLU R 101 4.26 32.36 53.05
C GLU R 101 5.32 31.32 53.28
N SER R 102 6.35 31.70 54.00
CA SER R 102 7.44 30.75 54.33
C SER R 102 7.14 29.84 55.51
N ALA R 103 6.51 30.42 56.53
CA ALA R 103 6.19 29.66 57.72
C ALA R 103 5.52 28.36 57.37
N SER R 104 4.71 28.36 56.33
CA SER R 104 3.99 27.15 55.91
C SER R 104 4.39 26.67 54.53
N GLY R 105 4.64 27.60 53.61
CA GLY R 105 5.06 27.22 52.28
C GLY R 105 3.95 27.20 51.24
N ILE R 106 2.74 27.61 51.61
CA ILE R 106 1.63 27.58 50.65
C ILE R 106 1.72 28.79 49.71
N VAL R 107 1.33 28.58 48.47
CA VAL R 107 1.18 29.64 47.47
C VAL R 107 -0.27 29.66 47.03
N GLU R 108 -0.91 30.83 47.11
CA GLU R 108 -2.26 31.02 46.59
C GLU R 108 -2.23 31.85 45.32
N PHE R 109 -2.85 31.31 44.26
CA PHE R 109 -2.91 32.00 42.99
C PHE R 109 -4.33 32.38 42.61
N TRP R 110 -4.62 33.66 42.50
CA TRP R 110 -5.92 34.17 42.08
C TRP R 110 -5.77 34.76 40.69
N VAL R 111 -6.53 34.24 39.73
CA VAL R 111 -6.56 34.81 38.39
C VAL R 111 -8.00 35.19 38.11
N ASP R 112 -8.14 36.45 37.57
CA ASP R 112 -9.48 37.02 37.34
C ASP R 112 -10.41 36.63 38.49
N GLY R 113 -9.95 36.75 39.69
CA GLY R 113 -10.77 36.50 40.85
C GLY R 113 -11.04 35.03 41.13
N LYS R 114 -10.68 34.12 40.23
CA LYS R 114 -10.96 32.71 40.40
C LYS R 114 -9.75 32.00 41.01
N PRO R 115 -9.87 31.41 42.19
CA PRO R 115 -8.69 30.87 42.89
C PRO R 115 -8.24 29.50 42.41
N ARG R 116 -6.95 29.38 42.13
CA ARG R 116 -6.33 28.10 41.81
C ARG R 116 -6.07 27.31 43.10
N VAL R 117 -5.87 26.00 42.95
CA VAL R 117 -5.64 25.14 44.10
C VAL R 117 -4.44 25.66 44.89
N ARG R 118 -4.51 25.56 46.21
CA ARG R 118 -3.34 25.86 47.04
C ARG R 118 -2.27 24.78 46.93
N LYS R 119 -1.01 25.20 46.95
CA LYS R 119 0.12 24.30 46.86
C LYS R 119 1.23 24.80 47.78
N SER R 120 2.12 23.89 48.16
CA SER R 120 3.25 24.19 49.03
C SER R 120 4.51 24.43 48.21
N LEU R 121 5.35 25.35 48.71
CA LEU R 121 6.55 25.74 47.99
C LEU R 121 7.56 26.36 48.95
N LYS R 122 8.83 25.95 48.91
CA LYS R 122 9.85 26.64 49.72
C LYS R 122 9.54 26.84 51.18
N LYS R 123 9.26 25.79 51.92
CA LYS R 123 8.93 26.07 53.32
C LYS R 123 10.22 26.32 54.10
N GLY R 124 10.21 27.37 54.92
CA GLY R 124 11.37 27.69 55.75
C GLY R 124 12.33 28.67 55.15
N TYR R 125 12.07 29.17 53.94
CA TYR R 125 12.99 30.11 53.30
C TYR R 125 12.78 31.53 53.84
N THR R 126 13.75 32.39 53.53
CA THR R 126 13.66 33.81 53.80
C THR R 126 14.10 34.57 52.56
N VAL R 127 13.37 35.64 52.23
CA VAL R 127 13.69 36.47 51.08
C VAL R 127 14.52 37.66 51.56
N GLY R 128 15.60 37.94 50.84
CA GLY R 128 16.43 39.07 51.18
C GLY R 128 15.73 40.38 50.87
N ALA R 129 16.01 41.42 51.66
CA ALA R 129 15.33 42.68 51.39
C ALA R 129 16.04 43.46 50.29
N GLU R 130 17.37 43.43 50.30
CA GLU R 130 18.11 44.04 49.20
C GLU R 130 17.64 43.39 47.90
N ALA R 131 17.15 44.18 46.97
CA ALA R 131 16.61 43.60 45.75
C ALA R 131 16.28 44.69 44.75
N SER R 132 16.31 44.31 43.48
CA SER R 132 15.95 45.17 42.35
C SER R 132 14.71 44.57 41.70
N ILE R 133 13.70 45.41 41.47
CA ILE R 133 12.49 44.97 40.79
C ILE R 133 12.49 45.65 39.45
N ILE R 134 12.29 44.88 38.40
CA ILE R 134 12.27 45.42 37.04
C ILE R 134 11.07 44.85 36.30
N LEU R 135 10.58 45.61 35.33
CA LEU R 135 9.47 45.20 34.50
C LEU R 135 9.82 45.41 33.03
N GLY R 136 9.28 44.50 32.21
CA GLY R 136 9.46 44.46 30.77
C GLY R 136 10.71 43.72 30.32
N GLN R 137 11.54 43.26 31.25
CA GLN R 137 12.76 42.51 30.93
C GLN R 137 12.92 41.43 31.99
N GLU R 138 13.56 40.35 31.67
CA GLU R 138 13.84 39.29 32.64
C GLU R 138 15.24 39.54 33.15
N GLN R 139 15.56 39.23 34.37
CA GLN R 139 16.81 39.61 35.03
C GLN R 139 17.63 38.35 35.30
N ASP R 140 18.86 38.34 34.81
CA ASP R 140 19.85 37.28 35.03
C ASP R 140 21.02 37.79 35.84
N SER R 141 20.95 39.06 36.23
CA SER R 141 21.95 39.66 37.09
C SER R 141 21.10 40.24 38.20
N PHE R 142 21.69 41.02 39.11
CA PHE R 142 20.88 41.68 40.14
C PHE R 142 19.73 42.38 39.46
N GLY R 143 19.99 42.96 38.29
CA GLY R 143 18.95 43.62 37.53
C GLY R 143 19.48 44.01 36.17
N GLY R 144 20.20 43.10 35.51
CA GLY R 144 20.77 43.37 34.20
C GLY R 144 20.75 42.06 33.46
N ASN R 145 21.50 41.91 32.37
CA ASN R 145 21.54 40.60 31.74
C ASN R 145 20.13 40.23 31.32
N PHE R 146 19.58 40.95 30.34
CA PHE R 146 18.22 40.64 29.88
C PHE R 146 18.24 40.01 28.49
N GLU R 147 17.10 39.48 28.05
CA GLU R 147 16.98 38.87 26.73
C GLU R 147 15.81 39.48 25.97
N GLY R 148 15.95 39.50 24.64
CA GLY R 148 14.89 40.00 23.78
C GLY R 148 13.74 39.04 23.59
N SER R 149 14.03 37.75 23.47
CA SER R 149 12.97 36.75 23.36
C SER R 149 12.12 36.70 24.63
N GLN R 150 12.58 37.30 25.72
CA GLN R 150 11.88 37.26 26.99
C GLN R 150 11.28 38.61 27.38
N SER R 151 11.73 39.69 26.74
CA SER R 151 11.15 41.01 27.00
C SER R 151 9.69 41.06 26.58
N LEU R 152 8.86 41.67 27.43
CA LEU R 152 7.42 41.69 27.23
C LEU R 152 7.01 42.92 26.42
N VAL R 153 6.14 42.70 25.44
CA VAL R 153 5.52 43.78 24.66
C VAL R 153 4.06 43.87 25.08
N GLY R 154 3.68 45.02 25.62
CA GLY R 154 2.31 45.21 26.04
C GLY R 154 2.21 46.20 27.18
N ASP R 155 1.14 46.07 27.95
CA ASP R 155 0.72 47.08 28.91
C ASP R 155 0.50 46.45 30.28
N ILE R 156 0.86 47.20 31.33
CA ILE R 156 0.77 46.72 32.69
C ILE R 156 0.43 47.89 33.61
N GLY R 157 -0.29 47.58 34.67
CA GLY R 157 -0.64 48.57 35.68
C GLY R 157 -1.09 47.91 36.95
N ASN R 158 -1.57 48.75 37.88
CA ASN R 158 -2.09 48.31 39.17
C ASN R 158 -1.04 47.51 39.96
N VAL R 159 0.23 47.82 39.75
CA VAL R 159 1.30 47.05 40.36
C VAL R 159 1.34 47.33 41.86
N ASN R 160 0.90 46.27 42.61
CA ASN R 160 0.82 46.40 44.06
C ASN R 160 1.43 45.19 44.71
N MET R 161 2.04 45.42 45.89
CA MET R 161 2.67 44.29 46.57
C MET R 161 2.93 44.56 48.04
N TRP R 162 2.29 43.73 48.87
CA TRP R 162 2.26 43.90 50.31
C TRP R 162 3.46 43.16 50.89
N ASP R 163 3.44 42.85 52.17
CA ASP R 163 4.51 42.05 52.78
C ASP R 163 3.85 40.96 53.61
N PHE R 164 2.55 40.72 53.39
CA PHE R 164 1.85 39.63 54.05
C PHE R 164 0.71 39.15 53.14
N VAL R 165 0.16 37.99 53.47
CA VAL R 165 -0.82 37.30 52.63
C VAL R 165 -2.19 37.93 52.88
N LEU R 166 -2.81 38.40 51.81
CA LEU R 166 -4.18 38.91 51.87
C LEU R 166 -5.16 37.76 52.04
N SER R 167 -6.28 38.04 52.70
CA SER R 167 -7.35 37.06 52.79
C SER R 167 -8.20 37.06 51.51
N PRO R 168 -8.97 35.99 51.28
CA PRO R 168 -9.73 35.92 50.02
C PRO R 168 -10.66 37.10 49.81
N ASP R 169 -11.26 37.60 50.90
CA ASP R 169 -12.13 38.77 50.80
C ASP R 169 -11.35 39.97 50.28
N GLU R 170 -10.16 40.20 50.83
CA GLU R 170 -9.36 41.34 50.40
C GLU R 170 -9.02 41.24 48.92
N ILE R 171 -8.65 40.04 48.45
CA ILE R 171 -8.35 39.85 47.04
C ILE R 171 -9.59 40.11 46.19
N ASN R 172 -10.76 39.67 46.66
CA ASN R 172 -11.99 39.98 45.94
C ASN R 172 -12.18 41.48 45.84
N THR R 173 -11.91 42.21 46.91
CA THR R 173 -11.99 43.66 46.84
C THR R 173 -11.04 44.19 45.78
N ILE R 174 -9.82 43.68 45.79
CA ILE R 174 -8.84 44.10 44.78
C ILE R 174 -9.42 43.94 43.38
N TYR R 175 -10.06 42.79 43.10
CA TYR R 175 -10.59 42.61 41.74
C TYR R 175 -11.71 43.60 41.45
N LEU R 176 -12.37 44.10 42.49
CA LEU R 176 -13.42 45.11 42.34
C LEU R 176 -12.86 46.51 42.15
N GLY R 177 -11.63 46.75 42.59
CA GLY R 177 -11.05 48.07 42.50
C GLY R 177 -11.33 48.94 43.70
N GLY R 178 -11.66 48.34 44.83
CA GLY R 178 -11.95 49.06 46.05
C GLY R 178 -10.70 49.61 46.71
N PRO R 179 -10.87 50.34 47.81
CA PRO R 179 -9.72 50.83 48.58
C PRO R 179 -8.90 49.73 49.23
N PHE R 180 -7.58 49.92 49.19
CA PHE R 180 -6.63 49.04 49.86
C PHE R 180 -5.37 49.85 50.10
N SER R 181 -4.55 49.38 51.04
CA SER R 181 -3.41 50.14 51.54
C SER R 181 -2.15 49.30 51.35
N PRO R 182 -1.51 49.40 50.19
CA PRO R 182 -0.21 48.73 50.02
C PRO R 182 0.85 49.36 50.90
N ASN R 183 1.82 48.53 51.29
CA ASN R 183 2.78 48.84 52.34
C ASN R 183 4.19 48.96 51.79
N VAL R 184 4.55 48.15 50.80
CA VAL R 184 5.92 48.11 50.29
C VAL R 184 5.90 48.74 48.91
N LEU R 185 5.04 48.29 48.01
CA LEU R 185 4.92 48.90 46.69
C LEU R 185 3.50 49.42 46.52
N ASN R 186 3.37 50.71 46.24
CA ASN R 186 2.09 51.39 46.10
C ASN R 186 1.97 51.94 44.69
N TRP R 187 0.96 51.46 43.95
CA TRP R 187 0.62 52.13 42.69
C TRP R 187 0.36 53.61 42.90
N ARG R 188 -0.37 53.96 43.95
CA ARG R 188 -0.73 55.36 44.16
C ARG R 188 0.45 56.19 44.67
N ALA R 189 1.53 55.58 45.10
CA ALA R 189 2.69 56.37 45.51
C ALA R 189 3.97 55.62 45.20
N LEU R 190 4.15 55.23 44.03
CA LEU R 190 5.33 54.51 43.67
C LEU R 190 6.43 55.40 43.15
N LYS R 191 7.56 54.87 42.99
CA LYS R 191 8.80 55.52 42.55
C LYS R 191 9.33 54.58 41.46
N TYR R 192 9.99 55.14 40.47
CA TYR R 192 10.43 54.34 39.34
C TYR R 192 11.47 55.09 38.51
N GLU R 193 12.11 54.36 37.61
CA GLU R 193 12.98 54.93 36.59
C GLU R 193 12.78 54.14 35.32
N VAL R 194 12.64 54.86 34.20
CA VAL R 194 12.32 54.27 32.90
C VAL R 194 13.56 54.32 32.03
N GLN R 195 13.76 53.28 31.22
CA GLN R 195 14.91 53.18 30.34
C GLN R 195 14.44 52.66 29.00
N GLY R 196 14.88 53.33 27.94
CA GLY R 196 14.51 52.89 26.60
C GLY R 196 13.09 53.29 26.23
N GLU R 197 12.50 52.50 25.33
CA GLU R 197 11.15 52.76 24.83
C GLU R 197 10.12 52.29 25.84
N VAL R 198 9.70 53.20 26.72
CA VAL R 198 8.58 52.96 27.63
C VAL R 198 7.84 54.28 27.81
N PHE R 199 6.53 54.20 28.02
CA PHE R 199 5.68 55.38 28.00
C PHE R 199 4.62 55.26 29.08
N THR R 200 3.96 56.37 29.41
CA THR R 200 2.87 56.36 30.36
C THR R 200 1.60 56.77 29.62
N LYS R 201 0.53 56.02 29.79
CA LYS R 201 -0.71 56.29 29.07
C LYS R 201 -1.89 55.95 29.96
N PRO R 202 -3.08 56.48 29.66
CA PRO R 202 -4.26 56.00 30.37
C PRO R 202 -4.48 54.51 30.14
N GLN R 203 -4.95 53.82 31.17
CA GLN R 203 -5.20 52.39 31.04
C GLN R 203 -6.34 52.12 30.07
N LEU R 204 -6.28 50.97 29.40
CA LEU R 204 -7.37 50.57 28.51
C LEU R 204 -8.42 49.80 29.29
N TRP R 205 -7.99 48.84 30.10
CA TRP R 205 -8.92 48.02 30.86
C TRP R 205 -9.76 48.88 31.80
N PRO R 206 -10.96 48.40 32.17
CA PRO R 206 -11.80 49.11 33.15
C PRO R 206 -11.05 49.44 34.43
N GLU S 3 -18.71 -7.92 23.88
CA GLU S 3 -17.96 -6.95 23.09
C GLU S 3 -16.47 -7.00 23.41
N VAL S 4 -16.12 -7.63 24.52
CA VAL S 4 -14.72 -7.77 24.90
C VAL S 4 -14.33 -9.25 24.85
N GLN S 5 -13.14 -9.52 24.33
CA GLN S 5 -12.61 -10.87 24.24
C GLN S 5 -11.55 -11.07 25.31
N LEU S 6 -11.71 -12.09 26.13
CA LEU S 6 -10.81 -12.36 27.25
C LEU S 6 -9.89 -13.51 26.90
N VAL S 7 -8.58 -13.28 27.02
CA VAL S 7 -7.58 -14.30 26.76
C VAL S 7 -6.62 -14.33 27.94
N GLU S 8 -6.53 -15.47 28.61
CA GLU S 8 -5.66 -15.60 29.76
C GLU S 8 -4.31 -16.19 29.35
N SER S 9 -3.40 -16.18 30.31
CA SER S 9 -2.06 -16.69 30.08
C SER S 9 -1.36 -16.85 31.41
N GLY S 10 -0.17 -17.43 31.40
CA GLY S 10 0.61 -17.61 32.61
C GLY S 10 0.48 -18.97 33.25
N GLY S 11 -0.27 -19.88 32.66
CA GLY S 11 -0.42 -21.21 33.21
C GLY S 11 0.81 -22.08 32.97
N GLY S 12 0.81 -23.24 33.61
CA GLY S 12 1.93 -24.16 33.48
C GLY S 12 1.99 -25.09 34.67
N LEU S 13 3.27 -25.72 34.72
CA LEU S 13 3.55 -26.67 35.78
C LEU S 13 4.57 -26.14 36.76
N VAL S 14 4.36 -26.42 38.05
CA VAL S 14 5.30 -25.97 39.07
C VAL S 14 5.32 -26.85 40.32
N GLN S 15 6.34 -26.72 41.16
CA GLN S 15 6.43 -27.50 42.39
C GLN S 15 5.34 -27.11 43.37
N THR S 16 5.03 -28.07 44.35
CA THR S 16 4.15 -27.64 45.43
C THR S 16 4.74 -26.43 46.15
N GLY S 17 3.85 -25.56 46.61
CA GLY S 17 4.28 -24.36 47.32
C GLY S 17 5.04 -23.38 46.45
N GLY S 18 4.59 -23.19 45.21
CA GLY S 18 5.22 -22.27 44.29
C GLY S 18 4.49 -20.95 44.19
N SER S 19 4.76 -20.23 43.10
CA SER S 19 4.12 -18.95 42.83
C SER S 19 3.77 -18.86 41.35
N LEU S 20 2.73 -18.08 41.05
CA LEU S 20 2.29 -17.92 39.67
C LEU S 20 1.46 -16.65 39.56
N ARG S 21 1.84 -15.78 38.62
CA ARG S 21 1.12 -14.53 38.35
C ARG S 21 0.43 -14.69 36.99
N LEU S 22 -0.79 -15.23 37.00
CA LEU S 22 -1.55 -15.37 35.78
C LEU S 22 -2.12 -14.02 35.36
N SER S 23 -2.25 -13.85 34.06
CA SER S 23 -2.81 -12.61 33.55
C SER S 23 -3.93 -12.89 32.58
N CYS S 24 -4.75 -11.87 32.34
CA CYS S 24 -5.82 -12.00 31.38
C CYS S 24 -6.02 -10.69 30.66
N ALA S 25 -5.80 -10.70 29.36
CA ALA S 25 -5.96 -9.51 28.54
C ALA S 25 -7.38 -9.45 27.98
N ALA S 26 -7.91 -8.23 27.93
CA ALA S 26 -9.27 -7.98 27.46
C ALA S 26 -9.22 -7.10 26.22
N SER S 27 -9.92 -7.52 25.17
CA SER S 27 -10.04 -6.76 23.94
C SER S 27 -11.38 -6.04 23.90
N GLY S 28 -11.34 -4.74 23.72
CA GLY S 28 -12.51 -3.90 23.76
C GLY S 28 -12.26 -2.61 24.51
N ARG S 29 -13.27 -1.75 24.62
CA ARG S 29 -13.14 -0.48 25.33
C ARG S 29 -14.00 -0.42 26.58
N THR S 30 -14.63 -1.54 26.96
CA THR S 30 -15.45 -1.60 28.16
C THR S 30 -14.75 -2.28 29.32
N PHE S 31 -13.44 -2.49 29.22
CA PHE S 31 -12.72 -3.19 30.28
C PHE S 31 -12.97 -2.54 31.64
N ASN S 32 -12.83 -1.23 31.71
CA ASN S 32 -13.08 -0.50 32.95
C ASN S 32 -14.57 -0.29 33.22
N ARG S 33 -15.44 -0.95 32.45
CA ARG S 33 -16.88 -0.92 32.70
C ARG S 33 -17.42 -2.27 33.13
N HIS S 34 -16.56 -3.28 33.29
CA HIS S 34 -16.96 -4.61 33.72
C HIS S 34 -16.15 -5.01 34.94
N TYR S 35 -16.76 -5.83 35.79
CA TYR S 35 -16.07 -6.43 36.92
C TYR S 35 -15.58 -7.81 36.49
N MET S 36 -14.28 -8.04 36.61
CA MET S 36 -13.69 -9.27 36.10
C MET S 36 -13.76 -10.38 37.15
N GLY S 37 -13.48 -11.59 36.73
CA GLY S 37 -13.45 -12.70 37.67
C GLY S 37 -12.69 -13.87 37.12
N TRP S 38 -12.23 -14.72 38.04
CA TRP S 38 -11.51 -15.95 37.72
C TRP S 38 -12.30 -17.13 38.25
N PHE S 39 -12.51 -18.13 37.38
CA PHE S 39 -13.23 -19.35 37.69
C PHE S 39 -12.31 -20.54 37.51
N ARG S 40 -12.56 -21.60 38.24
CA ARG S 40 -11.79 -22.79 38.06
C ARG S 40 -12.67 -23.81 37.41
N GLN S 41 -12.07 -24.81 36.79
CA GLN S 41 -12.81 -25.91 36.18
C GLN S 41 -11.95 -27.18 36.14
N VAL S 42 -12.54 -28.33 36.47
CA VAL S 42 -11.83 -29.60 36.53
C VAL S 42 -12.55 -30.60 35.62
N PRO S 43 -11.84 -31.57 35.04
CA PRO S 43 -12.52 -32.55 34.20
C PRO S 43 -13.58 -33.31 34.98
N GLY S 44 -14.68 -33.63 34.30
CA GLY S 44 -15.79 -34.32 34.93
C GLY S 44 -16.50 -33.51 35.99
N LYS S 45 -16.70 -32.22 35.74
CA LYS S 45 -17.42 -31.34 36.65
C LYS S 45 -17.54 -29.98 35.99
N GLU S 46 -18.34 -29.11 36.58
CA GLU S 46 -18.57 -27.77 36.07
C GLU S 46 -17.57 -26.79 36.69
N ARG S 47 -17.61 -25.54 36.23
CA ARG S 47 -16.63 -24.55 36.63
C ARG S 47 -16.86 -24.12 38.09
N GLU S 48 -15.84 -23.61 38.74
CA GLU S 48 -15.92 -23.23 40.14
C GLU S 48 -15.37 -21.84 40.36
N PHE S 49 -16.12 -21.01 41.03
CA PHE S 49 -15.74 -19.62 41.28
C PHE S 49 -14.41 -19.57 42.02
N VAL S 50 -13.58 -18.59 41.67
CA VAL S 50 -12.28 -18.42 42.30
C VAL S 50 -12.22 -17.04 42.94
N ALA S 51 -12.40 -16.00 42.14
CA ALA S 51 -12.31 -14.64 42.67
C ALA S 51 -13.05 -13.68 41.73
N SER S 52 -13.32 -12.48 42.25
CA SER S 52 -13.96 -11.44 41.47
C SER S 52 -13.44 -10.08 41.90
N ILE S 53 -13.44 -9.13 40.96
CA ILE S 53 -12.94 -7.79 41.20
C ILE S 53 -13.83 -6.78 40.48
N SER S 54 -14.07 -5.65 41.14
CA SER S 54 -14.92 -4.59 40.62
C SER S 54 -14.26 -3.90 39.43
N GLN S 55 -15.04 -3.07 38.73
CA GLN S 55 -14.51 -2.31 37.61
C GLN S 55 -13.40 -1.37 38.06
N THR S 56 -13.64 -0.63 39.13
CA THR S 56 -12.61 0.26 39.66
C THR S 56 -11.49 -0.55 40.28
N GLY S 57 -11.85 -1.63 40.96
CA GLY S 57 -10.88 -2.48 41.61
C GLY S 57 -10.69 -2.25 43.10
N LEU S 58 -11.29 -1.20 43.66
CA LEU S 58 -11.16 -0.95 45.09
C LEU S 58 -11.98 -1.93 45.93
N ASN S 59 -12.95 -2.60 45.33
CA ASN S 59 -13.76 -3.61 46.02
C ASN S 59 -13.58 -4.94 45.31
N LYS S 60 -13.19 -5.97 46.06
CA LYS S 60 -12.91 -7.29 45.52
C LYS S 60 -13.76 -8.34 46.23
N ASP S 61 -13.52 -9.60 45.89
CA ASP S 61 -14.20 -10.71 46.53
C ASP S 61 -13.37 -11.97 46.31
N TYR S 62 -12.88 -12.55 47.40
CA TYR S 62 -12.06 -13.74 47.31
C TYR S 62 -12.77 -14.93 47.92
N VAL S 63 -12.58 -16.10 47.34
CA VAL S 63 -13.14 -17.32 47.90
C VAL S 63 -12.49 -17.60 49.25
N ASP S 64 -13.17 -18.43 50.05
CA ASP S 64 -12.70 -18.69 51.41
C ASP S 64 -11.29 -19.29 51.40
N SER S 65 -11.08 -20.33 50.59
CA SER S 65 -9.77 -20.98 50.56
C SER S 65 -8.69 -20.03 50.06
N ALA S 66 -8.98 -19.29 48.99
CA ALA S 66 -8.00 -18.40 48.39
C ALA S 66 -7.72 -17.16 49.23
N LYS S 67 -8.53 -16.88 50.24
CA LYS S 67 -8.35 -15.69 51.04
C LYS S 67 -6.96 -15.67 51.68
N GLY S 68 -6.28 -14.53 51.55
CA GLY S 68 -4.97 -14.37 52.15
C GLY S 68 -3.85 -15.02 51.35
N ARG S 69 -4.16 -16.11 50.66
CA ARG S 69 -3.17 -16.83 49.87
C ARG S 69 -3.10 -16.35 48.44
N PHE S 70 -4.20 -15.88 47.87
CA PHE S 70 -4.25 -15.38 46.51
C PHE S 70 -4.60 -13.89 46.51
N THR S 71 -4.39 -13.24 45.44
CA THR S 71 -4.75 -11.84 45.32
C THR S 71 -5.19 -11.60 43.88
N ILE S 72 -5.96 -10.60 43.65
CA ILE S 72 -6.54 -10.25 42.35
C ILE S 72 -6.47 -8.74 42.17
N SER S 73 -6.09 -8.31 40.98
CA SER S 73 -5.98 -6.89 40.67
C SER S 73 -6.29 -6.67 39.19
N ARG S 74 -6.36 -5.41 38.79
CA ARG S 74 -6.61 -5.10 37.40
C ARG S 74 -6.05 -3.74 37.07
N ASP S 75 -5.75 -3.51 35.79
CA ASP S 75 -5.19 -2.25 35.36
C ASP S 75 -6.07 -1.81 34.23
N ASN S 76 -6.62 -0.61 34.27
CA ASN S 76 -7.47 -0.05 33.23
C ASN S 76 -6.67 0.45 32.04
N ALA S 77 -5.60 1.20 32.30
CA ALA S 77 -4.77 1.71 31.21
C ALA S 77 -4.22 0.55 30.38
N GLU S 78 -3.69 -0.46 30.93
CA GLU S 78 -3.22 -1.66 30.21
C GLU S 78 -4.37 -2.65 30.25
N ASN S 79 -5.50 -2.28 30.90
CA ASN S 79 -6.78 -2.99 30.79
C ASN S 79 -6.60 -4.51 30.70
N THR S 80 -5.97 -5.06 31.73
CA THR S 80 -5.93 -6.50 31.91
C THR S 80 -5.96 -6.81 33.40
N VAL S 81 -6.34 -8.04 33.71
CA VAL S 81 -6.49 -8.50 35.09
C VAL S 81 -5.33 -9.41 35.45
N TYR S 82 -4.91 -9.34 36.72
CA TYR S 82 -3.83 -10.14 37.26
C TYR S 82 -4.35 -10.97 38.43
N LEU S 83 -3.94 -12.23 38.49
CA LEU S 83 -4.24 -13.10 39.63
C LEU S 83 -2.94 -13.73 40.10
N GLN S 84 -2.54 -13.44 41.33
CA GLN S 84 -1.31 -13.94 41.91
C GLN S 84 -1.64 -15.03 42.91
N MET S 85 -1.04 -16.20 42.73
CA MET S 85 -1.23 -17.34 43.62
C MET S 85 0.13 -17.74 44.20
N ASN S 86 0.18 -17.91 45.52
CA ASN S 86 1.40 -18.26 46.22
C ASN S 86 1.18 -19.51 47.06
N ASN S 87 2.25 -20.27 47.24
CA ASN S 87 2.20 -21.52 48.02
C ASN S 87 1.15 -22.47 47.44
N LEU S 88 1.38 -22.87 46.19
CA LEU S 88 0.45 -23.76 45.52
C LEU S 88 0.56 -25.18 46.06
N LYS S 89 -0.52 -25.94 45.88
CA LYS S 89 -0.59 -27.33 46.33
C LYS S 89 -1.01 -28.23 45.18
N PRO S 90 -1.09 -29.55 45.40
CA PRO S 90 -1.50 -30.44 44.29
C PRO S 90 -2.96 -30.29 43.91
N GLU S 91 -3.86 -30.23 44.88
CA GLU S 91 -5.29 -30.18 44.57
C GLU S 91 -5.64 -29.07 43.61
N ASP S 92 -5.19 -27.86 43.91
CA ASP S 92 -5.50 -26.70 43.08
C ASP S 92 -4.68 -26.81 41.79
N THR S 93 -5.17 -27.65 40.88
CA THR S 93 -4.52 -27.90 39.61
C THR S 93 -5.62 -28.23 38.60
N ALA S 94 -5.98 -27.25 37.77
CA ALA S 94 -7.12 -27.40 36.87
C ALA S 94 -7.05 -26.26 35.84
N LEU S 95 -8.12 -26.11 35.08
CA LEU S 95 -8.23 -25.02 34.11
C LEU S 95 -8.76 -23.78 34.80
N TYR S 96 -8.20 -22.63 34.42
CA TYR S 96 -8.61 -21.34 34.97
C TYR S 96 -9.14 -20.47 33.84
N TYR S 97 -10.32 -19.90 34.04
CA TYR S 97 -10.99 -19.08 33.04
C TYR S 97 -11.18 -17.67 33.58
N CYS S 98 -10.76 -16.69 32.79
CA CYS S 98 -11.03 -15.32 33.16
C CYS S 98 -12.31 -14.98 32.44
N ALA S 99 -13.30 -14.52 33.19
CA ALA S 99 -14.61 -14.23 32.64
C ALA S 99 -15.17 -12.95 33.22
N GLY S 100 -16.06 -12.32 32.45
CA GLY S 100 -16.71 -11.10 32.88
C GLY S 100 -18.05 -10.97 32.20
N SER S 101 -18.81 -9.98 32.65
CA SER S 101 -20.13 -9.70 32.11
C SER S 101 -20.57 -8.33 32.64
N GLN S 102 -21.89 -8.07 32.44
CA GLN S 102 -22.46 -6.83 32.97
C GLN S 102 -21.71 -5.58 32.55
N SER S 103 -21.76 -5.24 31.32
CA SER S 103 -21.22 -3.97 30.83
C SER S 103 -21.73 -2.79 31.65
N SER S 104 -22.84 -2.97 32.37
CA SER S 104 -23.34 -1.97 33.30
C SER S 104 -22.58 -2.09 34.62
N TYR S 105 -23.11 -1.46 35.66
CA TYR S 105 -22.44 -1.35 36.95
C TYR S 105 -23.26 -2.05 38.04
N TYR S 106 -22.56 -2.81 38.88
CA TYR S 106 -23.22 -3.47 40.01
C TYR S 106 -22.20 -4.09 40.97
N ASP S 107 -22.72 -4.82 41.96
CA ASP S 107 -21.86 -5.46 42.95
C ASP S 107 -21.09 -6.62 42.37
N LYS S 108 -20.29 -7.32 43.17
CA LYS S 108 -19.57 -8.48 42.69
C LYS S 108 -20.22 -9.76 43.19
N PRO S 109 -20.91 -10.49 42.29
CA PRO S 109 -21.61 -11.71 42.71
C PRO S 109 -20.69 -12.91 42.72
N ARG S 110 -21.22 -14.08 43.08
CA ARG S 110 -20.46 -15.31 43.13
C ARG S 110 -21.10 -16.42 42.30
N LEU S 111 -22.16 -16.12 41.56
CA LEU S 111 -22.85 -17.10 40.75
C LEU S 111 -22.23 -17.18 39.36
N LEU S 112 -22.69 -18.15 38.57
CA LEU S 112 -22.17 -18.37 37.23
C LEU S 112 -23.06 -17.78 36.14
N THR S 113 -24.35 -17.67 36.39
CA THR S 113 -25.26 -17.16 35.38
C THR S 113 -24.91 -15.76 34.94
N GLU S 114 -24.62 -14.88 35.89
CA GLU S 114 -24.37 -13.49 35.56
C GLU S 114 -23.19 -13.35 34.62
N TYR S 115 -22.11 -14.10 34.87
CA TYR S 115 -20.94 -14.07 33.99
C TYR S 115 -21.32 -14.58 32.61
N ALA S 116 -21.23 -13.71 31.60
CA ALA S 116 -21.59 -14.06 30.23
C ALA S 116 -20.41 -14.11 29.27
N TYR S 117 -19.30 -13.45 29.60
CA TYR S 117 -18.13 -13.44 28.75
C TYR S 117 -17.11 -14.43 29.31
N TRP S 118 -16.71 -15.40 28.50
CA TRP S 118 -15.82 -16.47 28.95
C TRP S 118 -14.67 -16.63 27.97
N GLY S 119 -13.47 -16.84 28.51
CA GLY S 119 -12.29 -17.07 27.72
C GLY S 119 -12.08 -18.55 27.43
N GLN S 120 -10.85 -18.90 27.07
CA GLN S 120 -10.53 -20.28 26.75
C GLN S 120 -9.97 -21.03 27.96
N GLY S 121 -9.29 -20.31 28.84
CA GLY S 121 -8.73 -20.93 30.03
C GLY S 121 -7.33 -21.45 29.83
N THR S 122 -6.61 -21.60 30.94
CA THR S 122 -5.24 -22.10 30.93
C THR S 122 -5.08 -23.12 32.04
N LEU S 123 -4.22 -24.11 31.78
CA LEU S 123 -4.00 -25.20 32.73
C LEU S 123 -2.95 -24.80 33.76
N VAL S 124 -3.23 -25.09 35.02
CA VAL S 124 -2.28 -24.87 36.11
C VAL S 124 -2.15 -26.16 36.89
N THR S 125 -0.91 -26.62 37.07
CA THR S 125 -0.63 -27.88 37.75
C THR S 125 0.50 -27.70 38.75
N VAL S 126 0.37 -28.37 39.90
CA VAL S 126 1.38 -28.34 40.94
C VAL S 126 1.67 -29.77 41.36
N SER S 127 2.95 -30.09 41.49
CA SER S 127 3.38 -31.43 41.89
C SER S 127 4.26 -31.38 43.13
N GLN T 1 -14.80 20.84 71.44
CA GLN T 1 -15.48 21.12 70.14
C GLN T 1 -14.98 22.45 69.59
N THR T 2 -14.84 22.53 68.27
CA THR T 2 -14.41 23.75 67.61
C THR T 2 -15.37 24.09 66.48
N ASP T 3 -15.47 25.37 66.16
CA ASP T 3 -16.27 25.83 65.03
C ASP T 3 -15.31 26.01 63.85
N MET T 4 -15.44 25.14 62.85
CA MET T 4 -14.70 25.26 61.60
C MET T 4 -15.33 26.23 60.60
N SER T 5 -16.34 27.01 61.00
CA SER T 5 -17.02 27.89 60.07
C SER T 5 -16.04 28.77 59.30
N ARG T 6 -16.22 28.82 57.98
CA ARG T 6 -15.36 29.61 57.09
C ARG T 6 -13.93 29.10 57.07
N LYS T 7 -13.72 27.81 57.34
CA LYS T 7 -12.39 27.22 57.34
C LYS T 7 -12.44 25.82 56.72
N ALA T 8 -11.27 25.38 56.26
CA ALA T 8 -11.11 24.12 55.55
C ALA T 8 -9.75 23.55 55.88
N PHE T 9 -9.61 22.24 55.67
CA PHE T 9 -8.33 21.57 55.80
C PHE T 9 -7.53 21.65 54.50
N VAL T 10 -6.28 21.70 54.53
CA VAL T 10 -5.47 21.76 53.32
C VAL T 10 -4.45 20.65 53.33
N PHE T 11 -4.31 19.94 52.31
CA PHE T 11 -3.37 18.84 52.12
C PHE T 11 -2.54 19.37 50.95
N PRO T 12 -1.41 20.04 51.24
CA PRO T 12 -0.66 20.68 50.14
C PRO T 12 0.30 19.78 49.36
N LYS T 13 0.38 18.49 49.65
CA LYS T 13 1.27 17.59 48.91
C LYS T 13 0.73 16.17 48.95
N GLU T 14 1.13 15.41 47.93
CA GLU T 14 0.78 14.00 47.85
C GLU T 14 1.69 13.18 48.76
N SER T 15 1.08 12.53 49.75
CA SER T 15 1.83 11.79 50.77
C SER T 15 0.89 10.75 51.37
N ASP T 16 1.50 9.78 52.08
CA ASP T 16 0.77 8.68 52.69
C ASP T 16 0.74 8.74 54.21
N THR T 17 0.85 9.91 54.81
CA THR T 17 0.84 10.07 56.26
C THR T 17 0.00 11.26 56.70
N SER T 18 -0.21 12.23 55.83
CA SER T 18 -1.06 13.37 56.12
C SER T 18 -2.51 12.93 56.07
N TYR T 19 -3.22 13.07 57.19
CA TYR T 19 -4.62 12.67 57.24
C TYR T 19 -5.25 13.21 58.52
N VAL T 20 -6.58 13.29 58.49
CA VAL T 20 -7.36 13.75 59.64
C VAL T 20 -8.27 12.61 60.08
N SER T 21 -8.53 12.54 61.39
CA SER T 21 -9.41 11.53 61.96
C SER T 21 -10.49 12.22 62.78
N LEU T 22 -11.75 11.97 62.39
CA LEU T 22 -12.91 12.58 63.03
C LEU T 22 -13.52 11.61 64.03
N LYS T 23 -14.08 12.16 65.12
CA LYS T 23 -14.65 11.35 66.19
C LYS T 23 -16.15 11.63 66.31
N ALA T 24 -16.95 10.60 66.01
CA ALA T 24 -18.40 10.68 66.05
C ALA T 24 -18.91 10.26 67.42
N PRO T 25 -19.98 10.88 67.92
CA PRO T 25 -20.59 10.44 69.18
C PRO T 25 -21.54 9.26 69.04
N LEU T 26 -21.50 8.59 67.89
CA LEU T 26 -22.46 7.54 67.57
C LEU T 26 -22.43 6.42 68.60
N THR T 27 -23.61 5.87 68.90
CA THR T 27 -23.69 4.70 69.78
C THR T 27 -24.60 3.65 69.18
N LYS T 28 -25.64 4.08 68.45
CA LYS T 28 -26.58 3.16 67.81
C LYS T 28 -26.13 2.91 66.37
N PRO T 29 -26.20 1.68 65.87
CA PRO T 29 -25.84 1.45 64.47
C PRO T 29 -26.78 2.16 63.51
N LEU T 30 -26.25 2.56 62.37
CA LEU T 30 -26.98 3.33 61.38
C LEU T 30 -27.76 2.44 60.43
N LYS T 31 -29.07 2.68 60.35
CA LYS T 31 -29.90 2.14 59.29
C LYS T 31 -30.06 3.10 58.11
N ALA T 32 -29.56 4.34 58.21
CA ALA T 32 -29.66 5.30 57.12
C ALA T 32 -28.83 6.51 57.51
N PHE T 33 -28.50 7.36 56.54
CA PHE T 33 -27.73 8.56 56.79
C PHE T 33 -27.74 9.47 55.57
N THR T 34 -27.26 10.70 55.78
CA THR T 34 -26.90 11.62 54.71
C THR T 34 -25.53 12.21 55.02
N VAL T 35 -24.69 12.35 53.99
CA VAL T 35 -23.40 13.03 54.12
C VAL T 35 -23.30 14.14 53.10
N CYS T 36 -22.94 15.33 53.55
CA CYS T 36 -22.73 16.46 52.67
C CYS T 36 -21.35 17.05 52.91
N LEU T 37 -20.74 17.50 51.82
CA LEU T 37 -19.41 18.05 51.92
C LEU T 37 -19.07 18.93 50.74
N HIS T 38 -18.03 19.74 50.88
CA HIS T 38 -17.59 20.55 49.76
C HIS T 38 -16.10 20.35 49.62
N PHE T 39 -15.66 19.98 48.43
CA PHE T 39 -14.25 19.70 48.21
C PHE T 39 -13.79 20.34 46.90
N TYR T 40 -12.49 20.62 46.86
CA TYR T 40 -11.84 21.23 45.71
C TYR T 40 -10.49 20.55 45.52
N THR T 41 -10.23 20.09 44.31
CA THR T 41 -8.95 19.47 43.99
C THR T 41 -8.78 19.48 42.47
N GLU T 42 -7.54 19.25 42.05
CA GLU T 42 -7.19 19.19 40.64
C GLU T 42 -6.77 17.79 40.20
N LEU T 43 -6.82 16.81 41.11
CA LEU T 43 -6.39 15.46 40.74
C LEU T 43 -7.37 14.78 39.80
N SER T 44 -8.48 15.43 39.46
CA SER T 44 -9.50 14.78 38.65
C SER T 44 -8.91 14.19 37.37
N SER T 45 -7.96 14.91 36.77
CA SER T 45 -7.40 14.50 35.49
C SER T 45 -6.14 13.67 35.64
N THR T 46 -5.70 13.43 36.88
CA THR T 46 -4.45 12.71 37.12
C THR T 46 -4.63 11.29 37.60
N ARG T 47 -5.33 11.11 38.70
CA ARG T 47 -5.52 9.79 39.29
C ARG T 47 -6.73 9.82 40.23
N GLY T 48 -7.04 8.64 40.78
CA GLY T 48 -8.16 8.53 41.70
C GLY T 48 -7.81 8.94 43.12
N TYR T 49 -8.85 9.32 43.87
CA TYR T 49 -8.66 9.81 45.23
C TYR T 49 -9.95 9.62 46.02
N SER T 50 -9.78 9.27 47.29
CA SER T 50 -10.90 9.09 48.21
C SER T 50 -11.37 10.46 48.73
N ILE T 51 -12.69 10.65 48.81
CA ILE T 51 -13.31 11.87 49.31
C ILE T 51 -13.67 11.65 50.76
N PHE T 52 -14.41 10.58 51.04
CA PHE T 52 -14.83 10.22 52.38
C PHE T 52 -14.70 8.72 52.55
N SER T 53 -13.92 8.31 53.55
CA SER T 53 -13.69 6.91 53.89
C SER T 53 -14.33 6.62 55.25
N TYR T 54 -15.35 5.77 55.28
CA TYR T 54 -15.92 5.21 56.51
C TYR T 54 -15.74 3.71 56.60
N ALA T 55 -15.13 3.23 57.70
CA ALA T 55 -14.75 1.84 57.87
C ALA T 55 -15.09 1.37 59.28
N THR T 56 -15.22 0.06 59.43
CA THR T 56 -15.42 -0.51 60.75
C THR T 56 -14.36 -1.60 60.86
N LYS T 57 -14.27 -2.26 62.00
CA LYS T 57 -13.21 -3.23 62.19
C LYS T 57 -13.39 -4.43 61.26
N ARG T 58 -14.63 -4.76 60.89
CA ARG T 58 -14.84 -5.91 60.04
C ARG T 58 -14.80 -5.57 58.56
N GLN T 59 -14.72 -4.28 58.22
CA GLN T 59 -14.79 -3.85 56.83
C GLN T 59 -13.99 -2.56 56.72
N ASP T 60 -12.97 -2.56 55.85
CA ASP T 60 -12.26 -1.31 55.57
C ASP T 60 -13.05 -0.37 54.66
N ASN T 61 -14.10 -0.85 54.01
CA ASN T 61 -14.89 -0.03 53.09
C ASN T 61 -16.40 -0.22 53.17
N GLU T 62 -16.99 -0.06 54.35
CA GLU T 62 -18.44 -0.12 54.46
C GLU T 62 -18.98 1.04 53.66
N ILE T 63 -18.53 2.26 53.97
CA ILE T 63 -18.92 3.42 53.20
C ILE T 63 -17.68 4.08 52.60
N LEU T 64 -17.69 4.36 51.32
CA LEU T 64 -16.58 5.00 50.62
C LEU T 64 -17.10 5.79 49.44
N ILE T 65 -16.84 7.03 49.36
CA ILE T 65 -17.19 7.86 48.21
C ILE T 65 -15.80 8.06 47.62
N PHE T 66 -15.53 7.59 46.48
CA PHE T 66 -14.25 7.55 45.79
C PHE T 66 -14.44 8.01 44.36
N TRP T 67 -13.44 8.72 43.84
CA TRP T 67 -13.41 9.17 42.45
C TRP T 67 -12.47 8.25 41.70
N SER T 68 -13.04 7.56 40.71
CA SER T 68 -12.27 6.67 39.86
C SER T 68 -12.03 7.31 38.50
N LYS T 69 -10.76 7.36 38.10
CA LYS T 69 -10.36 8.14 36.93
C LYS T 69 -11.05 7.63 35.68
N ASP T 70 -11.58 8.55 34.87
CA ASP T 70 -12.29 8.19 33.63
C ASP T 70 -13.66 7.58 33.90
N ILE T 71 -14.08 7.52 35.16
CA ILE T 71 -15.36 6.91 35.52
C ILE T 71 -16.26 7.89 36.25
N GLY T 72 -15.75 8.51 37.31
CA GLY T 72 -16.55 9.45 38.08
C GLY T 72 -16.66 9.08 39.54
N TYR T 73 -17.81 9.38 40.14
CA TYR T 73 -18.05 9.12 41.56
C TYR T 73 -18.52 7.68 41.76
N SER T 74 -17.81 6.94 42.60
CA SER T 74 -18.14 5.55 42.92
C SER T 74 -18.60 5.46 44.37
N PHE T 75 -19.88 5.17 44.57
CA PHE T 75 -20.47 5.09 45.91
C PHE T 75 -20.63 3.62 46.28
N THR T 76 -20.18 3.26 47.48
CA THR T 76 -20.19 1.87 47.93
C THR T 76 -20.67 1.80 49.38
N VAL T 77 -21.59 0.87 49.64
CA VAL T 77 -22.12 0.63 50.98
C VAL T 77 -22.10 -0.87 51.21
N GLY T 78 -21.56 -1.30 52.35
CA GLY T 78 -21.54 -2.72 52.65
C GLY T 78 -20.62 -3.48 51.73
N GLY T 79 -19.68 -2.77 51.13
CA GLY T 79 -18.68 -3.36 50.27
C GLY T 79 -19.13 -3.51 48.84
N SER T 80 -20.44 -3.56 48.60
CA SER T 80 -20.90 -3.57 47.22
C SER T 80 -20.80 -2.17 46.63
N GLU T 81 -20.57 -2.09 45.33
CA GLU T 81 -20.22 -0.83 44.70
C GLU T 81 -21.34 -0.38 43.77
N ILE T 82 -21.38 0.93 43.53
CA ILE T 82 -22.22 1.55 42.49
C ILE T 82 -21.54 2.85 42.08
N LEU T 83 -21.59 3.05 40.72
CA LEU T 83 -20.93 4.20 40.16
C LEU T 83 -21.84 5.23 39.54
N PHE T 84 -21.48 6.50 39.75
CA PHE T 84 -22.20 7.61 39.14
C PHE T 84 -21.28 8.26 38.12
N GLU T 85 -21.73 8.24 36.87
CA GLU T 85 -20.92 8.64 35.73
C GLU T 85 -20.73 10.15 35.72
N VAL T 86 -19.59 10.59 35.20
CA VAL T 86 -19.30 12.00 34.99
C VAL T 86 -18.52 12.15 33.69
N PRO T 87 -19.17 12.53 32.59
CA PRO T 87 -18.47 12.60 31.30
C PRO T 87 -17.31 13.58 31.24
N GLU T 88 -17.54 14.84 31.61
CA GLU T 88 -16.50 15.87 31.64
C GLU T 88 -16.51 16.55 33.00
N VAL T 89 -15.31 16.92 33.48
CA VAL T 89 -15.19 17.53 34.78
C VAL T 89 -14.55 18.91 34.68
N THR T 90 -15.26 19.89 35.25
CA THR T 90 -14.78 21.26 35.40
C THR T 90 -13.72 21.40 36.48
N VAL T 91 -12.89 22.45 36.39
CA VAL T 91 -11.87 22.71 37.40
C VAL T 91 -12.50 23.68 38.40
N ALA T 92 -13.22 23.15 39.39
CA ALA T 92 -13.85 24.06 40.35
C ALA T 92 -14.30 23.36 41.63
N PRO T 93 -14.54 24.11 42.71
CA PRO T 93 -15.08 23.49 43.93
C PRO T 93 -16.43 22.83 43.67
N VAL T 94 -16.66 21.70 44.33
CA VAL T 94 -17.86 20.90 44.11
C VAL T 94 -18.49 20.53 45.45
N HIS T 95 -19.83 20.63 45.51
CA HIS T 95 -20.61 20.22 46.67
C HIS T 95 -21.26 18.87 46.36
N ILE T 96 -21.27 17.98 47.33
CA ILE T 96 -21.88 16.66 47.14
C ILE T 96 -22.64 16.27 48.40
N CYS T 97 -23.85 15.77 48.18
CA CYS T 97 -24.68 15.20 49.25
C CYS T 97 -25.14 13.81 48.82
N THR T 98 -25.00 12.83 49.70
CA THR T 98 -25.38 11.47 49.37
C THR T 98 -26.16 10.87 50.53
N SER T 99 -27.26 10.20 50.21
CA SER T 99 -28.15 9.63 51.21
C SER T 99 -28.38 8.16 50.89
N TRP T 100 -28.45 7.33 51.93
CA TRP T 100 -28.78 5.92 51.76
C TRP T 100 -29.71 5.47 52.88
N GLU T 101 -30.66 4.62 52.54
CA GLU T 101 -31.56 4.08 53.54
C GLU T 101 -31.56 2.61 53.26
N SER T 102 -31.63 1.86 54.37
CA SER T 102 -31.64 0.43 54.28
C SER T 102 -33.02 -0.13 54.30
N ALA T 103 -33.98 0.52 54.98
CA ALA T 103 -35.30 -0.12 54.84
C ALA T 103 -35.64 -0.37 53.38
N SER T 104 -35.17 0.50 52.49
CA SER T 104 -35.63 0.48 51.10
C SER T 104 -34.47 0.34 50.11
N GLY T 105 -33.28 0.78 50.49
CA GLY T 105 -32.09 0.54 49.69
C GLY T 105 -31.80 1.60 48.65
N ILE T 106 -32.57 2.69 48.63
CA ILE T 106 -32.32 3.74 47.65
C ILE T 106 -31.16 4.62 48.08
N VAL T 107 -30.38 5.08 47.10
CA VAL T 107 -29.33 6.07 47.30
C VAL T 107 -29.67 7.29 46.46
N GLU T 108 -29.69 8.46 47.10
CA GLU T 108 -29.87 9.73 46.39
C GLU T 108 -28.56 10.50 46.35
N PHE T 109 -28.12 10.86 45.15
CA PHE T 109 -26.91 11.63 44.94
C PHE T 109 -27.23 13.02 44.41
N TRP T 110 -26.86 14.06 45.17
CA TRP T 110 -26.99 15.45 44.78
C TRP T 110 -25.61 16.01 44.54
N VAL T 111 -25.34 16.50 43.34
CA VAL T 111 -24.09 17.18 43.04
C VAL T 111 -24.44 18.58 42.55
N ASP T 112 -23.75 19.58 43.09
CA ASP T 112 -24.00 20.99 42.78
C ASP T 112 -25.51 21.19 42.74
N GLY T 113 -26.22 20.64 43.71
CA GLY T 113 -27.65 20.84 43.80
C GLY T 113 -28.46 20.09 42.76
N LYS T 114 -27.82 19.48 41.75
CA LYS T 114 -28.53 18.79 40.69
C LYS T 114 -28.65 17.31 41.00
N PRO T 115 -29.86 16.77 41.13
CA PRO T 115 -30.02 15.39 41.60
C PRO T 115 -29.82 14.32 40.53
N ARG T 116 -29.00 13.33 40.85
CA ARG T 116 -28.82 12.16 40.00
C ARG T 116 -29.98 11.19 40.20
N VAL T 117 -30.16 10.29 39.23
CA VAL T 117 -31.25 9.33 39.33
C VAL T 117 -31.14 8.54 40.62
N ARG T 118 -32.29 8.21 41.22
CA ARG T 118 -32.30 7.33 42.37
C ARG T 118 -32.04 5.88 41.96
N LYS T 119 -31.30 5.17 42.82
CA LYS T 119 -30.95 3.77 42.57
C LYS T 119 -31.00 3.02 43.90
N SER T 120 -31.17 1.71 43.81
CA SER T 120 -31.23 0.84 44.98
C SER T 120 -29.87 0.21 45.27
N LEU T 121 -29.59 0.01 46.55
CA LEU T 121 -28.29 -0.50 46.98
C LEU T 121 -28.41 -1.11 48.37
N LYS T 122 -27.89 -2.32 48.59
CA LYS T 122 -27.82 -2.87 49.96
C LYS T 122 -29.13 -2.84 50.74
N LYS T 123 -30.19 -3.45 50.25
CA LYS T 123 -31.40 -3.35 51.04
C LYS T 123 -31.33 -4.36 52.19
N GLY T 124 -31.70 -3.92 53.39
CA GLY T 124 -31.70 -4.80 54.54
C GLY T 124 -30.45 -4.79 55.37
N TYR T 125 -29.44 -4.02 55.00
CA TYR T 125 -28.19 -4.00 55.75
C TYR T 125 -28.30 -3.10 56.97
N THR T 126 -27.32 -3.25 57.86
CA THR T 126 -27.15 -2.38 59.02
C THR T 126 -25.69 -1.98 59.11
N VAL T 127 -25.46 -0.69 59.41
CA VAL T 127 -24.11 -0.17 59.55
C VAL T 127 -23.73 -0.20 61.03
N GLY T 128 -22.53 -0.69 61.33
CA GLY T 128 -22.06 -0.71 62.70
C GLY T 128 -21.75 0.70 63.18
N ALA T 129 -21.95 0.93 64.48
CA ALA T 129 -21.68 2.27 64.98
C ALA T 129 -20.20 2.45 65.28
N GLU T 130 -19.57 1.42 65.83
CA GLU T 130 -18.13 1.47 66.02
C GLU T 130 -17.49 1.73 64.65
N ALA T 131 -16.71 2.81 64.55
CA ALA T 131 -16.17 3.14 63.24
C ALA T 131 -15.18 4.29 63.38
N SER T 132 -14.22 4.32 62.45
CA SER T 132 -13.22 5.37 62.34
C SER T 132 -13.46 6.11 61.02
N ILE T 133 -13.53 7.41 61.07
CA ILE T 133 -13.69 8.21 59.87
C ILE T 133 -12.40 8.98 59.67
N ILE T 134 -11.84 8.90 58.49
CA ILE T 134 -10.57 9.53 58.16
C ILE T 134 -10.72 10.28 56.85
N LEU T 135 -9.94 11.34 56.68
CA LEU T 135 -9.93 12.13 55.47
C LEU T 135 -8.49 12.32 54.99
N GLY T 136 -8.35 12.37 53.67
CA GLY T 136 -7.12 12.53 52.95
C GLY T 136 -6.37 11.23 52.70
N GLN T 137 -6.86 10.11 53.21
CA GLN T 137 -6.25 8.81 53.02
C GLN T 137 -7.37 7.78 52.87
N GLU T 138 -7.13 6.71 52.17
CA GLU T 138 -8.11 5.64 52.03
C GLU T 138 -7.75 4.61 53.09
N GLN T 139 -8.69 3.90 53.63
CA GLN T 139 -8.48 3.03 54.78
C GLN T 139 -8.70 1.59 54.34
N ASP T 140 -7.70 0.76 54.57
CA ASP T 140 -7.71 -0.69 54.34
C ASP T 140 -7.62 -1.42 55.65
N SER T 141 -7.58 -0.67 56.74
CA SER T 141 -7.58 -1.18 58.10
C SER T 141 -8.24 -0.09 58.95
N PHE T 142 -8.63 -0.44 60.18
CA PHE T 142 -9.41 0.50 60.99
C PHE T 142 -8.51 1.56 61.63
N GLY T 143 -7.20 1.45 61.44
CA GLY T 143 -6.27 2.42 62.01
C GLY T 143 -4.94 2.56 61.27
N GLY T 144 -4.95 2.28 59.97
CA GLY T 144 -3.76 2.43 59.16
C GLY T 144 -4.05 1.93 57.77
N ASN T 145 -3.02 1.49 57.05
CA ASN T 145 -3.21 0.93 55.72
C ASN T 145 -3.76 1.92 54.71
N PHE T 146 -2.98 2.97 54.42
CA PHE T 146 -3.38 3.95 53.41
C PHE T 146 -2.51 3.82 52.18
N GLU T 147 -2.78 4.61 51.15
CA GLU T 147 -2.04 4.53 49.89
C GLU T 147 -1.63 5.90 49.41
N GLY T 148 -0.43 6.05 48.82
CA GLY T 148 -0.07 7.35 48.29
C GLY T 148 -0.78 7.69 47.00
N SER T 149 -0.94 6.71 46.10
CA SER T 149 -1.67 6.95 44.87
C SER T 149 -3.13 7.28 45.13
N GLN T 150 -3.61 7.03 46.35
CA GLN T 150 -5.01 7.26 46.68
C GLN T 150 -5.20 8.44 47.63
N SER T 151 -4.14 8.91 48.29
CA SER T 151 -4.24 10.09 49.14
C SER T 151 -4.60 11.33 48.33
N LEU T 152 -5.50 12.13 48.88
CA LEU T 152 -6.03 13.30 48.18
C LEU T 152 -5.20 14.54 48.48
N VAL T 153 -4.87 15.30 47.44
CA VAL T 153 -4.21 16.59 47.55
C VAL T 153 -5.25 17.67 47.23
N GLY T 154 -5.55 18.52 48.19
CA GLY T 154 -6.51 19.58 47.96
C GLY T 154 -7.19 19.99 49.25
N ASP T 155 -8.39 20.54 49.12
CA ASP T 155 -9.08 21.24 50.19
C ASP T 155 -10.49 20.70 50.35
N ILE T 156 -10.94 20.64 51.61
CA ILE T 156 -12.25 20.09 51.94
C ILE T 156 -12.82 20.85 53.13
N GLY T 157 -14.14 20.96 53.16
CA GLY T 157 -14.84 21.60 54.27
C GLY T 157 -16.30 21.22 54.25
N ASN T 158 -17.10 21.87 55.11
CA ASN T 158 -18.55 21.61 55.13
C ASN T 158 -18.85 20.17 55.44
N VAL T 159 -17.99 19.53 56.22
CA VAL T 159 -18.16 18.10 56.46
C VAL T 159 -19.31 17.88 57.44
N ASN T 160 -20.41 17.32 56.92
CA ASN T 160 -21.58 17.11 57.74
C ASN T 160 -22.18 15.75 57.50
N MET T 161 -22.73 15.17 58.55
CA MET T 161 -23.32 13.84 58.49
C MET T 161 -24.46 13.66 59.48
N TRP T 162 -25.64 13.30 58.98
CA TRP T 162 -26.83 13.13 59.80
C TRP T 162 -26.97 11.64 60.15
N ASP T 163 -28.15 11.22 60.55
CA ASP T 163 -28.41 9.79 60.78
C ASP T 163 -29.72 9.44 60.07
N PHE T 164 -30.20 10.35 59.22
CA PHE T 164 -31.40 10.08 58.42
C PHE T 164 -31.33 10.86 57.12
N VAL T 165 -32.21 10.50 56.18
CA VAL T 165 -32.19 11.01 54.82
C VAL T 165 -32.87 12.38 54.83
N LEU T 166 -32.16 13.40 54.34
CA LEU T 166 -32.72 14.72 54.16
C LEU T 166 -33.69 14.73 52.98
N SER T 167 -34.69 15.61 53.05
CA SER T 167 -35.58 15.83 51.92
C SER T 167 -34.95 16.76 50.89
N PRO T 168 -35.45 16.76 49.66
CA PRO T 168 -34.83 17.60 48.61
C PRO T 168 -34.76 19.07 48.98
N ASP T 169 -35.79 19.58 49.67
CA ASP T 169 -35.77 20.98 50.11
C ASP T 169 -34.60 21.23 51.05
N GLU T 170 -34.40 20.33 52.01
CA GLU T 170 -33.32 20.51 52.97
C GLU T 170 -31.97 20.52 52.27
N ILE T 171 -31.78 19.62 51.29
CA ILE T 171 -30.52 19.61 50.54
C ILE T 171 -30.35 20.91 49.76
N ASN T 172 -31.45 21.42 49.18
CA ASN T 172 -31.37 22.71 48.50
C ASN T 172 -30.91 23.79 49.48
N THR T 173 -31.46 23.72 50.72
CA THR T 173 -31.03 24.67 51.75
C THR T 173 -29.52 24.53 51.95
N ILE T 174 -29.04 23.33 52.07
CA ILE T 174 -27.62 23.07 52.28
C ILE T 174 -26.81 23.74 51.17
N TYR T 175 -27.24 23.60 49.91
CA TYR T 175 -26.44 24.20 48.85
C TYR T 175 -26.45 25.72 48.94
N LEU T 176 -27.47 26.29 49.57
CA LEU T 176 -27.56 27.74 49.79
C LEU T 176 -26.71 28.20 50.96
N GLY T 177 -26.38 27.30 51.89
CA GLY T 177 -25.63 27.68 53.08
C GLY T 177 -26.49 28.14 54.22
N GLY T 178 -27.77 27.76 54.23
CA GLY T 178 -28.69 28.14 55.27
C GLY T 178 -28.46 27.35 56.55
N PRO T 179 -29.22 27.68 57.60
CA PRO T 179 -29.14 26.93 58.85
C PRO T 179 -29.60 25.48 58.73
N PHE T 180 -28.88 24.60 59.42
CA PHE T 180 -29.22 23.19 59.51
C PHE T 180 -28.56 22.67 60.78
N SER T 181 -29.07 21.54 61.27
CA SER T 181 -28.68 21.02 62.59
C SER T 181 -28.16 19.60 62.41
N PRO T 182 -26.86 19.44 62.15
CA PRO T 182 -26.29 18.10 62.13
C PRO T 182 -26.29 17.46 63.52
N ASN T 183 -26.37 16.14 63.54
CA ASN T 183 -26.68 15.37 64.73
C ASN T 183 -25.49 14.50 65.15
N VAL T 184 -24.75 13.95 64.19
CA VAL T 184 -23.67 13.01 64.49
C VAL T 184 -22.35 13.72 64.25
N LEU T 185 -22.17 14.31 63.07
CA LEU T 185 -20.95 15.08 62.79
C LEU T 185 -21.36 16.51 62.47
N ASN T 186 -20.79 17.46 63.22
CA ASN T 186 -21.12 18.87 63.09
C ASN T 186 -19.86 19.63 62.69
N TRP T 187 -19.89 20.26 61.53
CA TRP T 187 -18.83 21.20 61.17
C TRP T 187 -18.68 22.28 62.24
N ARG T 188 -19.79 22.81 62.74
CA ARG T 188 -19.70 23.90 63.70
C ARG T 188 -19.27 23.43 65.09
N ALA T 189 -19.26 22.13 65.36
CA ALA T 189 -18.88 21.61 66.67
C ALA T 189 -17.94 20.40 66.56
N LEU T 190 -17.02 20.43 65.60
CA LEU T 190 -16.32 19.19 65.25
C LEU T 190 -15.24 18.87 66.27
N LYS T 191 -14.86 17.59 66.30
CA LYS T 191 -13.72 17.12 67.07
C LYS T 191 -12.87 16.38 66.04
N TYR T 192 -11.55 16.43 66.19
CA TYR T 192 -10.67 15.85 65.19
C TYR T 192 -9.25 15.70 65.75
N GLU T 193 -8.44 14.96 64.99
CA GLU T 193 -7.02 14.87 65.25
C GLU T 193 -6.30 14.83 63.91
N VAL T 194 -5.25 15.63 63.79
CA VAL T 194 -4.51 15.81 62.53
C VAL T 194 -3.17 15.09 62.64
N GLN T 195 -2.72 14.50 61.54
CA GLN T 195 -1.48 13.77 61.49
C GLN T 195 -0.76 14.14 60.20
N GLY T 196 0.52 14.44 60.31
CA GLY T 196 1.30 14.77 59.13
C GLY T 196 1.03 16.19 58.62
N GLU T 197 1.24 16.37 57.32
CA GLU T 197 1.07 17.67 56.67
C GLU T 197 -0.40 17.94 56.42
N VAL T 198 -1.05 18.61 57.37
CA VAL T 198 -2.41 19.10 57.20
C VAL T 198 -2.52 20.43 57.95
N PHE T 199 -3.36 21.32 57.44
CA PHE T 199 -3.40 22.69 57.94
C PHE T 199 -4.84 23.18 57.97
N THR T 200 -5.09 24.27 58.68
CA THR T 200 -6.41 24.89 58.71
C THR T 200 -6.29 26.27 58.09
N LYS T 201 -7.18 26.59 57.16
CA LYS T 201 -7.11 27.87 56.46
C LYS T 201 -8.52 28.36 56.17
N PRO T 202 -8.69 29.65 55.89
CA PRO T 202 -10.01 30.10 55.42
C PRO T 202 -10.36 29.42 54.12
N GLN T 203 -11.65 29.12 53.94
CA GLN T 203 -12.09 28.47 52.71
C GLN T 203 -11.94 29.41 51.53
N LEU T 204 -11.71 28.82 50.35
CA LEU T 204 -11.65 29.61 49.13
C LEU T 204 -13.02 29.76 48.51
N TRP T 205 -13.77 28.66 48.41
CA TRP T 205 -15.09 28.69 47.80
C TRP T 205 -16.01 29.63 48.57
N PRO T 206 -17.05 30.18 47.90
CA PRO T 206 -18.04 31.01 48.59
C PRO T 206 -18.62 30.33 49.83
#